data_2K2F
#
_entry.id   2K2F
#
loop_
_entity.id
_entity.type
_entity.pdbx_description
1 polymer 'Ryanodine receptor 1 peptide'
2 polymer 'Protein S100-A1'
3 non-polymer 'CALCIUM ION'
#
loop_
_entity_poly.entity_id
_entity_poly.type
_entity_poly.pdbx_seq_one_letter_code
_entity_poly.pdbx_strand_id
1 'polypeptide(L)' KKAVWHKLLSKQ C,D
2 'polypeptide(L)'
;GSELETAMETLINVFHAHSGKEGDKYKLSKKELKDLLQTELSSFLDVQKDADAVDKIMKELDENGDGEVDFQEFVVLVAA
LTVACNNFFWENS
;
A,B
#
# COMPACT_ATOMS: atom_id res chain seq x y z
N LYS A 1 -16.87 -1.20 -5.66
CA LYS A 1 -15.84 -0.98 -4.61
C LYS A 1 -16.21 0.28 -3.80
N LYS A 2 -16.29 1.42 -4.44
CA LYS A 2 -16.63 2.67 -3.70
C LYS A 2 -17.99 2.54 -3.03
N ALA A 3 -18.96 1.96 -3.71
CA ALA A 3 -20.32 1.82 -3.10
C ALA A 3 -20.23 1.00 -1.81
N VAL A 4 -19.55 -0.11 -1.85
CA VAL A 4 -19.44 -0.97 -0.62
C VAL A 4 -18.50 -0.30 0.39
N TRP A 5 -17.61 0.53 -0.08
CA TRP A 5 -16.65 1.19 0.84
C TRP A 5 -17.43 2.02 1.86
N HIS A 6 -18.47 2.68 1.42
CA HIS A 6 -19.28 3.50 2.35
C HIS A 6 -19.86 2.61 3.45
N LYS A 7 -20.28 1.42 3.10
CA LYS A 7 -20.88 0.52 4.13
C LYS A 7 -19.88 0.23 5.24
N LEU A 8 -18.68 -0.17 4.89
CA LEU A 8 -17.66 -0.48 5.93
C LEU A 8 -17.37 0.74 6.79
N LEU A 9 -17.09 1.85 6.18
CA LEU A 9 -16.78 3.08 6.96
C LEU A 9 -18.05 3.55 7.68
N SER A 10 -19.17 3.49 7.04
CA SER A 10 -20.43 3.94 7.70
C SER A 10 -20.78 2.95 8.82
N LYS A 11 -20.88 1.69 8.49
CA LYS A 11 -21.20 0.66 9.53
C LYS A 11 -20.01 0.51 10.47
N GLN A 12 -18.82 0.45 9.93
CA GLN A 12 -17.58 0.30 10.76
C GLN A 12 -17.85 -0.66 11.93
N LYS B 1 -6.02 1.77 -16.60
CA LYS B 1 -4.94 1.50 -15.61
C LYS B 1 -4.16 0.24 -16.05
N LYS B 2 -4.81 -0.88 -16.15
CA LYS B 2 -4.10 -2.13 -16.55
C LYS B 2 -3.48 -1.95 -17.95
N ALA B 3 -4.18 -1.34 -18.86
CA ALA B 3 -3.63 -1.15 -20.23
C ALA B 3 -2.33 -0.34 -20.17
N VAL B 4 -2.32 0.74 -19.45
CA VAL B 4 -1.08 1.57 -19.35
C VAL B 4 -0.05 0.87 -18.47
N TRP B 5 -0.49 0.02 -17.60
CA TRP B 5 0.46 -0.69 -16.69
C TRP B 5 1.44 -1.51 -17.55
N HIS B 6 0.96 -2.12 -18.58
CA HIS B 6 1.84 -2.92 -19.46
C HIS B 6 2.93 -2.01 -20.06
N LYS B 7 2.58 -0.81 -20.42
CA LYS B 7 3.59 0.10 -21.03
C LYS B 7 4.74 0.35 -20.05
N LEU B 8 4.43 0.69 -18.83
CA LEU B 8 5.52 0.97 -17.84
C LEU B 8 6.37 -0.28 -17.63
N LEU B 9 5.77 -1.39 -17.36
CA LEU B 9 6.55 -2.63 -17.14
C LEU B 9 7.21 -3.07 -18.45
N SER B 10 6.52 -2.95 -19.54
CA SER B 10 7.15 -3.36 -20.84
C SER B 10 8.26 -2.37 -21.19
N LYS B 11 7.94 -1.11 -21.24
CA LYS B 11 8.98 -0.09 -21.56
C LYS B 11 9.97 0.02 -20.39
N GLN B 12 9.47 0.03 -19.19
CA GLN B 12 10.35 0.13 -17.98
C GLN B 12 11.51 1.10 -18.25
N GLY C 1 15.94 9.84 4.71
CA GLY C 1 15.90 8.78 5.82
C GLY C 1 16.01 7.35 5.46
N SER C 2 16.16 6.49 6.44
CA SER C 2 16.25 5.01 6.17
C SER C 2 14.95 4.36 6.63
N GLU C 3 13.94 5.16 6.85
CA GLU C 3 12.65 4.61 7.32
C GLU C 3 12.02 3.70 6.26
N LEU C 4 11.83 4.17 5.06
CA LEU C 4 11.16 3.31 4.02
C LEU C 4 11.93 2.01 3.82
N GLU C 5 13.23 2.04 3.81
CA GLU C 5 13.99 0.78 3.59
C GLU C 5 13.50 -0.25 4.60
N THR C 6 13.36 0.14 5.83
CA THR C 6 12.86 -0.80 6.88
C THR C 6 11.39 -1.11 6.66
N ALA C 7 10.63 -0.16 6.19
CA ALA C 7 9.17 -0.38 5.99
C ALA C 7 8.92 -1.61 5.11
N MET C 8 9.54 -1.68 3.97
CA MET C 8 9.34 -2.85 3.06
C MET C 8 9.78 -4.13 3.79
N GLU C 9 10.86 -4.07 4.52
CA GLU C 9 11.36 -5.28 5.25
C GLU C 9 10.32 -5.77 6.27
N THR C 10 9.68 -4.85 6.93
CA THR C 10 8.68 -5.23 7.96
C THR C 10 7.43 -5.86 7.32
N LEU C 11 6.95 -5.24 6.28
CA LEU C 11 5.73 -5.74 5.59
C LEU C 11 5.90 -7.15 5.04
N ILE C 12 6.96 -7.40 4.33
CA ILE C 12 7.15 -8.74 3.71
C ILE C 12 7.60 -9.81 4.72
N ASN C 13 8.46 -9.49 5.65
CA ASN C 13 8.89 -10.56 6.61
C ASN C 13 7.68 -11.09 7.37
N VAL C 14 6.78 -10.22 7.76
CA VAL C 14 5.58 -10.68 8.52
C VAL C 14 4.53 -11.26 7.56
N PHE C 15 4.48 -10.78 6.35
CA PHE C 15 3.49 -11.28 5.35
C PHE C 15 3.67 -12.78 5.10
N HIS C 16 4.87 -13.17 4.76
CA HIS C 16 5.17 -14.60 4.43
C HIS C 16 5.36 -15.44 5.70
N ALA C 17 5.66 -14.83 6.81
CA ALA C 17 5.88 -15.66 8.03
C ALA C 17 4.58 -16.31 8.50
N HIS C 18 3.57 -15.53 8.81
CA HIS C 18 2.29 -16.13 9.29
C HIS C 18 1.45 -16.65 8.13
N SER C 19 1.61 -16.11 6.96
CA SER C 19 0.78 -16.57 5.80
C SER C 19 1.01 -18.05 5.52
N GLY C 20 2.12 -18.58 5.93
CA GLY C 20 2.42 -20.02 5.69
C GLY C 20 2.40 -20.79 7.00
N LYS C 21 1.64 -20.33 7.96
CA LYS C 21 1.60 -21.05 9.26
C LYS C 21 0.80 -22.34 9.09
N GLU C 22 -0.30 -22.29 8.38
CA GLU C 22 -1.14 -23.53 8.19
C GLU C 22 -1.61 -23.63 6.72
N GLY C 23 -1.58 -22.53 6.00
CA GLY C 23 -2.06 -22.58 4.58
C GLY C 23 -0.89 -22.93 3.64
N ASP C 24 -0.72 -22.17 2.59
CA ASP C 24 0.37 -22.44 1.62
C ASP C 24 1.58 -21.57 1.96
N LYS C 25 2.72 -21.89 1.43
CA LYS C 25 3.95 -21.10 1.73
C LYS C 25 3.72 -19.60 1.50
N TYR C 26 3.01 -19.20 0.47
CA TYR C 26 2.82 -17.72 0.25
C TYR C 26 1.46 -17.39 -0.36
N LYS C 27 0.39 -17.88 0.22
CA LYS C 27 -0.98 -17.51 -0.26
C LYS C 27 -1.83 -17.32 0.99
N LEU C 28 -2.72 -16.36 1.01
CA LEU C 28 -3.54 -16.13 2.25
C LEU C 28 -4.91 -16.79 2.11
N SER C 29 -5.48 -17.11 3.22
CA SER C 29 -6.83 -17.74 3.27
C SER C 29 -7.65 -16.89 4.23
N LYS C 30 -8.96 -16.97 4.18
CA LYS C 30 -9.74 -16.14 5.14
C LYS C 30 -9.17 -16.28 6.57
N LYS C 31 -8.82 -17.48 6.96
CA LYS C 31 -8.28 -17.71 8.33
C LYS C 31 -6.87 -17.11 8.52
N GLU C 32 -6.06 -17.09 7.50
CA GLU C 32 -4.70 -16.48 7.67
C GLU C 32 -4.83 -14.97 7.69
N LEU C 33 -5.69 -14.45 6.85
CA LEU C 33 -5.90 -12.97 6.76
C LEU C 33 -6.36 -12.37 8.10
N LYS C 34 -7.36 -12.92 8.71
CA LYS C 34 -7.88 -12.32 9.99
C LYS C 34 -6.89 -12.47 11.16
N ASP C 35 -6.09 -13.50 11.17
CA ASP C 35 -5.11 -13.67 12.27
C ASP C 35 -3.94 -12.71 12.07
N LEU C 36 -3.57 -12.47 10.86
CA LEU C 36 -2.42 -11.57 10.61
C LEU C 36 -2.75 -10.12 11.04
N LEU C 37 -3.97 -9.70 10.86
CA LEU C 37 -4.34 -8.30 11.24
C LEU C 37 -4.61 -8.16 12.74
N GLN C 38 -5.25 -9.11 13.35
CA GLN C 38 -5.52 -9.00 14.81
C GLN C 38 -4.19 -9.12 15.55
N THR C 39 -3.20 -9.65 14.88
CA THR C 39 -1.86 -9.82 15.49
C THR C 39 -1.20 -8.46 15.73
N GLU C 40 -0.78 -7.72 14.72
CA GLU C 40 -0.08 -6.42 15.00
C GLU C 40 -0.94 -5.20 14.68
N LEU C 41 -1.80 -5.24 13.68
CA LEU C 41 -2.62 -4.00 13.39
C LEU C 41 -3.95 -4.10 14.15
N SER C 42 -3.86 -4.05 15.44
CA SER C 42 -5.04 -4.10 16.33
C SER C 42 -5.62 -2.70 16.46
N SER C 43 -6.89 -2.58 16.55
CA SER C 43 -7.50 -1.22 16.71
C SER C 43 -7.33 -0.39 15.44
N PHE C 44 -6.58 -0.90 14.49
CA PHE C 44 -6.41 -0.17 13.19
C PHE C 44 -7.28 -0.87 12.17
N LEU C 45 -6.99 -2.13 11.94
CA LEU C 45 -7.80 -2.96 11.00
C LEU C 45 -8.63 -3.90 11.89
N ASP C 46 -9.90 -4.09 11.61
CA ASP C 46 -10.75 -4.97 12.45
C ASP C 46 -11.28 -6.11 11.60
N VAL C 47 -11.55 -7.23 12.21
CA VAL C 47 -12.08 -8.40 11.47
C VAL C 47 -12.76 -9.33 12.48
N GLN C 48 -12.24 -9.39 13.66
CA GLN C 48 -12.82 -10.32 14.68
C GLN C 48 -14.12 -9.78 15.27
N LYS C 49 -14.12 -8.59 15.81
CA LYS C 49 -15.38 -8.06 16.41
C LYS C 49 -16.40 -7.72 15.32
N ASP C 50 -15.95 -7.31 14.16
CA ASP C 50 -16.91 -6.99 13.05
C ASP C 50 -16.98 -8.16 12.07
N ALA C 51 -17.95 -9.03 12.25
CA ALA C 51 -18.10 -10.22 11.35
C ALA C 51 -18.56 -9.77 9.97
N ASP C 52 -19.42 -8.80 9.89
CA ASP C 52 -19.92 -8.34 8.57
C ASP C 52 -18.72 -7.85 7.76
N ALA C 53 -17.80 -7.21 8.41
CA ALA C 53 -16.59 -6.70 7.71
C ALA C 53 -15.77 -7.85 7.11
N VAL C 54 -15.67 -8.95 7.79
CA VAL C 54 -14.83 -10.08 7.27
C VAL C 54 -15.45 -10.73 6.05
N ASP C 55 -16.67 -11.18 6.14
CA ASP C 55 -17.26 -11.88 4.96
C ASP C 55 -17.44 -10.91 3.79
N LYS C 56 -17.87 -9.71 4.05
CA LYS C 56 -18.10 -8.76 2.93
C LYS C 56 -16.78 -8.30 2.30
N ILE C 57 -15.77 -8.06 3.09
CA ILE C 57 -14.48 -7.56 2.54
C ILE C 57 -13.65 -8.71 1.96
N MET C 58 -13.45 -9.72 2.73
CA MET C 58 -12.62 -10.86 2.28
C MET C 58 -13.24 -11.55 1.05
N LYS C 59 -14.52 -11.80 1.07
CA LYS C 59 -15.16 -12.48 -0.11
C LYS C 59 -15.15 -11.54 -1.32
N GLU C 60 -15.34 -10.26 -1.10
CA GLU C 60 -15.34 -9.31 -2.25
C GLU C 60 -13.91 -8.80 -2.50
N LEU C 61 -13.04 -8.94 -1.53
CA LEU C 61 -11.64 -8.45 -1.77
C LEU C 61 -10.98 -9.47 -2.67
N ASP C 62 -11.49 -10.68 -2.62
CA ASP C 62 -11.00 -11.74 -3.54
C ASP C 62 -11.85 -11.59 -4.79
N GLU C 63 -11.97 -10.36 -5.13
CA GLU C 63 -12.76 -9.91 -6.30
C GLU C 63 -12.57 -10.88 -7.47
N ASN C 64 -11.54 -11.69 -7.46
CA ASN C 64 -11.36 -12.65 -8.59
C ASN C 64 -12.10 -13.95 -8.27
N GLY C 65 -12.65 -14.03 -7.09
CA GLY C 65 -13.40 -15.25 -6.70
C GLY C 65 -12.43 -16.29 -6.20
N ASP C 66 -11.40 -15.86 -5.52
CA ASP C 66 -10.38 -16.78 -4.98
C ASP C 66 -10.59 -16.77 -3.48
N GLY C 67 -11.06 -17.79 -2.85
CA GLY C 67 -11.24 -17.67 -1.37
C GLY C 67 -9.88 -17.42 -0.69
N GLU C 68 -8.87 -17.18 -1.47
CA GLU C 68 -7.52 -16.89 -0.94
C GLU C 68 -7.12 -15.50 -1.43
N VAL C 69 -6.44 -14.75 -0.63
CA VAL C 69 -6.06 -13.36 -1.00
C VAL C 69 -4.57 -13.28 -1.36
N ASP C 70 -4.27 -12.57 -2.42
CA ASP C 70 -2.85 -12.43 -2.86
C ASP C 70 -2.22 -11.26 -2.10
N PHE C 71 -0.92 -11.18 -2.09
CA PHE C 71 -0.26 -10.06 -1.37
C PHE C 71 -0.68 -8.72 -1.97
N GLN C 72 -0.81 -8.64 -3.26
CA GLN C 72 -1.19 -7.34 -3.91
C GLN C 72 -2.60 -6.90 -3.46
N GLU C 73 -3.52 -7.80 -3.35
CA GLU C 73 -4.90 -7.39 -2.94
C GLU C 73 -4.90 -6.92 -1.47
N PHE C 74 -4.17 -7.61 -0.65
CA PHE C 74 -4.09 -7.29 0.81
C PHE C 74 -3.47 -5.92 1.08
N VAL C 75 -2.44 -5.56 0.37
CA VAL C 75 -1.77 -4.24 0.63
C VAL C 75 -2.66 -3.06 0.21
N VAL C 76 -3.37 -3.18 -0.87
CA VAL C 76 -4.21 -2.04 -1.34
C VAL C 76 -5.40 -1.78 -0.41
N LEU C 77 -6.27 -2.74 -0.20
CA LEU C 77 -7.47 -2.48 0.64
C LEU C 77 -7.12 -2.31 2.12
N VAL C 78 -6.22 -3.10 2.64
CA VAL C 78 -5.88 -2.99 4.09
C VAL C 78 -5.15 -1.67 4.36
N ALA C 79 -4.30 -1.28 3.46
CA ALA C 79 -3.57 0.01 3.66
C ALA C 79 -4.54 1.19 3.50
N ALA C 80 -5.61 1.00 2.78
CA ALA C 80 -6.58 2.11 2.63
C ALA C 80 -7.18 2.43 4.00
N LEU C 81 -7.69 1.44 4.67
CA LEU C 81 -8.29 1.66 6.02
C LEU C 81 -7.19 2.09 7.00
N THR C 82 -5.98 1.73 6.72
CA THR C 82 -4.87 2.07 7.66
C THR C 82 -4.70 3.60 7.75
N VAL C 83 -4.48 4.26 6.65
CA VAL C 83 -4.27 5.74 6.68
C VAL C 83 -5.62 6.47 6.81
N ALA C 84 -6.64 5.92 6.24
CA ALA C 84 -7.98 6.58 6.28
C ALA C 84 -8.49 6.65 7.72
N CYS C 85 -8.52 5.54 8.39
CA CYS C 85 -9.02 5.51 9.80
C CYS C 85 -8.18 6.45 10.67
N ASN C 86 -6.89 6.46 10.47
CA ASN C 86 -6.01 7.35 11.29
C ASN C 86 -6.42 8.82 11.10
N ASN C 87 -6.74 9.22 9.90
CA ASN C 87 -7.12 10.65 9.67
C ASN C 87 -8.33 11.04 10.51
N PHE C 88 -9.33 10.19 10.56
CA PHE C 88 -10.54 10.54 11.37
C PHE C 88 -10.14 10.73 12.83
N PHE C 89 -9.25 9.90 13.31
CA PHE C 89 -8.79 10.04 14.73
C PHE C 89 -9.99 10.24 15.67
N TRP C 90 -9.71 10.56 16.90
CA TRP C 90 -10.78 10.79 17.91
C TRP C 90 -11.55 12.08 17.56
N GLU C 91 -10.98 12.89 16.71
CA GLU C 91 -11.67 14.16 16.33
C GLU C 91 -13.08 13.85 15.85
N ASN C 92 -13.33 12.65 15.38
CA ASN C 92 -14.68 12.29 14.90
C ASN C 92 -15.57 11.96 16.09
N SER C 93 -15.01 11.95 17.27
CA SER C 93 -15.83 11.64 18.48
C SER C 93 -16.90 12.71 18.67
N GLY D 1 4.52 -10.57 15.57
CA GLY D 1 5.66 -9.55 15.51
C GLY D 1 5.35 -8.10 15.69
N SER D 2 6.37 -7.29 15.85
CA SER D 2 6.16 -5.81 16.00
C SER D 2 6.64 -5.13 14.73
N GLU D 3 6.82 -5.90 13.70
CA GLU D 3 7.29 -5.32 12.40
C GLU D 3 6.26 -4.35 11.82
N LEU D 4 5.04 -4.77 11.64
CA LEU D 4 4.02 -3.85 11.00
C LEU D 4 3.87 -2.57 11.82
N GLU D 5 3.88 -2.65 13.12
CA GLU D 5 3.72 -1.41 13.93
C GLU D 5 4.76 -0.39 13.46
N THR D 6 5.97 -0.83 13.28
CA THR D 6 7.04 0.09 12.82
C THR D 6 6.80 0.46 11.36
N ALA D 7 6.26 -0.44 10.58
CA ALA D 7 6.09 -0.17 9.13
C ALA D 7 5.28 1.11 8.92
N MET D 8 4.15 1.21 9.55
CA MET D 8 3.29 2.42 9.41
C MET D 8 4.06 3.65 9.89
N GLU D 9 4.80 3.52 10.96
CA GLU D 9 5.59 4.67 11.50
C GLU D 9 6.61 5.16 10.46
N THR D 10 7.23 4.25 9.77
CA THR D 10 8.26 4.62 8.78
C THR D 10 7.62 5.31 7.57
N LEU D 11 6.56 4.75 7.08
CA LEU D 11 5.87 5.31 5.87
C LEU D 11 5.38 6.75 6.10
N ILE D 12 4.70 6.99 7.19
CA ILE D 12 4.12 8.35 7.43
C ILE D 12 5.19 9.35 7.90
N ASN D 13 6.11 8.98 8.74
CA ASN D 13 7.11 9.98 9.20
C ASN D 13 7.89 10.53 7.99
N VAL D 14 8.23 9.67 7.06
CA VAL D 14 8.99 10.15 5.87
C VAL D 14 8.05 10.81 4.85
N PHE D 15 6.82 10.37 4.80
CA PHE D 15 5.83 10.95 3.83
C PHE D 15 5.64 12.45 4.07
N HIS D 16 5.32 12.80 5.29
CA HIS D 16 5.06 14.24 5.64
C HIS D 16 6.35 15.01 5.84
N ALA D 17 7.44 14.36 6.11
CA ALA D 17 8.70 15.13 6.35
C ALA D 17 9.17 15.80 5.05
N HIS D 18 9.44 15.05 4.02
CA HIS D 18 9.94 15.68 2.76
C HIS D 18 8.78 16.28 1.94
N SER D 19 7.59 15.78 2.10
CA SER D 19 6.45 16.31 1.30
C SER D 19 6.23 17.79 1.58
N GLY D 20 6.68 18.26 2.71
CA GLY D 20 6.48 19.70 3.07
C GLY D 20 7.83 20.41 3.06
N LYS D 21 8.76 19.94 2.27
CA LYS D 21 10.09 20.61 2.24
C LYS D 21 9.97 21.94 1.49
N GLU D 22 9.24 21.96 0.40
CA GLU D 22 9.07 23.23 -0.39
C GLU D 22 7.62 23.40 -0.84
N GLY D 23 6.85 22.34 -0.85
CA GLY D 23 5.43 22.46 -1.30
C GLY D 23 4.51 22.80 -0.12
N ASP D 24 3.43 22.07 0.03
CA ASP D 24 2.49 22.35 1.16
C ASP D 24 2.81 21.41 2.33
N LYS D 25 2.31 21.72 3.48
CA LYS D 25 2.60 20.88 4.68
C LYS D 25 2.31 19.38 4.41
N TYR D 26 1.25 19.06 3.69
CA TYR D 26 0.97 17.60 3.46
C TYR D 26 0.32 17.34 2.09
N LYS D 27 0.91 17.84 1.03
CA LYS D 27 0.41 17.54 -0.34
C LYS D 27 1.64 17.34 -1.21
N LEU D 28 1.62 16.40 -2.14
CA LEU D 28 2.84 16.16 -2.97
C LEU D 28 2.70 16.87 -4.33
N SER D 29 3.83 17.17 -4.90
CA SER D 29 3.88 17.84 -6.22
C SER D 29 4.79 16.99 -7.09
N LYS D 30 4.74 17.11 -8.38
CA LYS D 30 5.65 16.27 -9.21
C LYS D 30 7.09 16.34 -8.66
N LYS D 31 7.53 17.51 -8.27
CA LYS D 31 8.92 17.67 -7.74
C LYS D 31 9.09 17.02 -6.35
N GLU D 32 8.08 17.01 -5.52
CA GLU D 32 8.25 16.35 -4.19
C GLU D 32 8.20 14.84 -4.38
N LEU D 33 7.35 14.38 -5.24
CA LEU D 33 7.20 12.91 -5.51
C LEU D 33 8.50 12.27 -6.00
N LYS D 34 9.13 12.84 -6.99
CA LYS D 34 10.38 12.20 -7.55
C LYS D 34 11.55 12.28 -6.57
N ASP D 35 11.61 13.28 -5.73
CA ASP D 35 12.74 13.37 -4.76
C ASP D 35 12.51 12.38 -3.62
N LEU D 36 11.30 12.18 -3.25
CA LEU D 36 11.02 11.25 -2.12
C LEU D 36 11.39 9.80 -2.51
N LEU D 37 11.18 9.42 -3.75
CA LEU D 37 11.50 8.02 -4.18
C LEU D 37 12.99 7.84 -4.47
N GLN D 38 13.64 8.79 -5.07
CA GLN D 38 15.09 8.62 -5.37
C GLN D 38 15.84 8.67 -4.05
N THR D 39 15.20 9.19 -3.03
CA THR D 39 15.83 9.29 -1.69
C THR D 39 16.03 7.90 -1.08
N GLU D 40 15.00 7.20 -0.67
CA GLU D 40 15.24 5.86 -0.02
C GLU D 40 14.85 4.68 -0.92
N LEU D 41 13.86 4.78 -1.77
CA LEU D 41 13.50 3.58 -2.62
C LEU D 41 14.26 3.70 -3.97
N SER D 42 15.55 3.60 -3.89
CA SER D 42 16.42 3.66 -5.08
C SER D 42 16.50 2.27 -5.70
N SER D 43 16.56 2.19 -6.99
CA SER D 43 16.66 0.86 -7.65
C SER D 43 15.35 0.07 -7.48
N PHE D 44 14.44 0.59 -6.71
CA PHE D 44 13.12 -0.10 -6.54
C PHE D 44 12.11 0.68 -7.37
N LEU D 45 11.93 1.93 -7.04
CA LEU D 45 11.02 2.82 -7.81
C LEU D 45 11.94 3.75 -8.62
N ASP D 46 11.65 3.99 -9.87
CA ASP D 46 12.51 4.88 -10.72
C ASP D 46 11.69 6.07 -11.19
N VAL D 47 12.34 7.16 -11.42
CA VAL D 47 11.66 8.39 -11.90
C VAL D 47 12.68 9.30 -12.56
N GLN D 48 13.87 9.30 -12.05
CA GLN D 48 14.92 10.20 -12.61
C GLN D 48 15.48 9.69 -13.95
N LYS D 49 15.97 8.48 -13.99
CA LYS D 49 16.54 7.96 -15.27
C LYS D 49 15.42 7.72 -16.30
N ASP D 50 14.25 7.33 -15.85
CA ASP D 50 13.12 7.08 -16.79
C ASP D 50 12.18 8.30 -16.82
N ALA D 51 12.40 9.19 -17.75
CA ALA D 51 11.54 10.42 -17.85
C ALA D 51 10.13 10.04 -18.31
N ASP D 52 10.01 9.11 -19.21
CA ASP D 52 8.66 8.72 -19.70
C ASP D 52 7.84 8.23 -18.52
N ALA D 53 8.47 7.53 -17.63
CA ALA D 53 7.78 7.00 -16.42
C ALA D 53 7.25 8.12 -15.53
N VAL D 54 7.96 9.21 -15.42
CA VAL D 54 7.48 10.32 -14.55
C VAL D 54 6.29 11.04 -15.13
N ASP D 55 6.38 11.54 -16.31
CA ASP D 55 5.22 12.29 -16.87
C ASP D 55 4.01 11.38 -17.08
N LYS D 56 4.22 10.18 -17.54
CA LYS D 56 3.07 9.28 -17.79
C LYS D 56 2.43 8.81 -16.48
N ILE D 57 3.22 8.50 -15.49
CA ILE D 57 2.66 7.98 -14.21
C ILE D 57 2.13 9.11 -13.34
N MET D 58 2.96 10.09 -13.11
CA MET D 58 2.55 11.22 -12.23
C MET D 58 1.34 11.97 -12.81
N LYS D 59 1.35 12.26 -14.09
CA LYS D 59 0.21 13.01 -14.68
C LYS D 59 -1.04 12.12 -14.70
N GLU D 60 -0.88 10.84 -14.92
CA GLU D 60 -2.05 9.93 -14.94
C GLU D 60 -2.32 9.39 -13.55
N LEU D 61 -1.33 9.46 -12.68
CA LEU D 61 -1.57 8.91 -11.29
C LEU D 61 -2.43 9.96 -10.59
N ASP D 62 -2.34 11.18 -11.05
CA ASP D 62 -3.20 12.26 -10.51
C ASP D 62 -4.47 12.18 -11.34
N GLU D 63 -4.86 10.96 -11.52
CA GLU D 63 -6.06 10.60 -12.30
C GLU D 63 -7.18 11.61 -12.07
N ASN D 64 -7.14 12.37 -11.00
CA ASN D 64 -8.23 13.37 -10.77
C ASN D 64 -7.86 14.68 -11.47
N GLY D 65 -6.69 14.74 -12.04
CA GLY D 65 -6.26 15.97 -12.76
C GLY D 65 -5.69 16.96 -11.75
N ASP D 66 -5.04 16.46 -10.74
CA ASP D 66 -4.44 17.32 -9.70
C ASP D 66 -2.94 17.26 -9.93
N GLY D 67 -2.28 18.27 -10.37
CA GLY D 67 -0.82 18.10 -10.58
C GLY D 67 -0.14 17.78 -9.24
N GLU D 68 -0.92 17.53 -8.21
CA GLU D 68 -0.37 17.17 -6.89
C GLU D 68 -0.91 15.79 -6.52
N VAL D 69 -0.11 14.99 -5.89
CA VAL D 69 -0.55 13.60 -5.55
C VAL D 69 -0.89 13.49 -4.07
N ASP D 70 -1.98 12.81 -3.78
CA ASP D 70 -2.40 12.64 -2.36
C ASP D 70 -1.69 11.41 -1.78
N PHE D 71 -1.65 11.29 -0.48
CA PHE D 71 -0.98 10.12 0.14
C PHE D 71 -1.64 8.81 -0.34
N GLN D 72 -2.94 8.79 -0.43
CA GLN D 72 -3.63 7.53 -0.86
C GLN D 72 -3.21 7.12 -2.28
N GLU D 73 -3.08 8.05 -3.18
CA GLU D 73 -2.71 7.67 -4.58
C GLU D 73 -1.26 7.16 -4.61
N PHE D 74 -0.40 7.78 -3.86
CA PHE D 74 1.05 7.40 -3.82
C PHE D 74 1.28 5.99 -3.25
N VAL D 75 0.56 5.62 -2.23
CA VAL D 75 0.77 4.29 -1.61
C VAL D 75 0.30 3.15 -2.53
N VAL D 76 -0.78 3.35 -3.23
CA VAL D 76 -1.30 2.25 -4.10
C VAL D 76 -0.40 1.99 -5.31
N LEU D 77 -0.17 2.97 -6.14
CA LEU D 77 0.65 2.72 -7.36
C LEU D 77 2.14 2.49 -7.04
N VAL D 78 2.69 3.22 -6.11
CA VAL D 78 4.14 3.05 -5.80
C VAL D 78 4.36 1.70 -5.12
N ALA D 79 3.46 1.30 -4.28
CA ALA D 79 3.62 -0.01 -3.58
C ALA D 79 3.39 -1.14 -4.59
N ALA D 80 2.67 -0.90 -5.65
CA ALA D 80 2.48 -1.98 -6.66
C ALA D 80 3.85 -2.32 -7.24
N LEU D 81 4.51 -1.34 -7.80
CA LEU D 81 5.85 -1.58 -8.41
C LEU D 81 6.83 -2.09 -7.33
N THR D 82 6.58 -1.76 -6.10
CA THR D 82 7.52 -2.18 -5.03
C THR D 82 7.55 -3.72 -4.91
N VAL D 83 6.43 -4.34 -4.70
CA VAL D 83 6.41 -5.83 -4.54
C VAL D 83 6.49 -6.52 -5.91
N ALA D 84 5.94 -5.91 -6.91
CA ALA D 84 5.94 -6.51 -8.26
C ALA D 84 7.36 -6.62 -8.80
N CYS D 85 8.08 -5.54 -8.79
CA CYS D 85 9.47 -5.55 -9.31
C CYS D 85 10.32 -6.55 -8.52
N ASN D 86 10.14 -6.60 -7.23
CA ASN D 86 10.94 -7.55 -6.39
C ASN D 86 10.68 -8.99 -6.84
N ASN D 87 9.47 -9.33 -7.17
CA ASN D 87 9.17 -10.74 -7.58
C ASN D 87 9.98 -11.11 -8.83
N PHE D 88 10.06 -10.25 -9.80
CA PHE D 88 10.84 -10.57 -11.03
C PHE D 88 12.29 -10.84 -10.65
N PHE D 89 12.82 -10.06 -9.74
CA PHE D 89 14.23 -10.27 -9.30
C PHE D 89 15.15 -10.46 -10.51
N TRP D 90 16.37 -10.85 -10.25
CA TRP D 90 17.36 -11.08 -11.35
C TRP D 90 16.95 -12.32 -12.16
N GLU D 91 16.08 -13.11 -11.62
CA GLU D 91 15.64 -14.34 -12.34
C GLU D 91 15.15 -13.96 -13.74
N ASN D 92 14.74 -12.74 -13.93
CA ASN D 92 14.25 -12.32 -15.27
C ASN D 92 15.44 -11.99 -16.16
N SER D 93 16.64 -12.06 -15.62
CA SER D 93 17.85 -11.76 -16.44
C SER D 93 17.98 -12.80 -17.55
N LYS A 1 -16.07 -0.03 -5.76
CA LYS A 1 -14.91 0.12 -4.85
C LYS A 1 -15.21 1.21 -3.83
N LYS A 2 -15.25 2.45 -4.26
CA LYS A 2 -15.54 3.55 -3.30
C LYS A 2 -16.92 3.32 -2.68
N ALA A 3 -17.88 2.88 -3.45
CA ALA A 3 -19.23 2.65 -2.88
C ALA A 3 -19.16 1.44 -1.94
N VAL A 4 -18.43 0.43 -2.31
CA VAL A 4 -18.29 -0.75 -1.43
C VAL A 4 -17.61 -0.33 -0.12
N TRP A 5 -16.64 0.54 -0.23
CA TRP A 5 -15.93 1.02 1.00
C TRP A 5 -16.92 1.75 1.91
N HIS A 6 -17.91 2.39 1.35
CA HIS A 6 -18.88 3.13 2.20
C HIS A 6 -19.54 2.15 3.17
N LYS A 7 -19.87 0.97 2.71
CA LYS A 7 -20.49 -0.03 3.62
C LYS A 7 -19.54 -0.32 4.79
N LEU A 8 -18.29 -0.59 4.49
CA LEU A 8 -17.30 -0.92 5.58
C LEU A 8 -17.18 0.25 6.56
N LEU A 9 -16.97 1.43 6.08
CA LEU A 9 -16.81 2.61 6.98
C LEU A 9 -18.10 2.83 7.78
N SER A 10 -19.23 2.68 7.16
CA SER A 10 -20.51 2.91 7.89
C SER A 10 -20.68 1.91 9.05
N LYS A 11 -20.33 0.66 8.86
CA LYS A 11 -20.49 -0.35 9.95
C LYS A 11 -19.15 -0.63 10.63
N GLN A 12 -18.08 0.01 10.21
CA GLN A 12 -16.77 -0.24 10.87
C GLN A 12 -16.93 -0.11 12.38
N LYS B 1 -5.93 1.02 -15.82
CA LYS B 1 -5.00 0.78 -14.68
C LYS B 1 -4.05 -0.37 -15.05
N LYS B 2 -4.55 -1.56 -15.12
CA LYS B 2 -3.67 -2.72 -15.48
C LYS B 2 -3.07 -2.47 -16.86
N ALA B 3 -3.84 -1.95 -17.78
CA ALA B 3 -3.30 -1.68 -19.14
C ALA B 3 -2.28 -0.55 -19.05
N VAL B 4 -2.57 0.45 -18.27
CA VAL B 4 -1.62 1.58 -18.11
C VAL B 4 -0.32 1.05 -17.49
N TRP B 5 -0.45 0.15 -16.54
CA TRP B 5 0.76 -0.42 -15.89
C TRP B 5 1.60 -1.17 -16.94
N HIS B 6 0.98 -1.73 -17.92
CA HIS B 6 1.76 -2.49 -18.95
C HIS B 6 2.78 -1.54 -19.59
N LYS B 7 2.38 -0.33 -19.85
CA LYS B 7 3.33 0.64 -20.46
C LYS B 7 4.53 0.84 -19.53
N LEU B 8 4.29 1.08 -18.27
CA LEU B 8 5.41 1.30 -17.30
C LEU B 8 6.33 0.08 -17.25
N LEU B 9 5.77 -1.08 -17.07
CA LEU B 9 6.61 -2.31 -16.98
C LEU B 9 7.37 -2.54 -18.29
N SER B 10 6.74 -2.30 -19.40
CA SER B 10 7.42 -2.53 -20.70
C SER B 10 8.63 -1.60 -20.85
N LYS B 11 8.51 -0.35 -20.46
CA LYS B 11 9.66 0.61 -20.61
C LYS B 11 10.39 0.79 -19.28
N GLN B 12 9.97 0.13 -18.24
CA GLN B 12 10.66 0.30 -16.92
C GLN B 12 12.16 0.08 -17.13
N GLY C 1 16.20 9.37 3.60
CA GLY C 1 15.82 8.44 4.75
C GLY C 1 15.88 6.95 4.55
N SER C 2 15.94 6.21 5.63
CA SER C 2 15.98 4.72 5.53
C SER C 2 14.64 4.16 6.00
N GLU C 3 13.71 5.02 6.29
CA GLU C 3 12.38 4.55 6.77
C GLU C 3 11.71 3.65 5.73
N LEU C 4 11.51 4.12 4.53
CA LEU C 4 10.81 3.29 3.50
C LEU C 4 11.56 1.97 3.28
N GLU C 5 12.86 2.01 3.29
CA GLU C 5 13.62 0.76 3.07
C GLU C 5 13.16 -0.28 4.10
N THR C 6 13.03 0.14 5.32
CA THR C 6 12.56 -0.78 6.40
C THR C 6 11.09 -1.12 6.19
N ALA C 7 10.32 -0.17 5.75
CA ALA C 7 8.85 -0.40 5.56
C ALA C 7 8.63 -1.66 4.73
N MET C 8 9.26 -1.77 3.59
CA MET C 8 9.09 -2.97 2.74
C MET C 8 9.51 -4.22 3.51
N GLU C 9 10.54 -4.12 4.32
CA GLU C 9 11.03 -5.30 5.09
C GLU C 9 9.95 -5.77 6.08
N THR C 10 9.28 -4.85 6.71
CA THR C 10 8.23 -5.21 7.71
C THR C 10 7.04 -5.87 7.03
N LEU C 11 6.59 -5.29 5.96
CA LEU C 11 5.40 -5.81 5.22
C LEU C 11 5.61 -7.24 4.72
N ILE C 12 6.73 -7.53 4.11
CA ILE C 12 6.95 -8.90 3.54
C ILE C 12 7.36 -9.92 4.61
N ASN C 13 8.13 -9.56 5.58
CA ASN C 13 8.53 -10.55 6.62
C ASN C 13 7.29 -11.11 7.32
N VAL C 14 6.33 -10.27 7.59
CA VAL C 14 5.09 -10.73 8.30
C VAL C 14 4.13 -11.39 7.30
N PHE C 15 4.09 -10.89 6.09
CA PHE C 15 3.15 -11.45 5.06
C PHE C 15 3.40 -12.92 4.78
N HIS C 16 4.63 -13.29 4.52
CA HIS C 16 4.94 -14.70 4.18
C HIS C 16 5.09 -15.57 5.44
N ALA C 17 5.34 -14.99 6.56
CA ALA C 17 5.51 -15.83 7.78
C ALA C 17 4.18 -16.47 8.18
N HIS C 18 3.17 -15.69 8.48
CA HIS C 18 1.87 -16.28 8.88
C HIS C 18 1.15 -16.94 7.69
N SER C 19 1.27 -16.37 6.52
CA SER C 19 0.57 -16.94 5.33
C SER C 19 0.98 -18.38 5.09
N GLY C 20 2.10 -18.79 5.62
CA GLY C 20 2.57 -20.20 5.40
C GLY C 20 2.62 -20.94 6.74
N LYS C 21 1.93 -20.47 7.74
CA LYS C 21 1.96 -21.19 9.04
C LYS C 21 1.17 -22.48 8.91
N GLU C 22 0.01 -22.41 8.34
CA GLU C 22 -0.84 -23.63 8.15
C GLU C 22 -1.64 -23.52 6.85
N GLY C 23 -0.98 -23.23 5.75
CA GLY C 23 -1.71 -23.11 4.45
C GLY C 23 -0.84 -23.56 3.29
N ASP C 24 -1.01 -22.94 2.16
CA ASP C 24 -0.21 -23.31 0.95
C ASP C 24 1.05 -22.43 0.90
N LYS C 25 2.04 -22.85 0.12
CA LYS C 25 3.33 -22.09 0.00
C LYS C 25 3.15 -20.62 0.38
N TYR C 26 2.83 -19.75 -0.56
CA TYR C 26 2.64 -18.30 -0.22
C TYR C 26 1.33 -17.79 -0.80
N LYS C 27 0.25 -18.06 -0.11
CA LYS C 27 -1.10 -17.58 -0.54
C LYS C 27 -1.93 -17.38 0.72
N LEU C 28 -2.80 -16.39 0.75
CA LEU C 28 -3.63 -16.16 1.97
C LEU C 28 -4.98 -16.82 1.83
N SER C 29 -5.54 -17.18 2.94
CA SER C 29 -6.88 -17.83 2.96
C SER C 29 -7.71 -17.06 3.97
N LYS C 30 -9.00 -17.20 3.97
CA LYS C 30 -9.80 -16.44 4.96
C LYS C 30 -9.21 -16.60 6.37
N LYS C 31 -8.82 -17.79 6.74
CA LYS C 31 -8.26 -17.99 8.12
C LYS C 31 -6.87 -17.36 8.27
N GLU C 32 -6.06 -17.30 7.22
CA GLU C 32 -4.72 -16.65 7.38
C GLU C 32 -4.93 -15.14 7.46
N LEU C 33 -5.86 -14.64 6.69
CA LEU C 33 -6.16 -13.17 6.67
C LEU C 33 -6.59 -12.64 8.05
N LYS C 34 -7.54 -13.27 8.67
CA LYS C 34 -8.03 -12.77 9.98
C LYS C 34 -6.95 -12.80 11.06
N ASP C 35 -6.15 -13.82 11.10
CA ASP C 35 -5.09 -13.90 12.15
C ASP C 35 -3.99 -12.88 11.84
N LEU C 36 -3.77 -12.64 10.59
CA LEU C 36 -2.68 -11.71 10.18
C LEU C 36 -2.93 -10.26 10.65
N LEU C 37 -4.13 -9.76 10.60
CA LEU C 37 -4.37 -8.33 11.02
C LEU C 37 -4.61 -8.18 12.54
N GLN C 38 -5.23 -9.13 13.17
CA GLN C 38 -5.50 -9.01 14.63
C GLN C 38 -4.20 -9.10 15.42
N THR C 39 -3.18 -9.66 14.80
CA THR C 39 -1.89 -9.83 15.49
C THR C 39 -1.08 -8.52 15.55
N GLU C 40 -0.62 -8.00 14.43
CA GLU C 40 0.21 -6.76 14.51
C GLU C 40 -0.67 -5.51 14.49
N LEU C 41 -1.62 -5.42 13.58
CA LEU C 41 -2.50 -4.20 13.54
C LEU C 41 -3.73 -4.48 14.40
N SER C 42 -3.53 -4.59 15.68
CA SER C 42 -4.65 -4.89 16.63
C SER C 42 -5.46 -3.63 16.97
N SER C 43 -4.89 -2.46 16.84
CA SER C 43 -5.63 -1.21 17.21
C SER C 43 -6.03 -0.40 15.96
N PHE C 44 -5.78 -0.90 14.79
CA PHE C 44 -6.16 -0.16 13.54
C PHE C 44 -7.13 -1.01 12.73
N LEU C 45 -6.62 -1.95 11.98
CA LEU C 45 -7.53 -2.81 11.20
C LEU C 45 -8.28 -3.74 12.16
N ASP C 46 -9.54 -3.91 11.93
CA ASP C 46 -10.39 -4.78 12.80
C ASP C 46 -10.88 -5.95 11.96
N VAL C 47 -11.13 -7.05 12.59
CA VAL C 47 -11.65 -8.26 11.88
C VAL C 47 -12.40 -9.11 12.90
N GLN C 48 -11.94 -9.13 14.11
CA GLN C 48 -12.61 -9.96 15.15
C GLN C 48 -13.67 -9.14 15.89
N LYS C 49 -13.59 -7.84 15.80
CA LYS C 49 -14.59 -6.99 16.50
C LYS C 49 -15.95 -7.17 15.83
N ASP C 50 -15.95 -7.25 14.53
CA ASP C 50 -17.23 -7.42 13.77
C ASP C 50 -17.10 -8.58 12.78
N ALA C 51 -17.88 -9.60 12.96
CA ALA C 51 -17.83 -10.75 12.01
C ALA C 51 -18.30 -10.25 10.65
N ASP C 52 -19.17 -9.29 10.64
CA ASP C 52 -19.67 -8.73 9.35
C ASP C 52 -18.48 -8.16 8.58
N ALA C 53 -17.59 -7.50 9.25
CA ALA C 53 -16.40 -6.91 8.58
C ALA C 53 -15.57 -7.99 7.89
N VAL C 54 -15.43 -9.11 8.52
CA VAL C 54 -14.60 -10.20 7.93
C VAL C 54 -15.23 -10.83 6.71
N ASP C 55 -16.42 -11.33 6.82
CA ASP C 55 -17.06 -12.04 5.67
C ASP C 55 -17.29 -11.09 4.50
N LYS C 56 -17.71 -9.89 4.76
CA LYS C 56 -17.98 -8.94 3.65
C LYS C 56 -16.68 -8.46 2.99
N ILE C 57 -15.68 -8.19 3.77
CA ILE C 57 -14.40 -7.66 3.20
C ILE C 57 -13.65 -8.79 2.49
N MET C 58 -13.43 -9.85 3.19
CA MET C 58 -12.68 -10.99 2.64
C MET C 58 -13.36 -11.58 1.40
N LYS C 59 -14.65 -11.81 1.46
CA LYS C 59 -15.35 -12.42 0.29
C LYS C 59 -15.35 -11.44 -0.88
N GLU C 60 -15.53 -10.18 -0.60
CA GLU C 60 -15.58 -9.16 -1.71
C GLU C 60 -14.17 -8.65 -1.99
N LEU C 61 -13.24 -8.86 -1.08
CA LEU C 61 -11.84 -8.38 -1.35
C LEU C 61 -11.20 -9.45 -2.21
N ASP C 62 -11.85 -10.58 -2.26
CA ASP C 62 -11.43 -11.70 -3.15
C ASP C 62 -12.28 -11.55 -4.39
N GLU C 63 -12.52 -10.31 -4.67
CA GLU C 63 -13.32 -9.88 -5.84
C GLU C 63 -13.07 -10.79 -7.05
N ASN C 64 -11.98 -11.50 -7.08
CA ASN C 64 -11.74 -12.40 -8.26
C ASN C 64 -12.46 -13.71 -7.99
N GLY C 65 -13.13 -13.80 -6.88
CA GLY C 65 -13.88 -15.03 -6.56
C GLY C 65 -12.91 -16.13 -6.16
N ASP C 66 -11.80 -15.75 -5.58
CA ASP C 66 -10.81 -16.77 -5.12
C ASP C 66 -10.87 -16.72 -3.61
N GLY C 67 -11.36 -17.70 -2.93
CA GLY C 67 -11.42 -17.56 -1.44
C GLY C 67 -10.02 -17.36 -0.85
N GLU C 68 -9.05 -17.08 -1.69
CA GLU C 68 -7.67 -16.83 -1.23
C GLU C 68 -7.30 -15.42 -1.66
N VAL C 69 -6.63 -14.70 -0.82
CA VAL C 69 -6.29 -13.28 -1.15
C VAL C 69 -4.84 -13.18 -1.61
N ASP C 70 -4.63 -12.57 -2.73
CA ASP C 70 -3.26 -12.42 -3.25
C ASP C 70 -2.57 -11.29 -2.47
N PHE C 71 -1.28 -11.26 -2.46
CA PHE C 71 -0.57 -10.19 -1.71
C PHE C 71 -0.96 -8.81 -2.25
N GLN C 72 -1.16 -8.68 -3.53
CA GLN C 72 -1.53 -7.34 -4.08
C GLN C 72 -2.86 -6.86 -3.49
N GLU C 73 -3.82 -7.74 -3.35
CA GLU C 73 -5.15 -7.32 -2.80
C GLU C 73 -5.04 -6.96 -1.31
N PHE C 74 -4.32 -7.74 -0.56
CA PHE C 74 -4.21 -7.50 0.92
C PHE C 74 -3.51 -6.17 1.22
N VAL C 75 -2.38 -5.95 0.62
CA VAL C 75 -1.59 -4.71 0.89
C VAL C 75 -2.36 -3.45 0.47
N VAL C 76 -3.10 -3.52 -0.60
CA VAL C 76 -3.82 -2.30 -1.07
C VAL C 76 -4.97 -1.92 -0.11
N LEU C 77 -5.90 -2.79 0.10
CA LEU C 77 -7.07 -2.44 0.95
C LEU C 77 -6.69 -2.16 2.41
N VAL C 78 -5.86 -2.96 2.99
CA VAL C 78 -5.51 -2.74 4.42
C VAL C 78 -4.84 -1.38 4.62
N ALA C 79 -4.06 -0.94 3.67
CA ALA C 79 -3.37 0.37 3.83
C ALA C 79 -4.38 1.50 3.59
N ALA C 80 -5.39 1.26 2.80
CA ALA C 80 -6.40 2.33 2.55
C ALA C 80 -7.07 2.72 3.87
N LEU C 81 -7.18 1.80 4.79
CA LEU C 81 -7.84 2.12 6.10
C LEU C 81 -6.79 2.58 7.11
N THR C 82 -5.57 2.19 6.92
CA THR C 82 -4.51 2.60 7.89
C THR C 82 -4.34 4.14 7.86
N VAL C 83 -4.10 4.71 6.69
CA VAL C 83 -3.91 6.19 6.61
C VAL C 83 -5.26 6.92 6.57
N ALA C 84 -6.23 6.36 5.90
CA ALA C 84 -7.56 7.04 5.81
C ALA C 84 -8.23 7.11 7.18
N CYS C 85 -8.14 6.06 7.95
CA CYS C 85 -8.78 6.05 9.29
C CYS C 85 -8.01 6.98 10.24
N ASN C 86 -6.72 7.01 10.16
CA ASN C 86 -5.91 7.87 11.07
C ASN C 86 -6.30 9.34 10.90
N ASN C 87 -6.40 9.80 9.69
CA ASN C 87 -6.75 11.23 9.47
C ASN C 87 -8.26 11.45 9.61
N PHE C 88 -9.05 10.44 9.43
CA PHE C 88 -10.52 10.62 9.52
C PHE C 88 -10.93 11.14 10.91
N PHE C 89 -10.47 10.54 11.97
CA PHE C 89 -10.88 11.04 13.32
C PHE C 89 -9.99 10.47 14.44
N TRP C 90 -9.00 9.70 14.12
CA TRP C 90 -8.13 9.12 15.19
C TRP C 90 -7.49 10.26 16.00
N GLU C 91 -7.04 11.29 15.33
CA GLU C 91 -6.37 12.42 16.06
C GLU C 91 -7.44 13.40 16.57
N ASN C 92 -8.61 13.36 16.00
CA ASN C 92 -9.71 14.29 16.45
C ASN C 92 -10.70 13.53 17.33
N SER C 93 -10.33 12.39 17.84
CA SER C 93 -11.28 11.62 18.69
C SER C 93 -11.39 12.29 20.06
N GLY D 1 3.40 -10.06 15.82
CA GLY D 1 4.59 -9.16 15.46
C GLY D 1 4.46 -7.68 15.58
N SER D 2 5.56 -6.98 15.65
CA SER D 2 5.51 -5.49 15.74
C SER D 2 5.99 -4.90 14.41
N GLU D 3 6.23 -5.74 13.44
CA GLU D 3 6.72 -5.24 12.13
C GLU D 3 5.71 -4.28 11.51
N LEU D 4 4.48 -4.70 11.31
CA LEU D 4 3.48 -3.78 10.65
C LEU D 4 3.33 -2.50 11.46
N GLU D 5 3.34 -2.59 12.75
CA GLU D 5 3.19 -1.34 13.56
C GLU D 5 4.25 -0.34 13.12
N THR D 6 5.45 -0.80 12.97
CA THR D 6 6.55 0.10 12.51
C THR D 6 6.34 0.48 11.06
N ALA D 7 5.82 -0.41 10.26
CA ALA D 7 5.66 -0.12 8.80
C ALA D 7 4.89 1.19 8.63
N MET D 8 3.77 1.31 9.28
CA MET D 8 2.97 2.56 9.16
C MET D 8 3.79 3.76 9.63
N GLU D 9 4.60 3.58 10.63
CA GLU D 9 5.43 4.71 11.14
C GLU D 9 6.42 5.17 10.07
N THR D 10 7.00 4.25 9.36
CA THR D 10 8.01 4.61 8.33
C THR D 10 7.33 5.35 7.16
N LEU D 11 6.24 4.81 6.70
CA LEU D 11 5.52 5.42 5.54
C LEU D 11 5.06 6.86 5.81
N ILE D 12 4.49 7.13 6.95
CA ILE D 12 3.97 8.51 7.22
C ILE D 12 5.09 9.48 7.65
N ASN D 13 6.05 9.04 8.41
CA ASN D 13 7.13 9.99 8.82
C ASN D 13 7.84 10.55 7.59
N VAL D 14 8.08 9.73 6.61
CA VAL D 14 8.77 10.22 5.37
C VAL D 14 7.79 10.94 4.44
N PHE D 15 6.56 10.51 4.40
CA PHE D 15 5.55 11.13 3.50
C PHE D 15 5.33 12.61 3.81
N HIS D 16 5.11 12.94 5.05
CA HIS D 16 4.82 14.36 5.42
C HIS D 16 6.12 15.17 5.58
N ALA D 17 7.23 14.53 5.79
CA ALA D 17 8.48 15.32 5.97
C ALA D 17 8.89 15.99 4.66
N HIS D 18 9.13 15.22 3.62
CA HIS D 18 9.56 15.85 2.34
C HIS D 18 8.38 16.58 1.66
N SER D 19 7.19 16.06 1.77
CA SER D 19 6.02 16.70 1.10
C SER D 19 5.83 18.14 1.57
N GLY D 20 6.40 18.48 2.70
CA GLY D 20 6.25 19.88 3.22
C GLY D 20 7.61 20.57 3.28
N LYS D 21 8.59 20.07 2.56
CA LYS D 21 9.91 20.74 2.60
C LYS D 21 9.82 22.08 1.86
N GLU D 22 9.23 22.06 0.69
CA GLU D 22 9.09 23.31 -0.10
C GLU D 22 7.77 23.29 -0.89
N GLY D 23 6.67 23.02 -0.22
CA GLY D 23 5.36 22.97 -0.94
C GLY D 23 4.23 23.45 -0.03
N ASP D 24 3.06 22.87 -0.21
CA ASP D 24 1.89 23.26 0.62
C ASP D 24 1.82 22.35 1.84
N LYS D 25 1.06 22.76 2.85
CA LYS D 25 0.92 21.96 4.13
C LYS D 25 1.25 20.48 3.89
N TYR D 26 0.27 19.67 3.55
CA TYR D 26 0.55 18.22 3.31
C TYR D 26 -0.06 17.77 1.98
N LYS D 27 0.62 18.05 0.90
CA LYS D 27 0.15 17.64 -0.45
C LYS D 27 1.38 17.40 -1.30
N LEU D 28 1.36 16.46 -2.21
CA LEU D 28 2.56 16.20 -3.06
C LEU D 28 2.43 16.92 -4.40
N SER D 29 3.54 17.26 -4.96
CA SER D 29 3.59 17.95 -6.27
C SER D 29 4.55 17.17 -7.14
N LYS D 30 4.54 17.35 -8.43
CA LYS D 30 5.48 16.59 -9.27
C LYS D 30 6.91 16.67 -8.70
N LYS D 31 7.33 17.82 -8.26
CA LYS D 31 8.73 17.94 -7.72
C LYS D 31 8.86 17.27 -6.33
N GLU D 32 7.82 17.22 -5.53
CA GLU D 32 7.98 16.53 -4.22
C GLU D 32 7.99 15.02 -4.48
N LEU D 33 7.19 14.58 -5.42
CA LEU D 33 7.10 13.12 -5.76
C LEU D 33 8.46 12.56 -6.23
N LYS D 34 9.09 13.19 -7.17
CA LYS D 34 10.38 12.66 -7.70
C LYS D 34 11.47 12.61 -6.63
N ASP D 35 11.57 13.60 -5.80
CA ASP D 35 12.62 13.59 -4.75
C ASP D 35 12.28 12.55 -3.69
N LEU D 36 11.03 12.35 -3.45
CA LEU D 36 10.60 11.40 -2.40
C LEU D 36 11.01 9.93 -2.69
N LEU D 37 10.92 9.48 -3.91
CA LEU D 37 11.28 8.04 -4.22
C LEU D 37 12.78 7.85 -4.48
N GLN D 38 13.44 8.79 -5.07
CA GLN D 38 14.90 8.61 -5.37
C GLN D 38 15.70 8.63 -4.08
N THR D 39 15.12 9.17 -3.05
CA THR D 39 15.84 9.27 -1.74
C THR D 39 15.85 7.93 -0.99
N GLU D 40 14.73 7.45 -0.53
CA GLU D 40 14.76 6.17 0.24
C GLU D 40 14.68 4.95 -0.67
N LEU D 41 13.76 4.94 -1.61
CA LEU D 41 13.65 3.76 -2.52
C LEU D 41 14.50 4.04 -3.77
N SER D 42 15.79 4.10 -3.58
CA SER D 42 16.74 4.40 -4.69
C SER D 42 17.02 3.15 -5.56
N SER D 43 16.84 1.97 -5.02
CA SER D 43 17.15 0.72 -5.82
C SER D 43 15.86 -0.01 -6.23
N PHE D 44 14.70 0.53 -5.94
CA PHE D 44 13.43 -0.16 -6.33
C PHE D 44 12.65 0.77 -7.25
N LEU D 45 11.94 1.72 -6.71
CA LEU D 45 11.18 2.64 -7.57
C LEU D 45 12.18 3.56 -8.29
N ASP D 46 11.94 3.78 -9.55
CA ASP D 46 12.83 4.65 -10.38
C ASP D 46 12.03 5.86 -10.82
N VAL D 47 12.71 6.95 -11.04
CA VAL D 47 12.04 8.20 -11.50
C VAL D 47 13.08 9.03 -12.24
N GLN D 48 14.31 8.99 -11.79
CA GLN D 48 15.37 9.81 -12.45
C GLN D 48 16.05 8.99 -13.55
N LYS D 49 15.91 7.70 -13.51
CA LYS D 49 16.56 6.86 -14.55
C LYS D 49 15.89 7.11 -15.89
N ASP D 50 14.59 7.25 -15.88
CA ASP D 50 13.82 7.49 -17.13
C ASP D 50 12.89 8.68 -16.96
N ALA D 51 13.09 9.72 -17.70
CA ALA D 51 12.19 10.90 -17.58
C ALA D 51 10.81 10.47 -18.05
N ASP D 52 10.75 9.53 -18.96
CA ASP D 52 9.43 9.06 -19.46
C ASP D 52 8.64 8.48 -18.30
N ALA D 53 9.30 7.77 -17.43
CA ALA D 53 8.62 7.16 -16.25
C ALA D 53 8.00 8.23 -15.36
N VAL D 54 8.67 9.34 -15.21
CA VAL D 54 8.13 10.41 -14.32
C VAL D 54 6.93 11.12 -14.92
N ASP D 55 7.05 11.66 -16.09
CA ASP D 55 5.92 12.42 -16.69
C ASP D 55 4.71 11.53 -16.94
N LYS D 56 4.92 10.34 -17.40
CA LYS D 56 3.76 9.45 -17.69
C LYS D 56 3.11 8.94 -16.40
N ILE D 57 3.89 8.61 -15.42
CA ILE D 57 3.30 8.06 -14.16
C ILE D 57 2.66 9.18 -13.35
N MET D 58 3.40 10.21 -13.10
CA MET D 58 2.91 11.34 -12.30
C MET D 58 1.68 12.02 -12.94
N LYS D 59 1.73 12.28 -14.22
CA LYS D 59 0.58 12.96 -14.87
C LYS D 59 -0.63 12.02 -14.91
N GLU D 60 -0.41 10.76 -15.14
CA GLU D 60 -1.55 9.81 -15.20
C GLU D 60 -1.83 9.25 -13.80
N LEU D 61 -0.90 9.38 -12.88
CA LEU D 61 -1.18 8.86 -11.50
C LEU D 61 -1.99 9.96 -10.81
N ASP D 62 -2.01 11.11 -11.43
CA ASP D 62 -2.82 12.24 -10.95
C ASP D 62 -4.09 12.18 -11.78
N GLU D 63 -4.42 10.95 -12.06
CA GLU D 63 -5.62 10.60 -12.85
C GLU D 63 -6.79 11.54 -12.56
N ASN D 64 -6.78 12.22 -11.44
CA ASN D 64 -7.91 13.16 -11.15
C ASN D 64 -7.60 14.48 -11.84
N GLY D 65 -6.50 14.55 -12.51
CA GLY D 65 -6.13 15.79 -13.23
C GLY D 65 -5.66 16.84 -12.23
N ASP D 66 -5.11 16.41 -11.13
CA ASP D 66 -4.59 17.35 -10.12
C ASP D 66 -3.08 17.26 -10.21
N GLY D 67 -2.37 18.22 -10.67
CA GLY D 67 -0.91 18.03 -10.76
C GLY D 67 -0.30 17.76 -9.38
N GLU D 68 -1.14 17.47 -8.39
CA GLU D 68 -0.65 17.16 -7.03
C GLU D 68 -1.13 15.74 -6.71
N VAL D 69 -0.31 14.96 -6.08
CA VAL D 69 -0.69 13.56 -5.78
C VAL D 69 -1.14 13.42 -4.33
N ASP D 70 -2.30 12.84 -4.13
CA ASP D 70 -2.79 12.67 -2.74
C ASP D 70 -2.06 11.48 -2.12
N PHE D 71 -2.04 11.40 -0.83
CA PHE D 71 -1.31 10.28 -0.17
C PHE D 71 -1.91 8.94 -0.60
N GLN D 72 -3.21 8.87 -0.79
CA GLN D 72 -3.81 7.57 -1.19
C GLN D 72 -3.27 7.11 -2.55
N GLU D 73 -3.09 8.01 -3.48
CA GLU D 73 -2.58 7.62 -4.82
C GLU D 73 -1.11 7.21 -4.75
N PHE D 74 -0.31 7.93 -4.02
CA PHE D 74 1.15 7.62 -3.94
C PHE D 74 1.41 6.26 -3.28
N VAL D 75 0.82 6.03 -2.16
CA VAL D 75 1.05 4.74 -1.42
C VAL D 75 0.56 3.53 -2.22
N VAL D 76 -0.51 3.67 -2.94
CA VAL D 76 -1.04 2.50 -3.70
C VAL D 76 -0.12 2.12 -4.87
N LEU D 77 0.11 3.03 -5.77
CA LEU D 77 0.93 2.68 -6.97
C LEU D 77 2.38 2.32 -6.62
N VAL D 78 3.01 3.06 -5.77
CA VAL D 78 4.43 2.77 -5.45
C VAL D 78 4.59 1.39 -4.83
N ALA D 79 3.64 0.96 -4.05
CA ALA D 79 3.75 -0.39 -3.42
C ALA D 79 3.45 -1.47 -4.46
N ALA D 80 2.66 -1.16 -5.45
CA ALA D 80 2.35 -2.19 -6.50
C ALA D 80 3.63 -2.58 -7.25
N LEU D 81 4.61 -1.72 -7.26
CA LEU D 81 5.90 -2.05 -7.97
C LEU D 81 6.90 -2.60 -6.95
N THR D 82 6.74 -2.25 -5.72
CA THR D 82 7.71 -2.74 -4.70
C THR D 82 7.60 -4.27 -4.57
N VAL D 83 6.43 -4.80 -4.34
CA VAL D 83 6.28 -6.29 -4.21
C VAL D 83 6.20 -6.97 -5.58
N ALA D 84 5.53 -6.36 -6.52
CA ALA D 84 5.40 -6.98 -7.87
C ALA D 84 6.75 -7.07 -8.57
N CYS D 85 7.57 -6.06 -8.44
CA CYS D 85 8.90 -6.08 -9.10
C CYS D 85 9.83 -7.09 -8.39
N ASN D 86 9.76 -7.14 -7.09
CA ASN D 86 10.64 -8.07 -6.33
C ASN D 86 10.41 -9.52 -6.76
N ASN D 87 9.18 -9.93 -6.86
CA ASN D 87 8.89 -11.33 -7.27
C ASN D 87 9.01 -11.51 -8.78
N PHE D 88 8.86 -10.46 -9.53
CA PHE D 88 8.92 -10.59 -11.01
C PHE D 88 10.28 -11.15 -11.46
N PHE D 89 11.37 -10.60 -10.99
CA PHE D 89 12.69 -11.15 -11.43
C PHE D 89 13.85 -10.66 -10.54
N TRP D 90 13.57 -9.92 -9.51
CA TRP D 90 14.68 -9.41 -8.65
C TRP D 90 15.44 -10.60 -8.06
N GLU D 91 14.74 -11.62 -7.64
CA GLU D 91 15.43 -12.81 -7.02
C GLU D 91 15.89 -13.76 -8.13
N ASN D 92 15.31 -13.67 -9.30
CA ASN D 92 15.70 -14.56 -10.42
C ASN D 92 16.60 -13.81 -11.40
N SER D 93 17.16 -12.70 -11.00
CA SER D 93 18.03 -11.93 -11.92
C SER D 93 19.38 -12.65 -12.09
N LYS A 1 -14.25 3.04 -7.29
CA LYS A 1 -13.86 2.64 -5.90
C LYS A 1 -14.59 3.54 -4.91
N LYS A 2 -14.04 3.69 -3.72
CA LYS A 2 -14.67 4.55 -2.67
C LYS A 2 -16.08 4.05 -2.30
N ALA A 3 -16.78 3.42 -3.20
CA ALA A 3 -18.15 2.93 -2.88
C ALA A 3 -18.06 1.80 -1.85
N VAL A 4 -17.14 0.89 -2.02
CA VAL A 4 -16.99 -0.24 -1.06
C VAL A 4 -16.52 0.32 0.28
N TRP A 5 -15.63 1.26 0.25
CA TRP A 5 -15.11 1.85 1.52
C TRP A 5 -16.27 2.49 2.31
N HIS A 6 -17.20 3.10 1.65
CA HIS A 6 -18.32 3.74 2.40
C HIS A 6 -19.04 2.65 3.20
N LYS A 7 -19.34 1.54 2.59
CA LYS A 7 -20.02 0.44 3.34
C LYS A 7 -19.10 -0.09 4.44
N LEU A 8 -17.84 -0.25 4.14
CA LEU A 8 -16.88 -0.80 5.15
C LEU A 8 -16.66 0.20 6.29
N LEU A 9 -16.31 1.42 5.99
CA LEU A 9 -16.05 2.40 7.09
C LEU A 9 -17.37 2.78 7.79
N SER A 10 -18.44 2.94 7.04
CA SER A 10 -19.73 3.33 7.69
C SER A 10 -20.16 2.25 8.69
N LYS A 11 -20.09 1.00 8.31
CA LYS A 11 -20.49 -0.08 9.27
C LYS A 11 -19.46 -0.16 10.39
N GLN A 12 -18.20 -0.02 10.06
CA GLN A 12 -17.14 -0.10 11.10
C GLN A 12 -17.44 0.94 12.19
N LYS B 1 -7.63 -2.12 -14.30
CA LYS B 1 -6.23 -1.80 -13.93
C LYS B 1 -5.29 -2.70 -14.70
N LYS B 2 -4.10 -2.92 -14.18
CA LYS B 2 -3.09 -3.80 -14.85
C LYS B 2 -2.71 -3.26 -16.24
N ALA B 3 -3.60 -2.57 -16.90
CA ALA B 3 -3.27 -2.04 -18.26
C ALA B 3 -2.19 -0.95 -18.14
N VAL B 4 -2.32 -0.08 -17.18
CA VAL B 4 -1.31 1.00 -17.01
C VAL B 4 0.01 0.38 -16.58
N TRP B 5 -0.05 -0.61 -15.72
CA TRP B 5 1.20 -1.26 -15.25
C TRP B 5 1.95 -1.88 -16.43
N HIS B 6 1.26 -2.43 -17.38
CA HIS B 6 1.97 -3.05 -18.52
C HIS B 6 2.81 -1.98 -19.22
N LYS B 7 2.25 -0.83 -19.46
CA LYS B 7 3.03 0.26 -20.11
C LYS B 7 4.15 0.71 -19.18
N LEU B 8 3.88 0.84 -17.91
CA LEU B 8 4.91 1.31 -16.95
C LEU B 8 6.02 0.25 -16.78
N LEU B 9 5.68 -0.97 -16.48
CA LEU B 9 6.73 -2.01 -16.28
C LEU B 9 7.40 -2.35 -17.61
N SER B 10 6.64 -2.45 -18.68
CA SER B 10 7.25 -2.81 -19.98
C SER B 10 8.30 -1.77 -20.38
N LYS B 11 7.98 -0.51 -20.27
CA LYS B 11 8.96 0.55 -20.64
C LYS B 11 10.10 0.55 -19.62
N GLN B 12 9.78 0.38 -18.36
CA GLN B 12 10.84 0.37 -17.32
C GLN B 12 11.88 -0.69 -17.66
N GLY C 1 17.06 3.93 0.94
CA GLY C 1 16.48 4.65 2.15
C GLY C 1 16.78 4.15 3.52
N SER C 2 16.28 4.82 4.53
CA SER C 2 16.51 4.37 5.94
C SER C 2 15.21 3.80 6.49
N GLU C 3 14.31 4.65 6.89
CA GLU C 3 13.01 4.19 7.45
C GLU C 3 12.22 3.47 6.37
N LEU C 4 12.08 4.08 5.23
CA LEU C 4 11.26 3.47 4.15
C LEU C 4 11.85 2.11 3.74
N GLU C 5 13.16 2.02 3.71
CA GLU C 5 13.81 0.72 3.36
C GLU C 5 13.31 -0.36 4.31
N THR C 6 13.30 -0.05 5.57
CA THR C 6 12.85 -1.03 6.60
C THR C 6 11.36 -1.30 6.44
N ALA C 7 10.61 -0.32 6.08
CA ALA C 7 9.12 -0.48 5.97
C ALA C 7 8.78 -1.69 5.09
N MET C 8 9.27 -1.75 3.88
CA MET C 8 8.92 -2.93 3.03
C MET C 8 9.39 -4.21 3.71
N GLU C 9 10.49 -4.13 4.42
CA GLU C 9 11.02 -5.33 5.14
C GLU C 9 10.03 -5.77 6.24
N THR C 10 9.38 -4.84 6.87
CA THR C 10 8.45 -5.17 7.97
C THR C 10 7.15 -5.79 7.43
N LEU C 11 6.58 -5.18 6.42
CA LEU C 11 5.29 -5.70 5.86
C LEU C 11 5.43 -7.15 5.39
N ILE C 12 6.53 -7.47 4.76
CA ILE C 12 6.71 -8.85 4.22
C ILE C 12 7.10 -9.84 5.33
N ASN C 13 7.73 -9.41 6.38
CA ASN C 13 8.11 -10.36 7.45
C ASN C 13 6.85 -10.99 8.05
N VAL C 14 5.84 -10.19 8.21
CA VAL C 14 4.56 -10.69 8.80
C VAL C 14 3.72 -11.43 7.75
N PHE C 15 3.78 -11.00 6.51
CA PHE C 15 2.98 -11.67 5.44
C PHE C 15 3.38 -13.14 5.30
N HIS C 16 4.64 -13.42 5.19
CA HIS C 16 5.08 -14.83 5.01
C HIS C 16 5.13 -15.61 6.32
N ALA C 17 5.18 -14.95 7.45
CA ALA C 17 5.27 -15.73 8.72
C ALA C 17 3.93 -16.38 9.10
N HIS C 18 2.87 -15.63 9.29
CA HIS C 18 1.58 -16.28 9.69
C HIS C 18 0.94 -16.99 8.47
N SER C 19 1.00 -16.40 7.31
CA SER C 19 0.40 -17.00 6.09
C SER C 19 1.05 -18.34 5.80
N GLY C 20 2.14 -18.62 6.45
CA GLY C 20 2.87 -19.89 6.23
C GLY C 20 2.43 -20.94 7.26
N LYS C 21 1.33 -20.69 7.92
CA LYS C 21 0.84 -21.70 8.92
C LYS C 21 -0.15 -22.61 8.22
N GLU C 22 -1.31 -22.11 7.90
CA GLU C 22 -2.35 -22.95 7.24
C GLU C 22 -2.60 -22.43 5.82
N GLY C 23 -1.79 -22.84 4.90
CA GLY C 23 -1.98 -22.38 3.49
C GLY C 23 -0.79 -22.80 2.64
N ASP C 24 -0.53 -22.09 1.57
CA ASP C 24 0.64 -22.43 0.70
C ASP C 24 1.85 -21.63 1.17
N LYS C 25 3.02 -22.03 0.76
CA LYS C 25 4.26 -21.31 1.21
C LYS C 25 4.10 -19.79 1.01
N TYR C 26 3.29 -19.35 0.08
CA TYR C 26 3.14 -17.87 -0.10
C TYR C 26 1.80 -17.50 -0.77
N LYS C 27 0.71 -17.87 -0.16
CA LYS C 27 -0.65 -17.48 -0.66
C LYS C 27 -1.49 -17.15 0.57
N LEU C 28 -2.34 -16.16 0.51
CA LEU C 28 -3.13 -15.79 1.70
C LEU C 28 -4.55 -16.40 1.62
N SER C 29 -5.13 -16.68 2.76
CA SER C 29 -6.50 -17.30 2.80
C SER C 29 -7.38 -16.51 3.76
N LYS C 30 -8.67 -16.71 3.71
CA LYS C 30 -9.58 -15.96 4.64
C LYS C 30 -9.15 -16.12 6.11
N LYS C 31 -8.82 -17.31 6.54
CA LYS C 31 -8.43 -17.49 7.97
C LYS C 31 -7.05 -16.88 8.24
N GLU C 32 -6.22 -16.80 7.24
CA GLU C 32 -4.88 -16.19 7.43
C GLU C 32 -5.06 -14.67 7.49
N LEU C 33 -5.92 -14.16 6.66
CA LEU C 33 -6.19 -12.69 6.62
C LEU C 33 -6.72 -12.18 7.97
N LYS C 34 -7.66 -12.89 8.54
CA LYS C 34 -8.28 -12.45 9.82
C LYS C 34 -7.26 -12.40 10.98
N ASP C 35 -6.37 -13.34 11.06
CA ASP C 35 -5.38 -13.32 12.18
C ASP C 35 -4.31 -12.27 11.91
N LEU C 36 -4.06 -11.98 10.68
CA LEU C 36 -3.00 -10.98 10.36
C LEU C 36 -3.40 -9.57 10.79
N LEU C 37 -4.64 -9.18 10.62
CA LEU C 37 -5.05 -7.78 11.00
C LEU C 37 -5.37 -7.65 12.49
N GLN C 38 -5.98 -8.64 13.08
CA GLN C 38 -6.33 -8.51 14.51
C GLN C 38 -5.07 -8.56 15.36
N THR C 39 -4.08 -9.30 14.93
CA THR C 39 -2.84 -9.42 15.73
C THR C 39 -1.85 -8.28 15.44
N GLU C 40 -1.34 -8.24 14.24
CA GLU C 40 -0.32 -7.21 13.90
C GLU C 40 -0.92 -5.79 13.84
N LEU C 41 -1.95 -5.58 13.05
CA LEU C 41 -2.57 -4.22 12.97
C LEU C 41 -3.78 -4.19 13.92
N SER C 42 -3.55 -4.63 15.13
CA SER C 42 -4.61 -4.68 16.18
C SER C 42 -5.08 -3.28 16.59
N SER C 43 -4.33 -2.25 16.29
CA SER C 43 -4.74 -0.88 16.74
C SER C 43 -5.63 -0.15 15.73
N PHE C 44 -5.84 -0.66 14.54
CA PHE C 44 -6.70 0.09 13.56
C PHE C 44 -7.59 -0.86 12.77
N LEU C 45 -7.04 -1.79 12.05
CA LEU C 45 -7.89 -2.70 11.26
C LEU C 45 -8.61 -3.67 12.22
N ASP C 46 -9.89 -3.86 12.01
CA ASP C 46 -10.68 -4.78 12.88
C ASP C 46 -11.30 -5.85 12.00
N VAL C 47 -11.61 -6.97 12.56
CA VAL C 47 -12.20 -8.08 11.78
C VAL C 47 -12.93 -9.01 12.73
N GLN C 48 -12.40 -9.16 13.90
CA GLN C 48 -13.01 -10.08 14.90
C GLN C 48 -14.30 -9.52 15.50
N LYS C 49 -14.31 -8.27 15.89
CA LYS C 49 -15.55 -7.72 16.49
C LYS C 49 -16.63 -7.57 15.42
N ASP C 50 -16.24 -7.25 14.20
CA ASP C 50 -17.24 -7.07 13.10
C ASP C 50 -17.14 -8.22 12.11
N ALA C 51 -17.99 -9.20 12.23
CA ALA C 51 -17.96 -10.35 11.28
C ALA C 51 -18.47 -9.86 9.91
N ASP C 52 -19.39 -8.94 9.91
CA ASP C 52 -19.92 -8.41 8.61
C ASP C 52 -18.76 -7.79 7.82
N ALA C 53 -17.89 -7.10 8.50
CA ALA C 53 -16.72 -6.45 7.84
C ALA C 53 -15.82 -7.51 7.18
N VAL C 54 -15.63 -8.62 7.84
CA VAL C 54 -14.71 -9.66 7.28
C VAL C 54 -15.28 -10.30 6.02
N ASP C 55 -16.47 -10.77 6.06
CA ASP C 55 -17.04 -11.44 4.86
C ASP C 55 -17.08 -10.45 3.70
N LYS C 56 -17.42 -9.22 3.95
CA LYS C 56 -17.55 -8.24 2.84
C LYS C 56 -16.18 -7.90 2.22
N ILE C 57 -15.14 -7.75 2.99
CA ILE C 57 -13.82 -7.39 2.37
C ILE C 57 -13.15 -8.65 1.82
N MET C 58 -13.02 -9.65 2.62
CA MET C 58 -12.32 -10.88 2.16
C MET C 58 -13.02 -11.50 0.93
N LYS C 59 -14.30 -11.70 0.97
CA LYS C 59 -14.97 -12.34 -0.20
C LYS C 59 -14.98 -11.37 -1.37
N GLU C 60 -15.16 -10.11 -1.09
CA GLU C 60 -15.23 -9.11 -2.19
C GLU C 60 -13.84 -8.62 -2.54
N LEU C 61 -12.87 -8.86 -1.69
CA LEU C 61 -11.48 -8.42 -2.02
C LEU C 61 -10.90 -9.51 -2.90
N ASP C 62 -11.56 -10.65 -2.92
CA ASP C 62 -11.18 -11.75 -3.83
C ASP C 62 -12.02 -11.52 -5.06
N GLU C 63 -12.07 -10.27 -5.37
CA GLU C 63 -12.84 -9.76 -6.54
C GLU C 63 -12.65 -10.68 -7.74
N ASN C 64 -11.59 -11.44 -7.80
CA ASN C 64 -11.39 -12.36 -8.95
C ASN C 64 -12.12 -13.65 -8.66
N GLY C 65 -12.56 -13.83 -7.45
CA GLY C 65 -13.32 -15.06 -7.09
C GLY C 65 -12.37 -16.14 -6.61
N ASP C 66 -11.27 -15.76 -5.98
CA ASP C 66 -10.31 -16.77 -5.46
C ASP C 66 -10.43 -16.70 -3.96
N GLY C 67 -10.90 -17.69 -3.28
CA GLY C 67 -11.01 -17.54 -1.79
C GLY C 67 -9.62 -17.29 -1.17
N GLU C 68 -8.64 -17.07 -2.00
CA GLU C 68 -7.28 -16.79 -1.52
C GLU C 68 -6.90 -15.39 -2.00
N VAL C 69 -6.28 -14.63 -1.16
CA VAL C 69 -5.92 -13.23 -1.50
C VAL C 69 -4.41 -13.15 -1.70
N ASP C 70 -3.96 -12.58 -2.79
CA ASP C 70 -2.49 -12.49 -3.02
C ASP C 70 -1.97 -11.22 -2.35
N PHE C 71 -0.96 -11.33 -1.51
CA PHE C 71 -0.37 -10.14 -0.82
C PHE C 71 -0.62 -8.82 -1.57
N GLN C 72 -0.56 -8.82 -2.89
CA GLN C 72 -0.81 -7.55 -3.63
C GLN C 72 -2.23 -7.03 -3.35
N GLU C 73 -3.19 -7.91 -3.31
CA GLU C 73 -4.60 -7.50 -3.04
C GLU C 73 -4.76 -7.07 -1.56
N PHE C 74 -4.18 -7.82 -0.67
CA PHE C 74 -4.29 -7.54 0.80
C PHE C 74 -3.70 -6.17 1.18
N VAL C 75 -2.51 -5.90 0.75
CA VAL C 75 -1.82 -4.62 1.10
C VAL C 75 -2.61 -3.40 0.61
N VAL C 76 -3.18 -3.47 -0.55
CA VAL C 76 -3.92 -2.28 -1.08
C VAL C 76 -5.11 -1.92 -0.16
N LEU C 77 -6.04 -2.81 0.04
CA LEU C 77 -7.25 -2.46 0.85
C LEU C 77 -6.90 -2.19 2.33
N VAL C 78 -6.20 -3.08 2.96
CA VAL C 78 -5.85 -2.93 4.41
C VAL C 78 -5.04 -1.64 4.69
N ALA C 79 -4.13 -1.32 3.82
CA ALA C 79 -3.27 -0.12 4.03
C ALA C 79 -4.09 1.16 3.87
N ALA C 80 -5.14 1.10 3.11
CA ALA C 80 -5.99 2.32 2.99
C ALA C 80 -6.59 2.61 4.36
N LEU C 81 -7.01 1.58 5.04
CA LEU C 81 -7.60 1.73 6.40
C LEU C 81 -6.54 2.26 7.37
N THR C 82 -5.32 1.82 7.25
CA THR C 82 -4.27 2.28 8.21
C THR C 82 -4.12 3.81 8.17
N VAL C 83 -3.92 4.36 7.01
CA VAL C 83 -3.74 5.84 6.87
C VAL C 83 -5.04 6.56 7.18
N ALA C 84 -6.12 6.01 6.75
CA ALA C 84 -7.43 6.66 6.96
C ALA C 84 -7.71 6.83 8.45
N CYS C 85 -7.36 5.87 9.24
CA CYS C 85 -7.59 5.96 10.70
C CYS C 85 -6.83 7.16 11.26
N ASN C 86 -5.63 7.38 10.79
CA ASN C 86 -4.83 8.53 11.29
C ASN C 86 -5.56 9.85 11.04
N ASN C 87 -6.18 10.01 9.90
CA ASN C 87 -6.90 11.30 9.61
C ASN C 87 -8.00 11.55 10.65
N PHE C 88 -8.72 10.55 11.03
CA PHE C 88 -9.82 10.76 12.03
C PHE C 88 -9.21 10.81 13.44
N PHE C 89 -8.00 10.34 13.59
CA PHE C 89 -7.36 10.37 14.93
C PHE C 89 -7.26 11.82 15.42
N TRP C 90 -6.85 12.72 14.57
CA TRP C 90 -6.73 14.15 14.97
C TRP C 90 -8.10 14.68 15.41
N GLU C 91 -9.13 14.33 14.67
CA GLU C 91 -10.49 14.81 15.02
C GLU C 91 -10.91 14.23 16.38
N ASN C 92 -10.27 13.16 16.79
CA ASN C 92 -10.62 12.52 18.09
C ASN C 92 -9.68 13.06 19.17
N SER C 93 -9.09 14.19 18.91
CA SER C 93 -8.16 14.80 19.89
C SER C 93 -8.93 15.25 21.13
N GLY D 1 0.97 -4.61 16.85
CA GLY D 1 2.16 -5.38 16.24
C GLY D 1 3.55 -4.95 16.54
N SER D 2 4.53 -5.64 15.99
CA SER D 2 5.96 -5.24 16.22
C SER D 2 6.50 -4.63 14.93
N GLU D 3 6.87 -5.48 14.01
CA GLU D 3 7.42 -4.98 12.73
C GLU D 3 6.36 -4.19 11.96
N LEU D 4 5.21 -4.75 11.81
CA LEU D 4 4.14 -4.07 11.03
C LEU D 4 3.79 -2.73 11.69
N GLU D 5 3.78 -2.68 12.99
CA GLU D 5 3.47 -1.39 13.70
C GLU D 5 4.46 -0.33 13.24
N THR D 6 5.71 -0.68 13.20
CA THR D 6 6.75 0.27 12.77
C THR D 6 6.60 0.60 11.29
N ALA D 7 6.16 -0.33 10.51
CA ALA D 7 6.08 -0.11 9.04
C ALA D 7 5.26 1.15 8.74
N MET D 8 4.06 1.25 9.24
CA MET D 8 3.24 2.45 8.95
C MET D 8 3.97 3.69 9.48
N GLU D 9 4.69 3.54 10.56
CA GLU D 9 5.45 4.69 11.12
C GLU D 9 6.56 5.13 10.14
N THR D 10 7.14 4.19 9.45
CA THR D 10 8.25 4.53 8.50
C THR D 10 7.71 5.21 7.24
N LEU D 11 6.68 4.67 6.66
CA LEU D 11 6.12 5.25 5.40
C LEU D 11 5.70 6.72 5.61
N ILE D 12 5.11 7.01 6.72
CA ILE D 12 4.62 8.41 6.96
C ILE D 12 5.78 9.34 7.36
N ASN D 13 6.80 8.84 7.97
CA ASN D 13 7.93 9.73 8.38
C ASN D 13 8.54 10.38 7.13
N VAL D 14 8.65 9.62 6.09
CA VAL D 14 9.24 10.15 4.83
C VAL D 14 8.20 10.97 4.03
N PHE D 15 6.96 10.58 4.09
CA PHE D 15 5.90 11.32 3.34
C PHE D 15 5.82 12.78 3.79
N HIS D 16 5.74 13.02 5.06
CA HIS D 16 5.61 14.42 5.56
C HIS D 16 6.96 15.15 5.61
N ALA D 17 8.05 14.45 5.63
CA ALA D 17 9.36 15.16 5.73
C ALA D 17 9.74 15.86 4.41
N HIS D 18 9.89 15.14 3.33
CA HIS D 18 10.30 15.82 2.06
C HIS D 18 9.10 16.60 1.45
N SER D 19 7.93 16.04 1.52
CA SER D 19 6.72 16.72 0.95
C SER D 19 6.49 18.06 1.65
N GLY D 20 7.17 18.26 2.74
CA GLY D 20 7.00 19.51 3.53
C GLY D 20 8.06 20.53 3.11
N LYS D 21 8.71 20.31 1.99
CA LYS D 21 9.72 21.29 1.53
C LYS D 21 9.06 22.27 0.58
N GLU D 22 8.71 21.81 -0.58
CA GLU D 22 8.06 22.72 -1.59
C GLU D 22 6.62 22.27 -1.84
N GLY D 23 5.72 22.68 -1.00
CA GLY D 23 4.29 22.28 -1.19
C GLY D 23 3.47 22.67 0.04
N ASP D 24 2.38 22.01 0.28
CA ASP D 24 1.54 22.34 1.47
C ASP D 24 1.98 21.47 2.65
N LYS D 25 1.62 21.84 3.84
CA LYS D 25 2.04 21.05 5.04
C LYS D 25 1.78 19.56 4.82
N TYR D 26 0.82 19.18 4.00
CA TYR D 26 0.59 17.71 3.80
C TYR D 26 -0.11 17.42 2.47
N LYS D 27 0.51 17.81 1.38
CA LYS D 27 -0.02 17.50 0.01
C LYS D 27 1.19 17.15 -0.86
N LEU D 28 1.07 16.19 -1.75
CA LEU D 28 2.25 15.81 -2.58
C LEU D 28 2.17 16.49 -3.96
N SER D 29 3.31 16.73 -4.55
CA SER D 29 3.36 17.40 -5.89
C SER D 29 4.30 16.63 -6.81
N LYS D 30 4.22 16.86 -8.10
CA LYS D 30 5.10 16.12 -9.05
C LYS D 30 6.59 16.21 -8.63
N LYS D 31 7.06 17.37 -8.26
CA LYS D 31 8.51 17.48 -7.88
C LYS D 31 8.77 16.82 -6.53
N GLU D 32 7.78 16.74 -5.70
CA GLU D 32 7.97 16.07 -4.38
C GLU D 32 7.98 14.56 -4.61
N LEU D 33 7.10 14.11 -5.48
CA LEU D 33 7.01 12.65 -5.80
C LEU D 33 8.33 12.12 -6.38
N LYS D 34 8.92 12.84 -7.29
CA LYS D 34 10.17 12.38 -7.95
C LYS D 34 11.33 12.24 -6.95
N ASP D 35 11.47 13.15 -6.03
CA ASP D 35 12.60 13.05 -5.05
C ASP D 35 12.31 11.97 -4.02
N LEU D 36 11.06 11.71 -3.76
CA LEU D 36 10.72 10.69 -2.74
C LEU D 36 11.10 9.27 -3.20
N LEU D 37 10.90 8.94 -4.45
CA LEU D 37 11.22 7.56 -4.91
C LEU D 37 12.70 7.38 -5.27
N GLN D 38 13.32 8.37 -5.84
CA GLN D 38 14.74 8.20 -6.21
C GLN D 38 15.60 8.16 -4.97
N THR D 39 15.21 8.87 -3.94
CA THR D 39 16.04 8.91 -2.71
C THR D 39 15.72 7.76 -1.76
N GLU D 40 14.52 7.74 -1.23
CA GLU D 40 14.15 6.68 -0.24
C GLU D 40 14.03 5.30 -0.90
N LEU D 41 13.22 5.16 -1.92
CA LEU D 41 13.08 3.83 -2.60
C LEU D 41 14.02 3.81 -3.83
N SER D 42 15.24 4.19 -3.59
CA SER D 42 16.28 4.24 -4.66
C SER D 42 16.64 2.86 -5.20
N SER D 43 16.30 1.81 -4.49
CA SER D 43 16.70 0.44 -4.95
C SER D 43 15.65 -0.22 -5.86
N PHE D 44 14.48 0.35 -6.03
CA PHE D 44 13.46 -0.34 -6.90
C PHE D 44 12.69 0.67 -7.75
N LEU D 45 12.02 1.61 -7.14
CA LEU D 45 11.24 2.58 -7.96
C LEU D 45 12.23 3.52 -8.66
N ASP D 46 12.03 3.79 -9.91
CA ASP D 46 12.91 4.71 -10.68
C ASP D 46 12.06 5.82 -11.25
N VAL D 47 12.67 6.93 -11.53
CA VAL D 47 11.92 8.09 -12.07
C VAL D 47 12.90 9.02 -12.77
N GLN D 48 14.09 9.09 -12.25
CA GLN D 48 15.11 10.02 -12.82
C GLN D 48 15.68 9.47 -14.15
N LYS D 49 16.01 8.22 -14.21
CA LYS D 49 16.57 7.68 -15.49
C LYS D 49 15.48 7.63 -16.55
N ASP D 50 14.27 7.33 -16.16
CA ASP D 50 13.15 7.24 -17.15
C ASP D 50 12.20 8.42 -17.00
N ALA D 51 12.35 9.43 -17.81
CA ALA D 51 11.43 10.61 -17.73
C ALA D 51 10.05 10.19 -18.23
N ASP D 52 10.00 9.30 -19.19
CA ASP D 52 8.68 8.85 -19.71
C ASP D 52 7.88 8.22 -18.59
N ALA D 53 8.54 7.47 -17.74
CA ALA D 53 7.87 6.80 -16.59
C ALA D 53 7.28 7.83 -15.63
N VAL D 54 7.96 8.93 -15.41
CA VAL D 54 7.46 9.95 -14.45
C VAL D 54 6.21 10.65 -14.97
N ASP D 55 6.27 11.17 -16.15
CA ASP D 55 5.08 11.90 -16.68
C ASP D 55 3.88 10.95 -16.74
N LYS D 56 4.07 9.74 -17.14
CA LYS D 56 2.93 8.80 -17.29
C LYS D 56 2.31 8.42 -15.92
N ILE D 57 3.10 8.21 -14.90
CA ILE D 57 2.48 7.81 -13.58
C ILE D 57 1.99 9.07 -12.85
N MET D 58 2.82 10.03 -12.69
CA MET D 58 2.41 11.25 -11.96
C MET D 58 1.21 11.95 -12.61
N LYS D 59 1.24 12.19 -13.88
CA LYS D 59 0.08 12.90 -14.50
C LYS D 59 -1.12 11.98 -14.55
N GLU D 60 -0.90 10.72 -14.78
CA GLU D 60 -2.03 9.77 -14.87
C GLU D 60 -2.39 9.23 -13.48
N LEU D 61 -1.51 9.39 -12.52
CA LEU D 61 -1.85 8.91 -11.14
C LEU D 61 -2.68 10.02 -10.51
N ASP D 62 -2.66 11.17 -11.13
CA ASP D 62 -3.52 12.30 -10.70
C ASP D 62 -4.78 12.14 -11.53
N GLU D 63 -5.14 10.92 -11.63
CA GLU D 63 -6.32 10.48 -12.40
C GLU D 63 -7.49 11.44 -12.16
N ASN D 64 -7.50 12.15 -11.06
CA ASN D 64 -8.63 13.11 -10.81
C ASN D 64 -8.30 14.41 -11.50
N GLY D 65 -7.08 14.56 -11.94
CA GLY D 65 -6.69 15.80 -12.66
C GLY D 65 -6.15 16.82 -11.67
N ASP D 66 -5.53 16.39 -10.60
CA ASP D 66 -4.97 17.34 -9.60
C ASP D 66 -3.46 17.22 -9.76
N GLY D 67 -2.76 18.20 -10.19
CA GLY D 67 -1.29 18.00 -10.34
C GLY D 67 -0.65 17.68 -8.97
N GLU D 68 -1.48 17.44 -7.98
CA GLU D 68 -0.98 17.09 -6.62
C GLU D 68 -1.49 15.68 -6.31
N VAL D 69 -0.68 14.88 -5.72
CA VAL D 69 -1.08 13.48 -5.41
C VAL D 69 -1.26 13.35 -3.90
N ASP D 70 -2.37 12.80 -3.47
CA ASP D 70 -2.58 12.67 -2.00
C ASP D 70 -1.96 11.35 -1.53
N PHE D 71 -1.11 11.40 -0.54
CA PHE D 71 -0.44 10.15 0.00
C PHE D 71 -1.26 8.88 -0.29
N GLN D 72 -2.57 8.93 -0.20
CA GLN D 72 -3.37 7.70 -0.49
C GLN D 72 -3.12 7.23 -1.94
N GLU D 73 -3.06 8.14 -2.87
CA GLU D 73 -2.81 7.77 -4.29
C GLU D 73 -1.36 7.29 -4.49
N PHE D 74 -0.44 7.99 -3.90
CA PHE D 74 1.02 7.66 -4.03
C PHE D 74 1.36 6.25 -3.50
N VAL D 75 0.93 5.95 -2.32
CA VAL D 75 1.25 4.63 -1.69
C VAL D 75 0.70 3.46 -2.51
N VAL D 76 -0.47 3.59 -3.06
CA VAL D 76 -1.05 2.46 -3.84
C VAL D 76 -0.16 2.11 -5.06
N LEU D 77 0.06 3.04 -5.95
CA LEU D 77 0.85 2.69 -7.18
C LEU D 77 2.32 2.36 -6.87
N VAL D 78 2.99 3.19 -6.13
CA VAL D 78 4.44 2.96 -5.83
C VAL D 78 4.67 1.64 -5.06
N ALA D 79 3.81 1.32 -4.15
CA ALA D 79 3.99 0.07 -3.35
C ALA D 79 3.76 -1.16 -4.21
N ALA D 80 2.99 -1.04 -5.26
CA ALA D 80 2.81 -2.22 -6.15
C ALA D 80 4.19 -2.54 -6.74
N LEU D 81 4.86 -1.51 -7.19
CA LEU D 81 6.22 -1.67 -7.79
C LEU D 81 7.19 -2.27 -6.75
N THR D 82 7.10 -1.89 -5.52
CA THR D 82 8.07 -2.42 -4.51
C THR D 82 7.97 -3.96 -4.41
N VAL D 83 6.78 -4.47 -4.20
CA VAL D 83 6.59 -5.96 -4.08
C VAL D 83 6.87 -6.64 -5.41
N ALA D 84 6.44 -6.03 -6.46
CA ALA D 84 6.62 -6.63 -7.80
C ALA D 84 8.10 -6.85 -8.10
N CYS D 85 8.92 -5.92 -7.73
CA CYS D 85 10.38 -6.06 -7.99
C CYS D 85 10.89 -7.31 -7.28
N ASN D 86 10.42 -7.56 -6.09
CA ASN D 86 10.90 -8.76 -5.33
C ASN D 86 10.59 -10.04 -6.11
N ASN D 87 9.44 -10.13 -6.73
CA ASN D 87 9.09 -11.37 -7.48
C ASN D 87 10.10 -11.63 -8.60
N PHE D 88 10.52 -10.61 -9.30
CA PHE D 88 11.49 -10.82 -10.40
C PHE D 88 12.90 -10.95 -9.82
N PHE D 89 13.08 -10.54 -8.60
CA PHE D 89 14.43 -10.63 -7.97
C PHE D 89 14.87 -12.10 -7.94
N TRP D 90 13.99 -12.98 -7.55
CA TRP D 90 14.35 -14.43 -7.50
C TRP D 90 14.74 -14.92 -8.89
N GLU D 91 14.02 -14.51 -9.89
CA GLU D 91 14.33 -14.95 -11.28
C GLU D 91 15.69 -14.39 -11.69
N ASN D 92 16.15 -13.38 -11.02
CA ASN D 92 17.47 -12.77 -11.36
C ASN D 92 18.54 -13.39 -10.46
N SER D 93 18.25 -14.52 -9.91
CA SER D 93 19.22 -15.21 -9.01
C SER D 93 20.42 -15.67 -9.82
N LYS A 1 -15.45 -1.25 -5.94
CA LYS A 1 -14.72 -1.58 -4.68
C LYS A 1 -15.00 -0.49 -3.63
N LYS A 2 -15.02 0.74 -4.03
CA LYS A 2 -15.29 1.84 -3.07
C LYS A 2 -16.67 1.66 -2.45
N ALA A 3 -17.64 1.22 -3.23
CA ALA A 3 -19.01 1.03 -2.68
C ALA A 3 -18.95 0.00 -1.54
N VAL A 4 -18.18 -1.05 -1.69
CA VAL A 4 -18.09 -2.05 -0.61
C VAL A 4 -17.47 -1.40 0.63
N TRP A 5 -16.49 -0.56 0.43
CA TRP A 5 -15.82 0.12 1.57
C TRP A 5 -16.82 1.01 2.32
N HIS A 6 -17.76 1.61 1.63
CA HIS A 6 -18.73 2.49 2.34
C HIS A 6 -19.30 1.73 3.54
N LYS A 7 -19.63 0.48 3.38
CA LYS A 7 -20.15 -0.30 4.53
C LYS A 7 -19.08 -0.30 5.63
N LEU A 8 -17.86 -0.62 5.25
CA LEU A 8 -16.75 -0.66 6.24
C LEU A 8 -16.49 0.73 6.82
N LEU A 9 -16.37 1.73 5.99
CA LEU A 9 -16.08 3.10 6.52
C LEU A 9 -17.32 3.62 7.28
N SER A 10 -18.49 3.35 6.79
CA SER A 10 -19.72 3.84 7.48
C SER A 10 -19.80 3.29 8.90
N LYS A 11 -19.58 2.00 9.07
CA LYS A 11 -19.66 1.41 10.43
C LYS A 11 -18.49 1.91 11.27
N GLN A 12 -17.32 2.00 10.69
CA GLN A 12 -16.13 2.47 11.47
C GLN A 12 -16.01 4.00 11.32
N LYS B 1 -6.02 2.10 -15.33
CA LYS B 1 -4.75 2.36 -14.59
C LYS B 1 -3.74 1.25 -14.93
N LYS B 2 -4.21 0.03 -14.99
CA LYS B 2 -3.29 -1.10 -15.31
C LYS B 2 -2.67 -0.89 -16.70
N ALA B 3 -3.44 -0.39 -17.63
CA ALA B 3 -2.88 -0.17 -18.99
C ALA B 3 -1.71 0.81 -18.92
N VAL B 4 -1.81 1.83 -18.11
CA VAL B 4 -0.68 2.80 -17.98
C VAL B 4 0.53 2.06 -17.40
N TRP B 5 0.30 1.21 -16.45
CA TRP B 5 1.42 0.45 -15.82
C TRP B 5 2.12 -0.43 -16.86
N HIS B 6 1.40 -0.97 -17.80
CA HIS B 6 2.06 -1.84 -18.82
C HIS B 6 3.30 -1.10 -19.37
N LYS B 7 3.18 0.16 -19.65
CA LYS B 7 4.37 0.92 -20.15
C LYS B 7 5.46 0.83 -19.09
N LEU B 8 5.11 1.12 -17.85
CA LEU B 8 6.10 1.07 -16.75
C LEU B 8 6.63 -0.36 -16.54
N LEU B 9 5.76 -1.32 -16.46
CA LEU B 9 6.23 -2.72 -16.23
C LEU B 9 6.97 -3.22 -17.48
N SER B 10 6.48 -2.88 -18.65
CA SER B 10 7.14 -3.36 -19.90
C SER B 10 8.59 -2.85 -19.97
N LYS B 11 8.80 -1.60 -19.71
CA LYS B 11 10.19 -1.06 -19.77
C LYS B 11 11.02 -1.63 -18.63
N GLN B 12 10.44 -1.75 -17.46
CA GLN B 12 11.20 -2.30 -16.29
C GLN B 12 10.99 -3.82 -16.23
N GLY C 1 16.29 8.81 3.09
CA GLY C 1 16.27 8.13 4.47
C GLY C 1 16.38 6.64 4.56
N SER C 2 16.53 6.11 5.75
CA SER C 2 16.61 4.63 5.93
C SER C 2 15.31 4.13 6.55
N GLU C 3 14.46 5.02 6.96
CA GLU C 3 13.16 4.59 7.55
C GLU C 3 12.38 3.77 6.53
N LEU C 4 12.20 4.31 5.36
CA LEU C 4 11.40 3.61 4.32
C LEU C 4 12.04 2.25 3.99
N GLU C 5 13.33 2.17 3.99
CA GLU C 5 14.01 0.87 3.70
C GLU C 5 13.50 -0.18 4.69
N THR C 6 13.52 0.16 5.95
CA THR C 6 13.07 -0.78 7.00
C THR C 6 11.58 -1.10 6.84
N ALA C 7 10.81 -0.16 6.37
CA ALA C 7 9.34 -0.40 6.25
C ALA C 7 9.06 -1.62 5.37
N MET C 8 9.66 -1.71 4.22
CA MET C 8 9.42 -2.89 3.34
C MET C 8 9.83 -4.17 4.08
N GLU C 9 10.91 -4.10 4.79
CA GLU C 9 11.40 -5.30 5.55
C GLU C 9 10.35 -5.74 6.58
N THR C 10 9.74 -4.79 7.22
CA THR C 10 8.74 -5.12 8.28
C THR C 10 7.48 -5.75 7.68
N LEU C 11 6.96 -5.18 6.62
CA LEU C 11 5.73 -5.71 5.98
C LEU C 11 5.91 -7.16 5.52
N ILE C 12 7.04 -7.47 4.95
CA ILE C 12 7.26 -8.85 4.41
C ILE C 12 7.67 -9.86 5.50
N ASN C 13 8.45 -9.46 6.47
CA ASN C 13 8.87 -10.42 7.52
C ASN C 13 7.61 -10.96 8.24
N VAL C 14 6.67 -10.09 8.47
CA VAL C 14 5.43 -10.51 9.17
C VAL C 14 4.46 -11.22 8.19
N PHE C 15 4.45 -10.81 6.96
CA PHE C 15 3.53 -11.44 5.95
C PHE C 15 3.80 -12.94 5.80
N HIS C 16 5.01 -13.28 5.48
CA HIS C 16 5.38 -14.70 5.27
C HIS C 16 5.36 -15.49 6.58
N ALA C 17 5.50 -14.83 7.69
CA ALA C 17 5.50 -15.58 8.97
C ALA C 17 4.10 -16.11 9.29
N HIS C 18 3.13 -15.26 9.45
CA HIS C 18 1.76 -15.75 9.81
C HIS C 18 1.11 -16.49 8.64
N SER C 19 1.27 -16.01 7.44
CA SER C 19 0.65 -16.67 6.25
C SER C 19 1.28 -18.05 6.04
N GLY C 20 2.34 -18.32 6.71
CA GLY C 20 3.04 -19.64 6.57
C GLY C 20 2.65 -20.55 7.72
N LYS C 21 1.65 -20.19 8.47
CA LYS C 21 1.21 -21.07 9.60
C LYS C 21 0.11 -21.99 9.11
N GLU C 22 -1.07 -21.46 8.95
CA GLU C 22 -2.21 -22.31 8.49
C GLU C 22 -2.55 -21.97 7.03
N GLY C 23 -1.91 -22.62 6.11
CA GLY C 23 -2.20 -22.35 4.67
C GLY C 23 -1.08 -22.89 3.79
N ASP C 24 -0.86 -22.29 2.66
CA ASP C 24 0.23 -22.74 1.74
C ASP C 24 1.47 -21.87 1.95
N LYS C 25 2.58 -22.26 1.39
CA LYS C 25 3.83 -21.49 1.61
C LYS C 25 3.65 -20.01 1.28
N TYR C 26 2.93 -19.64 0.25
CA TYR C 26 2.79 -18.18 -0.06
C TYR C 26 1.44 -17.84 -0.69
N LYS C 27 0.37 -18.30 -0.09
CA LYS C 27 -0.99 -17.92 -0.58
C LYS C 27 -1.84 -17.69 0.67
N LEU C 28 -2.70 -16.69 0.68
CA LEU C 28 -3.51 -16.41 1.91
C LEU C 28 -4.90 -17.01 1.78
N SER C 29 -5.48 -17.34 2.90
CA SER C 29 -6.84 -17.93 2.94
C SER C 29 -7.68 -17.07 3.89
N LYS C 30 -8.97 -17.16 3.81
CA LYS C 30 -9.82 -16.33 4.73
C LYS C 30 -9.30 -16.42 6.18
N LYS C 31 -8.96 -17.59 6.64
CA LYS C 31 -8.47 -17.75 8.03
C LYS C 31 -7.08 -17.12 8.23
N GLU C 32 -6.27 -17.09 7.21
CA GLU C 32 -4.93 -16.45 7.38
C GLU C 32 -5.13 -14.94 7.36
N LEU C 33 -6.06 -14.49 6.56
CA LEU C 33 -6.33 -13.02 6.44
C LEU C 33 -6.76 -12.44 7.79
N LYS C 34 -7.69 -13.05 8.46
CA LYS C 34 -8.17 -12.51 9.76
C LYS C 34 -7.00 -12.40 10.74
N ASP C 35 -6.08 -13.32 10.69
CA ASP C 35 -4.92 -13.28 11.63
C ASP C 35 -3.99 -12.11 11.26
N LEU C 36 -3.95 -11.74 10.01
CA LEU C 36 -3.01 -10.65 9.58
C LEU C 36 -3.39 -9.28 10.18
N LEU C 37 -4.64 -8.92 10.20
CA LEU C 37 -5.02 -7.56 10.73
C LEU C 37 -5.25 -7.54 12.25
N GLN C 38 -5.73 -8.60 12.82
CA GLN C 38 -6.02 -8.59 14.28
C GLN C 38 -4.75 -8.74 15.10
N THR C 39 -3.85 -9.57 14.68
CA THR C 39 -2.63 -9.82 15.47
C THR C 39 -1.53 -8.79 15.18
N GLU C 40 -1.24 -8.60 13.93
CA GLU C 40 -0.11 -7.70 13.55
C GLU C 40 -0.52 -6.24 13.42
N LEU C 41 -1.58 -5.92 12.70
CA LEU C 41 -1.94 -4.47 12.52
C LEU C 41 -2.93 -3.99 13.59
N SER C 42 -2.80 -4.50 14.79
CA SER C 42 -3.68 -4.02 15.89
C SER C 42 -3.62 -2.49 15.89
N SER C 43 -4.74 -1.82 15.95
CA SER C 43 -4.73 -0.31 15.97
C SER C 43 -6.05 0.24 15.42
N PHE C 44 -6.57 -0.32 14.36
CA PHE C 44 -7.84 0.22 13.79
C PHE C 44 -8.49 -0.79 12.83
N LEU C 45 -7.71 -1.45 12.02
CA LEU C 45 -8.34 -2.41 11.08
C LEU C 45 -9.14 -3.42 11.90
N ASP C 46 -10.39 -3.65 11.58
CA ASP C 46 -11.23 -4.62 12.36
C ASP C 46 -11.65 -5.75 11.44
N VAL C 47 -11.77 -6.92 11.98
CA VAL C 47 -12.18 -8.11 11.19
C VAL C 47 -12.88 -9.09 12.13
N GLN C 48 -12.39 -9.18 13.32
CA GLN C 48 -12.97 -10.14 14.30
C GLN C 48 -14.37 -9.71 14.77
N LYS C 49 -14.48 -8.57 15.38
CA LYS C 49 -15.82 -8.12 15.87
C LYS C 49 -16.73 -7.77 14.71
N ASP C 50 -16.18 -7.27 13.63
CA ASP C 50 -17.02 -6.89 12.46
C ASP C 50 -17.17 -8.10 11.54
N ALA C 51 -18.12 -8.95 11.84
CA ALA C 51 -18.35 -10.16 11.00
C ALA C 51 -18.74 -9.74 9.59
N ASP C 52 -19.55 -8.72 9.46
CA ASP C 52 -19.98 -8.28 8.10
C ASP C 52 -18.75 -7.88 7.30
N ALA C 53 -17.82 -7.23 7.92
CA ALA C 53 -16.57 -6.81 7.22
C ALA C 53 -15.79 -8.01 6.70
N VAL C 54 -15.71 -9.07 7.46
CA VAL C 54 -14.92 -10.25 7.02
C VAL C 54 -15.57 -10.96 5.83
N ASP C 55 -16.79 -11.38 5.95
CA ASP C 55 -17.42 -12.13 4.82
C ASP C 55 -17.52 -11.27 3.57
N LYS C 56 -17.94 -10.05 3.72
CA LYS C 56 -18.12 -9.17 2.55
C LYS C 56 -16.78 -8.76 1.91
N ILE C 57 -15.78 -8.47 2.70
CA ILE C 57 -14.48 -8.04 2.12
C ILE C 57 -13.71 -9.23 1.58
N MET C 58 -13.57 -10.24 2.35
CA MET C 58 -12.80 -11.43 1.91
C MET C 58 -13.43 -12.08 0.67
N LYS C 59 -14.72 -12.23 0.66
CA LYS C 59 -15.37 -12.88 -0.51
C LYS C 59 -15.32 -11.96 -1.74
N GLU C 60 -15.42 -10.68 -1.53
CA GLU C 60 -15.39 -9.73 -2.68
C GLU C 60 -13.97 -9.24 -2.91
N LEU C 61 -13.15 -9.22 -1.88
CA LEU C 61 -11.75 -8.74 -2.09
C LEU C 61 -11.07 -9.83 -2.90
N ASP C 62 -11.44 -11.08 -2.64
CA ASP C 62 -10.91 -12.18 -3.49
C ASP C 62 -11.72 -12.08 -4.76
N GLU C 63 -11.61 -10.93 -5.30
CA GLU C 63 -12.35 -10.53 -6.51
C GLU C 63 -12.19 -11.58 -7.61
N ASN C 64 -11.18 -12.41 -7.53
CA ASN C 64 -11.04 -13.49 -8.57
C ASN C 64 -11.89 -14.66 -8.11
N GLY C 65 -12.57 -14.48 -7.01
CA GLY C 65 -13.47 -15.54 -6.47
C GLY C 65 -12.73 -16.87 -6.21
N ASP C 66 -11.51 -16.82 -5.75
CA ASP C 66 -10.76 -18.09 -5.45
C ASP C 66 -10.78 -18.39 -3.95
N GLY C 67 -11.22 -17.48 -3.12
CA GLY C 67 -11.27 -17.75 -1.65
C GLY C 67 -9.91 -17.52 -1.02
N GLU C 68 -8.91 -17.25 -1.83
CA GLU C 68 -7.55 -16.99 -1.32
C GLU C 68 -7.17 -15.57 -1.75
N VAL C 69 -6.45 -14.88 -0.93
CA VAL C 69 -6.09 -13.47 -1.25
C VAL C 69 -4.65 -13.36 -1.72
N ASP C 70 -4.44 -12.66 -2.78
CA ASP C 70 -3.06 -12.46 -3.29
C ASP C 70 -2.40 -11.40 -2.42
N PHE C 71 -1.11 -11.41 -2.32
CA PHE C 71 -0.43 -10.40 -1.47
C PHE C 71 -0.77 -9.00 -2.01
N GLN C 72 -0.82 -8.84 -3.30
CA GLN C 72 -1.15 -7.51 -3.90
C GLN C 72 -2.53 -7.02 -3.45
N GLU C 73 -3.51 -7.89 -3.37
CA GLU C 73 -4.88 -7.46 -2.96
C GLU C 73 -4.88 -7.03 -1.49
N PHE C 74 -4.19 -7.75 -0.67
CA PHE C 74 -4.16 -7.46 0.80
C PHE C 74 -3.52 -6.10 1.12
N VAL C 75 -2.34 -5.88 0.62
CA VAL C 75 -1.59 -4.61 0.91
C VAL C 75 -2.38 -3.38 0.45
N VAL C 76 -3.14 -3.50 -0.60
CA VAL C 76 -3.89 -2.32 -1.11
C VAL C 76 -5.04 -1.91 -0.16
N LEU C 77 -5.95 -2.80 0.12
CA LEU C 77 -7.12 -2.42 0.98
C LEU C 77 -6.72 -2.13 2.43
N VAL C 78 -5.87 -2.92 3.00
CA VAL C 78 -5.47 -2.71 4.42
C VAL C 78 -4.73 -1.38 4.61
N ALA C 79 -3.91 -1.03 3.67
CA ALA C 79 -3.13 0.24 3.77
C ALA C 79 -4.01 1.44 3.41
N ALA C 80 -5.01 1.23 2.59
CA ALA C 80 -5.89 2.35 2.20
C ALA C 80 -6.71 2.81 3.40
N LEU C 81 -6.92 1.94 4.36
CA LEU C 81 -7.74 2.32 5.56
C LEU C 81 -6.80 2.83 6.66
N THR C 82 -5.66 2.24 6.82
CA THR C 82 -4.74 2.71 7.91
C THR C 82 -4.35 4.18 7.67
N VAL C 83 -3.95 4.50 6.46
CA VAL C 83 -3.54 5.91 6.16
C VAL C 83 -4.77 6.82 6.03
N ALA C 84 -5.81 6.33 5.39
CA ALA C 84 -7.04 7.17 5.21
C ALA C 84 -7.61 7.56 6.56
N CYS C 85 -7.48 6.71 7.54
CA CYS C 85 -8.01 7.02 8.88
C CYS C 85 -7.23 8.18 9.50
N ASN C 86 -5.93 8.18 9.32
CA ASN C 86 -5.10 9.29 9.91
C ASN C 86 -5.53 10.64 9.35
N ASN C 87 -5.82 10.72 8.07
CA ASN C 87 -6.23 12.02 7.47
C ASN C 87 -7.50 12.57 8.13
N PHE C 88 -8.50 11.74 8.30
CA PHE C 88 -9.77 12.24 8.93
C PHE C 88 -9.53 12.68 10.37
N PHE C 89 -8.74 11.96 11.12
CA PHE C 89 -8.48 12.34 12.54
C PHE C 89 -7.10 13.00 12.64
N TRP C 90 -7.06 14.30 12.82
CA TRP C 90 -5.75 15.00 12.93
C TRP C 90 -5.07 14.65 14.25
N GLU C 91 -5.82 14.37 15.27
CA GLU C 91 -5.21 14.03 16.58
C GLU C 91 -4.50 12.67 16.50
N ASN C 92 -4.88 11.85 15.55
CA ASN C 92 -4.25 10.51 15.41
C ASN C 92 -2.86 10.67 14.75
N SER C 93 -2.51 11.86 14.42
CA SER C 93 -1.19 12.09 13.76
C SER C 93 -0.07 11.81 14.77
N GLY D 1 2.96 -9.51 15.93
CA GLY D 1 4.36 -8.89 15.92
C GLY D 1 4.52 -7.41 16.07
N SER D 2 5.73 -6.95 16.22
CA SER D 2 5.97 -5.47 16.36
C SER D 2 6.59 -4.94 15.06
N GLU D 3 6.96 -5.82 14.17
CA GLU D 3 7.55 -5.35 12.88
C GLU D 3 6.54 -4.48 12.15
N LEU D 4 5.35 -4.96 11.97
CA LEU D 4 4.34 -4.19 11.21
C LEU D 4 4.06 -2.85 11.90
N GLU D 5 4.07 -2.81 13.20
CA GLU D 5 3.84 -1.53 13.93
C GLU D 5 4.87 -0.51 13.45
N THR D 6 6.10 -0.89 13.43
CA THR D 6 7.19 0.03 13.00
C THR D 6 7.01 0.41 11.53
N ALA D 7 6.48 -0.48 10.74
CA ALA D 7 6.38 -0.19 9.28
C ALA D 7 5.56 1.09 9.05
N MET D 8 4.42 1.20 9.67
CA MET D 8 3.58 2.42 9.48
C MET D 8 4.38 3.65 9.93
N GLU D 9 5.10 3.52 11.01
CA GLU D 9 5.91 4.67 11.52
C GLU D 9 6.94 5.10 10.48
N THR D 10 7.54 4.15 9.82
CA THR D 10 8.59 4.47 8.82
C THR D 10 8.00 5.18 7.59
N LEU D 11 6.92 4.66 7.07
CA LEU D 11 6.29 5.26 5.86
C LEU D 11 5.88 6.72 6.11
N ILE D 12 5.34 7.01 7.26
CA ILE D 12 4.85 8.41 7.54
C ILE D 12 5.99 9.35 7.96
N ASN D 13 6.94 8.89 8.71
CA ASN D 13 8.03 9.80 9.15
C ASN D 13 8.76 10.36 7.91
N VAL D 14 8.96 9.52 6.93
CA VAL D 14 9.65 9.96 5.70
C VAL D 14 8.69 10.72 4.77
N PHE D 15 7.43 10.37 4.76
CA PHE D 15 6.44 11.07 3.88
C PHE D 15 6.36 12.57 4.21
N HIS D 16 6.07 12.87 5.43
CA HIS D 16 5.91 14.29 5.86
C HIS D 16 7.25 15.02 5.84
N ALA D 17 8.34 14.32 5.95
CA ALA D 17 9.64 15.04 5.96
C ALA D 17 9.98 15.59 4.58
N HIS D 18 10.08 14.77 3.57
CA HIS D 18 10.44 15.30 2.21
C HIS D 18 9.29 16.12 1.61
N SER D 19 8.07 15.66 1.77
CA SER D 19 6.90 16.40 1.20
C SER D 19 6.74 17.76 1.87
N GLY D 20 7.45 17.96 2.93
CA GLY D 20 7.37 19.26 3.68
C GLY D 20 8.55 20.14 3.32
N LYS D 21 9.27 19.79 2.29
CA LYS D 21 10.43 20.63 1.87
C LYS D 21 9.97 21.62 0.81
N GLU D 22 9.76 21.14 -0.39
CA GLU D 22 9.32 22.04 -1.49
C GLU D 22 7.85 21.78 -1.81
N GLY D 23 6.96 22.44 -1.14
CA GLY D 23 5.51 22.23 -1.41
C GLY D 23 4.67 22.77 -0.26
N ASP D 24 3.51 22.19 -0.05
CA ASP D 24 2.63 22.64 1.07
C ASP D 24 2.83 21.72 2.27
N LYS D 25 2.29 22.09 3.39
CA LYS D 25 2.49 21.27 4.62
C LYS D 25 2.11 19.81 4.39
N TYR D 26 1.05 19.51 3.68
CA TYR D 26 0.69 18.06 3.49
C TYR D 26 0.03 17.80 2.13
N LYS D 27 0.63 18.27 1.07
CA LYS D 27 0.11 17.97 -0.30
C LYS D 27 1.34 17.71 -1.17
N LEU D 28 1.30 16.76 -2.06
CA LEU D 28 2.49 16.47 -2.91
C LEU D 28 2.38 17.13 -4.28
N SER D 29 3.50 17.43 -4.85
CA SER D 29 3.55 18.06 -6.19
C SER D 29 4.44 17.20 -7.08
N LYS D 30 4.36 17.33 -8.36
CA LYS D 30 5.23 16.51 -9.26
C LYS D 30 6.68 16.52 -8.75
N LYS D 31 7.19 17.67 -8.38
CA LYS D 31 8.61 17.74 -7.91
C LYS D 31 8.79 17.07 -6.54
N GLU D 32 7.78 17.04 -5.71
CA GLU D 32 7.95 16.35 -4.40
C GLU D 32 7.87 14.85 -4.67
N LEU D 33 7.04 14.45 -5.59
CA LEU D 33 6.87 13.01 -5.93
C LEU D 33 8.19 12.39 -6.39
N LYS D 34 8.85 13.01 -7.30
CA LYS D 34 10.12 12.43 -7.82
C LYS D 34 11.12 12.25 -6.68
N ASP D 35 11.12 13.14 -5.73
CA ASP D 35 12.07 13.01 -4.58
C ASP D 35 11.67 11.83 -3.68
N LEU D 36 10.41 11.50 -3.64
CA LEU D 36 9.96 10.40 -2.74
C LEU D 36 10.50 9.02 -3.17
N LEU D 37 10.48 8.69 -4.44
CA LEU D 37 10.95 7.33 -4.88
C LEU D 37 12.46 7.28 -5.14
N GLN D 38 13.07 8.33 -5.57
CA GLN D 38 14.52 8.28 -5.88
C GLN D 38 15.37 8.34 -4.62
N THR D 39 14.99 9.16 -3.68
CA THR D 39 15.82 9.33 -2.47
C THR D 39 15.51 8.28 -1.41
N GLU D 40 14.24 8.11 -1.10
CA GLU D 40 13.84 7.18 -0.01
C GLU D 40 13.64 5.74 -0.47
N LEU D 41 12.90 5.50 -1.53
CA LEU D 41 12.66 4.07 -1.94
C LEU D 41 13.70 3.59 -2.96
N SER D 42 14.92 4.04 -2.83
CA SER D 42 16.00 3.56 -3.74
C SER D 42 15.93 2.03 -3.74
N SER D 43 15.94 1.39 -4.89
CA SER D 43 15.91 -0.11 -4.93
C SER D 43 15.32 -0.60 -6.26
N PHE D 44 14.28 0.04 -6.75
CA PHE D 44 13.68 -0.44 -8.02
C PHE D 44 12.75 0.63 -8.62
N LEU D 45 11.97 1.30 -7.81
CA LEU D 45 11.05 2.32 -8.39
C LEU D 45 11.92 3.33 -9.16
N ASP D 46 11.58 3.62 -10.39
CA ASP D 46 12.38 4.58 -11.21
C ASP D 46 11.49 5.76 -11.58
N VAL D 47 12.09 6.92 -11.66
CA VAL D 47 11.33 8.14 -12.02
C VAL D 47 12.30 9.11 -12.70
N GLN D 48 13.51 9.15 -12.22
CA GLN D 48 14.51 10.09 -12.77
C GLN D 48 14.96 9.69 -14.19
N LYS D 49 15.51 8.53 -14.36
CA LYS D 49 15.96 8.11 -15.72
C LYS D 49 14.77 7.84 -16.63
N ASP D 50 13.69 7.35 -16.08
CA ASP D 50 12.49 7.06 -16.91
C ASP D 50 11.62 8.30 -17.01
N ALA D 51 11.94 9.17 -17.92
CA ALA D 51 11.14 10.42 -18.10
C ALA D 51 9.71 10.08 -18.49
N ASP D 52 9.54 9.11 -19.33
CA ASP D 52 8.16 8.73 -19.76
C ASP D 52 7.35 8.32 -18.53
N ALA D 53 7.96 7.61 -17.64
CA ALA D 53 7.27 7.17 -16.41
C ALA D 53 6.82 8.34 -15.54
N VAL D 54 7.60 9.38 -15.46
CA VAL D 54 7.21 10.55 -14.61
C VAL D 54 6.05 11.32 -15.22
N ASP D 55 6.17 11.78 -16.42
CA ASP D 55 5.07 12.60 -17.01
C ASP D 55 3.78 11.78 -17.13
N LYS D 56 3.88 10.58 -17.59
CA LYS D 56 2.66 9.74 -17.78
C LYS D 56 2.03 9.31 -16.45
N ILE D 57 2.82 8.97 -15.48
CA ILE D 57 2.24 8.49 -14.19
C ILE D 57 1.75 9.68 -13.36
N MET D 58 2.58 10.66 -13.20
CA MET D 58 2.18 11.83 -12.37
C MET D 58 0.97 12.56 -12.97
N LYS D 59 0.95 12.76 -14.25
CA LYS D 59 -0.20 13.48 -14.87
C LYS D 59 -1.46 12.60 -14.82
N GLU D 60 -1.31 11.31 -14.98
CA GLU D 60 -2.50 10.40 -14.96
C GLU D 60 -2.73 9.88 -13.55
N LEU D 61 -1.69 9.79 -12.76
CA LEU D 61 -1.89 9.27 -11.37
C LEU D 61 -2.65 10.36 -10.64
N ASP D 62 -2.36 11.61 -10.96
CA ASP D 62 -3.15 12.73 -10.38
C ASP D 62 -4.44 12.70 -11.18
N GLU D 63 -5.01 11.56 -11.10
CA GLU D 63 -6.26 11.24 -11.84
C GLU D 63 -7.31 12.33 -11.62
N ASN D 64 -7.19 13.12 -10.58
CA ASN D 64 -8.18 14.21 -10.38
C ASN D 64 -7.69 15.41 -11.20
N GLY D 65 -6.61 15.22 -11.89
CA GLY D 65 -6.05 16.29 -12.78
C GLY D 65 -5.70 17.57 -11.99
N ASP D 66 -5.25 17.46 -10.77
CA ASP D 66 -4.90 18.69 -9.98
C ASP D 66 -3.38 18.94 -10.01
N GLY D 67 -2.60 18.00 -10.49
CA GLY D 67 -1.13 18.22 -10.57
C GLY D 67 -0.48 17.92 -9.22
N GLU D 68 -1.28 17.64 -8.22
CA GLU D 68 -0.75 17.32 -6.88
C GLU D 68 -1.22 15.91 -6.53
N VAL D 69 -0.42 15.14 -5.87
CA VAL D 69 -0.78 13.74 -5.55
C VAL D 69 -1.24 13.59 -4.10
N ASP D 70 -2.34 12.92 -3.92
CA ASP D 70 -2.83 12.70 -2.54
C ASP D 70 -2.00 11.57 -1.93
N PHE D 71 -1.89 11.54 -0.64
CA PHE D 71 -1.07 10.48 -0.01
C PHE D 71 -1.66 9.11 -0.38
N GLN D 72 -2.97 9.00 -0.43
CA GLN D 72 -3.62 7.70 -0.79
C GLN D 72 -3.21 7.25 -2.21
N GLU D 73 -3.11 8.15 -3.14
CA GLU D 73 -2.74 7.76 -4.53
C GLU D 73 -1.27 7.28 -4.58
N PHE D 74 -0.41 7.95 -3.87
CA PHE D 74 1.04 7.59 -3.87
C PHE D 74 1.31 6.20 -3.29
N VAL D 75 0.83 5.95 -2.11
CA VAL D 75 1.07 4.65 -1.43
C VAL D 75 0.55 3.47 -2.25
N VAL D 76 -0.50 3.65 -2.98
CA VAL D 76 -1.07 2.51 -3.77
C VAL D 76 -0.14 2.11 -4.94
N LEU D 77 0.15 3.03 -5.82
CA LEU D 77 0.98 2.66 -7.02
C LEU D 77 2.42 2.29 -6.66
N VAL D 78 3.03 3.02 -5.79
CA VAL D 78 4.46 2.75 -5.42
C VAL D 78 4.60 1.39 -4.72
N ALA D 79 3.66 1.05 -3.90
CA ALA D 79 3.72 -0.26 -3.17
C ALA D 79 3.30 -1.40 -4.09
N ALA D 80 2.48 -1.12 -5.06
CA ALA D 80 2.04 -2.21 -5.99
C ALA D 80 3.19 -2.66 -6.88
N LEU D 81 4.20 -1.84 -7.02
CA LEU D 81 5.37 -2.22 -7.87
C LEU D 81 6.47 -2.82 -6.98
N THR D 82 6.66 -2.28 -5.82
CA THR D 82 7.74 -2.81 -4.94
C THR D 82 7.45 -4.28 -4.58
N VAL D 83 6.23 -4.59 -4.20
CA VAL D 83 5.89 -5.99 -3.83
C VAL D 83 5.70 -6.84 -5.10
N ALA D 84 5.07 -6.31 -6.10
CA ALA D 84 4.83 -7.08 -7.36
C ALA D 84 6.17 -7.50 -7.96
N CYS D 85 7.17 -6.69 -7.82
CA CYS D 85 8.50 -7.04 -8.38
C CYS D 85 9.08 -8.25 -7.65
N ASN D 86 8.92 -8.30 -6.35
CA ASN D 86 9.47 -9.44 -5.57
C ASN D 86 8.85 -10.77 -6.05
N ASN D 87 7.58 -10.78 -6.32
CA ASN D 87 6.92 -12.05 -6.76
C ASN D 87 7.54 -12.57 -8.06
N PHE D 88 7.74 -11.72 -9.03
CA PHE D 88 8.32 -12.18 -10.33
C PHE D 88 9.74 -12.69 -10.14
N PHE D 89 10.53 -12.03 -9.32
CA PHE D 89 11.94 -12.47 -9.10
C PHE D 89 12.05 -13.18 -7.74
N TRP D 90 12.15 -14.49 -7.76
CA TRP D 90 12.26 -15.25 -6.47
C TRP D 90 13.60 -14.97 -5.80
N GLU D 91 14.63 -14.70 -6.56
CA GLU D 91 15.96 -14.43 -5.95
C GLU D 91 15.93 -13.10 -5.19
N ASN D 92 15.01 -12.23 -5.53
CA ASN D 92 14.94 -10.91 -4.84
C ASN D 92 14.30 -11.09 -3.46
N SER D 93 13.91 -12.30 -3.14
CA SER D 93 13.27 -12.55 -1.82
C SER D 93 14.31 -12.35 -0.71
N LYS A 1 -16.11 -2.93 -3.75
CA LYS A 1 -15.08 -1.94 -3.31
C LYS A 1 -15.75 -0.58 -3.09
N LYS A 2 -16.42 -0.08 -4.08
CA LYS A 2 -17.08 1.25 -3.92
C LYS A 2 -18.08 1.14 -2.78
N ALA A 3 -18.79 0.06 -2.75
CA ALA A 3 -19.79 -0.17 -1.68
C ALA A 3 -19.11 -0.67 -0.41
N VAL A 4 -17.95 -1.28 -0.54
CA VAL A 4 -17.28 -1.80 0.69
C VAL A 4 -16.98 -0.63 1.64
N TRP A 5 -16.54 0.47 1.11
CA TRP A 5 -16.21 1.63 1.99
C TRP A 5 -17.45 2.11 2.74
N HIS A 6 -18.56 2.24 2.07
CA HIS A 6 -19.78 2.73 2.74
C HIS A 6 -20.20 1.82 3.91
N LYS A 7 -20.21 0.54 3.70
CA LYS A 7 -20.63 -0.39 4.80
C LYS A 7 -19.72 -0.23 6.03
N LEU A 8 -18.44 -0.28 5.85
CA LEU A 8 -17.52 -0.17 7.02
C LEU A 8 -17.46 1.26 7.57
N LEU A 9 -17.18 2.23 6.74
CA LEU A 9 -17.08 3.63 7.24
C LEU A 9 -18.44 4.20 7.65
N SER A 10 -19.50 3.92 6.92
CA SER A 10 -20.82 4.49 7.32
C SER A 10 -21.28 3.84 8.63
N LYS A 11 -21.07 2.56 8.77
CA LYS A 11 -21.50 1.87 10.03
C LYS A 11 -20.63 2.37 11.18
N GLN A 12 -19.35 2.55 10.94
CA GLN A 12 -18.44 3.05 12.02
C GLN A 12 -17.35 3.92 11.40
N LYS B 1 -3.81 3.61 -16.02
CA LYS B 1 -3.40 2.58 -15.03
C LYS B 1 -3.23 1.24 -15.73
N LYS B 2 -4.25 0.78 -16.41
CA LYS B 2 -4.14 -0.53 -17.11
C LYS B 2 -3.00 -0.44 -18.11
N ALA B 3 -2.94 0.67 -18.79
CA ALA B 3 -1.88 0.89 -19.80
C ALA B 3 -0.58 1.33 -19.12
N VAL B 4 -0.67 1.90 -17.94
CA VAL B 4 0.57 2.35 -17.26
C VAL B 4 1.48 1.15 -17.00
N TRP B 5 0.92 0.05 -16.59
CA TRP B 5 1.76 -1.15 -16.30
C TRP B 5 2.49 -1.61 -17.58
N HIS B 6 1.81 -1.68 -18.68
CA HIS B 6 2.45 -2.16 -19.94
C HIS B 6 3.64 -1.27 -20.32
N LYS B 7 3.48 0.02 -20.29
CA LYS B 7 4.60 0.91 -20.70
C LYS B 7 5.84 0.69 -19.81
N LEU B 8 5.67 0.69 -18.52
CA LEU B 8 6.84 0.53 -17.62
C LEU B 8 7.35 -0.92 -17.61
N LEU B 9 6.49 -1.87 -17.35
CA LEU B 9 6.94 -3.30 -17.29
C LEU B 9 7.31 -3.83 -18.68
N SER B 10 6.59 -3.50 -19.71
CA SER B 10 6.95 -4.04 -21.06
C SER B 10 8.27 -3.42 -21.51
N LYS B 11 8.46 -2.15 -21.27
CA LYS B 11 9.74 -1.50 -21.67
C LYS B 11 10.88 -2.07 -20.84
N GLN B 12 10.65 -2.28 -19.57
CA GLN B 12 11.72 -2.83 -18.68
C GLN B 12 11.07 -3.72 -17.61
N GLY C 1 16.43 9.38 3.94
CA GLY C 1 15.81 8.45 4.99
C GLY C 1 15.91 6.98 4.83
N SER C 2 16.03 6.26 5.92
CA SER C 2 16.10 4.77 5.86
C SER C 2 14.79 4.18 6.36
N GLU C 3 13.85 5.03 6.70
CA GLU C 3 12.55 4.53 7.22
C GLU C 3 11.84 3.69 6.14
N LEU C 4 11.63 4.22 4.97
CA LEU C 4 10.91 3.44 3.90
C LEU C 4 11.66 2.15 3.59
N GLU C 5 12.95 2.20 3.54
CA GLU C 5 13.72 0.96 3.25
C GLU C 5 13.26 -0.11 4.23
N THR C 6 13.11 0.27 5.47
CA THR C 6 12.65 -0.67 6.51
C THR C 6 11.16 -1.01 6.29
N ALA C 7 10.39 -0.07 5.81
CA ALA C 7 8.93 -0.32 5.61
C ALA C 7 8.73 -1.58 4.76
N MET C 8 9.36 -1.63 3.61
CA MET C 8 9.21 -2.82 2.72
C MET C 8 9.68 -4.11 3.43
N GLU C 9 10.75 -4.04 4.17
CA GLU C 9 11.27 -5.26 4.87
C GLU C 9 10.24 -5.78 5.87
N THR C 10 9.59 -4.88 6.56
CA THR C 10 8.60 -5.28 7.59
C THR C 10 7.35 -5.87 6.93
N LEU C 11 6.89 -5.23 5.89
CA LEU C 11 5.65 -5.69 5.18
C LEU C 11 5.80 -7.12 4.63
N ILE C 12 6.92 -7.45 4.06
CA ILE C 12 7.09 -8.80 3.47
C ILE C 12 7.47 -9.83 4.54
N ASN C 13 8.09 -9.43 5.61
CA ASN C 13 8.47 -10.42 6.66
C ASN C 13 7.21 -11.07 7.25
N VAL C 14 6.20 -10.29 7.45
CA VAL C 14 4.93 -10.81 8.04
C VAL C 14 4.05 -11.45 6.95
N PHE C 15 4.04 -10.92 5.76
CA PHE C 15 3.18 -11.49 4.68
C PHE C 15 3.54 -12.95 4.40
N HIS C 16 4.80 -13.20 4.16
CA HIS C 16 5.24 -14.59 3.84
C HIS C 16 5.31 -15.46 5.10
N ALA C 17 5.50 -14.88 6.25
CA ALA C 17 5.61 -15.74 7.46
C ALA C 17 4.25 -16.33 7.84
N HIS C 18 3.27 -15.51 8.13
CA HIS C 18 1.95 -16.05 8.54
C HIS C 18 1.22 -16.72 7.36
N SER C 19 1.30 -16.14 6.19
CA SER C 19 0.60 -16.71 5.00
C SER C 19 1.04 -18.15 4.75
N GLY C 20 2.16 -18.54 5.31
CA GLY C 20 2.67 -19.94 5.11
C GLY C 20 2.76 -20.66 6.46
N LYS C 21 2.06 -20.18 7.45
CA LYS C 21 2.13 -20.84 8.79
C LYS C 21 1.48 -22.23 8.71
N GLU C 22 0.61 -22.44 7.76
CA GLU C 22 -0.08 -23.78 7.66
C GLU C 22 0.59 -24.61 6.56
N GLY C 23 1.71 -24.16 6.04
CA GLY C 23 2.41 -24.94 4.98
C GLY C 23 1.68 -24.74 3.65
N ASP C 24 1.11 -23.59 3.44
CA ASP C 24 0.39 -23.31 2.16
C ASP C 24 1.31 -22.57 1.19
N LYS C 25 2.54 -22.99 1.06
CA LYS C 25 3.47 -22.28 0.15
C LYS C 25 3.41 -20.78 0.45
N TYR C 26 3.19 -19.95 -0.54
CA TYR C 26 3.12 -18.47 -0.30
C TYR C 26 1.83 -17.91 -0.91
N LYS C 27 0.75 -18.13 -0.22
CA LYS C 27 -0.58 -17.61 -0.66
C LYS C 27 -1.31 -17.21 0.61
N LEU C 28 -2.06 -16.15 0.58
CA LEU C 28 -2.80 -15.72 1.79
C LEU C 28 -4.21 -16.30 1.71
N SER C 29 -4.79 -16.61 2.84
CA SER C 29 -6.16 -17.22 2.85
C SER C 29 -7.03 -16.48 3.86
N LYS C 30 -8.32 -16.68 3.81
CA LYS C 30 -9.20 -15.96 4.77
C LYS C 30 -8.78 -16.26 6.22
N LYS C 31 -8.45 -17.47 6.55
CA LYS C 31 -8.05 -17.77 7.96
C LYS C 31 -6.64 -17.22 8.23
N GLU C 32 -5.81 -17.21 7.24
CA GLU C 32 -4.44 -16.65 7.42
C GLU C 32 -4.54 -15.12 7.46
N LEU C 33 -5.36 -14.59 6.60
CA LEU C 33 -5.58 -13.11 6.53
C LEU C 33 -6.11 -12.56 7.86
N LYS C 34 -7.08 -13.22 8.43
CA LYS C 34 -7.72 -12.75 9.68
C LYS C 34 -6.74 -12.70 10.86
N ASP C 35 -5.93 -13.72 11.02
CA ASP C 35 -4.97 -13.72 12.15
C ASP C 35 -3.86 -12.72 11.86
N LEU C 36 -3.58 -12.49 10.62
CA LEU C 36 -2.49 -11.55 10.25
C LEU C 36 -2.79 -10.12 10.76
N LEU C 37 -4.02 -9.67 10.66
CA LEU C 37 -4.36 -8.27 11.10
C LEU C 37 -4.63 -8.14 12.61
N GLN C 38 -5.23 -9.11 13.23
CA GLN C 38 -5.55 -8.95 14.67
C GLN C 38 -4.28 -8.99 15.52
N THR C 39 -3.37 -9.85 15.18
CA THR C 39 -2.14 -9.97 16.00
C THR C 39 -1.16 -8.82 15.71
N GLU C 40 -0.74 -8.69 14.48
CA GLU C 40 0.24 -7.62 14.14
C GLU C 40 -0.42 -6.24 14.15
N LEU C 41 -1.53 -6.07 13.47
CA LEU C 41 -2.23 -4.73 13.44
C LEU C 41 -3.43 -4.79 14.39
N SER C 42 -3.14 -4.90 15.66
CA SER C 42 -4.22 -5.00 16.70
C SER C 42 -4.80 -3.61 17.05
N SER C 43 -4.10 -2.54 16.79
CA SER C 43 -4.61 -1.18 17.19
C SER C 43 -5.18 -0.39 16.00
N PHE C 44 -5.09 -0.88 14.78
CA PHE C 44 -5.62 -0.11 13.61
C PHE C 44 -6.58 -0.98 12.81
N LEU C 45 -6.08 -1.64 11.80
CA LEU C 45 -6.97 -2.52 10.99
C LEU C 45 -7.58 -3.59 11.90
N ASP C 46 -8.87 -3.78 11.85
CA ASP C 46 -9.53 -4.80 12.72
C ASP C 46 -10.32 -5.75 11.83
N VAL C 47 -10.73 -6.83 12.40
CA VAL C 47 -11.50 -7.85 11.66
C VAL C 47 -12.32 -8.60 12.71
N GLN C 48 -11.71 -8.83 13.84
CA GLN C 48 -12.37 -9.57 14.96
C GLN C 48 -13.50 -8.76 15.62
N LYS C 49 -13.36 -7.47 15.74
CA LYS C 49 -14.42 -6.68 16.44
C LYS C 49 -15.76 -6.83 15.73
N ASP C 50 -15.77 -6.83 14.42
CA ASP C 50 -17.05 -6.97 13.66
C ASP C 50 -16.98 -8.17 12.71
N ALA C 51 -17.85 -9.11 12.87
CA ALA C 51 -17.85 -10.28 11.95
C ALA C 51 -18.31 -9.80 10.58
N ASP C 52 -19.17 -8.82 10.55
CA ASP C 52 -19.64 -8.29 9.25
C ASP C 52 -18.44 -7.74 8.48
N ALA C 53 -17.49 -7.16 9.17
CA ALA C 53 -16.29 -6.60 8.49
C ALA C 53 -15.47 -7.70 7.83
N VAL C 54 -15.34 -8.83 8.48
CA VAL C 54 -14.51 -9.92 7.91
C VAL C 54 -15.15 -10.56 6.70
N ASP C 55 -16.34 -11.05 6.81
CA ASP C 55 -16.97 -11.75 5.65
C ASP C 55 -17.20 -10.79 4.49
N LYS C 56 -17.65 -9.60 4.76
CA LYS C 56 -17.93 -8.66 3.65
C LYS C 56 -16.65 -8.17 2.98
N ILE C 57 -15.62 -7.94 3.73
CA ILE C 57 -14.36 -7.44 3.13
C ILE C 57 -13.61 -8.56 2.42
N MET C 58 -13.39 -9.64 3.11
CA MET C 58 -12.62 -10.77 2.54
C MET C 58 -13.31 -11.39 1.30
N LYS C 59 -14.60 -11.60 1.36
CA LYS C 59 -15.29 -12.22 0.18
C LYS C 59 -15.32 -11.23 -0.99
N GLU C 60 -15.53 -9.97 -0.70
CA GLU C 60 -15.59 -8.97 -1.79
C GLU C 60 -14.18 -8.48 -2.10
N LEU C 61 -13.24 -8.74 -1.21
CA LEU C 61 -11.83 -8.31 -1.48
C LEU C 61 -11.16 -9.45 -2.22
N ASP C 62 -11.77 -10.62 -2.17
CA ASP C 62 -11.26 -11.79 -2.95
C ASP C 62 -12.05 -11.68 -4.25
N GLU C 63 -11.97 -10.48 -4.73
CA GLU C 63 -12.67 -10.04 -5.96
C GLU C 63 -12.46 -11.03 -7.11
N ASN C 64 -11.37 -11.76 -7.11
CA ASN C 64 -11.18 -12.77 -8.20
C ASN C 64 -11.97 -14.01 -7.83
N GLY C 65 -12.58 -13.98 -6.68
CA GLY C 65 -13.43 -15.13 -6.23
C GLY C 65 -12.61 -16.40 -6.03
N ASP C 66 -11.36 -16.30 -5.62
CA ASP C 66 -10.54 -17.54 -5.39
C ASP C 66 -10.53 -17.88 -3.89
N GLY C 67 -10.97 -16.98 -3.04
CA GLY C 67 -11.01 -17.30 -1.59
C GLY C 67 -9.63 -17.07 -0.95
N GLU C 68 -8.62 -16.88 -1.77
CA GLU C 68 -7.26 -16.65 -1.26
C GLU C 68 -6.73 -15.37 -1.89
N VAL C 69 -6.02 -14.59 -1.13
CA VAL C 69 -5.48 -13.30 -1.64
C VAL C 69 -3.99 -13.45 -1.96
N ASP C 70 -3.53 -12.79 -2.99
CA ASP C 70 -2.08 -12.90 -3.37
C ASP C 70 -1.28 -11.81 -2.67
N PHE C 71 -1.94 -10.97 -1.90
CA PHE C 71 -1.29 -9.83 -1.17
C PHE C 71 -1.55 -8.53 -1.92
N GLN C 72 -1.78 -8.58 -3.20
CA GLN C 72 -2.04 -7.32 -3.94
C GLN C 72 -3.41 -6.78 -3.51
N GLU C 73 -4.36 -7.65 -3.35
CA GLU C 73 -5.73 -7.21 -2.94
C GLU C 73 -5.74 -6.77 -1.46
N PHE C 74 -5.06 -7.51 -0.63
CA PHE C 74 -5.03 -7.21 0.84
C PHE C 74 -4.33 -5.88 1.15
N VAL C 75 -3.15 -5.71 0.63
CA VAL C 75 -2.36 -4.47 0.91
C VAL C 75 -3.08 -3.20 0.44
N VAL C 76 -3.72 -3.26 -0.69
CA VAL C 76 -4.40 -2.05 -1.23
C VAL C 76 -5.58 -1.62 -0.34
N LEU C 77 -6.55 -2.46 -0.15
CA LEU C 77 -7.76 -2.06 0.62
C LEU C 77 -7.48 -1.79 2.10
N VAL C 78 -6.69 -2.61 2.72
CA VAL C 78 -6.39 -2.44 4.18
C VAL C 78 -5.63 -1.13 4.46
N ALA C 79 -4.72 -0.79 3.62
CA ALA C 79 -3.92 0.46 3.79
C ALA C 79 -4.82 1.67 3.50
N ALA C 80 -5.79 1.50 2.65
CA ALA C 80 -6.71 2.63 2.33
C ALA C 80 -7.40 3.07 3.62
N LEU C 81 -7.55 2.18 4.57
CA LEU C 81 -8.19 2.55 5.86
C LEU C 81 -7.13 3.08 6.82
N THR C 82 -5.89 2.72 6.59
CA THR C 82 -4.83 3.19 7.51
C THR C 82 -4.68 4.71 7.41
N VAL C 83 -4.49 5.21 6.21
CA VAL C 83 -4.32 6.68 6.02
C VAL C 83 -5.68 7.38 6.04
N ALA C 84 -6.68 6.79 5.44
CA ALA C 84 -8.02 7.43 5.38
C ALA C 84 -8.55 7.65 6.79
N CYS C 85 -8.34 6.71 7.67
CA CYS C 85 -8.85 6.85 9.06
C CYS C 85 -8.12 8.01 9.74
N ASN C 86 -6.85 8.14 9.51
CA ASN C 86 -6.09 9.25 10.15
C ASN C 86 -6.68 10.60 9.72
N ASN C 87 -7.05 10.72 8.48
CA ASN C 87 -7.61 12.01 7.98
C ASN C 87 -8.89 12.38 8.75
N PHE C 88 -9.72 11.41 9.03
CA PHE C 88 -10.97 11.74 9.78
C PHE C 88 -10.65 11.98 11.25
N PHE C 89 -9.53 11.47 11.71
CA PHE C 89 -9.16 11.67 13.13
C PHE C 89 -10.29 11.17 14.03
N TRP C 90 -10.14 10.02 14.62
CA TRP C 90 -11.20 9.47 15.49
C TRP C 90 -11.44 10.44 16.64
N GLU C 91 -10.40 11.10 17.09
CA GLU C 91 -10.54 12.08 18.20
C GLU C 91 -11.51 13.19 17.82
N ASN C 92 -11.48 13.62 16.59
CA ASN C 92 -12.40 14.70 16.15
C ASN C 92 -13.81 14.15 16.17
N SER C 93 -13.95 12.88 15.90
CA SER C 93 -15.29 12.24 15.86
C SER C 93 -15.25 10.94 16.69
N GLY D 1 3.71 -10.07 16.05
CA GLY D 1 4.80 -9.18 15.45
C GLY D 1 4.70 -7.70 15.61
N SER D 2 5.82 -7.03 15.73
CA SER D 2 5.82 -5.55 15.86
C SER D 2 6.33 -4.94 14.55
N GLU D 3 6.63 -5.76 13.59
CA GLU D 3 7.14 -5.24 12.29
C GLU D 3 6.10 -4.33 11.63
N LEU D 4 4.90 -4.80 11.43
CA LEU D 4 3.85 -3.95 10.75
C LEU D 4 3.61 -2.68 11.56
N GLU D 5 3.58 -2.77 12.84
CA GLU D 5 3.35 -1.55 13.66
C GLU D 5 4.37 -0.50 13.23
N THR D 6 5.57 -0.94 13.05
CA THR D 6 6.65 -0.01 12.60
C THR D 6 6.41 0.37 11.13
N ALA D 7 5.86 -0.51 10.33
CA ALA D 7 5.70 -0.20 8.88
C ALA D 7 4.92 1.10 8.73
N MET D 8 3.78 1.19 9.37
CA MET D 8 2.93 2.42 9.27
C MET D 8 3.70 3.65 9.78
N GLU D 9 4.45 3.51 10.85
CA GLU D 9 5.21 4.68 11.40
C GLU D 9 6.21 5.19 10.37
N THR D 10 6.86 4.29 9.69
CA THR D 10 7.89 4.68 8.69
C THR D 10 7.22 5.34 7.48
N LEU D 11 6.16 4.77 7.01
CA LEU D 11 5.46 5.30 5.80
C LEU D 11 4.97 6.74 6.00
N ILE D 12 4.43 7.06 7.14
CA ILE D 12 3.91 8.44 7.37
C ILE D 12 5.04 9.40 7.75
N ASN D 13 6.07 8.93 8.37
CA ASN D 13 7.17 9.85 8.77
C ASN D 13 7.78 10.52 7.52
N VAL D 14 7.92 9.76 6.48
CA VAL D 14 8.51 10.31 5.21
C VAL D 14 7.44 11.04 4.37
N PHE D 15 6.23 10.56 4.36
CA PHE D 15 5.17 11.20 3.53
C PHE D 15 4.96 12.66 3.96
N HIS D 16 4.74 12.88 5.22
CA HIS D 16 4.49 14.26 5.71
C HIS D 16 5.78 15.07 5.80
N ALA D 17 6.92 14.44 5.94
CA ALA D 17 8.17 15.23 6.07
C ALA D 17 8.54 15.86 4.72
N HIS D 18 8.79 15.06 3.71
CA HIS D 18 9.21 15.64 2.40
C HIS D 18 8.05 16.37 1.72
N SER D 19 6.85 15.84 1.80
CA SER D 19 5.67 16.49 1.14
C SER D 19 5.50 17.92 1.63
N GLY D 20 6.08 18.25 2.75
CA GLY D 20 5.96 19.64 3.31
C GLY D 20 7.34 20.30 3.41
N LYS D 21 8.30 19.80 2.68
CA LYS D 21 9.65 20.40 2.75
C LYS D 21 9.65 21.81 2.15
N GLU D 22 8.70 22.10 1.30
CA GLU D 22 8.63 23.45 0.66
C GLU D 22 7.58 24.31 1.38
N GLY D 23 7.07 23.84 2.48
CA GLY D 23 6.04 24.65 3.23
C GLY D 23 4.68 24.53 2.52
N ASP D 24 4.43 23.41 1.91
CA ASP D 24 3.12 23.21 1.19
C ASP D 24 2.15 22.48 2.11
N LYS D 25 2.05 22.85 3.35
CA LYS D 25 1.11 22.16 4.27
C LYS D 25 1.35 20.65 4.15
N TYR D 26 0.32 19.87 3.92
CA TYR D 26 0.51 18.39 3.79
C TYR D 26 -0.15 17.90 2.49
N LYS D 27 0.52 18.12 1.41
CA LYS D 27 0.05 17.67 0.08
C LYS D 27 1.29 17.24 -0.69
N LEU D 28 1.20 16.21 -1.48
CA LEU D 28 2.38 15.76 -2.26
C LEU D 28 2.31 16.40 -3.64
N SER D 29 3.44 16.67 -4.22
CA SER D 29 3.47 17.34 -5.57
C SER D 29 4.43 16.58 -6.48
N LYS D 30 4.36 16.81 -7.76
CA LYS D 30 5.28 16.09 -8.68
C LYS D 30 6.75 16.31 -8.28
N LYS D 31 7.13 17.50 -7.90
CA LYS D 31 8.56 17.72 -7.52
C LYS D 31 8.83 17.12 -6.14
N GLU D 32 7.85 17.12 -5.29
CA GLU D 32 8.03 16.51 -3.94
C GLU D 32 7.99 14.98 -4.10
N LEU D 33 7.11 14.51 -4.92
CA LEU D 33 6.98 13.05 -5.19
C LEU D 33 8.27 12.47 -5.76
N LYS D 34 8.85 13.13 -6.72
CA LYS D 34 10.07 12.63 -7.40
C LYS D 34 11.26 12.50 -6.43
N ASP D 35 11.47 13.47 -5.59
CA ASP D 35 12.62 13.40 -4.63
C ASP D 35 12.30 12.37 -3.55
N LEU D 36 11.06 12.18 -3.27
CA LEU D 36 10.66 11.21 -2.22
C LEU D 36 11.09 9.78 -2.58
N LEU D 37 10.97 9.39 -3.83
CA LEU D 37 11.34 7.97 -4.20
C LEU D 37 12.84 7.79 -4.50
N GLN D 38 13.49 8.75 -5.08
CA GLN D 38 14.93 8.55 -5.43
C GLN D 38 15.78 8.50 -4.18
N THR D 39 15.49 9.34 -3.22
CA THR D 39 16.34 9.38 -2.01
C THR D 39 16.02 8.22 -1.06
N GLU D 40 14.79 8.12 -0.64
CA GLU D 40 14.42 7.04 0.31
C GLU D 40 14.36 5.67 -0.40
N LEU D 41 13.65 5.58 -1.50
CA LEU D 41 13.55 4.28 -2.23
C LEU D 41 14.49 4.33 -3.45
N SER D 42 15.76 4.38 -3.20
CA SER D 42 16.79 4.46 -4.27
C SER D 42 17.08 3.09 -4.91
N SER D 43 16.78 2.01 -4.24
CA SER D 43 17.11 0.64 -4.80
C SER D 43 15.89 -0.07 -5.38
N PHE D 44 14.70 0.48 -5.26
CA PHE D 44 13.49 -0.22 -5.81
C PHE D 44 12.71 0.71 -6.71
N LEU D 45 11.73 1.40 -6.18
CA LEU D 45 10.94 2.33 -7.02
C LEU D 45 11.90 3.39 -7.60
N ASP D 46 11.83 3.62 -8.89
CA ASP D 46 12.73 4.63 -9.54
C ASP D 46 11.88 5.64 -10.26
N VAL D 47 12.49 6.71 -10.65
CA VAL D 47 11.79 7.79 -11.37
C VAL D 47 12.86 8.53 -12.18
N GLN D 48 14.00 8.69 -11.57
CA GLN D 48 15.15 9.40 -12.23
C GLN D 48 15.75 8.60 -13.39
N LYS D 49 15.82 7.30 -13.30
CA LYS D 49 16.47 6.52 -14.39
C LYS D 49 15.75 6.75 -15.73
N ASP D 50 14.44 6.81 -15.70
CA ASP D 50 13.67 7.03 -16.98
C ASP D 50 12.76 8.26 -16.85
N ALA D 51 12.96 9.23 -17.70
CA ALA D 51 12.10 10.43 -17.63
C ALA D 51 10.70 10.02 -18.08
N ASP D 52 10.62 9.06 -18.98
CA ASP D 52 9.29 8.63 -19.45
C ASP D 52 8.50 8.07 -18.27
N ALA D 53 9.18 7.43 -17.35
CA ALA D 53 8.50 6.85 -16.15
C ALA D 53 7.92 7.95 -15.27
N VAL D 54 8.59 9.05 -15.14
CA VAL D 54 8.09 10.12 -14.26
C VAL D 54 6.88 10.83 -14.85
N ASP D 55 7.01 11.37 -16.03
CA ASP D 55 5.87 12.13 -16.61
C ASP D 55 4.67 11.24 -16.86
N LYS D 56 4.88 10.06 -17.35
CA LYS D 56 3.73 9.17 -17.65
C LYS D 56 3.05 8.67 -16.37
N ILE D 57 3.82 8.36 -15.36
CA ILE D 57 3.21 7.83 -14.11
C ILE D 57 2.56 8.97 -13.32
N MET D 58 3.31 10.00 -13.06
CA MET D 58 2.79 11.13 -12.24
C MET D 58 1.57 11.81 -12.89
N LYS D 59 1.61 12.09 -14.17
CA LYS D 59 0.44 12.78 -14.82
C LYS D 59 -0.76 11.84 -14.88
N GLU D 60 -0.53 10.58 -15.12
CA GLU D 60 -1.67 9.62 -15.21
C GLU D 60 -1.97 9.10 -13.82
N LEU D 61 -1.06 9.28 -12.89
CA LEU D 61 -1.33 8.81 -11.48
C LEU D 61 -2.00 9.97 -10.76
N ASP D 62 -1.91 11.16 -11.33
CA ASP D 62 -2.64 12.33 -10.77
C ASP D 62 -3.95 12.31 -11.55
N GLU D 63 -4.48 11.14 -11.49
CA GLU D 63 -5.74 10.76 -12.19
C GLU D 63 -6.84 11.80 -11.92
N ASN D 64 -6.79 12.50 -10.82
CA ASN D 64 -7.84 13.53 -10.57
C ASN D 64 -7.42 14.78 -11.33
N GLY D 65 -6.29 14.73 -11.95
CA GLY D 65 -5.79 15.88 -12.77
C GLY D 65 -5.53 17.12 -11.90
N ASP D 66 -5.11 16.96 -10.68
CA ASP D 66 -4.82 18.16 -9.81
C ASP D 66 -3.31 18.43 -9.80
N GLY D 67 -2.52 17.52 -10.29
CA GLY D 67 -1.04 17.77 -10.35
C GLY D 67 -0.40 17.47 -8.99
N GLU D 68 -1.21 17.28 -7.97
CA GLU D 68 -0.67 16.98 -6.62
C GLU D 68 -1.35 15.70 -6.13
N VAL D 69 -0.62 14.86 -5.45
CA VAL D 69 -1.18 13.58 -4.96
C VAL D 69 -1.47 13.69 -3.46
N ASP D 70 -2.52 13.06 -3.01
CA ASP D 70 -2.88 13.14 -1.55
C ASP D 70 -2.22 11.99 -0.80
N PHE D 71 -1.50 11.14 -1.50
CA PHE D 71 -0.80 9.95 -0.89
C PHE D 71 -1.62 8.69 -1.20
N GLN D 72 -2.89 8.82 -1.41
CA GLN D 72 -3.69 7.59 -1.69
C GLN D 72 -3.31 7.08 -3.09
N GLU D 73 -3.12 7.98 -4.02
CA GLU D 73 -2.75 7.57 -5.41
C GLU D 73 -1.29 7.07 -5.46
N PHE D 74 -0.41 7.75 -4.76
CA PHE D 74 1.03 7.39 -4.76
C PHE D 74 1.30 6.02 -4.11
N VAL D 75 0.80 5.83 -2.93
CA VAL D 75 1.03 4.55 -2.20
C VAL D 75 0.49 3.33 -2.96
N VAL D 76 -0.64 3.46 -3.57
CA VAL D 76 -1.24 2.29 -4.29
C VAL D 76 -0.39 1.86 -5.49
N LEU D 77 -0.18 2.74 -6.43
CA LEU D 77 0.55 2.34 -7.68
C LEU D 77 2.04 1.99 -7.41
N VAL D 78 2.70 2.76 -6.61
CA VAL D 78 4.15 2.52 -6.34
C VAL D 78 4.39 1.17 -5.63
N ALA D 79 3.54 0.84 -4.72
CA ALA D 79 3.67 -0.45 -3.98
C ALA D 79 3.33 -1.62 -4.91
N ALA D 80 2.47 -1.37 -5.85
CA ALA D 80 2.08 -2.45 -6.80
C ALA D 80 3.32 -2.89 -7.58
N LEU D 81 4.33 -2.06 -7.64
CA LEU D 81 5.60 -2.46 -8.33
C LEU D 81 6.54 -3.07 -7.30
N THR D 82 6.35 -2.75 -6.06
CA THR D 82 7.27 -3.29 -5.02
C THR D 82 7.09 -4.82 -4.93
N VAL D 83 5.88 -5.27 -4.74
CA VAL D 83 5.63 -6.73 -4.63
C VAL D 83 5.60 -7.38 -6.01
N ALA D 84 5.00 -6.74 -6.97
CA ALA D 84 4.90 -7.32 -8.32
C ALA D 84 6.30 -7.59 -8.89
N CYS D 85 7.21 -6.68 -8.67
CA CYS D 85 8.59 -6.88 -9.20
C CYS D 85 9.23 -8.08 -8.52
N ASN D 86 9.01 -8.24 -7.24
CA ASN D 86 9.62 -9.41 -6.54
C ASN D 86 9.12 -10.72 -7.17
N ASN D 87 7.86 -10.77 -7.52
CA ASN D 87 7.31 -12.02 -8.12
C ASN D 87 8.05 -12.38 -9.42
N PHE D 88 8.35 -11.40 -10.23
CA PHE D 88 9.06 -11.70 -11.51
C PHE D 88 10.53 -12.02 -11.21
N PHE D 89 11.02 -11.58 -10.08
CA PHE D 89 12.45 -11.85 -9.74
C PHE D 89 13.35 -11.34 -10.87
N TRP D 90 13.98 -10.22 -10.68
CA TRP D 90 14.87 -9.68 -11.74
C TRP D 90 15.97 -10.69 -12.03
N GLU D 91 16.40 -11.40 -11.02
CA GLU D 91 17.48 -12.41 -11.20
C GLU D 91 17.03 -13.48 -12.21
N ASN D 92 15.78 -13.87 -12.17
CA ASN D 92 15.29 -14.89 -13.13
C ASN D 92 15.32 -14.28 -14.52
N SER D 93 15.09 -13.00 -14.60
CA SER D 93 15.07 -12.31 -15.92
C SER D 93 15.95 -11.05 -15.85
N LYS A 1 -15.65 0.78 -6.70
CA LYS A 1 -15.67 0.10 -5.38
C LYS A 1 -15.89 1.16 -4.29
N LYS A 2 -16.39 2.30 -4.64
CA LYS A 2 -16.62 3.36 -3.64
C LYS A 2 -17.74 2.92 -2.68
N ALA A 3 -18.76 2.29 -3.20
CA ALA A 3 -19.92 1.86 -2.35
C ALA A 3 -19.53 0.86 -1.25
N VAL A 4 -18.78 -0.16 -1.57
CA VAL A 4 -18.43 -1.17 -0.51
C VAL A 4 -17.67 -0.50 0.65
N TRP A 5 -16.79 0.42 0.35
CA TRP A 5 -16.01 1.08 1.43
C TRP A 5 -16.97 1.82 2.38
N HIS A 6 -18.09 2.26 1.90
CA HIS A 6 -19.05 2.98 2.79
C HIS A 6 -19.46 2.05 3.93
N LYS A 7 -19.66 0.79 3.63
CA LYS A 7 -20.10 -0.17 4.68
C LYS A 7 -19.09 -0.19 5.84
N LEU A 8 -17.83 -0.42 5.58
CA LEU A 8 -16.84 -0.45 6.71
C LEU A 8 -16.61 0.97 7.27
N LEU A 9 -16.52 1.95 6.42
CA LEU A 9 -16.27 3.34 6.91
C LEU A 9 -17.47 3.79 7.72
N SER A 10 -18.66 3.48 7.29
CA SER A 10 -19.87 3.88 8.05
C SER A 10 -19.80 3.27 9.44
N LYS A 11 -19.37 2.04 9.54
CA LYS A 11 -19.29 1.35 10.87
C LYS A 11 -17.87 0.79 11.09
N GLN A 12 -16.87 1.63 11.00
CA GLN A 12 -15.48 1.15 11.22
C GLN A 12 -15.42 0.26 12.46
N LYS B 1 -6.84 -0.12 -15.45
CA LYS B 1 -5.50 0.53 -15.49
C LYS B 1 -4.44 -0.53 -15.76
N LYS B 2 -4.83 -1.65 -16.29
CA LYS B 2 -3.86 -2.73 -16.59
C LYS B 2 -2.92 -2.27 -17.72
N ALA B 3 -3.46 -1.60 -18.71
CA ALA B 3 -2.64 -1.15 -19.87
C ALA B 3 -1.51 -0.18 -19.48
N VAL B 4 -1.78 0.82 -18.69
CA VAL B 4 -0.69 1.80 -18.34
C VAL B 4 0.46 1.08 -17.63
N TRP B 5 0.18 0.14 -16.77
CA TRP B 5 1.27 -0.57 -16.05
C TRP B 5 2.18 -1.28 -17.05
N HIS B 6 1.66 -1.68 -18.18
CA HIS B 6 2.51 -2.39 -19.18
C HIS B 6 3.65 -1.45 -19.61
N LYS B 7 3.36 -0.20 -19.76
CA LYS B 7 4.42 0.77 -20.17
C LYS B 7 5.61 0.73 -19.21
N LEU B 8 5.39 0.92 -17.92
CA LEU B 8 6.54 0.91 -16.97
C LEU B 8 7.08 -0.52 -16.81
N LEU B 9 6.21 -1.50 -16.71
CA LEU B 9 6.69 -2.91 -16.53
C LEU B 9 7.47 -3.34 -17.77
N SER B 10 7.00 -2.97 -18.93
CA SER B 10 7.72 -3.34 -20.17
C SER B 10 9.12 -2.76 -20.14
N LYS B 11 9.25 -1.53 -19.66
CA LYS B 11 10.59 -0.88 -19.59
C LYS B 11 10.87 -0.37 -18.17
N GLN B 12 10.78 -1.23 -17.20
CA GLN B 12 11.05 -0.82 -15.79
C GLN B 12 12.31 0.05 -15.75
N GLY C 1 15.79 8.66 4.67
CA GLY C 1 15.94 7.71 3.48
C GLY C 1 16.24 6.27 3.72
N SER C 2 16.65 5.92 4.92
CA SER C 2 16.96 4.49 5.23
C SER C 2 15.82 3.89 6.07
N GLU C 3 14.97 4.72 6.60
CA GLU C 3 13.83 4.20 7.41
C GLU C 3 12.81 3.48 6.52
N LEU C 4 12.27 4.11 5.51
CA LEU C 4 11.26 3.39 4.67
C LEU C 4 11.77 1.99 4.32
N GLU C 5 13.05 1.85 4.14
CA GLU C 5 13.64 0.51 3.81
C GLU C 5 13.07 -0.50 4.79
N THR C 6 12.99 -0.11 6.03
CA THR C 6 12.44 -1.01 7.07
C THR C 6 11.00 -1.35 6.70
N ALA C 7 10.30 -0.41 6.13
CA ALA C 7 8.86 -0.66 5.76
C ALA C 7 8.71 -1.96 4.94
N MET C 8 9.43 -2.10 3.88
CA MET C 8 9.29 -3.32 3.03
C MET C 8 9.60 -4.62 3.81
N GLU C 9 10.69 -4.67 4.52
CA GLU C 9 11.07 -5.93 5.25
C GLU C 9 10.18 -6.24 6.47
N THR C 10 9.58 -5.27 7.10
CA THR C 10 8.76 -5.60 8.32
C THR C 10 7.41 -6.19 7.94
N LEU C 11 6.70 -5.56 7.05
CA LEU C 11 5.34 -6.09 6.69
C LEU C 11 5.44 -7.42 5.92
N ILE C 12 6.44 -7.62 5.10
CA ILE C 12 6.52 -8.91 4.34
C ILE C 12 7.00 -10.05 5.27
N ASN C 13 7.82 -9.77 6.24
CA ASN C 13 8.30 -10.87 7.13
C ASN C 13 7.11 -11.49 7.85
N VAL C 14 6.21 -10.66 8.27
CA VAL C 14 5.00 -11.14 8.99
C VAL C 14 4.02 -11.76 7.99
N PHE C 15 4.00 -11.23 6.80
CA PHE C 15 3.08 -11.74 5.74
C PHE C 15 3.35 -13.22 5.45
N HIS C 16 4.59 -13.55 5.24
CA HIS C 16 4.98 -14.95 4.92
C HIS C 16 5.02 -15.82 6.19
N ALA C 17 5.17 -15.23 7.35
CA ALA C 17 5.25 -16.06 8.58
C ALA C 17 3.88 -16.68 8.91
N HIS C 18 2.86 -15.89 9.14
CA HIS C 18 1.54 -16.48 9.49
C HIS C 18 0.96 -17.23 8.29
N SER C 19 1.11 -16.69 7.10
CA SER C 19 0.56 -17.35 5.88
C SER C 19 1.25 -18.68 5.63
N GLY C 20 2.35 -18.92 6.29
CA GLY C 20 3.09 -20.20 6.10
C GLY C 20 2.76 -21.15 7.23
N LYS C 21 1.74 -20.83 7.99
CA LYS C 21 1.35 -21.73 9.12
C LYS C 21 0.30 -22.68 8.58
N GLU C 22 -0.91 -22.19 8.44
CA GLU C 22 -2.01 -23.03 7.92
C GLU C 22 -2.39 -22.53 6.52
N GLY C 23 -1.69 -23.01 5.52
CA GLY C 23 -1.99 -22.57 4.13
C GLY C 23 -0.84 -22.97 3.20
N ASP C 24 -0.64 -22.25 2.13
CA ASP C 24 0.47 -22.58 1.19
C ASP C 24 1.66 -21.71 1.53
N LYS C 25 2.81 -22.02 1.00
CA LYS C 25 4.01 -21.23 1.32
C LYS C 25 3.81 -19.75 1.01
N TYR C 26 3.13 -19.39 -0.05
CA TYR C 26 2.95 -17.92 -0.35
C TYR C 26 1.57 -17.59 -0.92
N LYS C 27 0.53 -18.10 -0.31
CA LYS C 27 -0.86 -17.75 -0.75
C LYS C 27 -1.70 -17.61 0.53
N LEU C 28 -2.58 -16.64 0.63
CA LEU C 28 -3.38 -16.47 1.89
C LEU C 28 -4.74 -17.13 1.76
N SER C 29 -5.30 -17.46 2.89
CA SER C 29 -6.65 -18.06 2.96
C SER C 29 -7.48 -17.18 3.88
N LYS C 30 -8.78 -17.25 3.81
CA LYS C 30 -9.62 -16.38 4.69
C LYS C 30 -9.08 -16.34 6.13
N LYS C 31 -8.63 -17.44 6.65
CA LYS C 31 -8.14 -17.48 8.07
C LYS C 31 -6.68 -16.96 8.21
N GLU C 32 -5.89 -17.04 7.18
CA GLU C 32 -4.48 -16.56 7.32
C GLU C 32 -4.42 -15.03 7.27
N LEU C 33 -5.20 -14.43 6.41
CA LEU C 33 -5.19 -12.95 6.30
C LEU C 33 -5.93 -12.32 7.48
N LYS C 34 -6.99 -12.94 7.93
CA LYS C 34 -7.77 -12.37 9.07
C LYS C 34 -6.90 -12.24 10.32
N ASP C 35 -6.05 -13.19 10.59
CA ASP C 35 -5.18 -13.12 11.80
C ASP C 35 -4.05 -12.11 11.56
N LEU C 36 -3.68 -11.89 10.33
CA LEU C 36 -2.56 -10.93 10.07
C LEU C 36 -2.97 -9.47 10.34
N LEU C 37 -4.17 -9.09 10.00
CA LEU C 37 -4.57 -7.66 10.20
C LEU C 37 -4.89 -7.37 11.67
N GLN C 38 -5.56 -8.27 12.33
CA GLN C 38 -5.91 -8.01 13.75
C GLN C 38 -4.63 -7.97 14.58
N THR C 39 -3.70 -8.82 14.24
CA THR C 39 -2.44 -8.87 15.04
C THR C 39 -1.53 -7.69 14.68
N GLU C 40 -1.26 -7.52 13.41
CA GLU C 40 -0.34 -6.43 12.97
C GLU C 40 -0.98 -5.04 13.16
N LEU C 41 -2.21 -4.85 12.74
CA LEU C 41 -2.86 -3.50 12.87
C LEU C 41 -4.01 -3.56 13.91
N SER C 42 -3.64 -3.74 15.15
CA SER C 42 -4.63 -3.79 16.24
C SER C 42 -5.08 -2.37 16.55
N SER C 43 -6.34 -2.17 16.78
CA SER C 43 -6.86 -0.82 17.11
C SER C 43 -6.99 0.04 15.84
N PHE C 44 -6.51 -0.44 14.72
CA PHE C 44 -6.63 0.32 13.43
C PHE C 44 -7.55 -0.46 12.51
N LEU C 45 -7.01 -1.40 11.79
CA LEU C 45 -7.85 -2.24 10.88
C LEU C 45 -8.60 -3.26 11.77
N ASP C 46 -9.86 -3.47 11.53
CA ASP C 46 -10.65 -4.44 12.35
C ASP C 46 -11.15 -5.55 11.45
N VAL C 47 -11.33 -6.72 12.00
CA VAL C 47 -11.84 -7.87 11.21
C VAL C 47 -12.57 -8.80 12.19
N GLN C 48 -12.02 -8.94 13.37
CA GLN C 48 -12.64 -9.82 14.41
C GLN C 48 -13.88 -9.18 15.01
N LYS C 49 -13.86 -7.90 15.25
CA LYS C 49 -15.04 -7.24 15.88
C LYS C 49 -16.25 -7.30 14.96
N ASP C 50 -16.05 -7.00 13.70
CA ASP C 50 -17.20 -7.01 12.73
C ASP C 50 -17.10 -8.20 11.79
N ALA C 51 -17.98 -9.14 11.93
CA ALA C 51 -17.98 -10.33 11.02
C ALA C 51 -18.45 -9.88 9.65
N ASP C 52 -19.34 -8.92 9.59
CA ASP C 52 -19.83 -8.45 8.27
C ASP C 52 -18.67 -7.73 7.57
N ALA C 53 -17.71 -7.24 8.31
CA ALA C 53 -16.56 -6.55 7.69
C ALA C 53 -15.63 -7.55 7.00
N VAL C 54 -15.42 -8.70 7.61
CA VAL C 54 -14.50 -9.71 7.02
C VAL C 54 -15.08 -10.33 5.77
N ASP C 55 -16.27 -10.84 5.85
CA ASP C 55 -16.86 -11.49 4.66
C ASP C 55 -16.94 -10.52 3.49
N LYS C 56 -17.29 -9.29 3.75
CA LYS C 56 -17.45 -8.32 2.63
C LYS C 56 -16.08 -7.93 2.01
N ILE C 57 -15.03 -7.76 2.78
CA ILE C 57 -13.73 -7.37 2.16
C ILE C 57 -13.03 -8.62 1.61
N MET C 58 -12.87 -9.61 2.41
CA MET C 58 -12.15 -10.82 1.98
C MET C 58 -12.82 -11.50 0.79
N LYS C 59 -14.10 -11.71 0.81
CA LYS C 59 -14.75 -12.40 -0.35
C LYS C 59 -14.70 -11.50 -1.58
N GLU C 60 -14.87 -10.22 -1.40
CA GLU C 60 -14.84 -9.30 -2.56
C GLU C 60 -13.41 -8.85 -2.85
N LEU C 61 -12.51 -9.03 -1.89
CA LEU C 61 -11.09 -8.60 -2.15
C LEU C 61 -10.39 -9.77 -2.84
N ASP C 62 -11.03 -10.93 -2.82
CA ASP C 62 -10.52 -12.10 -3.58
C ASP C 62 -11.35 -12.06 -4.86
N GLU C 63 -11.45 -10.86 -5.30
CA GLU C 63 -12.25 -10.47 -6.49
C GLU C 63 -12.15 -11.55 -7.58
N ASN C 64 -11.16 -12.40 -7.54
CA ASN C 64 -11.06 -13.48 -8.57
C ASN C 64 -11.91 -14.66 -8.12
N GLY C 65 -12.53 -14.51 -6.98
CA GLY C 65 -13.42 -15.58 -6.44
C GLY C 65 -12.65 -16.88 -6.18
N ASP C 66 -11.43 -16.82 -5.72
CA ASP C 66 -10.66 -18.08 -5.46
C ASP C 66 -10.64 -18.41 -3.95
N GLY C 67 -11.09 -17.52 -3.11
CA GLY C 67 -11.13 -17.82 -1.64
C GLY C 67 -9.76 -17.56 -1.01
N GLU C 68 -8.76 -17.31 -1.81
CA GLU C 68 -7.40 -17.04 -1.29
C GLU C 68 -7.00 -15.62 -1.75
N VAL C 69 -6.29 -14.91 -0.93
CA VAL C 69 -5.92 -13.50 -1.27
C VAL C 69 -4.43 -13.40 -1.63
N ASP C 70 -4.14 -12.70 -2.69
CA ASP C 70 -2.72 -12.53 -3.10
C ASP C 70 -2.13 -11.35 -2.33
N PHE C 71 -0.84 -11.26 -2.22
CA PHE C 71 -0.23 -10.12 -1.48
C PHE C 71 -0.63 -8.80 -2.14
N GLN C 72 -0.66 -8.74 -3.44
CA GLN C 72 -1.03 -7.45 -4.11
C GLN C 72 -2.44 -7.01 -3.71
N GLU C 73 -3.37 -7.93 -3.61
CA GLU C 73 -4.76 -7.56 -3.25
C GLU C 73 -4.87 -7.11 -1.79
N PHE C 74 -4.16 -7.76 -0.89
CA PHE C 74 -4.25 -7.39 0.56
C PHE C 74 -3.64 -5.99 0.82
N VAL C 75 -2.47 -5.75 0.34
CA VAL C 75 -1.79 -4.45 0.59
C VAL C 75 -2.61 -3.26 0.05
N VAL C 76 -3.24 -3.41 -1.06
CA VAL C 76 -4.01 -2.26 -1.62
C VAL C 76 -5.22 -1.90 -0.73
N LEU C 77 -6.14 -2.80 -0.54
CA LEU C 77 -7.35 -2.45 0.27
C LEU C 77 -7.00 -2.17 1.74
N VAL C 78 -6.25 -3.03 2.34
CA VAL C 78 -5.88 -2.86 3.78
C VAL C 78 -5.12 -1.56 4.02
N ALA C 79 -4.24 -1.23 3.13
CA ALA C 79 -3.44 0.02 3.31
C ALA C 79 -4.36 1.24 3.16
N ALA C 80 -5.44 1.09 2.45
CA ALA C 80 -6.40 2.22 2.25
C ALA C 80 -7.20 2.49 3.54
N LEU C 81 -7.34 1.49 4.39
CA LEU C 81 -8.14 1.67 5.65
C LEU C 81 -7.25 2.15 6.80
N THR C 82 -6.14 1.54 7.01
CA THR C 82 -5.25 1.95 8.14
C THR C 82 -4.83 3.43 7.96
N VAL C 83 -4.38 3.78 6.79
CA VAL C 83 -3.95 5.20 6.55
C VAL C 83 -5.17 6.13 6.63
N ALA C 84 -6.26 5.68 6.09
CA ALA C 84 -7.50 6.50 6.09
C ALA C 84 -7.99 6.70 7.53
N CYS C 85 -7.63 5.81 8.42
CA CYS C 85 -8.08 5.95 9.82
C CYS C 85 -7.38 7.14 10.48
N ASN C 86 -6.11 7.32 10.21
CA ASN C 86 -5.38 8.45 10.84
C ASN C 86 -5.99 9.79 10.40
N ASN C 87 -6.36 9.91 9.15
CA ASN C 87 -6.94 11.20 8.67
C ASN C 87 -8.21 11.54 9.45
N PHE C 88 -9.07 10.57 9.66
CA PHE C 88 -10.32 10.85 10.42
C PHE C 88 -10.01 11.09 11.90
N PHE C 89 -8.91 10.57 12.38
CA PHE C 89 -8.54 10.76 13.82
C PHE C 89 -7.70 12.04 13.97
N TRP C 90 -7.54 12.79 12.92
CA TRP C 90 -6.73 14.03 13.02
C TRP C 90 -7.34 14.96 14.07
N GLU C 91 -8.63 15.13 14.04
CA GLU C 91 -9.30 16.00 15.05
C GLU C 91 -9.03 15.43 16.45
N ASN C 92 -9.06 14.13 16.60
CA ASN C 92 -8.81 13.50 17.93
C ASN C 92 -7.32 13.24 18.11
N SER C 93 -6.49 14.12 17.62
CA SER C 93 -5.02 13.94 17.77
C SER C 93 -4.35 15.32 17.75
N GLY D 1 4.52 -9.45 15.41
CA GLY D 1 3.39 -8.45 15.57
C GLY D 1 3.69 -7.03 15.92
N SER D 2 4.90 -6.74 16.33
CA SER D 2 5.27 -5.33 16.69
C SER D 2 6.11 -4.72 15.57
N GLU D 3 6.61 -5.53 14.67
CA GLU D 3 7.42 -5.01 13.55
C GLU D 3 6.54 -4.22 12.57
N LEU D 4 5.50 -4.79 12.03
CA LEU D 4 4.68 -4.00 11.05
C LEU D 4 4.38 -2.60 11.62
N GLU D 5 4.22 -2.51 12.91
CA GLU D 5 3.95 -1.18 13.56
C GLU D 5 4.96 -0.18 13.00
N THR D 6 6.18 -0.61 12.90
CA THR D 6 7.23 0.26 12.35
C THR D 6 6.86 0.67 10.94
N ALA D 7 6.23 -0.22 10.21
CA ALA D 7 5.87 0.08 8.80
C ALA D 7 5.13 1.43 8.68
N MET D 8 4.08 1.59 9.43
CA MET D 8 3.27 2.84 9.35
C MET D 8 4.10 4.10 9.70
N GLU D 9 4.82 4.08 10.79
CA GLU D 9 5.61 5.30 11.21
C GLU D 9 6.82 5.60 10.31
N THR D 10 7.41 4.62 9.66
CA THR D 10 8.64 4.93 8.85
C THR D 10 8.26 5.59 7.52
N LEU D 11 7.33 5.02 6.80
CA LEU D 11 6.98 5.60 5.47
C LEU D 11 6.27 6.96 5.63
N ILE D 12 5.46 7.16 6.64
CA ILE D 12 4.76 8.48 6.78
C ILE D 12 5.74 9.55 7.27
N ASN D 13 6.69 9.22 8.09
CA ASN D 13 7.63 10.26 8.61
C ASN D 13 8.36 10.89 7.42
N VAL D 14 8.72 10.08 6.48
CA VAL D 14 9.45 10.59 5.28
C VAL D 14 8.46 11.27 4.33
N PHE D 15 7.25 10.80 4.32
CA PHE D 15 6.21 11.37 3.43
C PHE D 15 5.98 12.86 3.77
N HIS D 16 5.79 13.15 5.02
CA HIS D 16 5.54 14.54 5.45
C HIS D 16 6.84 15.36 5.51
N ALA D 17 7.97 14.73 5.62
CA ALA D 17 9.24 15.50 5.71
C ALA D 17 9.58 16.16 4.37
N HIS D 18 9.75 15.40 3.33
CA HIS D 18 10.11 16.03 2.02
C HIS D 18 8.93 16.85 1.48
N SER D 19 7.73 16.34 1.63
CA SER D 19 6.53 17.06 1.12
C SER D 19 6.33 18.38 1.88
N GLY D 20 7.02 18.54 2.97
CA GLY D 20 6.88 19.80 3.76
C GLY D 20 8.05 20.72 3.45
N LYS D 21 8.79 20.42 2.41
CA LYS D 21 9.93 21.30 2.03
C LYS D 21 9.42 22.30 1.02
N GLU D 22 9.25 21.87 -0.20
CA GLU D 22 8.75 22.76 -1.27
C GLU D 22 7.32 22.34 -1.63
N GLY D 23 6.35 22.84 -0.92
CA GLY D 23 4.95 22.47 -1.21
C GLY D 23 4.06 22.85 -0.03
N ASP D 24 2.96 22.16 0.15
CA ASP D 24 2.05 22.48 1.29
C ASP D 24 2.36 21.55 2.46
N LYS D 25 1.86 21.84 3.61
CA LYS D 25 2.16 21.00 4.80
C LYS D 25 1.80 19.52 4.54
N TYR D 26 0.72 19.23 3.86
CA TYR D 26 0.36 17.79 3.63
C TYR D 26 -0.24 17.54 2.24
N LYS D 27 0.37 18.05 1.21
CA LYS D 27 -0.09 17.75 -0.18
C LYS D 27 1.17 17.61 -1.04
N LEU D 28 1.21 16.67 -1.96
CA LEU D 28 2.45 16.50 -2.79
C LEU D 28 2.33 17.21 -4.12
N SER D 29 3.47 17.51 -4.69
CA SER D 29 3.53 18.17 -6.02
C SER D 29 4.42 17.29 -6.90
N LYS D 30 4.32 17.41 -8.18
CA LYS D 30 5.17 16.53 -9.06
C LYS D 30 6.61 16.43 -8.54
N LYS D 31 7.18 17.50 -8.06
CA LYS D 31 8.61 17.46 -7.59
C LYS D 31 8.74 16.88 -6.17
N GLU D 32 7.73 16.96 -5.35
CA GLU D 32 7.86 16.41 -3.97
C GLU D 32 7.75 14.89 -3.96
N LEU D 33 6.88 14.35 -4.74
CA LEU D 33 6.71 12.87 -4.79
C LEU D 33 7.86 12.24 -5.58
N LYS D 34 8.31 12.88 -6.61
CA LYS D 34 9.42 12.30 -7.44
C LYS D 34 10.67 12.09 -6.58
N ASP D 35 10.99 13.01 -5.72
CA ASP D 35 12.21 12.84 -4.87
C ASP D 35 11.95 11.81 -3.76
N LEU D 36 10.72 11.61 -3.38
CA LEU D 36 10.44 10.63 -2.30
C LEU D 36 10.63 9.18 -2.77
N LEU D 37 10.27 8.84 -3.98
CA LEU D 37 10.41 7.42 -4.41
C LEU D 37 11.87 7.09 -4.77
N GLN D 38 12.54 7.98 -5.43
CA GLN D 38 13.95 7.71 -5.81
C GLN D 38 14.79 7.58 -4.56
N THR D 39 14.50 8.39 -3.58
CA THR D 39 15.31 8.38 -2.34
C THR D 39 14.93 7.18 -1.47
N GLU D 40 13.65 7.04 -1.18
CA GLU D 40 13.19 5.93 -0.30
C GLU D 40 13.31 4.57 -0.98
N LEU D 41 12.88 4.44 -2.22
CA LEU D 41 12.94 3.12 -2.92
C LEU D 41 13.96 3.18 -4.07
N SER D 42 15.21 3.30 -3.72
CA SER D 42 16.30 3.34 -4.73
C SER D 42 16.54 1.93 -5.24
N SER D 43 16.74 1.78 -6.51
CA SER D 43 17.02 0.42 -7.08
C SER D 43 15.71 -0.38 -7.23
N PHE D 44 14.62 0.14 -6.72
CA PHE D 44 13.30 -0.57 -6.85
C PHE D 44 12.39 0.27 -7.72
N LEU D 45 11.70 1.22 -7.14
CA LEU D 45 10.83 2.11 -7.93
C LEU D 45 11.74 3.13 -8.65
N ASP D 46 11.50 3.41 -9.90
CA ASP D 46 12.34 4.37 -10.67
C ASP D 46 11.48 5.53 -11.11
N VAL D 47 12.07 6.68 -11.25
CA VAL D 47 11.33 7.89 -11.70
C VAL D 47 12.34 8.80 -12.42
N GLN D 48 13.52 8.87 -11.88
CA GLN D 48 14.58 9.74 -12.48
C GLN D 48 15.14 9.12 -13.76
N LYS D 49 15.34 7.83 -13.78
CA LYS D 49 15.93 7.20 -14.99
C LYS D 49 14.98 7.34 -16.19
N ASP D 50 13.72 7.09 -15.99
CA ASP D 50 12.74 7.17 -17.12
C ASP D 50 11.84 8.40 -16.96
N ALA D 51 12.01 9.37 -17.81
CA ALA D 51 11.15 10.58 -17.74
C ALA D 51 9.75 10.20 -18.21
N ASP D 52 9.65 9.29 -19.14
CA ASP D 52 8.31 8.87 -19.62
C ASP D 52 7.59 8.15 -18.49
N ALA D 53 8.32 7.59 -17.56
CA ALA D 53 7.70 6.87 -16.41
C ALA D 53 7.07 7.86 -15.44
N VAL D 54 7.72 8.98 -15.20
CA VAL D 54 7.17 9.98 -14.22
C VAL D 54 5.95 10.67 -14.77
N ASP D 55 6.02 11.21 -15.93
CA ASP D 55 4.85 11.94 -16.47
C ASP D 55 3.65 11.01 -16.57
N LYS D 56 3.85 9.80 -16.99
CA LYS D 56 2.69 8.87 -17.15
C LYS D 56 2.08 8.46 -15.80
N ILE D 57 2.86 8.21 -14.78
CA ILE D 57 2.24 7.79 -13.48
C ILE D 57 1.74 9.02 -12.73
N MET D 58 2.59 9.98 -12.54
CA MET D 58 2.21 11.17 -11.76
C MET D 58 1.03 11.93 -12.39
N LYS D 59 1.06 12.19 -13.68
CA LYS D 59 -0.08 12.96 -14.27
C LYS D 59 -1.34 12.10 -14.25
N GLU D 60 -1.22 10.83 -14.45
CA GLU D 60 -2.42 9.95 -14.45
C GLU D 60 -2.70 9.46 -13.03
N LEU D 61 -1.73 9.56 -12.14
CA LEU D 61 -1.99 9.09 -10.73
C LEU D 61 -2.62 10.26 -9.98
N ASP D 62 -2.56 11.43 -10.58
CA ASP D 62 -3.28 12.61 -10.00
C ASP D 62 -4.56 12.65 -10.83
N GLU D 63 -5.05 11.47 -10.95
CA GLU D 63 -6.27 11.16 -11.74
C GLU D 63 -7.32 12.28 -11.60
N ASN D 64 -7.23 13.09 -10.57
CA ASN D 64 -8.22 14.20 -10.42
C ASN D 64 -7.72 15.39 -11.23
N GLY D 65 -6.60 15.22 -11.86
CA GLY D 65 -6.03 16.29 -12.73
C GLY D 65 -5.72 17.57 -11.92
N ASP D 66 -5.24 17.44 -10.70
CA ASP D 66 -4.92 18.67 -9.89
C ASP D 66 -3.41 18.93 -9.88
N GLY D 67 -2.62 18.03 -10.38
CA GLY D 67 -1.14 18.26 -10.42
C GLY D 67 -0.49 17.93 -9.08
N GLU D 68 -1.29 17.67 -8.06
CA GLU D 68 -0.75 17.32 -6.73
C GLU D 68 -1.24 15.92 -6.37
N VAL D 69 -0.45 15.15 -5.71
CA VAL D 69 -0.84 13.75 -5.38
C VAL D 69 -1.19 13.60 -3.90
N ASP D 70 -2.28 12.93 -3.62
CA ASP D 70 -2.67 12.72 -2.19
C ASP D 70 -1.94 11.49 -1.67
N PHE D 71 -1.83 11.36 -0.38
CA PHE D 71 -1.12 10.17 0.18
C PHE D 71 -1.82 8.88 -0.26
N GLN D 72 -3.13 8.87 -0.28
CA GLN D 72 -3.86 7.62 -0.68
C GLN D 72 -3.49 7.24 -2.12
N GLU D 73 -3.37 8.18 -3.00
CA GLU D 73 -3.05 7.86 -4.42
C GLU D 73 -1.60 7.34 -4.57
N PHE D 74 -0.67 7.93 -3.85
CA PHE D 74 0.76 7.52 -3.97
C PHE D 74 0.98 6.10 -3.43
N VAL D 75 0.51 5.82 -2.26
CA VAL D 75 0.72 4.49 -1.63
C VAL D 75 0.14 3.36 -2.48
N VAL D 76 -0.99 3.57 -3.11
CA VAL D 76 -1.59 2.46 -3.91
C VAL D 76 -0.74 2.11 -5.14
N LEU D 77 -0.53 3.04 -6.03
CA LEU D 77 0.24 2.71 -7.27
C LEU D 77 1.70 2.36 -6.95
N VAL D 78 2.36 3.18 -6.18
CA VAL D 78 3.80 2.94 -5.84
C VAL D 78 4.00 1.60 -5.12
N ALA D 79 3.11 1.25 -4.24
CA ALA D 79 3.26 -0.04 -3.50
C ALA D 79 3.04 -1.21 -4.46
N ALA D 80 2.32 -0.99 -5.53
CA ALA D 80 2.07 -2.07 -6.53
C ALA D 80 3.33 -2.33 -7.38
N LEU D 81 4.23 -1.38 -7.45
CA LEU D 81 5.46 -1.59 -8.29
C LEU D 81 6.61 -2.14 -7.44
N THR D 82 6.84 -1.57 -6.30
CA THR D 82 7.96 -2.06 -5.44
C THR D 82 7.74 -3.54 -5.07
N VAL D 83 6.56 -3.88 -4.63
CA VAL D 83 6.28 -5.30 -4.25
C VAL D 83 6.31 -6.18 -5.51
N ALA D 84 5.77 -5.67 -6.58
CA ALA D 84 5.74 -6.44 -7.84
C ALA D 84 7.16 -6.68 -8.35
N CYS D 85 8.08 -5.84 -7.98
CA CYS D 85 9.48 -6.02 -8.46
C CYS D 85 10.10 -7.25 -7.79
N ASN D 86 9.83 -7.47 -6.53
CA ASN D 86 10.43 -8.66 -5.85
C ASN D 86 9.93 -9.95 -6.51
N ASN D 87 8.67 -10.00 -6.86
CA ASN D 87 8.13 -11.25 -7.49
C ASN D 87 8.88 -11.57 -8.78
N PHE D 88 9.12 -10.59 -9.61
CA PHE D 88 9.85 -10.84 -10.89
C PHE D 88 11.32 -11.14 -10.61
N PHE D 89 11.83 -10.70 -9.49
CA PHE D 89 13.26 -10.95 -9.15
C PHE D 89 13.39 -12.26 -8.35
N TRP D 90 12.32 -12.98 -8.22
CA TRP D 90 12.37 -14.25 -7.46
C TRP D 90 13.37 -15.20 -8.12
N GLU D 91 13.32 -15.32 -9.42
CA GLU D 91 14.30 -16.20 -10.13
C GLU D 91 15.72 -15.69 -9.85
N ASN D 92 15.91 -14.40 -9.84
CA ASN D 92 17.27 -13.82 -9.59
C ASN D 92 17.48 -13.63 -8.08
N SER D 93 16.97 -14.52 -7.29
CA SER D 93 17.15 -14.41 -5.81
C SER D 93 17.09 -15.80 -5.19
N LYS A 1 -17.09 -3.20 -4.30
CA LYS A 1 -15.99 -2.50 -3.57
C LYS A 1 -16.50 -1.14 -3.10
N LYS A 2 -17.12 -0.37 -3.97
CA LYS A 2 -17.63 0.96 -3.56
C LYS A 2 -18.65 0.78 -2.44
N ALA A 3 -19.59 -0.10 -2.62
CA ALA A 3 -20.62 -0.32 -1.55
C ALA A 3 -19.94 -0.91 -0.32
N VAL A 4 -19.04 -1.85 -0.52
CA VAL A 4 -18.33 -2.46 0.63
C VAL A 4 -17.47 -1.40 1.31
N TRP A 5 -16.82 -0.58 0.52
CA TRP A 5 -15.96 0.48 1.10
C TRP A 5 -16.81 1.42 1.96
N HIS A 6 -17.90 1.90 1.45
CA HIS A 6 -18.77 2.81 2.24
C HIS A 6 -19.28 2.08 3.50
N LYS A 7 -19.64 0.83 3.36
CA LYS A 7 -20.17 0.07 4.52
C LYS A 7 -19.15 0.00 5.67
N LEU A 8 -17.93 -0.39 5.39
CA LEU A 8 -16.94 -0.50 6.49
C LEU A 8 -16.68 0.85 7.16
N LEU A 9 -16.41 1.87 6.39
CA LEU A 9 -16.13 3.20 7.00
C LEU A 9 -17.36 3.69 7.78
N SER A 10 -18.54 3.46 7.26
CA SER A 10 -19.76 3.92 7.97
C SER A 10 -19.80 3.28 9.35
N LYS A 11 -19.43 2.04 9.46
CA LYS A 11 -19.45 1.37 10.79
C LYS A 11 -18.43 2.03 11.72
N GLN A 12 -17.29 2.38 11.20
CA GLN A 12 -16.23 3.02 12.04
C GLN A 12 -15.58 4.16 11.26
N LYS B 1 -4.37 3.78 -17.06
CA LYS B 1 -3.66 3.02 -15.99
C LYS B 1 -3.19 1.68 -16.54
N LYS B 2 -4.07 0.96 -17.19
CA LYS B 2 -3.67 -0.37 -17.75
C LYS B 2 -2.54 -0.16 -18.76
N ALA B 3 -2.70 0.76 -19.68
CA ALA B 3 -1.63 1.00 -20.67
C ALA B 3 -0.39 1.55 -19.97
N VAL B 4 -0.58 2.46 -19.04
CA VAL B 4 0.57 3.03 -18.30
C VAL B 4 1.22 1.92 -17.48
N TRP B 5 0.42 1.09 -16.86
CA TRP B 5 0.99 -0.01 -16.03
C TRP B 5 1.84 -0.93 -16.91
N HIS B 6 1.32 -1.36 -18.03
CA HIS B 6 2.12 -2.24 -18.93
C HIS B 6 3.38 -1.52 -19.39
N LYS B 7 3.27 -0.26 -19.70
CA LYS B 7 4.44 0.51 -20.20
C LYS B 7 5.58 0.53 -19.17
N LEU B 8 5.30 0.87 -17.95
CA LEU B 8 6.39 0.95 -16.94
C LEU B 8 7.04 -0.43 -16.72
N LEU B 9 6.25 -1.44 -16.50
CA LEU B 9 6.84 -2.80 -16.26
C LEU B 9 7.62 -3.24 -17.50
N SER B 10 7.13 -2.96 -18.66
CA SER B 10 7.84 -3.39 -19.90
C SER B 10 9.23 -2.78 -19.92
N LYS B 11 9.35 -1.55 -19.50
CA LYS B 11 10.68 -0.89 -19.47
C LYS B 11 11.60 -1.60 -18.48
N GLN B 12 11.06 -1.99 -17.35
CA GLN B 12 11.89 -2.68 -16.31
C GLN B 12 11.08 -3.84 -15.71
N GLY C 1 17.11 3.20 0.94
CA GLY C 1 16.81 4.28 1.97
C GLY C 1 16.90 3.95 3.44
N SER C 2 16.33 4.76 4.32
CA SER C 2 16.39 4.45 5.78
C SER C 2 15.02 3.97 6.25
N GLU C 3 14.11 4.87 6.46
CA GLU C 3 12.77 4.46 6.95
C GLU C 3 12.11 3.50 5.94
N LEU C 4 11.98 3.90 4.71
CA LEU C 4 11.29 3.01 3.73
C LEU C 4 12.01 1.67 3.60
N GLU C 5 13.30 1.66 3.62
CA GLU C 5 14.01 0.35 3.50
C GLU C 5 13.46 -0.60 4.57
N THR C 6 13.28 -0.11 5.76
CA THR C 6 12.73 -0.96 6.86
C THR C 6 11.26 -1.27 6.60
N ALA C 7 10.54 -0.32 6.08
CA ALA C 7 9.08 -0.52 5.83
C ALA C 7 8.82 -1.80 5.05
N MET C 8 9.42 -1.95 3.89
CA MET C 8 9.19 -3.18 3.09
C MET C 8 9.63 -4.42 3.88
N GLU C 9 10.65 -4.29 4.68
CA GLU C 9 11.14 -5.46 5.47
C GLU C 9 10.06 -5.91 6.47
N THR C 10 9.40 -4.95 7.08
CA THR C 10 8.37 -5.28 8.10
C THR C 10 7.14 -5.93 7.45
N LEU C 11 6.68 -5.36 6.37
CA LEU C 11 5.47 -5.90 5.67
C LEU C 11 5.69 -7.34 5.19
N ILE C 12 6.77 -7.58 4.52
CA ILE C 12 7.06 -8.94 3.95
C ILE C 12 7.38 -9.96 5.06
N ASN C 13 8.12 -9.60 6.07
CA ASN C 13 8.47 -10.60 7.12
C ASN C 13 7.20 -11.16 7.79
N VAL C 14 6.24 -10.32 8.03
CA VAL C 14 4.97 -10.80 8.69
C VAL C 14 4.03 -11.45 7.64
N PHE C 15 4.08 -11.02 6.41
CA PHE C 15 3.18 -11.62 5.36
C PHE C 15 3.47 -13.11 5.18
N HIS C 16 4.70 -13.46 4.90
CA HIS C 16 5.05 -14.88 4.64
C HIS C 16 5.11 -15.71 5.92
N ALA C 17 5.34 -15.09 7.04
CA ALA C 17 5.44 -15.90 8.30
C ALA C 17 4.06 -16.42 8.72
N HIS C 18 3.12 -15.55 8.97
CA HIS C 18 1.77 -16.00 9.43
C HIS C 18 1.03 -16.73 8.31
N SER C 19 1.14 -16.24 7.10
CA SER C 19 0.42 -16.85 5.93
C SER C 19 0.89 -18.28 5.66
N GLY C 20 2.04 -18.66 6.12
CA GLY C 20 2.57 -20.04 5.84
C GLY C 20 2.51 -20.92 7.09
N LYS C 21 1.72 -20.57 8.08
CA LYS C 21 1.65 -21.43 9.30
C LYS C 21 0.78 -22.64 9.00
N GLU C 22 -0.39 -22.43 8.46
CA GLU C 22 -1.30 -23.57 8.15
C GLU C 22 -2.03 -23.31 6.84
N GLY C 23 -1.31 -23.27 5.74
CA GLY C 23 -1.97 -23.01 4.43
C GLY C 23 -1.06 -23.45 3.27
N ASP C 24 -1.19 -22.79 2.15
CA ASP C 24 -0.34 -23.15 0.97
C ASP C 24 0.98 -22.37 1.04
N LYS C 25 2.02 -22.89 0.42
CA LYS C 25 3.37 -22.22 0.42
C LYS C 25 3.26 -20.73 0.75
N TYR C 26 2.97 -19.90 -0.23
CA TYR C 26 2.83 -18.42 0.05
C TYR C 26 1.53 -17.89 -0.56
N LYS C 27 0.45 -18.11 0.12
CA LYS C 27 -0.89 -17.62 -0.33
C LYS C 27 -1.66 -17.20 0.91
N LEU C 28 -2.43 -16.15 0.85
CA LEU C 28 -3.19 -15.71 2.06
C LEU C 28 -4.60 -16.30 1.98
N SER C 29 -5.17 -16.62 3.12
CA SER C 29 -6.54 -17.23 3.15
C SER C 29 -7.39 -16.46 4.15
N LYS C 30 -8.69 -16.59 4.08
CA LYS C 30 -9.53 -15.84 5.06
C LYS C 30 -9.03 -16.08 6.51
N LYS C 31 -8.75 -17.29 6.88
CA LYS C 31 -8.28 -17.57 8.27
C LYS C 31 -6.87 -17.01 8.51
N GLU C 32 -6.06 -17.02 7.50
CA GLU C 32 -4.69 -16.45 7.66
C GLU C 32 -4.79 -14.94 7.69
N LEU C 33 -5.68 -14.41 6.91
CA LEU C 33 -5.88 -12.93 6.81
C LEU C 33 -6.26 -12.29 8.15
N LYS C 34 -7.26 -12.82 8.81
CA LYS C 34 -7.72 -12.18 10.09
C LYS C 34 -6.73 -12.36 11.23
N ASP C 35 -6.07 -13.46 11.31
CA ASP C 35 -5.08 -13.65 12.40
C ASP C 35 -3.91 -12.70 12.15
N LEU C 36 -3.60 -12.52 10.92
CA LEU C 36 -2.48 -11.62 10.55
C LEU C 36 -2.74 -10.17 10.99
N LEU C 37 -3.95 -9.69 10.88
CA LEU C 37 -4.24 -8.26 11.25
C LEU C 37 -4.48 -8.08 12.76
N GLN C 38 -5.13 -9.00 13.40
CA GLN C 38 -5.40 -8.85 14.84
C GLN C 38 -4.12 -8.97 15.66
N THR C 39 -3.21 -9.79 15.19
CA THR C 39 -1.95 -10.00 15.95
C THR C 39 -1.00 -8.81 15.80
N GLU C 40 -0.77 -8.34 14.59
CA GLU C 40 0.19 -7.21 14.38
C GLU C 40 -0.54 -5.87 14.27
N LEU C 41 -1.59 -5.77 13.50
CA LEU C 41 -2.31 -4.45 13.36
C LEU C 41 -3.57 -4.47 14.24
N SER C 42 -3.38 -4.27 15.52
CA SER C 42 -4.52 -4.25 16.47
C SER C 42 -5.03 -2.82 16.62
N SER C 43 -6.31 -2.66 16.73
CA SER C 43 -6.90 -1.29 16.91
C SER C 43 -6.96 -0.54 15.57
N PHE C 44 -6.47 -1.12 14.52
CA PHE C 44 -6.54 -0.47 13.17
C PHE C 44 -7.63 -1.18 12.37
N LEU C 45 -7.32 -2.33 11.85
CA LEU C 45 -8.33 -3.12 11.10
C LEU C 45 -9.02 -4.01 12.14
N ASP C 46 -10.33 -4.03 12.14
CA ASP C 46 -11.07 -4.84 13.16
C ASP C 46 -11.99 -5.85 12.47
N VAL C 47 -11.39 -6.91 11.99
CA VAL C 47 -12.16 -7.97 11.28
C VAL C 47 -12.89 -8.88 12.29
N GLN C 48 -12.24 -9.18 13.37
CA GLN C 48 -12.83 -10.12 14.36
C GLN C 48 -14.18 -9.64 14.94
N LYS C 49 -14.25 -8.43 15.40
CA LYS C 49 -15.54 -7.94 15.98
C LYS C 49 -16.56 -7.65 14.87
N ASP C 50 -16.11 -7.14 13.75
CA ASP C 50 -17.06 -6.84 12.64
C ASP C 50 -17.19 -8.07 11.72
N ALA C 51 -18.10 -8.94 12.03
CA ALA C 51 -18.32 -10.14 11.18
C ALA C 51 -18.74 -9.73 9.78
N ASP C 52 -19.57 -8.72 9.68
CA ASP C 52 -20.04 -8.25 8.34
C ASP C 52 -18.84 -7.81 7.51
N ALA C 53 -17.90 -7.17 8.14
CA ALA C 53 -16.68 -6.69 7.43
C ALA C 53 -15.83 -7.85 6.90
N VAL C 54 -15.70 -8.90 7.64
CA VAL C 54 -14.83 -10.03 7.20
C VAL C 54 -15.42 -10.76 5.99
N ASP C 55 -16.61 -11.27 6.10
CA ASP C 55 -17.22 -12.03 4.98
C ASP C 55 -17.43 -11.13 3.76
N LYS C 56 -17.87 -9.94 3.97
CA LYS C 56 -18.16 -9.02 2.83
C LYS C 56 -16.87 -8.56 2.13
N ILE C 57 -15.85 -8.30 2.88
CA ILE C 57 -14.59 -7.79 2.28
C ILE C 57 -13.78 -8.92 1.66
N MET C 58 -13.54 -9.95 2.40
CA MET C 58 -12.72 -11.06 1.88
C MET C 58 -13.39 -11.74 0.69
N LYS C 59 -14.67 -11.99 0.78
CA LYS C 59 -15.35 -12.68 -0.35
C LYS C 59 -15.35 -11.73 -1.56
N GLU C 60 -15.51 -10.45 -1.32
CA GLU C 60 -15.50 -9.50 -2.46
C GLU C 60 -14.07 -9.06 -2.77
N LEU C 61 -13.15 -9.28 -1.84
CA LEU C 61 -11.73 -8.86 -2.11
C LEU C 61 -11.07 -10.03 -2.84
N ASP C 62 -11.64 -11.20 -2.73
CA ASP C 62 -11.13 -12.36 -3.52
C ASP C 62 -11.94 -12.27 -4.81
N GLU C 63 -11.93 -11.07 -5.28
CA GLU C 63 -12.69 -10.68 -6.49
C GLU C 63 -12.50 -11.74 -7.58
N ASN C 64 -11.48 -12.57 -7.48
CA ASN C 64 -11.28 -13.63 -8.52
C ASN C 64 -12.06 -14.86 -8.09
N GLY C 65 -12.71 -14.76 -6.96
CA GLY C 65 -13.54 -15.90 -6.45
C GLY C 65 -12.66 -17.11 -6.11
N ASP C 66 -11.49 -16.91 -5.56
CA ASP C 66 -10.60 -18.07 -5.21
C ASP C 66 -10.68 -18.38 -3.72
N GLY C 67 -11.16 -17.47 -2.91
CA GLY C 67 -11.25 -17.75 -1.43
C GLY C 67 -9.90 -17.44 -0.78
N GLU C 68 -8.90 -17.19 -1.60
CA GLU C 68 -7.56 -16.85 -1.10
C GLU C 68 -7.20 -15.47 -1.62
N VAL C 69 -6.60 -14.70 -0.79
CA VAL C 69 -6.25 -13.31 -1.16
C VAL C 69 -4.75 -13.23 -1.45
N ASP C 70 -4.38 -12.62 -2.53
CA ASP C 70 -2.93 -12.53 -2.86
C ASP C 70 -2.34 -11.30 -2.17
N PHE C 71 -1.31 -11.50 -1.36
CA PHE C 71 -0.67 -10.35 -0.63
C PHE C 71 -0.82 -9.02 -1.38
N GLN C 72 -0.78 -9.03 -2.68
CA GLN C 72 -0.94 -7.74 -3.44
C GLN C 72 -2.32 -7.13 -3.12
N GLU C 73 -3.34 -7.94 -3.05
CA GLU C 73 -4.70 -7.43 -2.72
C GLU C 73 -4.71 -6.88 -1.29
N PHE C 74 -4.05 -7.58 -0.42
CA PHE C 74 -3.98 -7.21 1.03
C PHE C 74 -3.36 -5.82 1.23
N VAL C 75 -2.35 -5.49 0.49
CA VAL C 75 -1.69 -4.16 0.68
C VAL C 75 -2.62 -3.03 0.22
N VAL C 76 -3.39 -3.25 -0.81
CA VAL C 76 -4.28 -2.15 -1.31
C VAL C 76 -5.41 -1.82 -0.33
N LEU C 77 -6.27 -2.78 -0.04
CA LEU C 77 -7.42 -2.47 0.86
C LEU C 77 -7.02 -2.29 2.33
N VAL C 78 -6.13 -3.08 2.83
CA VAL C 78 -5.74 -2.95 4.26
C VAL C 78 -5.00 -1.62 4.47
N ALA C 79 -4.17 -1.27 3.56
CA ALA C 79 -3.41 0.02 3.68
C ALA C 79 -4.35 1.21 3.39
N ALA C 80 -5.38 0.99 2.62
CA ALA C 80 -6.32 2.11 2.31
C ALA C 80 -7.06 2.52 3.58
N LEU C 81 -7.20 1.62 4.52
CA LEU C 81 -7.92 1.95 5.79
C LEU C 81 -6.92 2.46 6.83
N THR C 82 -5.75 1.89 6.87
CA THR C 82 -4.76 2.35 7.91
C THR C 82 -4.43 3.84 7.66
N VAL C 83 -4.13 4.18 6.45
CA VAL C 83 -3.78 5.59 6.11
C VAL C 83 -5.03 6.48 6.11
N ALA C 84 -6.11 5.99 5.59
CA ALA C 84 -7.36 6.81 5.53
C ALA C 84 -7.83 7.20 6.93
N CYS C 85 -7.64 6.35 7.89
CA CYS C 85 -8.10 6.68 9.26
C CYS C 85 -7.22 7.77 9.89
N ASN C 86 -5.92 7.64 9.78
CA ASN C 86 -5.03 8.67 10.38
C ASN C 86 -5.31 10.04 9.75
N ASN C 87 -5.50 10.08 8.46
CA ASN C 87 -5.77 11.37 7.76
C ASN C 87 -7.04 12.02 8.32
N PHE C 88 -8.05 11.24 8.57
CA PHE C 88 -9.33 11.82 9.09
C PHE C 88 -9.08 12.42 10.47
N PHE C 89 -8.19 11.85 11.23
CA PHE C 89 -7.91 12.40 12.60
C PHE C 89 -9.21 12.47 13.40
N TRP C 90 -9.59 11.38 14.01
CA TRP C 90 -10.85 11.37 14.80
C TRP C 90 -10.74 12.42 15.92
N GLU C 91 -9.55 12.70 16.36
CA GLU C 91 -9.36 13.71 17.46
C GLU C 91 -9.63 15.10 16.88
N ASN C 92 -9.96 15.19 15.62
CA ASN C 92 -10.25 16.52 15.01
C ASN C 92 -11.69 16.92 15.33
N SER C 93 -12.41 16.06 15.97
CA SER C 93 -13.82 16.37 16.32
C SER C 93 -13.87 17.61 17.21
N GLY D 1 0.94 -3.91 16.90
CA GLY D 1 1.94 -5.03 16.59
C GLY D 1 3.40 -4.76 16.66
N SER D 2 4.24 -5.57 16.04
CA SER D 2 5.71 -5.32 16.09
C SER D 2 6.19 -4.81 14.74
N GLU D 3 6.36 -5.68 13.80
CA GLU D 3 6.84 -5.24 12.46
C GLU D 3 5.88 -4.21 11.86
N LEU D 4 4.64 -4.56 11.72
CA LEU D 4 3.68 -3.61 11.08
C LEU D 4 3.61 -2.29 11.85
N GLU D 5 3.64 -2.33 13.15
CA GLU D 5 3.58 -1.05 13.91
C GLU D 5 4.68 -0.12 13.39
N THR D 6 5.85 -0.64 13.18
CA THR D 6 6.96 0.19 12.66
C THR D 6 6.70 0.56 11.19
N ALA D 7 6.12 -0.33 10.44
CA ALA D 7 5.89 -0.08 8.99
C ALA D 7 5.17 1.25 8.78
N MET D 8 4.03 1.42 9.39
CA MET D 8 3.26 2.69 9.23
C MET D 8 4.11 3.88 9.71
N GLU D 9 4.91 3.68 10.72
CA GLU D 9 5.76 4.79 11.24
C GLU D 9 6.76 5.23 10.18
N THR D 10 7.32 4.30 9.47
CA THR D 10 8.34 4.62 8.44
C THR D 10 7.70 5.34 7.25
N LEU D 11 6.60 4.83 6.78
CA LEU D 11 5.91 5.45 5.60
C LEU D 11 5.48 6.89 5.88
N ILE D 12 4.83 7.12 6.98
CA ILE D 12 4.33 8.49 7.31
C ILE D 12 5.48 9.45 7.67
N ASN D 13 6.47 9.03 8.38
CA ASN D 13 7.57 9.96 8.77
C ASN D 13 8.25 10.54 7.52
N VAL D 14 8.45 9.73 6.51
CA VAL D 14 9.12 10.23 5.26
C VAL D 14 8.10 10.97 4.35
N PHE D 15 6.84 10.59 4.39
CA PHE D 15 5.81 11.26 3.53
C PHE D 15 5.69 12.75 3.89
N HIS D 16 5.43 13.05 5.13
CA HIS D 16 5.23 14.47 5.54
C HIS D 16 6.55 15.24 5.63
N ALA D 17 7.65 14.58 5.81
CA ALA D 17 8.92 15.31 5.93
C ALA D 17 9.36 15.88 4.57
N HIS D 18 9.57 15.04 3.60
CA HIS D 18 10.03 15.53 2.26
C HIS D 18 8.93 16.34 1.56
N SER D 19 7.70 15.89 1.66
CA SER D 19 6.56 16.57 0.98
C SER D 19 6.34 17.99 1.50
N GLY D 20 6.83 18.31 2.67
CA GLY D 20 6.61 19.68 3.24
C GLY D 20 7.89 20.50 3.21
N LYS D 21 8.85 20.14 2.40
CA LYS D 21 10.10 20.97 2.35
C LYS D 21 9.86 22.22 1.53
N GLU D 22 9.28 22.08 0.36
CA GLU D 22 9.03 23.27 -0.50
C GLU D 22 7.68 23.08 -1.22
N GLY D 23 6.60 23.06 -0.50
CA GLY D 23 5.27 22.88 -1.15
C GLY D 23 4.15 23.33 -0.21
N ASP D 24 2.99 22.72 -0.35
CA ASP D 24 1.83 23.08 0.52
C ASP D 24 1.89 22.26 1.81
N LYS D 25 1.30 22.75 2.88
CA LYS D 25 1.29 22.04 4.20
C LYS D 25 1.56 20.53 4.03
N TYR D 26 0.55 19.75 3.71
CA TYR D 26 0.77 18.28 3.52
C TYR D 26 0.12 17.81 2.20
N LYS D 27 0.80 18.06 1.12
CA LYS D 27 0.30 17.64 -0.23
C LYS D 27 1.53 17.21 -1.03
N LEU D 28 1.42 16.18 -1.85
CA LEU D 28 2.60 15.73 -2.63
C LEU D 28 2.53 16.38 -4.02
N SER D 29 3.67 16.68 -4.58
CA SER D 29 3.71 17.33 -5.92
C SER D 29 4.68 16.55 -6.82
N LYS D 30 4.60 16.75 -8.11
CA LYS D 30 5.55 16.00 -9.00
C LYS D 30 7.00 16.15 -8.50
N LYS D 31 7.43 17.34 -8.17
CA LYS D 31 8.85 17.54 -7.72
C LYS D 31 9.07 16.92 -6.33
N GLU D 32 8.06 16.95 -5.50
CA GLU D 32 8.21 16.32 -4.16
C GLU D 32 8.18 14.80 -4.33
N LEU D 33 7.38 14.34 -5.23
CA LEU D 33 7.21 12.88 -5.48
C LEU D 33 8.53 12.21 -5.90
N LYS D 34 9.19 12.74 -6.88
CA LYS D 34 10.44 12.07 -7.39
C LYS D 34 11.60 12.16 -6.40
N ASP D 35 11.73 13.24 -5.70
CA ASP D 35 12.85 13.35 -4.72
C ASP D 35 12.56 12.36 -3.59
N LEU D 36 11.33 12.20 -3.26
CA LEU D 36 10.93 11.28 -2.17
C LEU D 36 11.31 9.82 -2.49
N LEU D 37 11.17 9.40 -3.72
CA LEU D 37 11.49 7.97 -4.07
C LEU D 37 12.99 7.74 -4.34
N GLN D 38 13.66 8.67 -4.95
CA GLN D 38 15.10 8.46 -5.26
C GLN D 38 15.92 8.50 -3.98
N THR D 39 15.50 9.30 -3.04
CA THR D 39 16.26 9.43 -1.77
C THR D 39 16.07 8.21 -0.87
N GLU D 40 14.86 7.79 -0.65
CA GLU D 40 14.63 6.63 0.27
C GLU D 40 14.45 5.32 -0.50
N LEU D 41 13.66 5.29 -1.54
CA LEU D 41 13.47 4.01 -2.32
C LEU D 41 14.33 4.05 -3.58
N SER D 42 15.60 3.79 -3.43
CA SER D 42 16.55 3.78 -4.56
C SER D 42 16.62 2.36 -5.14
N SER D 43 16.72 2.24 -6.43
CA SER D 43 16.84 0.90 -7.07
C SER D 43 15.48 0.21 -7.15
N PHE D 44 14.45 0.81 -6.62
CA PHE D 44 13.07 0.21 -6.70
C PHE D 44 12.31 1.00 -7.76
N LEU D 45 11.83 2.15 -7.40
CA LEU D 45 11.10 3.01 -8.36
C LEU D 45 12.15 3.88 -9.04
N ASP D 46 12.15 3.95 -10.34
CA ASP D 46 13.20 4.76 -11.07
C ASP D 46 12.53 5.83 -11.93
N VAL D 47 12.11 6.88 -11.29
CA VAL D 47 11.44 8.00 -12.01
C VAL D 47 12.46 8.89 -12.71
N GLN D 48 13.57 9.13 -12.06
CA GLN D 48 14.59 10.05 -12.62
C GLN D 48 15.12 9.60 -13.99
N LYS D 49 15.54 8.38 -14.12
CA LYS D 49 16.09 7.92 -15.43
C LYS D 49 14.96 7.71 -16.45
N ASP D 50 13.82 7.23 -16.01
CA ASP D 50 12.69 7.01 -16.96
C ASP D 50 11.82 8.27 -17.03
N ALA D 51 12.16 9.16 -17.91
CA ALA D 51 11.36 10.41 -18.06
C ALA D 51 9.93 10.07 -18.50
N ASP D 52 9.79 9.10 -19.36
CA ASP D 52 8.43 8.71 -19.83
C ASP D 52 7.59 8.27 -18.64
N ALA D 53 8.19 7.56 -17.73
CA ALA D 53 7.48 7.05 -16.53
C ALA D 53 7.03 8.19 -15.61
N VAL D 54 7.79 9.22 -15.47
CA VAL D 54 7.39 10.33 -14.56
C VAL D 54 6.21 11.12 -15.09
N ASP D 55 6.34 11.67 -16.26
CA ASP D 55 5.24 12.50 -16.82
C ASP D 55 3.99 11.66 -17.06
N LYS D 56 4.15 10.47 -17.54
CA LYS D 56 2.98 9.61 -17.85
C LYS D 56 2.27 9.14 -16.58
N ILE D 57 3.01 8.80 -15.57
CA ILE D 57 2.40 8.27 -14.33
C ILE D 57 1.83 9.38 -13.47
N MET D 58 2.63 10.37 -13.19
CA MET D 58 2.15 11.47 -12.32
C MET D 58 0.98 12.22 -12.96
N LYS D 59 1.07 12.52 -14.22
CA LYS D 59 -0.04 13.27 -14.87
C LYS D 59 -1.28 12.38 -14.90
N GLU D 60 -1.11 11.11 -15.10
CA GLU D 60 -2.29 10.19 -15.13
C GLU D 60 -2.59 9.71 -13.70
N LEU D 61 -1.63 9.85 -12.79
CA LEU D 61 -1.90 9.39 -11.39
C LEU D 61 -2.59 10.55 -10.66
N ASP D 62 -2.44 11.75 -11.20
CA ASP D 62 -3.19 12.92 -10.63
C ASP D 62 -4.48 12.91 -11.44
N GLU D 63 -4.99 11.73 -11.47
CA GLU D 63 -6.23 11.41 -12.22
C GLU D 63 -7.27 12.52 -11.98
N ASN D 64 -7.13 13.28 -10.93
CA ASN D 64 -8.12 14.38 -10.68
C ASN D 64 -7.65 15.63 -11.42
N GLY D 65 -6.53 15.51 -12.08
CA GLY D 65 -5.99 16.67 -12.87
C GLY D 65 -5.58 17.82 -11.96
N ASP D 66 -5.06 17.55 -10.79
CA ASP D 66 -4.65 18.65 -9.86
C ASP D 66 -3.14 18.91 -9.94
N GLY D 67 -2.38 17.99 -10.46
CA GLY D 67 -0.90 18.21 -10.57
C GLY D 67 -0.24 17.82 -9.24
N GLU D 68 -1.06 17.57 -8.24
CA GLU D 68 -0.56 17.18 -6.91
C GLU D 68 -1.11 15.80 -6.61
N VAL D 69 -0.31 14.97 -6.05
CA VAL D 69 -0.73 13.58 -5.74
C VAL D 69 -1.00 13.45 -4.25
N ASP D 70 -2.12 12.87 -3.89
CA ASP D 70 -2.43 12.73 -2.44
C ASP D 70 -1.79 11.46 -1.90
N PHE D 71 -0.97 11.58 -0.89
CA PHE D 71 -0.26 10.38 -0.29
C PHE D 71 -1.08 9.09 -0.49
N GLN D 72 -2.38 9.15 -0.44
CA GLN D 72 -3.18 7.89 -0.65
C GLN D 72 -2.90 7.33 -2.04
N GLU D 73 -2.80 8.18 -3.03
CA GLU D 73 -2.51 7.71 -4.41
C GLU D 73 -1.10 7.11 -4.47
N PHE D 74 -0.20 7.74 -3.78
CA PHE D 74 1.23 7.32 -3.75
C PHE D 74 1.39 5.90 -3.18
N VAL D 75 0.64 5.57 -2.18
CA VAL D 75 0.78 4.20 -1.57
C VAL D 75 0.26 3.13 -2.54
N VAL D 76 -0.75 3.41 -3.30
CA VAL D 76 -1.31 2.37 -4.22
C VAL D 76 -0.35 2.05 -5.38
N LEU D 77 -0.03 3.01 -6.18
CA LEU D 77 0.84 2.73 -7.37
C LEU D 77 2.31 2.47 -6.99
N VAL D 78 2.85 3.21 -6.07
CA VAL D 78 4.29 3.00 -5.70
C VAL D 78 4.45 1.64 -5.02
N ALA D 79 3.52 1.28 -4.20
CA ALA D 79 3.60 -0.03 -3.49
C ALA D 79 3.27 -1.17 -4.46
N ALA D 80 2.49 -0.90 -5.48
CA ALA D 80 2.13 -1.96 -6.45
C ALA D 80 3.37 -2.37 -7.26
N LEU D 81 4.35 -1.52 -7.32
CA LEU D 81 5.59 -1.86 -8.08
C LEU D 81 6.63 -2.45 -7.12
N THR D 82 6.71 -1.93 -5.94
CA THR D 82 7.72 -2.47 -4.97
C THR D 82 7.44 -3.95 -4.69
N VAL D 83 6.20 -4.27 -4.40
CA VAL D 83 5.81 -5.68 -4.09
C VAL D 83 5.77 -6.52 -5.38
N ALA D 84 5.26 -5.96 -6.44
CA ALA D 84 5.15 -6.73 -7.73
C ALA D 84 6.52 -7.16 -8.23
N CYS D 85 7.53 -6.35 -8.01
CA CYS D 85 8.90 -6.70 -8.49
C CYS D 85 9.46 -7.86 -7.67
N ASN D 86 9.39 -7.78 -6.37
CA ASN D 86 9.95 -8.87 -5.52
C ASN D 86 9.26 -10.20 -5.85
N ASN D 87 7.96 -10.18 -6.03
CA ASN D 87 7.22 -11.43 -6.34
C ASN D 87 7.73 -12.05 -7.64
N PHE D 88 8.00 -11.24 -8.63
CA PHE D 88 8.49 -11.79 -9.93
C PHE D 88 9.85 -12.45 -9.71
N PHE D 89 10.64 -11.95 -8.81
CA PHE D 89 11.99 -12.55 -8.57
C PHE D 89 12.77 -12.60 -9.88
N TRP D 90 13.43 -11.53 -10.22
CA TRP D 90 14.20 -11.50 -11.49
C TRP D 90 15.28 -12.60 -11.43
N GLU D 91 15.73 -12.94 -10.25
CA GLU D 91 16.77 -14.00 -10.13
C GLU D 91 16.14 -15.36 -10.46
N ASN D 92 14.88 -15.38 -10.77
CA ASN D 92 14.20 -16.67 -11.10
C ASN D 92 14.50 -17.03 -12.55
N SER D 93 15.17 -16.16 -13.25
CA SER D 93 15.50 -16.43 -14.67
C SER D 93 16.33 -17.71 -14.78
N LYS A 1 -13.15 -1.60 -6.79
CA LYS A 1 -13.63 -1.38 -5.40
C LYS A 1 -14.30 0.00 -5.30
N LYS A 2 -15.51 0.05 -4.82
CA LYS A 2 -16.21 1.36 -4.70
C LYS A 2 -17.34 1.22 -3.68
N ALA A 3 -18.45 0.67 -4.08
CA ALA A 3 -19.58 0.49 -3.12
C ALA A 3 -19.14 -0.38 -1.94
N VAL A 4 -18.38 -1.40 -2.22
CA VAL A 4 -17.92 -2.30 -1.12
C VAL A 4 -17.06 -1.48 -0.15
N TRP A 5 -16.29 -0.57 -0.65
CA TRP A 5 -15.44 0.27 0.25
C TRP A 5 -16.34 1.14 1.13
N HIS A 6 -17.37 1.71 0.56
CA HIS A 6 -18.27 2.62 1.34
C HIS A 6 -18.96 1.89 2.51
N LYS A 7 -19.56 0.76 2.27
CA LYS A 7 -20.27 0.05 3.39
C LYS A 7 -19.30 -0.31 4.51
N LEU A 8 -18.08 -0.62 4.19
CA LEU A 8 -17.11 -1.00 5.26
C LEU A 8 -16.95 0.14 6.26
N LEU A 9 -16.70 1.34 5.81
CA LEU A 9 -16.51 2.46 6.78
C LEU A 9 -17.83 2.69 7.52
N SER A 10 -18.95 2.60 6.84
CA SER A 10 -20.26 2.83 7.52
C SER A 10 -20.45 1.83 8.66
N LYS A 11 -20.11 0.59 8.46
CA LYS A 11 -20.30 -0.43 9.56
C LYS A 11 -19.31 -0.15 10.70
N GLN A 12 -18.09 0.20 10.36
CA GLN A 12 -17.09 0.48 11.44
C GLN A 12 -17.22 1.93 11.88
N LYS B 1 -6.79 2.35 -13.08
CA LYS B 1 -5.41 2.09 -13.58
C LYS B 1 -5.38 0.74 -14.31
N LYS B 2 -4.90 0.73 -15.53
CA LYS B 2 -4.84 -0.55 -16.29
C LYS B 2 -3.82 -0.40 -17.43
N ALA B 3 -4.21 0.22 -18.50
CA ALA B 3 -3.25 0.41 -19.63
C ALA B 3 -2.04 1.21 -19.15
N VAL B 4 -2.27 2.21 -18.34
CA VAL B 4 -1.13 3.03 -17.84
C VAL B 4 -0.19 2.14 -17.04
N TRP B 5 -0.72 1.21 -16.30
CA TRP B 5 0.14 0.30 -15.50
C TRP B 5 0.99 -0.57 -16.44
N HIS B 6 0.39 -1.07 -17.50
CA HIS B 6 1.13 -1.96 -18.45
C HIS B 6 2.33 -1.25 -19.10
N LYS B 7 2.13 -0.08 -19.66
CA LYS B 7 3.27 0.61 -20.34
C LYS B 7 4.41 0.88 -19.36
N LEU B 8 4.12 1.14 -18.12
CA LEU B 8 5.20 1.43 -17.14
C LEU B 8 6.17 0.25 -17.04
N LEU B 9 5.66 -0.94 -16.83
CA LEU B 9 6.57 -2.11 -16.72
C LEU B 9 7.31 -2.30 -18.04
N SER B 10 6.63 -2.13 -19.15
CA SER B 10 7.29 -2.33 -20.47
C SER B 10 8.48 -1.36 -20.63
N LYS B 11 8.32 -0.12 -20.23
CA LYS B 11 9.46 0.85 -20.38
C LYS B 11 10.59 0.48 -19.41
N GLN B 12 10.25 0.09 -18.21
CA GLN B 12 11.31 -0.29 -17.23
C GLN B 12 11.69 -1.75 -17.43
N GLY C 1 15.62 8.66 4.66
CA GLY C 1 16.32 7.78 3.62
C GLY C 1 16.32 6.30 3.77
N SER C 2 16.40 5.83 5.00
CA SER C 2 16.39 4.35 5.25
C SER C 2 15.07 3.92 5.89
N GLU C 3 14.28 4.85 6.36
CA GLU C 3 12.99 4.46 7.00
C GLU C 3 12.11 3.70 6.01
N LEU C 4 11.78 4.29 4.89
CA LEU C 4 10.89 3.58 3.93
C LEU C 4 11.49 2.18 3.66
N GLU C 5 12.71 2.15 3.26
CA GLU C 5 13.41 0.85 3.01
C GLU C 5 13.13 -0.13 4.16
N THR C 6 13.23 0.32 5.38
CA THR C 6 12.97 -0.61 6.51
C THR C 6 11.51 -1.05 6.54
N ALA C 7 10.61 -0.22 6.13
CA ALA C 7 9.17 -0.58 6.16
C ALA C 7 8.87 -1.84 5.32
N MET C 8 9.38 -1.92 4.12
CA MET C 8 9.08 -3.14 3.29
C MET C 8 9.74 -4.39 3.88
N GLU C 9 10.95 -4.28 4.36
CA GLU C 9 11.65 -5.46 4.95
C GLU C 9 10.96 -5.98 6.22
N THR C 10 10.57 -5.09 7.10
CA THR C 10 9.97 -5.52 8.38
C THR C 10 8.54 -6.02 8.19
N LEU C 11 7.78 -5.30 7.42
CA LEU C 11 6.36 -5.65 7.20
C LEU C 11 6.21 -6.91 6.32
N ILE C 12 7.11 -7.17 5.43
CA ILE C 12 6.96 -8.41 4.59
C ILE C 12 7.36 -9.64 5.42
N ASN C 13 8.32 -9.52 6.29
CA ASN C 13 8.73 -10.70 7.10
C ASN C 13 7.55 -11.18 7.95
N VAL C 14 6.79 -10.27 8.50
CA VAL C 14 5.61 -10.68 9.33
C VAL C 14 4.46 -11.14 8.41
N PHE C 15 4.29 -10.45 7.31
CA PHE C 15 3.20 -10.83 6.35
C PHE C 15 3.25 -12.32 5.99
N HIS C 16 4.35 -12.75 5.45
CA HIS C 16 4.50 -14.17 5.04
C HIS C 16 4.61 -15.10 6.24
N ALA C 17 5.01 -14.58 7.38
CA ALA C 17 5.15 -15.46 8.56
C ALA C 17 3.80 -16.10 8.91
N HIS C 18 2.77 -15.30 9.07
CA HIS C 18 1.44 -15.87 9.43
C HIS C 18 0.85 -16.66 8.26
N SER C 19 1.02 -16.18 7.07
CA SER C 19 0.46 -16.88 5.87
C SER C 19 1.09 -18.26 5.70
N GLY C 20 2.08 -18.57 6.48
CA GLY C 20 2.78 -19.89 6.36
C GLY C 20 2.20 -20.88 7.35
N LYS C 21 1.03 -20.61 7.86
CA LYS C 21 0.41 -21.55 8.84
C LYS C 21 -0.54 -22.47 8.05
N GLU C 22 -1.65 -21.93 7.60
CA GLU C 22 -2.65 -22.75 6.83
C GLU C 22 -3.00 -22.06 5.51
N GLY C 23 -2.04 -21.89 4.65
CA GLY C 23 -2.32 -21.23 3.33
C GLY C 23 -1.22 -21.60 2.33
N ASP C 24 -1.06 -20.85 1.26
CA ASP C 24 0.00 -21.18 0.28
C ASP C 24 1.24 -20.40 0.69
N LYS C 25 2.39 -20.84 0.29
CA LYS C 25 3.61 -20.11 0.69
C LYS C 25 3.44 -18.64 0.30
N TYR C 26 2.74 -18.35 -0.77
CA TYR C 26 2.57 -16.94 -1.22
C TYR C 26 1.10 -16.49 -1.29
N LYS C 27 0.15 -17.17 -0.68
CA LYS C 27 -1.27 -16.67 -0.78
C LYS C 27 -1.97 -16.84 0.58
N LEU C 28 -2.88 -15.93 0.86
CA LEU C 28 -3.61 -15.95 2.16
C LEU C 28 -4.96 -16.66 2.03
N SER C 29 -5.48 -17.06 3.15
CA SER C 29 -6.80 -17.76 3.22
C SER C 29 -7.66 -16.99 4.22
N LYS C 30 -8.95 -17.15 4.16
CA LYS C 30 -9.83 -16.40 5.11
C LYS C 30 -9.28 -16.45 6.55
N LYS C 31 -8.73 -17.56 6.96
CA LYS C 31 -8.21 -17.67 8.36
C LYS C 31 -6.81 -17.04 8.52
N GLU C 32 -6.02 -16.96 7.47
CA GLU C 32 -4.66 -16.35 7.63
C GLU C 32 -4.73 -14.82 7.59
N LEU C 33 -5.53 -14.27 6.74
CA LEU C 33 -5.63 -12.79 6.66
C LEU C 33 -6.36 -12.25 7.88
N LYS C 34 -7.34 -12.95 8.35
CA LYS C 34 -8.12 -12.49 9.53
C LYS C 34 -7.18 -12.34 10.74
N ASP C 35 -6.34 -13.31 10.97
CA ASP C 35 -5.40 -13.23 12.12
C ASP C 35 -4.27 -12.24 11.82
N LEU C 36 -3.99 -12.03 10.58
CA LEU C 36 -2.89 -11.10 10.20
C LEU C 36 -3.19 -9.65 10.61
N LEU C 37 -4.42 -9.20 10.45
CA LEU C 37 -4.74 -7.77 10.80
C LEU C 37 -5.05 -7.59 12.29
N GLN C 38 -5.68 -8.53 12.93
CA GLN C 38 -6.02 -8.33 14.37
C GLN C 38 -4.76 -8.37 15.22
N THR C 39 -3.80 -9.16 14.81
CA THR C 39 -2.57 -9.29 15.62
C THR C 39 -1.60 -8.15 15.35
N GLU C 40 -1.30 -7.93 14.08
CA GLU C 40 -0.32 -6.88 13.72
C GLU C 40 -0.95 -5.49 13.74
N LEU C 41 -1.96 -5.27 12.93
CA LEU C 41 -2.60 -3.92 12.87
C LEU C 41 -3.81 -3.88 13.82
N SER C 42 -3.56 -4.18 15.07
CA SER C 42 -4.65 -4.16 16.09
C SER C 42 -5.10 -2.72 16.37
N SER C 43 -4.37 -1.75 15.87
CA SER C 43 -4.72 -0.33 16.14
C SER C 43 -5.97 0.14 15.40
N PHE C 44 -6.38 -0.49 14.33
CA PHE C 44 -7.61 0.03 13.64
C PHE C 44 -8.24 -1.04 12.73
N LEU C 45 -7.46 -1.80 12.02
CA LEU C 45 -8.11 -2.80 11.13
C LEU C 45 -8.91 -3.75 12.03
N ASP C 46 -10.13 -4.03 11.70
CA ASP C 46 -10.97 -4.91 12.57
C ASP C 46 -10.70 -6.40 12.31
N VAL C 47 -11.74 -7.17 12.08
CA VAL C 47 -11.62 -8.65 11.89
C VAL C 47 -11.30 -9.26 13.27
N GLN C 48 -11.55 -8.50 14.29
CA GLN C 48 -11.31 -8.97 15.68
C GLN C 48 -12.62 -8.88 16.47
N LYS C 49 -13.70 -8.62 15.80
CA LYS C 49 -15.01 -8.49 16.50
C LYS C 49 -16.11 -8.29 15.47
N ASP C 50 -15.79 -7.70 14.35
CA ASP C 50 -16.83 -7.46 13.30
C ASP C 50 -16.82 -8.61 12.30
N ALA C 51 -17.71 -9.55 12.45
CA ALA C 51 -17.77 -10.69 11.50
C ALA C 51 -18.26 -10.20 10.13
N ASP C 52 -19.12 -9.23 10.12
CA ASP C 52 -19.64 -8.73 8.82
C ASP C 52 -18.46 -8.20 7.99
N ALA C 53 -17.55 -7.54 8.63
CA ALA C 53 -16.36 -7.01 7.91
C ALA C 53 -15.54 -8.13 7.28
N VAL C 54 -15.38 -9.22 7.97
CA VAL C 54 -14.55 -10.33 7.43
C VAL C 54 -15.17 -10.99 6.20
N ASP C 55 -16.38 -11.46 6.31
CA ASP C 55 -17.00 -12.18 5.15
C ASP C 55 -17.20 -11.24 3.96
N LYS C 56 -17.63 -10.04 4.21
CA LYS C 56 -17.89 -9.10 3.08
C LYS C 56 -16.58 -8.61 2.46
N ILE C 57 -15.58 -8.34 3.24
CA ILE C 57 -14.32 -7.81 2.66
C ILE C 57 -13.54 -8.91 1.96
N MET C 58 -13.28 -9.99 2.64
CA MET C 58 -12.50 -11.07 2.02
C MET C 58 -13.22 -11.68 0.82
N LYS C 59 -14.50 -11.88 0.94
CA LYS C 59 -15.24 -12.50 -0.20
C LYS C 59 -15.29 -11.51 -1.37
N GLU C 60 -15.48 -10.25 -1.11
CA GLU C 60 -15.51 -9.27 -2.22
C GLU C 60 -14.08 -8.83 -2.54
N LEU C 61 -13.16 -9.06 -1.63
CA LEU C 61 -11.73 -8.66 -1.91
C LEU C 61 -11.09 -9.83 -2.64
N ASP C 62 -11.71 -10.98 -2.57
CA ASP C 62 -11.25 -12.15 -3.37
C ASP C 62 -12.07 -12.05 -4.63
N GLU C 63 -12.06 -10.85 -5.10
CA GLU C 63 -12.82 -10.44 -6.29
C GLU C 63 -12.61 -11.47 -7.42
N ASN C 64 -11.56 -12.24 -7.35
CA ASN C 64 -11.36 -13.28 -8.42
C ASN C 64 -12.12 -14.53 -7.99
N GLY C 65 -12.82 -14.43 -6.89
CA GLY C 65 -13.64 -15.57 -6.37
C GLY C 65 -12.76 -16.78 -6.01
N ASP C 66 -11.61 -16.57 -5.42
CA ASP C 66 -10.72 -17.73 -5.05
C ASP C 66 -10.84 -18.06 -3.55
N GLY C 67 -11.35 -17.16 -2.75
CA GLY C 67 -11.47 -17.45 -1.29
C GLY C 67 -10.11 -17.22 -0.62
N GLU C 68 -9.11 -16.90 -1.41
CA GLU C 68 -7.75 -16.65 -0.88
C GLU C 68 -7.36 -15.24 -1.33
N VAL C 69 -6.72 -14.48 -0.50
CA VAL C 69 -6.35 -13.08 -0.86
C VAL C 69 -4.87 -12.97 -1.21
N ASP C 70 -4.60 -12.38 -2.34
CA ASP C 70 -3.18 -12.24 -2.77
C ASP C 70 -2.53 -11.08 -2.01
N PHE C 71 -1.23 -11.07 -1.92
CA PHE C 71 -0.55 -9.96 -1.19
C PHE C 71 -0.82 -8.62 -1.89
N GLN C 72 -1.05 -8.60 -3.18
CA GLN C 72 -1.34 -7.31 -3.86
C GLN C 72 -2.73 -6.82 -3.42
N GLU C 73 -3.67 -7.72 -3.32
CA GLU C 73 -5.05 -7.32 -2.91
C GLU C 73 -5.07 -6.90 -1.43
N PHE C 74 -4.35 -7.60 -0.60
CA PHE C 74 -4.32 -7.30 0.85
C PHE C 74 -3.72 -5.93 1.14
N VAL C 75 -2.56 -5.66 0.63
CA VAL C 75 -1.87 -4.36 0.92
C VAL C 75 -2.70 -3.15 0.46
N VAL C 76 -3.40 -3.28 -0.62
CA VAL C 76 -4.18 -2.11 -1.13
C VAL C 76 -5.36 -1.76 -0.21
N LEU C 77 -6.26 -2.67 0.01
CA LEU C 77 -7.48 -2.36 0.84
C LEU C 77 -7.14 -2.13 2.31
N VAL C 78 -6.26 -2.91 2.87
CA VAL C 78 -5.91 -2.76 4.32
C VAL C 78 -5.14 -1.46 4.57
N ALA C 79 -4.28 -1.10 3.67
CA ALA C 79 -3.47 0.14 3.85
C ALA C 79 -4.34 1.36 3.60
N ALA C 80 -5.39 1.21 2.85
CA ALA C 80 -6.29 2.36 2.60
C ALA C 80 -7.01 2.70 3.90
N LEU C 81 -7.24 1.70 4.73
CA LEU C 81 -7.94 1.94 6.02
C LEU C 81 -6.93 2.42 7.07
N THR C 82 -5.74 1.91 7.03
CA THR C 82 -4.73 2.33 8.05
C THR C 82 -4.42 3.83 7.88
N VAL C 83 -4.12 4.23 6.66
CA VAL C 83 -3.80 5.66 6.38
C VAL C 83 -5.04 6.51 6.53
N ALA C 84 -6.14 6.02 6.06
CA ALA C 84 -7.40 6.80 6.12
C ALA C 84 -7.75 7.08 7.58
N CYS C 85 -7.44 6.16 8.44
CA CYS C 85 -7.74 6.34 9.88
C CYS C 85 -6.95 7.55 10.42
N ASN C 86 -5.72 7.68 9.98
CA ASN C 86 -4.88 8.82 10.43
C ASN C 86 -5.55 10.14 10.06
N ASN C 87 -6.19 10.19 8.93
CA ASN C 87 -6.86 11.46 8.51
C ASN C 87 -7.91 11.85 9.57
N PHE C 88 -8.64 10.90 10.10
CA PHE C 88 -9.66 11.24 11.14
C PHE C 88 -8.96 11.51 12.49
N PHE C 89 -7.76 11.04 12.65
CA PHE C 89 -7.04 11.28 13.95
C PHE C 89 -7.92 10.82 15.12
N TRP C 90 -8.10 9.54 15.27
CA TRP C 90 -8.95 9.03 16.38
C TRP C 90 -8.37 9.47 17.74
N GLU C 91 -7.08 9.68 17.80
CA GLU C 91 -6.46 10.10 19.09
C GLU C 91 -6.91 11.51 19.43
N ASN C 92 -7.54 12.18 18.51
CA ASN C 92 -8.03 13.57 18.77
C ASN C 92 -9.09 13.49 19.87
N SER C 93 -9.83 12.42 19.87
CA SER C 93 -10.89 12.23 20.90
C SER C 93 -10.35 12.61 22.29
N GLY D 1 4.62 -9.45 15.17
CA GLY D 1 3.62 -8.57 15.92
C GLY D 1 3.83 -7.10 15.98
N SER D 2 5.06 -6.67 16.06
CA SER D 2 5.37 -5.20 16.10
C SER D 2 6.01 -4.75 14.79
N GLU D 3 6.43 -5.66 13.95
CA GLU D 3 7.06 -5.24 12.67
C GLU D 3 6.08 -4.41 11.83
N LEU D 4 4.94 -4.95 11.50
CA LEU D 4 3.98 -4.15 10.66
C LEU D 4 3.79 -2.78 11.31
N GLU D 5 3.41 -2.78 12.55
CA GLU D 5 3.21 -1.50 13.30
C GLU D 5 4.39 -0.56 13.05
N THR D 6 5.59 -1.05 13.10
CA THR D 6 6.76 -0.15 12.86
C THR D 6 6.77 0.34 11.41
N ALA D 7 6.32 -0.44 10.48
CA ALA D 7 6.35 -0.02 9.06
C ALA D 7 5.55 1.27 8.83
N MET D 8 4.35 1.38 9.35
CA MET D 8 3.56 2.63 9.12
C MET D 8 4.22 3.84 9.82
N GLU D 9 4.71 3.66 11.01
CA GLU D 9 5.34 4.80 11.76
C GLU D 9 6.63 5.30 11.06
N THR D 10 7.47 4.40 10.64
CA THR D 10 8.76 4.80 10.02
C THR D 10 8.56 5.36 8.61
N LEU D 11 7.75 4.70 7.84
CA LEU D 11 7.53 5.13 6.43
C LEU D 11 6.69 6.41 6.34
N ILE D 12 5.82 6.67 7.28
CA ILE D 12 5.02 7.94 7.19
C ILE D 12 5.92 9.12 7.60
N ASN D 13 6.77 8.94 8.56
CA ASN D 13 7.64 10.06 9.01
C ASN D 13 8.49 10.55 7.83
N VAL D 14 8.99 9.65 7.03
CA VAL D 14 9.83 10.09 5.86
C VAL D 14 8.91 10.63 4.75
N PHE D 15 7.78 10.00 4.55
CA PHE D 15 6.81 10.45 3.49
C PHE D 15 6.50 11.94 3.61
N HIS D 16 6.00 12.35 4.75
CA HIS D 16 5.63 13.78 4.96
C HIS D 16 6.87 14.65 5.08
N ALA D 17 8.00 14.09 5.44
CA ALA D 17 9.22 14.92 5.59
C ALA D 17 9.56 15.59 4.26
N HIS D 18 9.68 14.83 3.20
CA HIS D 18 10.04 15.43 1.89
C HIS D 18 8.89 16.29 1.35
N SER D 19 7.68 15.84 1.51
CA SER D 19 6.50 16.61 1.01
C SER D 19 6.39 17.97 1.70
N GLY D 20 7.21 18.21 2.69
CA GLY D 20 7.13 19.51 3.43
C GLY D 20 8.15 20.48 2.88
N LYS D 21 8.65 20.24 1.70
CA LYS D 21 9.63 21.19 1.09
C LYS D 21 8.87 22.16 0.19
N GLU D 22 8.38 21.67 -0.92
CA GLU D 22 7.64 22.56 -1.88
C GLU D 22 6.28 21.94 -2.23
N GLY D 23 5.42 21.76 -1.26
CA GLY D 23 4.08 21.16 -1.55
C GLY D 23 3.11 21.52 -0.42
N ASP D 24 2.02 20.80 -0.28
CA ASP D 24 1.06 21.12 0.82
C ASP D 24 1.47 20.28 2.01
N LYS D 25 1.10 20.69 3.19
CA LYS D 25 1.49 19.90 4.36
C LYS D 25 1.05 18.45 4.15
N TYR D 26 -0.04 18.23 3.45
CA TYR D 26 -0.53 16.84 3.23
C TYR D 26 -0.65 16.45 1.75
N LYS D 27 -0.04 17.16 0.82
CA LYS D 27 -0.17 16.71 -0.61
C LYS D 27 1.17 16.84 -1.34
N LEU D 28 1.42 15.97 -2.28
CA LEU D 28 2.71 15.97 -3.03
C LEU D 28 2.58 16.74 -4.34
N SER D 29 3.71 17.13 -4.87
CA SER D 29 3.77 17.86 -6.16
C SER D 29 4.72 17.10 -7.08
N LYS D 30 4.66 17.32 -8.36
CA LYS D 30 5.57 16.58 -9.29
C LYS D 30 7.01 16.55 -8.74
N LYS D 31 7.47 17.63 -8.17
CA LYS D 31 8.89 17.66 -7.67
C LYS D 31 9.04 16.98 -6.29
N GLU D 32 8.00 16.88 -5.50
CA GLU D 32 8.17 16.22 -4.16
C GLU D 32 8.08 14.70 -4.28
N LEU D 33 7.17 14.22 -5.09
CA LEU D 33 7.04 12.74 -5.25
C LEU D 33 8.24 12.18 -6.02
N LYS D 34 8.72 12.91 -6.99
CA LYS D 34 9.87 12.44 -7.80
C LYS D 34 11.09 12.21 -6.89
N ASP D 35 11.36 13.13 -6.02
CA ASP D 35 12.53 12.97 -5.10
C ASP D 35 12.21 11.96 -4.01
N LEU D 36 10.96 11.78 -3.71
CA LEU D 36 10.57 10.82 -2.64
C LEU D 36 10.93 9.37 -3.01
N LEU D 37 10.73 8.98 -4.24
CA LEU D 37 11.02 7.55 -4.63
C LEU D 37 12.50 7.33 -4.97
N GLN D 38 13.15 8.26 -5.58
CA GLN D 38 14.58 8.03 -5.95
C GLN D 38 15.45 7.99 -4.70
N THR D 39 15.09 8.75 -3.72
CA THR D 39 15.93 8.81 -2.48
C THR D 39 15.62 7.64 -1.56
N GLU D 40 14.37 7.46 -1.23
CA GLU D 40 13.98 6.38 -0.29
C GLU D 40 13.93 5.01 -0.98
N LEU D 41 13.10 4.87 -1.99
CA LEU D 41 12.98 3.54 -2.68
C LEU D 41 13.91 3.52 -3.91
N SER D 42 15.17 3.75 -3.67
CA SER D 42 16.18 3.75 -4.77
C SER D 42 16.38 2.32 -5.28
N SER D 43 15.89 1.34 -4.59
CA SER D 43 16.10 -0.08 -4.99
C SER D 43 15.31 -0.47 -6.24
N PHE D 44 14.26 0.21 -6.61
CA PHE D 44 13.53 -0.23 -7.84
C PHE D 44 12.66 0.88 -8.42
N LEU D 45 11.98 1.65 -7.61
CA LEU D 45 11.12 2.70 -8.20
C LEU D 45 12.04 3.65 -8.98
N ASP D 46 11.69 3.99 -10.18
CA ASP D 46 12.59 4.88 -11.00
C ASP D 46 12.39 6.36 -10.66
N VAL D 47 12.17 7.18 -11.66
CA VAL D 47 12.04 8.67 -11.48
C VAL D 47 13.43 9.21 -11.17
N GLN D 48 14.42 8.42 -11.47
CA GLN D 48 15.84 8.83 -11.24
C GLN D 48 16.60 8.77 -12.55
N LYS D 49 15.91 8.58 -13.63
CA LYS D 49 16.59 8.47 -14.96
C LYS D 49 15.53 8.36 -16.05
N ASP D 50 14.39 7.79 -15.73
CA ASP D 50 13.31 7.63 -16.76
C ASP D 50 12.36 8.81 -16.69
N ALA D 51 12.53 9.79 -17.54
CA ALA D 51 11.62 10.96 -17.53
C ALA D 51 10.24 10.55 -18.03
N ASP D 52 10.16 9.61 -18.93
CA ASP D 52 8.84 9.17 -19.44
C ASP D 52 8.01 8.64 -18.28
N ALA D 53 8.63 7.91 -17.40
CA ALA D 53 7.93 7.35 -16.22
C ALA D 53 7.37 8.45 -15.32
N VAL D 54 8.07 9.53 -15.16
CA VAL D 54 7.60 10.62 -14.28
C VAL D 54 6.39 11.35 -14.85
N ASP D 55 6.49 11.86 -16.03
CA ASP D 55 5.35 12.64 -16.60
C ASP D 55 4.12 11.75 -16.82
N LYS D 56 4.31 10.57 -17.31
CA LYS D 56 3.16 9.67 -17.58
C LYS D 56 2.53 9.16 -16.28
N ILE D 57 3.32 8.83 -15.30
CA ILE D 57 2.74 8.26 -14.05
C ILE D 57 2.09 9.36 -13.22
N MET D 58 2.82 10.38 -12.94
CA MET D 58 2.26 11.46 -12.10
C MET D 58 1.06 12.14 -12.77
N LYS D 59 1.16 12.39 -14.04
CA LYS D 59 0.04 13.07 -14.74
C LYS D 59 -1.17 12.14 -14.81
N GLU D 60 -0.96 10.88 -15.05
CA GLU D 60 -2.11 9.93 -15.11
C GLU D 60 -2.42 9.45 -13.70
N LEU D 61 -1.47 9.61 -12.77
CA LEU D 61 -1.76 9.16 -11.36
C LEU D 61 -2.44 10.33 -10.66
N ASP D 62 -2.33 11.51 -11.23
CA ASP D 62 -3.08 12.68 -10.71
C ASP D 62 -4.36 12.65 -11.52
N GLU D 63 -4.87 11.47 -11.55
CA GLU D 63 -6.09 11.14 -12.31
C GLU D 63 -7.17 12.19 -12.04
N ASN D 64 -7.07 12.94 -10.96
CA ASN D 64 -8.08 14.00 -10.69
C ASN D 64 -7.63 15.26 -11.42
N GLY D 65 -6.55 15.14 -12.14
CA GLY D 65 -6.01 16.29 -12.92
C GLY D 65 -5.56 17.46 -12.01
N ASP D 66 -4.98 17.18 -10.86
CA ASP D 66 -4.56 18.29 -9.94
C ASP D 66 -3.05 18.56 -10.07
N GLY D 67 -2.30 17.66 -10.63
CA GLY D 67 -0.83 17.90 -10.77
C GLY D 67 -0.15 17.61 -9.43
N GLU D 68 -0.93 17.27 -8.44
CA GLU D 68 -0.38 16.95 -7.09
C GLU D 68 -0.87 15.54 -6.75
N VAL D 69 -0.04 14.73 -6.15
CA VAL D 69 -0.45 13.33 -5.83
C VAL D 69 -0.80 13.18 -4.35
N ASP D 70 -1.93 12.62 -4.08
CA ASP D 70 -2.35 12.43 -2.66
C ASP D 70 -1.62 11.22 -2.08
N PHE D 71 -1.51 11.15 -0.78
CA PHE D 71 -0.82 9.99 -0.15
C PHE D 71 -1.57 8.69 -0.46
N GLN D 72 -2.86 8.73 -0.67
CA GLN D 72 -3.59 7.48 -1.00
C GLN D 72 -3.20 7.03 -2.43
N GLU D 73 -3.07 7.96 -3.33
CA GLU D 73 -2.69 7.61 -4.73
C GLU D 73 -1.23 7.12 -4.79
N PHE D 74 -0.37 7.78 -4.05
CA PHE D 74 1.08 7.42 -4.05
C PHE D 74 1.33 6.01 -3.52
N VAL D 75 0.82 5.72 -2.36
CA VAL D 75 1.07 4.39 -1.72
C VAL D 75 0.56 3.23 -2.58
N VAL D 76 -0.54 3.41 -3.27
CA VAL D 76 -1.10 2.29 -4.09
C VAL D 76 -0.20 1.96 -5.30
N LEU D 77 0.03 2.90 -6.16
CA LEU D 77 0.82 2.60 -7.40
C LEU D 77 2.30 2.31 -7.10
N VAL D 78 2.89 3.03 -6.20
CA VAL D 78 4.35 2.81 -5.89
C VAL D 78 4.57 1.48 -5.17
N ALA D 79 3.67 1.12 -4.31
CA ALA D 79 3.82 -0.16 -3.55
C ALA D 79 3.51 -1.33 -4.47
N ALA D 80 2.75 -1.12 -5.49
CA ALA D 80 2.45 -2.22 -6.43
C ALA D 80 3.70 -2.56 -7.24
N LEU D 81 4.60 -1.61 -7.35
CA LEU D 81 5.86 -1.86 -8.11
C LEU D 81 6.91 -2.42 -7.15
N THR D 82 6.90 -1.95 -5.94
CA THR D 82 7.91 -2.45 -4.97
C THR D 82 7.69 -3.94 -4.71
N VAL D 83 6.46 -4.31 -4.41
CA VAL D 83 6.14 -5.74 -4.14
C VAL D 83 6.23 -6.55 -5.43
N ALA D 84 5.76 -6.00 -6.50
CA ALA D 84 5.78 -6.73 -7.79
C ALA D 84 7.22 -7.04 -8.17
N CYS D 85 8.13 -6.17 -7.83
CA CYS D 85 9.55 -6.39 -8.16
C CYS D 85 10.05 -7.64 -7.43
N ASN D 86 9.62 -7.81 -6.21
CA ASN D 86 10.06 -9.00 -5.41
C ASN D 86 9.62 -10.28 -6.13
N ASN D 87 8.48 -10.26 -6.76
CA ASN D 87 8.01 -11.49 -7.46
C ASN D 87 9.04 -11.88 -8.54
N PHE D 88 9.59 -10.92 -9.23
CA PHE D 88 10.61 -11.26 -10.29
C PHE D 88 11.95 -11.59 -9.63
N PHE D 89 12.16 -11.18 -8.41
CA PHE D 89 13.45 -11.49 -7.72
C PHE D 89 14.62 -11.04 -8.60
N TRP D 90 14.81 -9.77 -8.75
CA TRP D 90 15.93 -9.26 -9.59
C TRP D 90 17.28 -9.77 -9.05
N GLU D 91 17.35 -10.04 -7.77
CA GLU D 91 18.64 -10.52 -7.18
C GLU D 91 18.92 -11.94 -7.70
N ASN D 92 17.96 -12.54 -8.34
CA ASN D 92 18.16 -13.91 -8.89
C ASN D 92 19.25 -13.83 -9.95
N SER D 93 19.28 -12.73 -10.67
CA SER D 93 20.30 -12.53 -11.73
C SER D 93 21.68 -12.99 -11.23
N LYS A 1 -16.29 -3.47 -4.30
CA LYS A 1 -15.56 -2.21 -3.99
C LYS A 1 -16.55 -1.06 -3.82
N LYS A 2 -16.08 0.10 -3.46
CA LYS A 2 -16.99 1.28 -3.29
C LYS A 2 -18.11 0.97 -2.27
N ALA A 3 -19.09 0.20 -2.66
CA ALA A 3 -20.22 -0.10 -1.73
C ALA A 3 -19.67 -0.80 -0.48
N VAL A 4 -18.89 -1.83 -0.65
CA VAL A 4 -18.32 -2.53 0.53
C VAL A 4 -17.47 -1.54 1.35
N TRP A 5 -16.75 -0.69 0.68
CA TRP A 5 -15.89 0.29 1.39
C TRP A 5 -16.76 1.19 2.28
N HIS A 6 -17.89 1.61 1.79
CA HIS A 6 -18.79 2.48 2.60
C HIS A 6 -19.25 1.75 3.87
N LYS A 7 -19.51 0.48 3.78
CA LYS A 7 -20.01 -0.26 4.97
C LYS A 7 -19.00 -0.19 6.13
N LEU A 8 -17.75 -0.45 5.90
CA LEU A 8 -16.78 -0.38 7.03
C LEU A 8 -16.57 1.06 7.48
N LEU A 9 -16.46 1.98 6.56
CA LEU A 9 -16.25 3.40 6.94
C LEU A 9 -17.47 3.88 7.72
N SER A 10 -18.63 3.37 7.41
CA SER A 10 -19.84 3.77 8.15
C SER A 10 -19.79 3.13 9.54
N LYS A 11 -18.69 2.48 9.82
CA LYS A 11 -18.52 1.80 11.14
C LYS A 11 -19.59 0.73 11.29
N GLN A 12 -19.90 0.03 10.23
CA GLN A 12 -20.92 -1.05 10.29
C GLN A 12 -22.26 -0.49 10.81
N LYS B 1 -4.29 4.45 -16.00
CA LYS B 1 -4.04 3.14 -15.33
C LYS B 1 -3.94 2.03 -16.39
N LYS B 2 -3.62 0.83 -15.98
CA LYS B 2 -3.51 -0.30 -16.95
C LYS B 2 -2.51 0.03 -18.07
N ALA B 3 -2.89 0.85 -19.01
CA ALA B 3 -1.96 1.17 -20.13
C ALA B 3 -0.67 1.78 -19.59
N VAL B 4 -0.78 2.78 -18.75
CA VAL B 4 0.44 3.41 -18.17
C VAL B 4 1.23 2.35 -17.40
N TRP B 5 0.54 1.48 -16.71
CA TRP B 5 1.23 0.43 -15.91
C TRP B 5 2.05 -0.46 -16.84
N HIS B 6 1.52 -0.81 -17.98
CA HIS B 6 2.27 -1.66 -18.94
C HIS B 6 3.57 -0.97 -19.39
N LYS B 7 3.53 0.31 -19.59
CA LYS B 7 4.75 1.03 -20.08
C LYS B 7 5.92 0.85 -19.10
N LEU B 8 5.72 1.06 -17.83
CA LEU B 8 6.87 0.90 -16.89
C LEU B 8 7.25 -0.57 -16.77
N LEU B 9 6.30 -1.45 -16.67
CA LEU B 9 6.63 -2.90 -16.54
C LEU B 9 7.37 -3.35 -17.80
N SER B 10 7.04 -2.77 -18.92
CA SER B 10 7.73 -3.14 -20.18
C SER B 10 9.14 -2.55 -20.13
N LYS B 11 9.48 -1.97 -19.01
CA LYS B 11 10.84 -1.36 -18.84
C LYS B 11 11.02 -0.25 -19.86
N GLN B 12 9.98 0.51 -20.10
CA GLN B 12 10.07 1.64 -21.08
C GLN B 12 10.54 1.12 -22.45
N GLY C 1 15.34 8.91 5.81
CA GLY C 1 16.08 8.21 4.68
C GLY C 1 16.20 6.72 4.69
N SER C 2 16.35 6.14 5.85
CA SER C 2 16.44 4.64 5.95
C SER C 2 15.15 4.10 6.53
N GLU C 3 14.26 4.96 6.93
CA GLU C 3 12.96 4.52 7.51
C GLU C 3 12.16 3.73 6.47
N LEU C 4 11.96 4.31 5.32
CA LEU C 4 11.15 3.64 4.26
C LEU C 4 11.78 2.30 3.88
N GLU C 5 13.09 2.24 3.85
CA GLU C 5 13.79 0.97 3.51
C GLU C 5 13.36 -0.12 4.50
N THR C 6 13.33 0.21 5.75
CA THR C 6 12.92 -0.77 6.79
C THR C 6 11.45 -1.12 6.63
N ALA C 7 10.66 -0.17 6.20
CA ALA C 7 9.20 -0.43 6.06
C ALA C 7 8.97 -1.67 5.17
N MET C 8 9.65 -1.73 4.06
CA MET C 8 9.48 -2.90 3.15
C MET C 8 9.88 -4.19 3.88
N GLU C 9 10.92 -4.14 4.66
CA GLU C 9 11.37 -5.34 5.41
C GLU C 9 10.30 -5.80 6.40
N THR C 10 9.65 -4.87 7.03
CA THR C 10 8.63 -5.21 8.06
C THR C 10 7.36 -5.81 7.43
N LEU C 11 6.87 -5.19 6.40
CA LEU C 11 5.61 -5.66 5.74
C LEU C 11 5.76 -7.09 5.21
N ILE C 12 6.91 -7.39 4.65
CA ILE C 12 7.13 -8.75 4.07
C ILE C 12 7.49 -9.78 5.15
N ASN C 13 8.13 -9.39 6.20
CA ASN C 13 8.47 -10.39 7.26
C ASN C 13 7.17 -11.00 7.79
N VAL C 14 6.18 -10.16 7.95
CA VAL C 14 4.87 -10.64 8.48
C VAL C 14 4.02 -11.29 7.38
N PHE C 15 4.08 -10.79 6.19
CA PHE C 15 3.26 -11.38 5.08
C PHE C 15 3.61 -12.86 4.86
N HIS C 16 4.87 -13.13 4.67
CA HIS C 16 5.31 -14.52 4.41
C HIS C 16 5.21 -15.38 5.66
N ALA C 17 5.32 -14.80 6.83
CA ALA C 17 5.26 -15.64 8.05
C ALA C 17 3.83 -16.17 8.26
N HIS C 18 2.86 -15.32 8.40
CA HIS C 18 1.49 -15.81 8.66
C HIS C 18 0.92 -16.59 7.47
N SER C 19 1.16 -16.13 6.28
CA SER C 19 0.60 -16.80 5.06
C SER C 19 1.22 -18.17 4.82
N GLY C 20 2.35 -18.46 5.41
CA GLY C 20 3.02 -19.77 5.18
C GLY C 20 3.02 -20.66 6.43
N LYS C 21 2.20 -20.38 7.42
CA LYS C 21 2.24 -21.27 8.61
C LYS C 21 1.70 -22.64 8.21
N GLU C 22 0.81 -22.65 7.26
CA GLU C 22 0.20 -23.93 6.79
C GLU C 22 0.88 -24.38 5.49
N GLY C 23 1.83 -23.63 5.01
CA GLY C 23 2.53 -24.04 3.76
C GLY C 23 1.67 -23.71 2.53
N ASP C 24 0.92 -22.65 2.56
CA ASP C 24 0.08 -22.29 1.38
C ASP C 24 0.90 -21.45 0.42
N LYS C 25 2.11 -21.84 0.13
CA LYS C 25 2.95 -21.03 -0.79
C LYS C 25 2.92 -19.58 -0.30
N TYR C 26 2.70 -18.63 -1.19
CA TYR C 26 2.65 -17.20 -0.77
C TYR C 26 1.34 -16.56 -1.24
N LYS C 27 0.29 -16.88 -0.56
CA LYS C 27 -1.05 -16.30 -0.85
C LYS C 27 -1.86 -16.39 0.44
N LEU C 28 -2.78 -15.49 0.65
CA LEU C 28 -3.56 -15.49 1.92
C LEU C 28 -4.90 -16.19 1.75
N SER C 29 -5.45 -16.59 2.85
CA SER C 29 -6.77 -17.27 2.89
C SER C 29 -7.61 -16.53 3.92
N LYS C 30 -8.89 -16.71 3.90
CA LYS C 30 -9.71 -15.98 4.91
C LYS C 30 -9.13 -16.20 6.32
N LYS C 31 -8.69 -17.39 6.65
CA LYS C 31 -8.14 -17.63 8.03
C LYS C 31 -6.73 -17.03 8.20
N GLU C 32 -5.95 -16.93 7.15
CA GLU C 32 -4.59 -16.34 7.31
C GLU C 32 -4.74 -14.81 7.43
N LEU C 33 -5.71 -14.27 6.73
CA LEU C 33 -5.94 -12.80 6.75
C LEU C 33 -6.50 -12.33 8.10
N LYS C 34 -7.39 -13.09 8.70
CA LYS C 34 -7.99 -12.66 10.01
C LYS C 34 -6.94 -12.61 11.12
N ASP C 35 -6.04 -13.55 11.16
CA ASP C 35 -5.01 -13.55 12.24
C ASP C 35 -3.89 -12.56 11.92
N LEU C 36 -3.62 -12.36 10.67
CA LEU C 36 -2.52 -11.43 10.28
C LEU C 36 -2.85 -9.97 10.59
N LEU C 37 -4.07 -9.53 10.37
CA LEU C 37 -4.40 -8.10 10.63
C LEU C 37 -4.71 -7.83 12.11
N GLN C 38 -5.40 -8.73 12.77
CA GLN C 38 -5.75 -8.48 14.19
C GLN C 38 -4.51 -8.53 15.06
N THR C 39 -3.61 -9.42 14.75
CA THR C 39 -2.38 -9.55 15.59
C THR C 39 -1.36 -8.48 15.24
N GLU C 40 -0.81 -8.55 14.06
CA GLU C 40 0.25 -7.58 13.65
C GLU C 40 -0.34 -6.18 13.46
N LEU C 41 -1.52 -6.04 12.88
CA LEU C 41 -2.11 -4.68 12.67
C LEU C 41 -3.35 -4.49 13.55
N SER C 42 -3.13 -4.40 14.82
CA SER C 42 -4.24 -4.18 15.78
C SER C 42 -4.57 -2.69 15.82
N SER C 43 -5.04 -2.23 16.95
CA SER C 43 -5.33 -0.77 17.18
C SER C 43 -6.11 -0.09 16.03
N PHE C 44 -6.28 -0.69 14.89
CA PHE C 44 -7.01 0.01 13.78
C PHE C 44 -7.83 -0.96 12.95
N LEU C 45 -7.21 -1.74 12.10
CA LEU C 45 -8.00 -2.67 11.26
C LEU C 45 -8.75 -3.65 12.16
N ASP C 46 -10.01 -3.83 11.93
CA ASP C 46 -10.84 -4.75 12.75
C ASP C 46 -11.30 -5.90 11.85
N VAL C 47 -11.43 -7.07 12.41
CA VAL C 47 -11.89 -8.25 11.63
C VAL C 47 -12.55 -9.21 12.62
N GLN C 48 -12.01 -9.31 13.80
CA GLN C 48 -12.58 -10.25 14.82
C GLN C 48 -13.87 -9.71 15.42
N LYS C 49 -13.87 -8.49 15.88
CA LYS C 49 -15.09 -7.91 16.52
C LYS C 49 -16.20 -7.72 15.49
N ASP C 50 -15.88 -7.27 14.30
CA ASP C 50 -16.93 -7.03 13.27
C ASP C 50 -16.97 -8.21 12.29
N ALA C 51 -17.94 -9.08 12.44
CA ALA C 51 -18.06 -10.25 11.52
C ALA C 51 -18.54 -9.78 10.15
N ASP C 52 -19.39 -8.80 10.12
CA ASP C 52 -19.90 -8.29 8.82
C ASP C 52 -18.72 -7.80 8.00
N ALA C 53 -17.79 -7.15 8.64
CA ALA C 53 -16.58 -6.64 7.94
C ALA C 53 -15.75 -7.79 7.34
N VAL C 54 -15.65 -8.89 8.01
CA VAL C 54 -14.81 -10.01 7.50
C VAL C 54 -15.43 -10.66 6.26
N ASP C 55 -16.64 -11.12 6.35
CA ASP C 55 -17.24 -11.81 5.17
C ASP C 55 -17.47 -10.84 4.03
N LYS C 56 -17.90 -9.65 4.31
CA LYS C 56 -18.18 -8.68 3.22
C LYS C 56 -16.88 -8.19 2.56
N ILE C 57 -15.85 -7.95 3.33
CA ILE C 57 -14.59 -7.43 2.74
C ILE C 57 -13.81 -8.56 2.09
N MET C 58 -13.56 -9.59 2.83
CA MET C 58 -12.77 -10.72 2.29
C MET C 58 -13.48 -11.36 1.08
N LYS C 59 -14.76 -11.59 1.16
CA LYS C 59 -15.48 -12.22 0.02
C LYS C 59 -15.53 -11.26 -1.17
N GLU C 60 -15.74 -9.99 -0.91
CA GLU C 60 -15.80 -9.01 -2.03
C GLU C 60 -14.38 -8.57 -2.36
N LEU C 61 -13.44 -8.80 -1.47
CA LEU C 61 -12.02 -8.39 -1.77
C LEU C 61 -11.41 -9.54 -2.55
N ASP C 62 -12.05 -10.69 -2.50
CA ASP C 62 -11.60 -11.85 -3.33
C ASP C 62 -12.41 -11.69 -4.61
N GLU C 63 -12.38 -10.48 -5.05
CA GLU C 63 -13.11 -10.04 -6.26
C GLU C 63 -12.85 -11.04 -7.39
N ASN C 64 -11.77 -11.78 -7.35
CA ASN C 64 -11.50 -12.77 -8.43
C ASN C 64 -12.23 -14.06 -8.07
N GLY C 65 -12.90 -14.05 -6.96
CA GLY C 65 -13.69 -15.25 -6.53
C GLY C 65 -12.77 -16.44 -6.22
N ASP C 66 -11.60 -16.20 -5.69
CA ASP C 66 -10.67 -17.33 -5.35
C ASP C 66 -10.73 -17.65 -3.84
N GLY C 67 -11.22 -16.75 -3.03
CA GLY C 67 -11.31 -17.03 -1.57
C GLY C 67 -9.94 -16.79 -0.91
N GLU C 68 -8.97 -16.41 -1.70
CA GLU C 68 -7.61 -16.14 -1.19
C GLU C 68 -7.24 -14.74 -1.63
N VAL C 69 -6.57 -14.01 -0.78
CA VAL C 69 -6.22 -12.60 -1.11
C VAL C 69 -4.74 -12.50 -1.48
N ASP C 70 -4.47 -11.95 -2.62
CA ASP C 70 -3.06 -11.81 -3.06
C ASP C 70 -2.43 -10.63 -2.32
N PHE C 71 -1.13 -10.58 -2.27
CA PHE C 71 -0.47 -9.44 -1.55
C PHE C 71 -0.87 -8.10 -2.18
N GLN C 72 -1.21 -8.06 -3.43
CA GLN C 72 -1.62 -6.74 -4.02
C GLN C 72 -2.98 -6.33 -3.45
N GLU C 73 -3.89 -7.25 -3.31
CA GLU C 73 -5.23 -6.92 -2.76
C GLU C 73 -5.14 -6.65 -1.25
N PHE C 74 -4.35 -7.43 -0.55
CA PHE C 74 -4.21 -7.27 0.93
C PHE C 74 -3.51 -5.94 1.28
N VAL C 75 -2.52 -5.59 0.55
CA VAL C 75 -1.77 -4.33 0.83
C VAL C 75 -2.58 -3.11 0.40
N VAL C 76 -3.37 -3.25 -0.63
CA VAL C 76 -4.18 -2.09 -1.12
C VAL C 76 -5.33 -1.74 -0.16
N LEU C 77 -6.22 -2.66 0.08
CA LEU C 77 -7.40 -2.34 0.95
C LEU C 77 -6.99 -2.16 2.43
N VAL C 78 -6.10 -2.96 2.92
CA VAL C 78 -5.70 -2.83 4.36
C VAL C 78 -4.93 -1.52 4.58
N ALA C 79 -4.09 -1.15 3.67
CA ALA C 79 -3.32 0.12 3.82
C ALA C 79 -4.25 1.30 3.55
N ALA C 80 -5.30 1.08 2.80
CA ALA C 80 -6.24 2.19 2.49
C ALA C 80 -7.01 2.59 3.77
N LEU C 81 -7.18 1.68 4.70
CA LEU C 81 -7.93 2.03 5.96
C LEU C 81 -6.96 2.51 7.04
N THR C 82 -5.77 1.99 7.06
CA THR C 82 -4.81 2.43 8.11
C THR C 82 -4.47 3.92 7.92
N VAL C 83 -4.13 4.32 6.72
CA VAL C 83 -3.80 5.76 6.48
C VAL C 83 -5.06 6.61 6.44
N ALA C 84 -6.09 6.11 5.82
CA ALA C 84 -7.34 6.89 5.70
C ALA C 84 -7.90 7.21 7.09
N CYS C 85 -7.75 6.30 8.02
CA CYS C 85 -8.28 6.54 9.39
C CYS C 85 -7.53 7.72 10.00
N ASN C 86 -6.25 7.79 9.80
CA ASN C 86 -5.46 8.91 10.39
C ASN C 86 -5.96 10.25 9.85
N ASN C 87 -6.27 10.34 8.58
CA ASN C 87 -6.72 11.63 8.00
C ASN C 87 -8.01 12.11 8.69
N PHE C 88 -8.95 11.24 8.93
CA PHE C 88 -10.21 11.68 9.59
C PHE C 88 -9.96 12.04 11.06
N PHE C 89 -8.99 11.42 11.67
CA PHE C 89 -8.70 11.72 13.11
C PHE C 89 -9.98 11.57 13.93
N TRP C 90 -9.86 11.65 15.23
CA TRP C 90 -11.07 11.53 16.10
C TRP C 90 -11.79 12.87 16.16
N GLU C 91 -11.17 13.91 15.68
CA GLU C 91 -11.82 15.25 15.71
C GLU C 91 -13.12 15.21 14.92
N ASN C 92 -13.13 14.52 13.80
CA ASN C 92 -14.37 14.43 12.98
C ASN C 92 -14.97 13.04 13.14
N SER C 93 -14.15 12.07 13.43
CA SER C 93 -14.67 10.69 13.58
C SER C 93 -13.59 9.78 14.16
N GLY D 1 5.73 -9.72 14.91
CA GLY D 1 4.60 -9.01 15.67
C GLY D 1 4.65 -7.53 15.85
N SER D 2 5.84 -6.99 16.01
CA SER D 2 5.99 -5.51 16.18
C SER D 2 6.57 -4.93 14.88
N GLU D 3 6.93 -5.78 13.97
CA GLU D 3 7.51 -5.28 12.68
C GLU D 3 6.49 -4.44 11.93
N LEU D 4 5.32 -4.98 11.71
CA LEU D 4 4.28 -4.24 10.94
C LEU D 4 3.95 -2.92 11.64
N GLU D 5 3.94 -2.91 12.94
CA GLU D 5 3.64 -1.66 13.69
C GLU D 5 4.65 -0.58 13.29
N THR D 6 5.89 -0.95 13.24
CA THR D 6 6.95 0.01 12.86
C THR D 6 6.79 0.41 11.40
N ALA D 7 6.31 -0.47 10.59
CA ALA D 7 6.20 -0.16 9.14
C ALA D 7 5.37 1.12 8.96
N MET D 8 4.26 1.20 9.63
CA MET D 8 3.39 2.40 9.53
C MET D 8 4.16 3.64 9.97
N GLU D 9 4.94 3.52 11.00
CA GLU D 9 5.73 4.68 11.50
C GLU D 9 6.72 5.15 10.43
N THR D 10 7.33 4.22 9.74
CA THR D 10 8.35 4.57 8.72
C THR D 10 7.73 5.24 7.48
N LEU D 11 6.68 4.68 6.98
CA LEU D 11 6.02 5.21 5.75
C LEU D 11 5.53 6.66 5.97
N ILE D 12 4.99 6.94 7.13
CA ILE D 12 4.46 8.31 7.38
C ILE D 12 5.59 9.28 7.77
N ASN D 13 6.62 8.83 8.40
CA ASN D 13 7.70 9.77 8.78
C ASN D 13 8.26 10.41 7.50
N VAL D 14 8.38 9.61 6.48
CA VAL D 14 8.92 10.11 5.18
C VAL D 14 7.84 10.85 4.37
N PHE D 15 6.62 10.39 4.42
CA PHE D 15 5.53 11.04 3.62
C PHE D 15 5.35 12.51 4.04
N HIS D 16 5.19 12.75 5.31
CA HIS D 16 4.97 14.13 5.81
C HIS D 16 6.25 14.95 5.73
N ALA D 17 7.39 14.32 5.80
CA ALA D 17 8.65 15.12 5.76
C ALA D 17 8.86 15.70 4.35
N HIS D 18 8.96 14.88 3.35
CA HIS D 18 9.24 15.42 1.99
C HIS D 18 8.07 16.26 1.46
N SER D 19 6.85 15.83 1.70
CA SER D 19 5.65 16.57 1.18
C SER D 19 5.46 17.91 1.86
N GLY D 20 6.08 18.13 2.98
CA GLY D 20 5.89 19.43 3.72
C GLY D 20 7.17 20.27 3.73
N LYS D 21 8.14 19.99 2.90
CA LYS D 21 9.36 20.85 2.96
C LYS D 21 9.00 22.24 2.47
N GLU D 22 8.05 22.32 1.59
CA GLU D 22 7.61 23.64 1.04
C GLU D 22 6.34 24.11 1.74
N GLY D 23 5.83 23.34 2.67
CA GLY D 23 4.60 23.75 3.39
C GLY D 23 3.36 23.50 2.54
N ASP D 24 3.34 22.46 1.76
CA ASP D 24 2.16 22.18 0.90
C ASP D 24 1.17 21.33 1.71
N LYS D 25 0.91 21.70 2.93
CA LYS D 25 -0.03 20.87 3.75
C LYS D 25 0.40 19.42 3.65
N TYR D 26 -0.52 18.51 3.42
CA TYR D 26 -0.14 17.06 3.31
C TYR D 26 -0.65 16.49 1.98
N LYS D 27 0.04 16.82 0.93
CA LYS D 27 -0.29 16.31 -0.44
C LYS D 27 1.00 16.39 -1.24
N LEU D 28 1.17 15.52 -2.20
CA LEU D 28 2.43 15.52 -3.00
C LEU D 28 2.28 16.27 -4.31
N SER D 29 3.39 16.66 -4.85
CA SER D 29 3.43 17.38 -6.14
C SER D 29 4.42 16.65 -7.02
N LYS D 30 4.41 16.88 -8.29
CA LYS D 30 5.39 16.15 -9.15
C LYS D 30 6.81 16.29 -8.58
N LYS D 31 7.18 17.46 -8.09
CA LYS D 31 8.57 17.63 -7.55
C LYS D 31 8.73 16.97 -6.16
N GLU D 32 7.69 16.89 -5.38
CA GLU D 32 7.85 16.23 -4.04
C GLU D 32 7.91 14.71 -4.26
N LEU D 33 7.18 14.23 -5.23
CA LEU D 33 7.16 12.76 -5.52
C LEU D 33 8.50 12.28 -6.12
N LYS D 34 9.10 13.05 -6.99
CA LYS D 34 10.39 12.61 -7.61
C LYS D 34 11.51 12.47 -6.57
N ASP D 35 11.58 13.37 -5.64
CA ASP D 35 12.68 13.30 -4.62
C ASP D 35 12.33 12.28 -3.54
N LEU D 36 11.07 12.10 -3.27
CA LEU D 36 10.67 11.15 -2.20
C LEU D 36 10.94 9.69 -2.59
N LEU D 37 10.69 9.31 -3.82
CA LEU D 37 10.90 7.88 -4.21
C LEU D 37 12.37 7.58 -4.54
N GLN D 38 13.04 8.48 -5.20
CA GLN D 38 14.45 8.21 -5.59
C GLN D 38 15.33 8.18 -4.34
N THR D 39 15.07 9.05 -3.40
CA THR D 39 15.92 9.11 -2.20
C THR D 39 15.55 8.00 -1.21
N GLU D 40 14.36 8.09 -0.64
CA GLU D 40 13.94 7.08 0.38
C GLU D 40 13.69 5.71 -0.25
N LEU D 41 13.10 5.65 -1.43
CA LEU D 41 12.84 4.31 -2.07
C LEU D 41 13.70 4.15 -3.33
N SER D 42 14.98 4.00 -3.13
CA SER D 42 15.93 3.80 -4.25
C SER D 42 15.91 2.32 -4.64
N SER D 43 17.01 1.84 -5.13
CA SER D 43 17.20 0.40 -5.49
C SER D 43 16.02 -0.22 -6.28
N PHE D 44 14.90 0.43 -6.42
CA PHE D 44 13.77 -0.21 -7.16
C PHE D 44 12.95 0.82 -7.94
N LEU D 45 12.14 1.59 -7.28
CA LEU D 45 11.33 2.58 -8.02
C LEU D 45 12.26 3.56 -8.73
N ASP D 46 12.02 3.80 -10.00
CA ASP D 46 12.85 4.73 -10.81
C ASP D 46 11.99 5.93 -11.19
N VAL D 47 12.59 7.08 -11.29
CA VAL D 47 11.84 8.30 -11.69
C VAL D 47 12.85 9.26 -12.33
N GLN D 48 14.04 9.29 -11.80
CA GLN D 48 15.08 10.22 -12.33
C GLN D 48 15.66 9.71 -13.66
N LYS D 49 16.08 8.48 -13.70
CA LYS D 49 16.69 7.93 -14.95
C LYS D 49 15.64 7.81 -16.07
N ASP D 50 14.44 7.39 -15.74
CA ASP D 50 13.39 7.23 -16.79
C ASP D 50 12.46 8.44 -16.78
N ALA D 51 12.62 9.33 -17.73
CA ALA D 51 11.74 10.53 -17.78
C ALA D 51 10.36 10.13 -18.25
N ASP D 52 10.29 9.18 -19.15
CA ASP D 52 8.96 8.75 -19.68
C ASP D 52 8.12 8.24 -18.50
N ALA D 53 8.75 7.55 -17.59
CA ALA D 53 8.05 7.01 -16.40
C ALA D 53 7.51 8.13 -15.51
N VAL D 54 8.21 9.21 -15.40
CA VAL D 54 7.73 10.32 -14.51
C VAL D 54 6.51 11.02 -15.09
N ASP D 55 6.61 11.52 -16.28
CA ASP D 55 5.45 12.27 -16.84
C ASP D 55 4.27 11.34 -17.09
N LYS D 56 4.51 10.17 -17.57
CA LYS D 56 3.39 9.24 -17.88
C LYS D 56 2.73 8.72 -16.59
N ILE D 57 3.50 8.42 -15.59
CA ILE D 57 2.91 7.87 -14.33
C ILE D 57 2.30 8.99 -13.50
N MET D 58 3.07 9.98 -13.22
CA MET D 58 2.58 11.10 -12.39
C MET D 58 1.37 11.80 -13.05
N LYS D 59 1.46 12.08 -14.32
CA LYS D 59 0.34 12.77 -15.01
C LYS D 59 -0.88 11.85 -15.08
N GLU D 60 -0.67 10.59 -15.34
CA GLU D 60 -1.82 9.65 -15.43
C GLU D 60 -2.17 9.15 -14.03
N LEU D 61 -1.25 9.33 -13.10
CA LEU D 61 -1.55 8.88 -11.70
C LEU D 61 -2.29 10.03 -11.02
N ASP D 62 -2.20 11.20 -11.62
CA ASP D 62 -3.00 12.36 -11.12
C ASP D 62 -4.29 12.27 -11.92
N GLU D 63 -4.76 11.08 -11.94
CA GLU D 63 -6.00 10.71 -12.66
C GLU D 63 -7.10 11.72 -12.36
N ASN D 64 -7.01 12.42 -11.25
CA ASN D 64 -8.05 13.43 -10.93
C ASN D 64 -7.67 14.74 -11.61
N GLY D 65 -6.57 14.73 -12.30
CA GLY D 65 -6.11 15.94 -13.04
C GLY D 65 -5.74 17.09 -12.08
N ASP D 66 -5.22 16.78 -10.93
CA ASP D 66 -4.83 17.86 -9.96
C ASP D 66 -3.32 18.14 -10.02
N GLY D 67 -2.55 17.22 -10.55
CA GLY D 67 -1.08 17.46 -10.64
C GLY D 67 -0.41 17.16 -9.30
N GLU D 68 -1.21 16.76 -8.32
CA GLU D 68 -0.69 16.43 -6.98
C GLU D 68 -1.15 15.01 -6.67
N VAL D 69 -0.33 14.24 -6.04
CA VAL D 69 -0.71 12.82 -5.74
C VAL D 69 -1.06 12.68 -4.26
N ASP D 70 -2.22 12.15 -4.00
CA ASP D 70 -2.65 11.97 -2.59
C ASP D 70 -1.95 10.75 -2.01
N PHE D 71 -1.88 10.64 -0.72
CA PHE D 71 -1.20 9.46 -0.11
C PHE D 71 -1.87 8.16 -0.56
N GLN D 72 -3.14 8.17 -0.88
CA GLN D 72 -3.77 6.90 -1.33
C GLN D 72 -3.23 6.52 -2.73
N GLU D 73 -3.05 7.48 -3.59
CA GLU D 73 -2.53 7.18 -4.95
C GLU D 73 -1.03 6.85 -4.89
N PHE D 74 -0.30 7.57 -4.09
CA PHE D 74 1.17 7.35 -3.97
C PHE D 74 1.50 5.99 -3.31
N VAL D 75 0.74 5.63 -2.32
CA VAL D 75 1.00 4.33 -1.63
C VAL D 75 0.53 3.16 -2.49
N VAL D 76 -0.50 3.35 -3.26
CA VAL D 76 -1.04 2.24 -4.10
C VAL D 76 -0.09 1.92 -5.28
N LEU D 77 0.17 2.86 -6.14
CA LEU D 77 1.02 2.56 -7.33
C LEU D 77 2.49 2.31 -6.94
N VAL D 78 3.02 3.06 -6.03
CA VAL D 78 4.45 2.87 -5.65
C VAL D 78 4.63 1.52 -4.93
N ALA D 79 3.71 1.16 -4.09
CA ALA D 79 3.84 -0.15 -3.37
C ALA D 79 3.52 -1.29 -4.36
N ALA D 80 2.77 -1.01 -5.38
CA ALA D 80 2.42 -2.06 -6.38
C ALA D 80 3.65 -2.45 -7.20
N LEU D 81 4.65 -1.60 -7.29
CA LEU D 81 5.88 -1.94 -8.07
C LEU D 81 6.95 -2.51 -7.14
N THR D 82 7.00 -2.03 -5.94
CA THR D 82 8.04 -2.54 -5.00
C THR D 82 7.81 -4.03 -4.72
N VAL D 83 6.59 -4.41 -4.39
CA VAL D 83 6.31 -5.85 -4.11
C VAL D 83 6.23 -6.64 -5.40
N ALA D 84 5.61 -6.09 -6.39
CA ALA D 84 5.46 -6.82 -7.67
C ALA D 84 6.83 -7.15 -8.26
N CYS D 85 7.78 -6.28 -8.09
CA CYS D 85 9.13 -6.54 -8.64
C CYS D 85 9.72 -7.77 -7.96
N ASN D 86 9.53 -7.88 -6.66
CA ASN D 86 10.09 -9.05 -5.92
C ASN D 86 9.51 -10.36 -6.47
N ASN D 87 8.23 -10.38 -6.77
CA ASN D 87 7.61 -11.65 -7.27
C ASN D 87 8.27 -12.10 -8.57
N PHE D 88 8.54 -11.20 -9.49
CA PHE D 88 9.18 -11.60 -10.78
C PHE D 88 10.63 -12.02 -10.54
N PHE D 89 11.27 -11.46 -9.56
CA PHE D 89 12.69 -11.82 -9.30
C PHE D 89 13.52 -11.65 -10.57
N TRP D 90 14.81 -11.77 -10.48
CA TRP D 90 15.67 -11.62 -11.70
C TRP D 90 15.68 -12.95 -12.47
N GLU D 91 15.19 -13.99 -11.88
CA GLU D 91 15.16 -15.31 -12.58
C GLU D 91 14.36 -15.19 -13.87
N ASN D 92 13.26 -14.46 -13.84
CA ASN D 92 12.43 -14.30 -15.07
C ASN D 92 12.64 -12.89 -15.62
N SER D 93 12.96 -11.96 -14.76
CA SER D 93 13.15 -10.57 -15.23
C SER D 93 13.77 -9.72 -14.12
N LYS A 1 -15.52 -0.40 -7.23
CA LYS A 1 -14.73 -0.53 -5.98
C LYS A 1 -15.21 0.51 -4.97
N LYS A 2 -15.63 1.65 -5.44
CA LYS A 2 -16.12 2.72 -4.53
C LYS A 2 -17.31 2.20 -3.71
N ALA A 3 -18.20 1.48 -4.33
CA ALA A 3 -19.38 0.96 -3.60
C ALA A 3 -18.94 0.06 -2.44
N VAL A 4 -18.01 -0.82 -2.70
CA VAL A 4 -17.53 -1.73 -1.61
C VAL A 4 -16.77 -0.91 -0.57
N TRP A 5 -15.91 -0.02 -1.00
CA TRP A 5 -15.14 0.81 -0.03
C TRP A 5 -16.09 1.62 0.84
N HIS A 6 -17.06 2.27 0.23
CA HIS A 6 -18.02 3.09 1.03
C HIS A 6 -18.81 2.19 1.97
N LYS A 7 -19.22 1.03 1.51
CA LYS A 7 -20.00 0.11 2.38
C LYS A 7 -19.18 -0.25 3.62
N LEU A 8 -17.93 -0.53 3.44
CA LEU A 8 -17.08 -0.91 4.60
C LEU A 8 -17.03 0.22 5.64
N LEU A 9 -16.71 1.41 5.21
CA LEU A 9 -16.63 2.53 6.19
C LEU A 9 -18.03 2.91 6.70
N SER A 10 -19.01 2.92 5.84
CA SER A 10 -20.38 3.27 6.30
C SER A 10 -20.86 2.26 7.34
N LYS A 11 -20.62 1.00 7.10
CA LYS A 11 -21.05 -0.04 8.09
C LYS A 11 -20.22 0.06 9.36
N GLN A 12 -18.95 0.31 9.22
CA GLN A 12 -18.07 0.43 10.43
C GLN A 12 -18.59 1.56 11.33
N LYS B 1 -7.38 1.12 -15.35
CA LYS B 1 -6.11 1.19 -14.58
C LYS B 1 -5.13 0.13 -15.11
N LYS B 2 -5.64 -0.97 -15.56
CA LYS B 2 -4.75 -2.05 -16.09
C LYS B 2 -3.94 -1.52 -17.28
N ALA B 3 -4.56 -0.75 -18.13
CA ALA B 3 -3.82 -0.21 -19.32
C ALA B 3 -2.64 0.64 -18.84
N VAL B 4 -2.86 1.51 -17.90
CA VAL B 4 -1.75 2.37 -17.40
C VAL B 4 -0.72 1.50 -16.68
N TRP B 5 -1.16 0.60 -15.86
CA TRP B 5 -0.21 -0.28 -15.12
C TRP B 5 0.63 -1.09 -16.12
N HIS B 6 0.01 -1.69 -17.09
CA HIS B 6 0.76 -2.50 -18.08
C HIS B 6 1.72 -1.59 -18.87
N LYS B 7 1.28 -0.41 -19.22
CA LYS B 7 2.16 0.51 -20.00
C LYS B 7 3.42 0.81 -19.18
N LEU B 8 3.27 1.07 -17.91
CA LEU B 8 4.45 1.39 -17.06
C LEU B 8 5.45 0.22 -17.07
N LEU B 9 5.01 -0.97 -16.78
CA LEU B 9 5.96 -2.11 -16.75
C LEU B 9 6.44 -2.45 -18.17
N SER B 10 5.57 -2.40 -19.14
CA SER B 10 5.99 -2.73 -20.53
C SER B 10 7.06 -1.72 -21.00
N LYS B 11 6.86 -0.47 -20.71
CA LYS B 11 7.85 0.56 -21.12
C LYS B 11 9.14 0.39 -20.31
N GLN B 12 9.02 0.11 -19.05
CA GLN B 12 10.23 -0.07 -18.19
C GLN B 12 11.09 -1.20 -18.76
N GLY C 1 16.25 9.49 3.92
CA GLY C 1 15.60 8.62 4.99
C GLY C 1 15.74 7.13 4.90
N SER C 2 15.88 6.47 6.03
CA SER C 2 15.99 4.97 6.03
C SER C 2 14.71 4.37 6.60
N GLU C 3 13.81 5.20 7.03
CA GLU C 3 12.54 4.68 7.61
C GLU C 3 11.75 3.95 6.52
N LEU C 4 11.53 4.61 5.41
CA LEU C 4 10.73 4.01 4.31
C LEU C 4 11.39 2.71 3.82
N GLU C 5 12.70 2.71 3.73
CA GLU C 5 13.42 1.49 3.28
C GLU C 5 13.06 0.31 4.18
N THR C 6 13.13 0.53 5.45
CA THR C 6 12.80 -0.54 6.42
C THR C 6 11.33 -0.90 6.30
N ALA C 7 10.53 0.04 5.91
CA ALA C 7 9.06 -0.23 5.82
C ALA C 7 8.83 -1.43 4.89
N MET C 8 9.43 -1.43 3.74
CA MET C 8 9.23 -2.57 2.80
C MET C 8 9.71 -3.86 3.47
N GLU C 9 10.79 -3.79 4.19
CA GLU C 9 11.33 -5.00 4.86
C GLU C 9 10.31 -5.56 5.87
N THR C 10 9.66 -4.68 6.56
CA THR C 10 8.67 -5.09 7.60
C THR C 10 7.41 -5.72 6.98
N LEU C 11 6.87 -5.10 5.98
CA LEU C 11 5.62 -5.62 5.34
C LEU C 11 5.86 -7.05 4.84
N ILE C 12 7.01 -7.30 4.30
CA ILE C 12 7.30 -8.65 3.74
C ILE C 12 7.68 -9.66 4.84
N ASN C 13 8.27 -9.24 5.93
CA ASN C 13 8.62 -10.24 6.99
C ASN C 13 7.34 -10.88 7.54
N VAL C 14 6.33 -10.10 7.70
CA VAL C 14 5.03 -10.62 8.25
C VAL C 14 4.19 -11.30 7.14
N PHE C 15 4.21 -10.77 5.95
CA PHE C 15 3.38 -11.37 4.85
C PHE C 15 3.78 -12.83 4.63
N HIS C 16 5.06 -13.08 4.45
CA HIS C 16 5.52 -14.48 4.18
C HIS C 16 5.52 -15.32 5.46
N ALA C 17 5.59 -14.73 6.62
CA ALA C 17 5.62 -15.56 7.85
C ALA C 17 4.23 -16.15 8.14
N HIS C 18 3.24 -15.33 8.37
CA HIS C 18 1.91 -15.91 8.69
C HIS C 18 1.35 -16.66 7.48
N SER C 19 1.54 -16.14 6.30
CA SER C 19 1.03 -16.79 5.06
C SER C 19 1.75 -18.10 4.79
N GLY C 20 2.87 -18.33 5.42
CA GLY C 20 3.62 -19.59 5.18
C GLY C 20 3.14 -20.63 6.16
N LYS C 21 2.01 -20.41 6.77
CA LYS C 21 1.46 -21.39 7.72
C LYS C 21 0.49 -22.26 6.94
N GLU C 22 -0.64 -21.69 6.58
CA GLU C 22 -1.67 -22.42 5.78
C GLU C 22 -1.80 -21.77 4.40
N GLY C 23 -0.70 -21.45 3.77
CA GLY C 23 -0.76 -20.81 2.42
C GLY C 23 -0.61 -21.86 1.34
N ASP C 24 -1.30 -21.71 0.24
CA ASP C 24 -1.19 -22.70 -0.86
C ASP C 24 0.06 -22.40 -1.63
N LYS C 25 1.09 -22.03 -0.92
CA LYS C 25 2.36 -21.69 -1.60
C LYS C 25 2.14 -20.44 -2.45
N TYR C 26 2.16 -19.28 -1.80
CA TYR C 26 2.00 -17.95 -2.49
C TYR C 26 0.59 -17.34 -2.39
N LYS C 27 -0.29 -17.84 -1.55
CA LYS C 27 -1.64 -17.18 -1.46
C LYS C 27 -2.22 -17.34 -0.04
N LEU C 28 -3.04 -16.40 0.37
CA LEU C 28 -3.64 -16.43 1.74
C LEU C 28 -5.02 -17.07 1.70
N SER C 29 -5.53 -17.36 2.86
CA SER C 29 -6.89 -17.95 2.99
C SER C 29 -7.67 -17.09 3.97
N LYS C 30 -8.97 -17.15 3.95
CA LYS C 30 -9.73 -16.29 4.90
C LYS C 30 -9.17 -16.44 6.33
N LYS C 31 -8.80 -17.61 6.72
CA LYS C 31 -8.25 -17.82 8.10
C LYS C 31 -6.84 -17.22 8.29
N GLU C 32 -6.05 -17.16 7.24
CA GLU C 32 -4.68 -16.57 7.42
C GLU C 32 -4.78 -15.04 7.46
N LEU C 33 -5.67 -14.48 6.71
CA LEU C 33 -5.82 -12.99 6.68
C LEU C 33 -6.43 -12.46 8.00
N LYS C 34 -7.44 -13.10 8.52
CA LYS C 34 -8.06 -12.62 9.80
C LYS C 34 -7.04 -12.62 10.94
N ASP C 35 -6.27 -13.66 11.05
CA ASP C 35 -5.24 -13.73 12.14
C ASP C 35 -4.12 -12.75 11.83
N LEU C 36 -3.83 -12.54 10.59
CA LEU C 36 -2.73 -11.63 10.20
C LEU C 36 -2.97 -10.18 10.66
N LEU C 37 -4.18 -9.68 10.57
CA LEU C 37 -4.43 -8.25 10.97
C LEU C 37 -4.65 -8.09 12.48
N GLN C 38 -5.32 -9.01 13.11
CA GLN C 38 -5.60 -8.86 14.56
C GLN C 38 -4.32 -9.04 15.36
N THR C 39 -3.59 -10.08 15.07
CA THR C 39 -2.37 -10.36 15.86
C THR C 39 -1.25 -9.33 15.59
N GLU C 40 -1.07 -8.93 14.35
CA GLU C 40 0.06 -7.99 14.03
C GLU C 40 -0.44 -6.58 13.74
N LEU C 41 -1.62 -6.40 13.20
CA LEU C 41 -2.12 -5.01 12.90
C LEU C 41 -3.34 -4.69 13.78
N SER C 42 -3.08 -4.55 15.04
CA SER C 42 -4.16 -4.18 16.00
C SER C 42 -4.37 -2.68 15.95
N SER C 43 -4.75 -2.11 17.05
CA SER C 43 -4.92 -0.62 17.18
C SER C 43 -5.75 0.03 16.06
N PHE C 44 -5.88 -0.59 14.89
CA PHE C 44 -6.65 0.07 13.80
C PHE C 44 -7.48 -0.95 13.00
N LEU C 45 -6.84 -1.92 12.39
CA LEU C 45 -7.64 -2.90 11.58
C LEU C 45 -8.33 -3.89 12.52
N ASP C 46 -9.60 -4.11 12.31
CA ASP C 46 -10.37 -5.07 13.17
C ASP C 46 -11.04 -6.08 12.27
N VAL C 47 -11.39 -7.20 12.83
CA VAL C 47 -12.04 -8.28 12.04
C VAL C 47 -12.77 -9.18 13.03
N GLN C 48 -12.19 -9.35 14.19
CA GLN C 48 -12.78 -10.25 15.21
C GLN C 48 -14.00 -9.62 15.90
N LYS C 49 -13.96 -8.37 16.23
CA LYS C 49 -15.11 -7.75 16.94
C LYS C 49 -16.30 -7.62 15.98
N ASP C 50 -16.04 -7.34 14.73
CA ASP C 50 -17.15 -7.20 13.73
C ASP C 50 -17.14 -8.36 12.75
N ALA C 51 -18.05 -9.29 12.90
CA ALA C 51 -18.11 -10.44 11.97
C ALA C 51 -18.57 -9.95 10.60
N ASP C 52 -19.45 -8.99 10.57
CA ASP C 52 -19.94 -8.47 9.26
C ASP C 52 -18.75 -7.93 8.47
N ALA C 53 -17.85 -7.27 9.14
CA ALA C 53 -16.65 -6.71 8.46
C ALA C 53 -15.83 -7.83 7.82
N VAL C 54 -15.74 -8.95 8.47
CA VAL C 54 -14.93 -10.08 7.94
C VAL C 54 -15.57 -10.71 6.70
N ASP C 55 -16.77 -11.18 6.80
CA ASP C 55 -17.40 -11.86 5.63
C ASP C 55 -17.53 -10.92 4.43
N LYS C 56 -17.94 -9.71 4.67
CA LYS C 56 -18.14 -8.78 3.54
C LYS C 56 -16.81 -8.35 2.93
N ILE C 57 -15.81 -8.12 3.73
CA ILE C 57 -14.50 -7.65 3.17
C ILE C 57 -13.74 -8.81 2.54
N MET C 58 -13.57 -9.86 3.29
CA MET C 58 -12.80 -11.02 2.78
C MET C 58 -13.47 -11.60 1.51
N LYS C 59 -14.74 -11.81 1.55
CA LYS C 59 -15.43 -12.40 0.37
C LYS C 59 -15.42 -11.42 -0.81
N GLU C 60 -15.60 -10.15 -0.55
CA GLU C 60 -15.61 -9.16 -1.66
C GLU C 60 -14.19 -8.66 -1.93
N LEU C 61 -13.28 -8.87 -1.00
CA LEU C 61 -11.88 -8.40 -1.27
C LEU C 61 -11.24 -9.47 -2.15
N ASP C 62 -11.89 -10.62 -2.22
CA ASP C 62 -11.47 -11.71 -3.13
C ASP C 62 -12.32 -11.50 -4.38
N GLU C 63 -12.49 -10.24 -4.64
CA GLU C 63 -13.29 -9.75 -5.79
C GLU C 63 -13.14 -10.66 -7.00
N ASN C 64 -12.09 -11.43 -7.09
CA ASN C 64 -11.94 -12.32 -8.27
C ASN C 64 -12.69 -13.62 -8.02
N GLY C 65 -13.21 -13.78 -6.83
CA GLY C 65 -13.98 -15.01 -6.53
C GLY C 65 -13.05 -16.13 -6.10
N ASP C 66 -11.93 -15.80 -5.53
CA ASP C 66 -10.98 -16.83 -5.04
C ASP C 66 -11.06 -16.77 -3.54
N GLY C 67 -11.52 -17.75 -2.85
CA GLY C 67 -11.60 -17.60 -1.37
C GLY C 67 -10.20 -17.40 -0.77
N GLU C 68 -9.23 -17.07 -1.60
CA GLU C 68 -7.85 -16.84 -1.12
C GLU C 68 -7.49 -15.40 -1.52
N VAL C 69 -6.78 -14.70 -0.68
CA VAL C 69 -6.44 -13.28 -0.98
C VAL C 69 -4.98 -13.13 -1.41
N ASP C 70 -4.77 -12.43 -2.50
CA ASP C 70 -3.40 -12.22 -3.03
C ASP C 70 -2.70 -11.12 -2.24
N PHE C 71 -1.40 -11.11 -2.23
CA PHE C 71 -0.65 -10.06 -1.49
C PHE C 71 -1.01 -8.67 -2.04
N GLN C 72 -1.16 -8.54 -3.33
CA GLN C 72 -1.48 -7.21 -3.92
C GLN C 72 -2.81 -6.67 -3.35
N GLU C 73 -3.80 -7.51 -3.21
CA GLU C 73 -5.12 -7.03 -2.67
C GLU C 73 -4.98 -6.64 -1.20
N PHE C 74 -4.24 -7.40 -0.45
CA PHE C 74 -4.07 -7.13 1.01
C PHE C 74 -3.39 -5.78 1.27
N VAL C 75 -2.40 -5.44 0.52
CA VAL C 75 -1.67 -4.16 0.77
C VAL C 75 -2.55 -2.95 0.39
N VAL C 76 -3.35 -3.07 -0.63
CA VAL C 76 -4.20 -1.92 -1.05
C VAL C 76 -5.32 -1.63 -0.03
N LEU C 77 -6.19 -2.56 0.21
CA LEU C 77 -7.34 -2.28 1.14
C LEU C 77 -6.89 -2.14 2.60
N VAL C 78 -5.98 -2.96 3.06
CA VAL C 78 -5.57 -2.87 4.49
C VAL C 78 -4.81 -1.57 4.73
N ALA C 79 -3.96 -1.18 3.83
CA ALA C 79 -3.20 0.08 4.02
C ALA C 79 -4.15 1.27 3.82
N ALA C 80 -5.18 1.07 3.05
CA ALA C 80 -6.17 2.17 2.82
C ALA C 80 -6.86 2.51 4.14
N LEU C 81 -6.95 1.57 5.04
CA LEU C 81 -7.63 1.83 6.34
C LEU C 81 -6.59 2.26 7.38
N THR C 82 -5.36 1.86 7.20
CA THR C 82 -4.30 2.24 8.18
C THR C 82 -4.10 3.77 8.18
N VAL C 83 -3.83 4.38 7.04
CA VAL C 83 -3.62 5.85 7.01
C VAL C 83 -4.97 6.59 7.02
N ALA C 84 -5.97 6.05 6.40
CA ALA C 84 -7.29 6.74 6.37
C ALA C 84 -7.84 6.90 7.80
N CYS C 85 -7.68 5.90 8.61
CA CYS C 85 -8.18 5.98 10.01
C CYS C 85 -7.39 7.04 10.77
N ASN C 86 -6.10 7.11 10.55
CA ASN C 86 -5.27 8.12 11.25
C ASN C 86 -5.76 9.53 10.93
N ASN C 87 -6.13 9.78 9.71
CA ASN C 87 -6.58 11.15 9.32
C ASN C 87 -7.80 11.55 10.16
N PHE C 88 -8.71 10.66 10.41
CA PHE C 88 -9.90 11.02 11.22
C PHE C 88 -9.46 11.30 12.66
N PHE C 89 -8.54 10.51 13.17
CA PHE C 89 -8.06 10.75 14.57
C PHE C 89 -9.26 10.73 15.53
N TRP C 90 -9.61 9.57 16.01
CA TRP C 90 -10.76 9.47 16.96
C TRP C 90 -10.49 10.28 18.22
N GLU C 91 -9.24 10.54 18.50
CA GLU C 91 -8.91 11.32 19.73
C GLU C 91 -9.53 12.72 19.67
N ASN C 92 -10.32 13.00 18.67
CA ASN C 92 -10.96 14.34 18.58
C ASN C 92 -12.23 14.34 19.43
N SER C 93 -12.56 13.21 19.99
CA SER C 93 -13.77 13.10 20.83
C SER C 93 -13.75 14.19 21.91
N GLY D 1 3.82 -10.25 15.87
CA GLY D 1 4.88 -9.37 15.19
C GLY D 1 4.85 -7.90 15.39
N SER D 2 6.00 -7.28 15.54
CA SER D 2 6.07 -5.79 15.72
C SER D 2 6.65 -5.17 14.45
N GLU D 3 7.04 -5.98 13.51
CA GLU D 3 7.61 -5.43 12.25
C GLU D 3 6.54 -4.63 11.50
N LEU D 4 5.41 -5.24 11.28
CA LEU D 4 4.31 -4.56 10.53
C LEU D 4 3.88 -3.29 11.24
N GLU D 5 3.81 -3.32 12.54
CA GLU D 5 3.41 -2.11 13.32
C GLU D 5 4.34 -0.96 12.99
N THR D 6 5.61 -1.22 13.03
CA THR D 6 6.60 -0.18 12.73
C THR D 6 6.47 0.23 11.27
N ALA D 7 6.02 -0.66 10.44
CA ALA D 7 5.96 -0.32 8.99
C ALA D 7 5.09 0.92 8.80
N MET D 8 3.94 0.95 9.42
CA MET D 8 3.04 2.12 9.28
C MET D 8 3.76 3.36 9.80
N GLU D 9 4.48 3.22 10.87
CA GLU D 9 5.22 4.39 11.44
C GLU D 9 6.23 4.94 10.43
N THR D 10 6.88 4.07 9.72
CA THR D 10 7.92 4.47 8.75
C THR D 10 7.31 5.17 7.52
N LEU D 11 6.28 4.61 6.96
CA LEU D 11 5.64 5.20 5.76
C LEU D 11 5.20 6.63 6.05
N ILE D 12 4.68 6.86 7.21
CA ILE D 12 4.17 8.23 7.57
C ILE D 12 5.33 9.18 7.94
N ASN D 13 6.38 8.70 8.53
CA ASN D 13 7.50 9.63 8.90
C ASN D 13 8.05 10.30 7.64
N VAL D 14 8.17 9.54 6.58
CA VAL D 14 8.73 10.10 5.30
C VAL D 14 7.64 10.86 4.51
N PHE D 15 6.43 10.38 4.52
CA PHE D 15 5.34 11.05 3.74
C PHE D 15 5.18 12.51 4.19
N HIS D 16 5.02 12.71 5.47
CA HIS D 16 4.81 14.09 6.00
C HIS D 16 6.12 14.89 6.00
N ALA D 17 7.26 14.25 6.04
CA ALA D 17 8.52 15.04 6.08
C ALA D 17 8.82 15.67 4.72
N HIS D 18 9.00 14.88 3.68
CA HIS D 18 9.32 15.49 2.37
C HIS D 18 8.13 16.31 1.85
N SER D 19 6.93 15.81 2.05
CA SER D 19 5.71 16.54 1.58
C SER D 19 5.50 17.83 2.36
N GLY D 20 6.15 17.99 3.47
CA GLY D 20 5.98 19.23 4.28
C GLY D 20 7.00 20.25 3.82
N LYS D 21 7.58 20.05 2.66
CA LYS D 21 8.56 21.02 2.13
C LYS D 21 7.79 21.95 1.21
N GLU D 22 7.40 21.44 0.07
CA GLU D 22 6.62 22.23 -0.92
C GLU D 22 5.22 21.64 -1.05
N GLY D 23 4.59 21.31 0.05
CA GLY D 23 3.21 20.72 -0.02
C GLY D 23 2.17 21.80 0.18
N ASP D 24 1.06 21.71 -0.49
CA ASP D 24 0.01 22.74 -0.34
C ASP D 24 -0.77 22.42 0.92
N LYS D 25 -0.07 21.98 1.92
CA LYS D 25 -0.74 21.63 3.19
C LYS D 25 -1.63 20.41 2.93
N TYR D 26 -1.03 19.23 2.91
CA TYR D 26 -1.77 17.94 2.71
C TYR D 26 -1.71 17.38 1.27
N LYS D 27 -0.87 17.87 0.39
CA LYS D 27 -0.82 17.27 -0.98
C LYS D 27 0.60 17.39 -1.57
N LEU D 28 0.96 16.48 -2.43
CA LEU D 28 2.32 16.47 -3.05
C LEU D 28 2.30 17.17 -4.41
N SER D 29 3.46 17.44 -4.92
CA SER D 29 3.58 18.07 -6.26
C SER D 29 4.52 17.20 -7.08
N LYS D 30 4.49 17.30 -8.38
CA LYS D 30 5.40 16.45 -9.20
C LYS D 30 6.83 16.51 -8.64
N LYS D 31 7.28 17.67 -8.23
CA LYS D 31 8.67 17.80 -7.70
C LYS D 31 8.84 17.14 -6.31
N GLU D 32 7.81 17.09 -5.50
CA GLU D 32 7.98 16.45 -4.17
C GLU D 32 7.97 14.92 -4.32
N LEU D 33 7.19 14.42 -5.22
CA LEU D 33 7.11 12.94 -5.43
C LEU D 33 8.39 12.38 -6.08
N LYS D 34 8.92 13.04 -7.07
CA LYS D 34 10.17 12.54 -7.72
C LYS D 34 11.33 12.45 -6.72
N ASP D 35 11.50 13.46 -5.92
CA ASP D 35 12.59 13.46 -4.90
C ASP D 35 12.27 12.45 -3.81
N LEU D 36 11.02 12.27 -3.52
CA LEU D 36 10.62 11.33 -2.44
C LEU D 36 11.01 9.87 -2.74
N LEU D 37 10.89 9.43 -3.96
CA LEU D 37 11.23 7.99 -4.27
C LEU D 37 12.73 7.79 -4.53
N GLN D 38 13.38 8.70 -5.18
CA GLN D 38 14.82 8.52 -5.47
C GLN D 38 15.65 8.61 -4.21
N THR D 39 15.41 9.63 -3.43
CA THR D 39 16.22 9.84 -2.21
C THR D 39 15.93 8.79 -1.12
N GLU D 40 14.69 8.42 -0.95
CA GLU D 40 14.34 7.46 0.15
C GLU D 40 13.98 6.07 -0.39
N LEU D 41 13.43 5.97 -1.58
CA LEU D 41 13.07 4.61 -2.11
C LEU D 41 13.92 4.29 -3.35
N SER D 42 15.18 4.11 -3.13
CA SER D 42 16.11 3.75 -4.23
C SER D 42 15.99 2.24 -4.50
N SER D 43 17.08 1.64 -4.91
CA SER D 43 17.14 0.16 -5.14
C SER D 43 15.98 -0.41 -5.98
N PHE D 44 14.84 0.24 -6.07
CA PHE D 44 13.71 -0.34 -6.85
C PHE D 44 12.95 0.73 -7.62
N LEU D 45 12.38 1.71 -6.95
CA LEU D 45 11.60 2.74 -7.69
C LEU D 45 12.56 3.73 -8.36
N ASP D 46 12.35 4.02 -9.62
CA ASP D 46 13.23 4.95 -10.36
C ASP D 46 12.36 6.03 -10.97
N VAL D 47 12.95 7.13 -11.29
CA VAL D 47 12.20 8.27 -11.91
C VAL D 47 13.21 9.16 -12.61
N GLN D 48 14.38 9.26 -12.04
CA GLN D 48 15.43 10.15 -12.62
C GLN D 48 16.08 9.54 -13.87
N LYS D 49 16.37 8.27 -13.86
CA LYS D 49 17.03 7.68 -15.06
C LYS D 49 16.06 7.63 -16.23
N ASP D 50 14.79 7.38 -15.96
CA ASP D 50 13.78 7.31 -17.06
C ASP D 50 12.85 8.51 -17.00
N ALA D 51 13.03 9.46 -17.88
CA ALA D 51 12.13 10.64 -17.88
C ALA D 51 10.74 10.23 -18.34
N ASP D 52 10.66 9.30 -19.25
CA ASP D 52 9.32 8.86 -19.73
C ASP D 52 8.52 8.31 -18.55
N ALA D 53 9.17 7.59 -17.70
CA ALA D 53 8.49 7.01 -16.50
C ALA D 53 7.93 8.12 -15.61
N VAL D 54 8.60 9.23 -15.52
CA VAL D 54 8.12 10.32 -14.66
C VAL D 54 6.90 11.03 -15.25
N ASP D 55 7.00 11.54 -16.44
CA ASP D 55 5.86 12.28 -17.02
C ASP D 55 4.63 11.39 -17.18
N LYS D 56 4.81 10.20 -17.64
CA LYS D 56 3.64 9.29 -17.86
C LYS D 56 3.03 8.85 -16.51
N ILE D 57 3.84 8.55 -15.54
CA ILE D 57 3.28 8.05 -14.25
C ILE D 57 2.70 9.21 -13.44
N MET D 58 3.49 10.23 -13.24
CA MET D 58 3.03 11.38 -12.43
C MET D 58 1.78 12.02 -13.04
N LYS D 59 1.81 12.28 -14.31
CA LYS D 59 0.65 12.95 -14.96
C LYS D 59 -0.57 12.01 -14.97
N GLU D 60 -0.36 10.74 -15.20
CA GLU D 60 -1.51 9.79 -15.23
C GLU D 60 -1.78 9.25 -13.83
N LEU D 61 -0.84 9.39 -12.92
CA LEU D 61 -1.10 8.88 -11.53
C LEU D 61 -1.94 9.95 -10.84
N ASP D 62 -1.96 11.12 -11.46
CA ASP D 62 -2.82 12.23 -10.98
C ASP D 62 -4.09 12.10 -11.82
N GLU D 63 -4.40 10.86 -12.03
CA GLU D 63 -5.57 10.44 -12.83
C GLU D 63 -6.76 11.38 -12.62
N ASN D 64 -6.80 12.13 -11.55
CA ASN D 64 -7.95 13.05 -11.34
C ASN D 64 -7.65 14.37 -12.06
N GLY D 65 -6.48 14.51 -12.57
CA GLY D 65 -6.13 15.75 -13.32
C GLY D 65 -5.66 16.82 -12.34
N ASP D 66 -5.07 16.42 -11.25
CA ASP D 66 -4.55 17.41 -10.27
C ASP D 66 -3.04 17.28 -10.37
N GLY D 67 -2.33 18.27 -10.81
CA GLY D 67 -0.85 18.07 -10.91
C GLY D 67 -0.25 17.78 -9.53
N GLU D 68 -1.07 17.45 -8.56
CA GLU D 68 -0.58 17.14 -7.19
C GLU D 68 -1.02 15.71 -6.87
N VAL D 69 -0.20 14.96 -6.22
CA VAL D 69 -0.54 13.53 -5.92
C VAL D 69 -0.97 13.35 -4.46
N ASP D 70 -2.08 12.69 -4.27
CA ASP D 70 -2.59 12.45 -2.89
C ASP D 70 -1.83 11.28 -2.24
N PHE D 71 -1.82 11.23 -0.95
CA PHE D 71 -1.10 10.12 -0.25
C PHE D 71 -1.71 8.76 -0.65
N GLN D 72 -3.01 8.69 -0.79
CA GLN D 72 -3.65 7.39 -1.15
C GLN D 72 -3.12 6.89 -2.50
N GLU D 73 -2.95 7.75 -3.46
CA GLU D 73 -2.46 7.31 -4.81
C GLU D 73 -1.00 6.86 -4.71
N PHE D 74 -0.21 7.57 -3.95
CA PHE D 74 1.24 7.23 -3.81
C PHE D 74 1.45 5.85 -3.19
N VAL D 75 0.72 5.50 -2.19
CA VAL D 75 0.92 4.18 -1.52
C VAL D 75 0.48 3.02 -2.44
N VAL D 76 -0.53 3.21 -3.22
CA VAL D 76 -1.02 2.11 -4.09
C VAL D 76 -0.03 1.82 -5.25
N LEU D 77 0.24 2.78 -6.09
CA LEU D 77 1.13 2.50 -7.25
C LEU D 77 2.60 2.29 -6.83
N VAL D 78 3.10 3.06 -5.90
CA VAL D 78 4.54 2.91 -5.51
C VAL D 78 4.74 1.57 -4.80
N ALA D 79 3.83 1.19 -3.96
CA ALA D 79 3.99 -0.11 -3.25
C ALA D 79 3.74 -1.26 -4.23
N ALA D 80 2.97 -1.01 -5.25
CA ALA D 80 2.68 -2.06 -6.26
C ALA D 80 3.96 -2.39 -7.03
N LEU D 81 4.91 -1.50 -7.06
CA LEU D 81 6.19 -1.77 -7.77
C LEU D 81 7.23 -2.29 -6.77
N THR D 82 7.07 -1.93 -5.53
CA THR D 82 8.04 -2.38 -4.50
C THR D 82 7.99 -3.93 -4.35
N VAL D 83 6.84 -4.49 -4.09
CA VAL D 83 6.76 -5.97 -3.94
C VAL D 83 6.72 -6.66 -5.31
N ALA D 84 6.10 -6.06 -6.28
CA ALA D 84 6.03 -6.69 -7.63
C ALA D 84 7.43 -6.88 -8.20
N CYS D 85 8.29 -5.92 -8.00
CA CYS D 85 9.69 -6.04 -8.54
C CYS D 85 10.41 -7.16 -7.79
N ASN D 86 10.21 -7.26 -6.51
CA ASN D 86 10.89 -8.33 -5.72
C ASN D 86 10.51 -9.71 -6.26
N ASN D 87 9.26 -9.89 -6.62
CA ASN D 87 8.83 -11.23 -7.12
C ASN D 87 9.63 -11.62 -8.36
N PHE D 88 9.90 -10.69 -9.25
CA PHE D 88 10.69 -11.06 -10.45
C PHE D 88 12.12 -11.40 -10.04
N PHE D 89 12.67 -10.67 -9.11
CA PHE D 89 14.06 -10.97 -8.66
C PHE D 89 15.01 -10.96 -9.87
N TRP D 90 15.53 -9.80 -10.19
CA TRP D 90 16.46 -9.68 -11.35
C TRP D 90 17.70 -10.55 -11.12
N GLU D 91 17.98 -10.88 -9.89
CA GLU D 91 19.19 -11.71 -9.60
C GLU D 91 19.06 -13.08 -10.28
N ASN D 92 18.05 -13.29 -11.07
CA ASN D 92 17.90 -14.61 -11.75
C ASN D 92 18.74 -14.59 -13.02
N SER D 93 19.32 -13.47 -13.32
CA SER D 93 20.15 -13.36 -14.55
C SER D 93 21.19 -14.48 -14.58
N LYS A 1 -15.45 0.68 -6.29
CA LYS A 1 -15.09 0.19 -4.92
C LYS A 1 -15.30 1.32 -3.90
N LYS A 2 -15.69 2.47 -4.37
CA LYS A 2 -15.91 3.62 -3.44
C LYS A 2 -16.99 3.25 -2.41
N ALA A 3 -18.02 2.58 -2.83
CA ALA A 3 -19.11 2.20 -1.88
C ALA A 3 -18.56 1.25 -0.82
N VAL A 4 -17.68 0.36 -1.18
CA VAL A 4 -17.14 -0.61 -0.17
C VAL A 4 -16.46 0.17 0.97
N TRP A 5 -15.72 1.21 0.65
CA TRP A 5 -15.05 1.99 1.72
C TRP A 5 -16.13 2.65 2.61
N HIS A 6 -17.18 3.16 2.02
CA HIS A 6 -18.24 3.81 2.84
C HIS A 6 -18.88 2.79 3.77
N LYS A 7 -19.11 1.59 3.30
CA LYS A 7 -19.76 0.56 4.17
C LYS A 7 -18.91 0.29 5.41
N LEU A 8 -17.63 0.03 5.25
CA LEU A 8 -16.78 -0.25 6.44
C LEU A 8 -16.59 1.02 7.26
N LEU A 9 -16.40 2.14 6.62
CA LEU A 9 -16.20 3.41 7.37
C LEU A 9 -17.46 3.71 8.17
N SER A 10 -18.61 3.50 7.60
CA SER A 10 -19.88 3.78 8.33
C SER A 10 -19.98 2.86 9.55
N LYS A 11 -19.76 1.59 9.36
CA LYS A 11 -19.87 0.62 10.48
C LYS A 11 -18.54 0.59 11.25
N GLN A 12 -17.51 1.15 10.70
CA GLN A 12 -16.19 1.13 11.39
C GLN A 12 -15.83 -0.30 11.78
N LYS B 1 -6.41 0.27 -15.35
CA LYS B 1 -5.03 0.69 -14.98
C LYS B 1 -4.07 -0.48 -15.25
N LYS B 2 -4.60 -1.59 -15.69
CA LYS B 2 -3.73 -2.76 -15.99
C LYS B 2 -2.70 -2.40 -17.06
N ALA B 3 -3.11 -1.66 -18.06
CA ALA B 3 -2.16 -1.27 -19.14
C ALA B 3 -1.04 -0.40 -18.57
N VAL B 4 -1.34 0.46 -17.63
CA VAL B 4 -0.27 1.34 -17.07
C VAL B 4 0.83 0.48 -16.44
N TRP B 5 0.47 -0.58 -15.76
CA TRP B 5 1.52 -1.44 -15.15
C TRP B 5 2.35 -2.09 -16.27
N HIS B 6 1.72 -2.52 -17.32
CA HIS B 6 2.49 -3.16 -18.43
C HIS B 6 3.47 -2.15 -19.04
N LYS B 7 3.05 -0.93 -19.21
CA LYS B 7 3.96 0.08 -19.82
C LYS B 7 5.23 0.26 -18.97
N LEU B 8 5.09 0.46 -17.69
CA LEU B 8 6.30 0.65 -16.85
C LEU B 8 7.07 -0.67 -16.73
N LEU B 9 6.37 -1.76 -16.59
CA LEU B 9 7.07 -3.07 -16.45
C LEU B 9 7.84 -3.36 -17.74
N SER B 10 7.25 -3.06 -18.88
CA SER B 10 7.95 -3.32 -20.16
C SER B 10 9.21 -2.46 -20.25
N LYS B 11 9.09 -1.19 -19.97
CA LYS B 11 10.26 -0.27 -20.04
C LYS B 11 11.05 -0.34 -18.73
N GLN B 12 10.49 -0.93 -17.72
CA GLN B 12 11.20 -1.01 -16.41
C GLN B 12 11.66 0.38 -15.99
N GLY C 1 15.73 9.12 6.42
CA GLY C 1 16.02 8.49 5.06
C GLY C 1 16.12 7.00 4.95
N SER C 2 16.23 6.33 6.07
CA SER C 2 16.30 4.83 6.06
C SER C 2 14.98 4.27 6.57
N GLU C 3 14.07 5.12 6.93
CA GLU C 3 12.75 4.65 7.46
C GLU C 3 12.05 3.78 6.41
N LEU C 4 11.85 4.28 5.22
CA LEU C 4 11.13 3.47 4.19
C LEU C 4 11.90 2.19 3.91
N GLU C 5 13.19 2.25 3.95
CA GLU C 5 13.98 1.02 3.69
C GLU C 5 13.51 -0.06 4.68
N THR C 6 13.33 0.31 5.91
CA THR C 6 12.85 -0.66 6.92
C THR C 6 11.38 -1.00 6.68
N ALA C 7 10.63 -0.06 6.18
CA ALA C 7 9.18 -0.29 5.94
C ALA C 7 8.97 -1.50 5.03
N MET C 8 9.62 -1.52 3.90
CA MET C 8 9.46 -2.66 2.96
C MET C 8 9.89 -3.97 3.63
N GLU C 9 10.94 -3.94 4.39
CA GLU C 9 11.44 -5.20 5.06
C GLU C 9 10.41 -5.69 6.08
N THR C 10 9.81 -4.80 6.78
CA THR C 10 8.81 -5.19 7.80
C THR C 10 7.62 -5.85 7.14
N LEU C 11 7.17 -5.31 6.05
CA LEU C 11 5.97 -5.88 5.35
C LEU C 11 6.20 -7.34 4.89
N ILE C 12 7.36 -7.68 4.38
CA ILE C 12 7.57 -9.10 3.91
C ILE C 12 7.89 -10.04 5.08
N ASN C 13 8.44 -9.56 6.14
CA ASN C 13 8.78 -10.48 7.27
C ASN C 13 7.49 -11.08 7.85
N VAL C 14 6.48 -10.28 7.96
CA VAL C 14 5.17 -10.78 8.50
C VAL C 14 4.33 -11.43 7.40
N PHE C 15 4.38 -10.91 6.21
CA PHE C 15 3.55 -11.47 5.12
C PHE C 15 3.89 -12.94 4.88
N HIS C 16 5.16 -13.23 4.74
CA HIS C 16 5.59 -14.63 4.49
C HIS C 16 5.52 -15.48 5.78
N ALA C 17 5.57 -14.86 6.92
CA ALA C 17 5.55 -15.68 8.18
C ALA C 17 4.14 -16.20 8.48
N HIS C 18 3.19 -15.34 8.72
CA HIS C 18 1.82 -15.84 9.08
C HIS C 18 1.21 -16.62 7.91
N SER C 19 1.40 -16.15 6.70
CA SER C 19 0.81 -16.83 5.50
C SER C 19 1.44 -18.21 5.29
N GLY C 20 2.53 -18.49 5.93
CA GLY C 20 3.22 -19.79 5.72
C GLY C 20 2.97 -20.75 6.89
N LYS C 21 2.03 -20.46 7.76
CA LYS C 21 1.77 -21.41 8.88
C LYS C 21 0.89 -22.53 8.36
N GLU C 22 -0.29 -22.20 7.91
CA GLU C 22 -1.22 -23.25 7.36
C GLU C 22 -1.66 -22.81 5.97
N GLY C 23 -1.12 -21.72 5.49
CA GLY C 23 -1.50 -21.24 4.13
C GLY C 23 -0.73 -22.02 3.08
N ASP C 24 -0.83 -21.63 1.84
CA ASP C 24 -0.09 -22.35 0.76
C ASP C 24 1.19 -21.57 0.47
N LYS C 25 2.00 -22.07 -0.42
CA LYS C 25 3.27 -21.36 -0.70
C LYS C 25 2.98 -19.93 -1.20
N TYR C 26 3.11 -18.96 -0.33
CA TYR C 26 2.92 -17.53 -0.72
C TYR C 26 1.50 -17.17 -1.18
N LYS C 27 0.47 -17.69 -0.55
CA LYS C 27 -0.92 -17.27 -0.90
C LYS C 27 -1.71 -17.15 0.40
N LEU C 28 -2.57 -16.18 0.51
CA LEU C 28 -3.35 -15.99 1.78
C LEU C 28 -4.73 -16.63 1.66
N SER C 29 -5.28 -16.98 2.77
CA SER C 29 -6.64 -17.59 2.82
C SER C 29 -7.45 -16.75 3.81
N LYS C 30 -8.75 -16.80 3.74
CA LYS C 30 -9.56 -15.98 4.71
C LYS C 30 -9.00 -16.10 6.14
N LYS C 31 -8.64 -17.27 6.56
CA LYS C 31 -8.11 -17.44 7.94
C LYS C 31 -6.72 -16.80 8.11
N GLU C 32 -5.94 -16.72 7.07
CA GLU C 32 -4.60 -16.09 7.23
C GLU C 32 -4.78 -14.58 7.31
N LEU C 33 -5.66 -14.07 6.49
CA LEU C 33 -5.92 -12.60 6.43
C LEU C 33 -6.40 -12.04 7.78
N LYS C 34 -7.38 -12.64 8.38
CA LYS C 34 -7.93 -12.08 9.67
C LYS C 34 -6.94 -12.22 10.84
N ASP C 35 -6.15 -13.25 10.88
CA ASP C 35 -5.19 -13.40 12.02
C ASP C 35 -4.04 -12.42 11.84
N LEU C 36 -3.65 -12.20 10.62
CA LEU C 36 -2.52 -11.29 10.33
C LEU C 36 -2.88 -9.82 10.67
N LEU C 37 -4.10 -9.41 10.42
CA LEU C 37 -4.47 -7.97 10.71
C LEU C 37 -4.83 -7.74 12.18
N GLN C 38 -5.52 -8.64 12.81
CA GLN C 38 -5.91 -8.43 14.21
C GLN C 38 -4.70 -8.49 15.12
N THR C 39 -3.82 -9.41 14.83
CA THR C 39 -2.62 -9.60 15.68
C THR C 39 -1.59 -8.50 15.41
N GLU C 40 -1.34 -8.21 14.16
CA GLU C 40 -0.31 -7.19 13.83
C GLU C 40 -0.92 -5.78 13.76
N LEU C 41 -2.01 -5.59 13.04
CA LEU C 41 -2.62 -4.22 12.95
C LEU C 41 -3.83 -4.15 13.90
N SER C 42 -3.56 -4.11 15.17
CA SER C 42 -4.64 -4.02 16.18
C SER C 42 -5.06 -2.56 16.31
N SER C 43 -6.34 -2.32 16.43
CA SER C 43 -6.86 -0.93 16.60
C SER C 43 -7.00 -0.23 15.24
N PHE C 44 -6.55 -0.84 14.17
CA PHE C 44 -6.72 -0.21 12.81
C PHE C 44 -7.82 -0.99 12.09
N LEU C 45 -7.48 -2.14 11.59
CA LEU C 45 -8.49 -3.00 10.91
C LEU C 45 -8.96 -4.01 11.96
N ASP C 46 -10.23 -4.05 12.28
CA ASP C 46 -10.74 -5.00 13.32
C ASP C 46 -11.72 -5.99 12.70
N VAL C 47 -11.18 -7.10 12.28
CA VAL C 47 -11.99 -8.15 11.62
C VAL C 47 -12.67 -9.03 12.66
N GLN C 48 -12.17 -9.07 13.86
CA GLN C 48 -12.74 -9.96 14.89
C GLN C 48 -14.14 -9.51 15.36
N LYS C 49 -14.25 -8.33 15.90
CA LYS C 49 -15.58 -7.87 16.41
C LYS C 49 -16.55 -7.54 15.27
N ASP C 50 -16.06 -7.12 14.13
CA ASP C 50 -16.99 -6.77 13.00
C ASP C 50 -17.13 -7.99 12.07
N ALA C 51 -18.13 -8.80 12.29
CA ALA C 51 -18.33 -9.99 11.41
C ALA C 51 -18.77 -9.56 10.02
N ASP C 52 -19.62 -8.57 9.92
CA ASP C 52 -20.09 -8.11 8.58
C ASP C 52 -18.88 -7.65 7.77
N ALA C 53 -17.95 -7.02 8.42
CA ALA C 53 -16.73 -6.52 7.73
C ALA C 53 -15.88 -7.68 7.21
N VAL C 54 -15.79 -8.75 7.93
CA VAL C 54 -14.93 -9.88 7.47
C VAL C 54 -15.51 -10.58 6.25
N ASP C 55 -16.70 -11.07 6.33
CA ASP C 55 -17.27 -11.80 5.17
C ASP C 55 -17.43 -10.89 3.97
N LYS C 56 -17.85 -9.68 4.19
CA LYS C 56 -18.08 -8.75 3.06
C LYS C 56 -16.75 -8.32 2.41
N ILE C 57 -15.74 -8.08 3.19
CA ILE C 57 -14.45 -7.60 2.62
C ILE C 57 -13.65 -8.76 2.05
N MET C 58 -13.45 -9.78 2.83
CA MET C 58 -12.65 -10.94 2.35
C MET C 58 -13.31 -11.57 1.12
N LYS C 59 -14.59 -11.77 1.14
CA LYS C 59 -15.26 -12.39 -0.04
C LYS C 59 -15.23 -11.42 -1.23
N GLU C 60 -15.40 -10.15 -0.99
CA GLU C 60 -15.41 -9.17 -2.11
C GLU C 60 -13.99 -8.70 -2.39
N LEU C 61 -13.08 -8.89 -1.46
CA LEU C 61 -11.68 -8.43 -1.72
C LEU C 61 -11.01 -9.54 -2.52
N ASP C 62 -11.60 -10.71 -2.50
CA ASP C 62 -11.11 -11.83 -3.35
C ASP C 62 -11.96 -11.68 -4.61
N GLU C 63 -12.02 -10.46 -5.00
CA GLU C 63 -12.81 -10.03 -6.17
C GLU C 63 -12.70 -11.04 -7.32
N ASN C 64 -11.69 -11.89 -7.30
CA ASN C 64 -11.57 -12.90 -8.39
C ASN C 64 -12.37 -14.14 -8.00
N GLY C 65 -12.99 -14.08 -6.85
CA GLY C 65 -13.83 -15.21 -6.37
C GLY C 65 -13.01 -16.49 -6.15
N ASP C 66 -11.78 -16.37 -5.71
CA ASP C 66 -10.96 -17.61 -5.46
C ASP C 66 -10.90 -17.93 -3.96
N GLY C 67 -11.29 -17.03 -3.11
CA GLY C 67 -11.28 -17.32 -1.63
C GLY C 67 -9.89 -17.08 -1.04
N GLU C 68 -8.91 -16.82 -1.88
CA GLU C 68 -7.53 -16.56 -1.40
C GLU C 68 -7.17 -15.15 -1.81
N VAL C 69 -6.47 -14.45 -0.99
CA VAL C 69 -6.10 -13.03 -1.30
C VAL C 69 -4.66 -12.93 -1.77
N ASP C 70 -4.45 -12.21 -2.83
CA ASP C 70 -3.07 -12.03 -3.35
C ASP C 70 -2.38 -10.91 -2.55
N PHE C 71 -1.08 -10.88 -2.58
CA PHE C 71 -0.35 -9.83 -1.82
C PHE C 71 -0.77 -8.45 -2.30
N GLN C 72 -0.97 -8.28 -3.59
CA GLN C 72 -1.37 -6.94 -4.12
C GLN C 72 -2.76 -6.55 -3.56
N GLU C 73 -3.66 -7.47 -3.47
CA GLU C 73 -5.02 -7.16 -2.95
C GLU C 73 -4.97 -6.83 -1.44
N PHE C 74 -4.19 -7.56 -0.71
CA PHE C 74 -4.11 -7.35 0.77
C PHE C 74 -3.42 -6.03 1.14
N VAL C 75 -2.39 -5.67 0.43
CA VAL C 75 -1.65 -4.42 0.75
C VAL C 75 -2.47 -3.17 0.36
N VAL C 76 -3.28 -3.27 -0.66
CA VAL C 76 -4.07 -2.08 -1.09
C VAL C 76 -5.20 -1.75 -0.10
N LEU C 77 -6.10 -2.66 0.13
CA LEU C 77 -7.26 -2.34 1.04
C LEU C 77 -6.83 -2.09 2.49
N VAL C 78 -5.90 -2.84 3.01
CA VAL C 78 -5.50 -2.63 4.43
C VAL C 78 -4.78 -1.29 4.62
N ALA C 79 -3.97 -0.91 3.67
CA ALA C 79 -3.21 0.38 3.82
C ALA C 79 -4.14 1.58 3.65
N ALA C 80 -5.24 1.43 2.97
CA ALA C 80 -6.14 2.60 2.82
C ALA C 80 -6.83 2.89 4.16
N LEU C 81 -7.42 1.90 4.77
CA LEU C 81 -8.14 2.13 6.07
C LEU C 81 -7.17 2.56 7.19
N THR C 82 -6.01 1.97 7.26
CA THR C 82 -5.05 2.35 8.35
C THR C 82 -4.68 3.84 8.24
N VAL C 83 -4.29 4.29 7.08
CA VAL C 83 -3.91 5.72 6.89
C VAL C 83 -5.13 6.61 7.14
N ALA C 84 -6.26 6.15 6.70
CA ALA C 84 -7.50 6.95 6.82
C ALA C 84 -7.94 7.09 8.28
N CYS C 85 -7.62 6.15 9.12
CA CYS C 85 -8.07 6.25 10.54
C CYS C 85 -7.29 7.37 11.24
N ASN C 86 -6.03 7.50 10.97
CA ASN C 86 -5.24 8.57 11.65
C ASN C 86 -5.69 9.95 11.15
N ASN C 87 -6.02 10.06 9.89
CA ASN C 87 -6.44 11.38 9.33
C ASN C 87 -7.69 11.90 10.08
N PHE C 88 -8.70 11.08 10.22
CA PHE C 88 -9.93 11.55 10.92
C PHE C 88 -9.61 11.89 12.37
N PHE C 89 -8.97 10.99 13.08
CA PHE C 89 -8.63 11.25 14.50
C PHE C 89 -7.47 10.35 14.91
N TRP C 90 -6.45 10.91 15.51
CA TRP C 90 -5.30 10.08 15.95
C TRP C 90 -5.76 9.15 17.07
N GLU C 91 -4.86 8.70 17.89
CA GLU C 91 -5.27 7.81 19.01
C GLU C 91 -6.25 8.56 19.90
N ASN C 92 -6.08 9.85 20.01
CA ASN C 92 -7.00 10.66 20.87
C ASN C 92 -6.95 12.14 20.44
N SER C 93 -5.92 12.54 19.75
CA SER C 93 -5.80 13.97 19.33
C SER C 93 -6.02 14.87 20.55
N GLY D 1 6.36 -9.96 15.32
CA GLY D 1 5.01 -9.28 15.63
C GLY D 1 4.96 -7.80 15.78
N SER D 2 6.09 -7.17 15.91
CA SER D 2 6.14 -5.68 16.05
C SER D 2 6.67 -5.08 14.74
N GLU D 3 6.97 -5.91 13.78
CA GLU D 3 7.50 -5.40 12.49
C GLU D 3 6.47 -4.48 11.83
N LEU D 4 5.26 -4.94 11.61
CA LEU D 4 4.24 -4.06 10.96
C LEU D 4 4.02 -2.81 11.78
N GLU D 5 4.06 -2.92 13.06
CA GLU D 5 3.86 -1.71 13.91
C GLU D 5 4.86 -0.64 13.46
N THR D 6 6.09 -1.04 13.25
CA THR D 6 7.13 -0.09 12.79
C THR D 6 6.87 0.30 11.34
N ALA D 7 6.31 -0.57 10.57
CA ALA D 7 6.11 -0.29 9.13
C ALA D 7 5.25 0.96 8.95
N MET D 8 4.12 1.00 9.62
CA MET D 8 3.21 2.17 9.52
C MET D 8 3.93 3.43 9.99
N GLU D 9 4.69 3.35 11.04
CA GLU D 9 5.41 4.55 11.57
C GLU D 9 6.43 5.06 10.55
N THR D 10 7.10 4.16 9.91
CA THR D 10 8.12 4.55 8.91
C THR D 10 7.47 5.29 7.76
N LEU D 11 6.36 4.78 7.30
CA LEU D 11 5.66 5.43 6.13
C LEU D 11 5.25 6.89 6.42
N ILE D 12 4.77 7.22 7.60
CA ILE D 12 4.34 8.64 7.86
C ILE D 12 5.55 9.53 8.18
N ASN D 13 6.59 8.99 8.74
CA ASN D 13 7.76 9.85 9.09
C ASN D 13 8.35 10.48 7.81
N VAL D 14 8.41 9.72 6.76
CA VAL D 14 8.97 10.25 5.48
C VAL D 14 7.88 10.99 4.67
N PHE D 15 6.67 10.50 4.72
CA PHE D 15 5.59 11.13 3.92
C PHE D 15 5.39 12.58 4.33
N HIS D 16 5.28 12.83 5.61
CA HIS D 16 5.09 14.22 6.09
C HIS D 16 6.39 15.01 6.04
N ALA D 17 7.52 14.37 6.06
CA ALA D 17 8.80 15.15 6.05
C ALA D 17 9.11 15.71 4.66
N HIS D 18 9.31 14.88 3.67
CA HIS D 18 9.66 15.42 2.32
C HIS D 18 8.51 16.26 1.74
N SER D 19 7.29 15.82 1.93
CA SER D 19 6.12 16.57 1.38
C SER D 19 5.95 17.93 2.07
N GLY D 20 6.61 18.14 3.16
CA GLY D 20 6.45 19.43 3.90
C GLY D 20 7.65 20.35 3.68
N LYS D 21 8.49 20.07 2.71
CA LYS D 21 9.64 20.99 2.48
C LYS D 21 9.15 22.16 1.64
N GLU D 22 8.68 21.90 0.46
CA GLU D 22 8.15 22.99 -0.41
C GLU D 22 6.74 22.62 -0.86
N GLY D 23 6.24 21.52 -0.36
CA GLY D 23 4.87 21.09 -0.73
C GLY D 23 3.85 21.88 0.07
N ASP D 24 2.59 21.53 -0.02
CA ASP D 24 1.54 22.26 0.75
C ASP D 24 1.24 21.45 2.00
N LYS D 25 0.40 21.95 2.85
CA LYS D 25 0.09 21.20 4.09
C LYS D 25 -0.46 19.79 3.76
N TYR D 26 0.38 18.79 3.84
CA TYR D 26 -0.07 17.38 3.59
C TYR D 26 -0.56 17.10 2.17
N LYS D 27 0.09 17.63 1.16
CA LYS D 27 -0.30 17.28 -0.25
C LYS D 27 1.01 17.15 -1.05
N LEU D 28 1.07 16.20 -1.96
CA LEU D 28 2.31 16.00 -2.76
C LEU D 28 2.20 16.70 -4.11
N SER D 29 3.33 17.04 -4.66
CA SER D 29 3.37 17.69 -6.00
C SER D 29 4.31 16.85 -6.85
N LYS D 30 4.25 16.96 -8.14
CA LYS D 30 5.17 16.14 -9.01
C LYS D 30 6.60 16.19 -8.46
N LYS D 31 7.08 17.33 -8.05
CA LYS D 31 8.47 17.43 -7.54
C LYS D 31 8.63 16.74 -6.18
N GLU D 32 7.60 16.66 -5.38
CA GLU D 32 7.76 15.98 -4.07
C GLU D 32 7.78 14.47 -4.31
N LEU D 33 6.94 14.02 -5.20
CA LEU D 33 6.83 12.56 -5.52
C LEU D 33 8.14 11.98 -6.03
N LYS D 34 8.77 12.60 -6.99
CA LYS D 34 10.02 12.02 -7.57
C LYS D 34 11.22 12.08 -6.60
N ASP D 35 11.30 13.08 -5.77
CA ASP D 35 12.44 13.16 -4.82
C ASP D 35 12.23 12.14 -3.70
N LEU D 36 11.03 11.95 -3.31
CA LEU D 36 10.72 10.99 -2.21
C LEU D 36 11.01 9.53 -2.63
N LEU D 37 10.73 9.18 -3.86
CA LEU D 37 10.97 7.75 -4.28
C LEU D 37 12.43 7.49 -4.67
N GLN D 38 13.07 8.39 -5.34
CA GLN D 38 14.48 8.15 -5.76
C GLN D 38 15.39 8.14 -4.55
N THR D 39 15.14 9.03 -3.63
CA THR D 39 16.01 9.14 -2.45
C THR D 39 15.72 8.01 -1.45
N GLU D 40 14.46 7.76 -1.20
CA GLU D 40 14.10 6.71 -0.20
C GLU D 40 13.98 5.33 -0.87
N LEU D 41 13.24 5.21 -1.95
CA LEU D 41 13.10 3.87 -2.62
C LEU D 41 14.04 3.80 -3.83
N SER D 42 15.32 3.73 -3.59
CA SER D 42 16.31 3.63 -4.67
C SER D 42 16.39 2.19 -5.16
N SER D 43 16.49 1.99 -6.44
CA SER D 43 16.59 0.62 -7.01
C SER D 43 15.21 -0.03 -7.17
N PHE D 44 14.17 0.58 -6.68
CA PHE D 44 12.80 0.01 -6.85
C PHE D 44 12.08 0.85 -7.92
N LEU D 45 11.62 2.00 -7.52
CA LEU D 45 10.96 2.93 -8.49
C LEU D 45 12.04 3.93 -8.94
N ASP D 46 12.34 3.99 -10.22
CA ASP D 46 13.41 4.94 -10.70
C ASP D 46 12.82 5.99 -11.63
N VAL D 47 12.43 7.07 -11.05
CA VAL D 47 11.80 8.19 -11.80
C VAL D 47 12.86 9.06 -12.48
N GLN D 48 14.07 9.03 -11.98
CA GLN D 48 15.12 9.91 -12.53
C GLN D 48 15.56 9.51 -13.94
N LYS D 49 16.06 8.31 -14.11
CA LYS D 49 16.53 7.89 -15.47
C LYS D 49 15.37 7.63 -16.43
N ASP D 50 14.22 7.23 -15.94
CA ASP D 50 13.09 6.96 -16.87
C ASP D 50 12.19 8.20 -16.95
N ALA D 51 12.41 9.04 -17.93
CA ALA D 51 11.58 10.27 -18.07
C ALA D 51 10.16 9.90 -18.51
N ASP D 52 10.03 8.95 -19.40
CA ASP D 52 8.67 8.56 -19.86
C ASP D 52 7.85 8.07 -18.67
N ALA D 53 8.50 7.38 -17.77
CA ALA D 53 7.80 6.87 -16.57
C ALA D 53 7.34 7.99 -15.64
N VAL D 54 8.08 9.06 -15.54
CA VAL D 54 7.67 10.16 -14.63
C VAL D 54 6.47 10.91 -15.16
N ASP D 55 6.55 11.44 -16.33
CA ASP D 55 5.42 12.25 -16.87
C ASP D 55 4.18 11.37 -17.04
N LYS D 56 4.36 10.18 -17.51
CA LYS D 56 3.20 9.30 -17.76
C LYS D 56 2.55 8.84 -16.45
N ILE D 57 3.33 8.53 -15.45
CA ILE D 57 2.76 8.02 -14.18
C ILE D 57 2.23 9.17 -13.32
N MET D 58 3.06 10.15 -13.09
CA MET D 58 2.63 11.29 -12.25
C MET D 58 1.41 11.99 -12.87
N LYS D 59 1.42 12.22 -14.14
CA LYS D 59 0.25 12.92 -14.76
C LYS D 59 -0.96 11.99 -14.77
N GLU D 60 -0.77 10.72 -14.99
CA GLU D 60 -1.93 9.78 -15.01
C GLU D 60 -2.20 9.25 -13.61
N LEU D 61 -1.26 9.38 -12.71
CA LEU D 61 -1.52 8.88 -11.31
C LEU D 61 -2.28 9.99 -10.60
N ASP D 62 -2.22 11.18 -11.15
CA ASP D 62 -3.03 12.30 -10.61
C ASP D 62 -4.31 12.24 -11.44
N GLU D 63 -4.73 11.03 -11.55
CA GLU D 63 -5.94 10.66 -12.33
C GLU D 63 -7.04 11.71 -12.17
N ASN D 64 -6.98 12.52 -11.13
CA ASN D 64 -8.05 13.56 -10.96
C ASN D 64 -7.62 14.81 -11.72
N GLY D 65 -6.49 14.74 -12.35
CA GLY D 65 -5.99 15.88 -13.16
C GLY D 65 -5.69 17.13 -12.30
N ASP D 66 -5.26 16.95 -11.07
CA ASP D 66 -4.96 18.14 -10.20
C ASP D 66 -3.45 18.41 -10.15
N GLY D 67 -2.64 17.49 -10.60
CA GLY D 67 -1.16 17.74 -10.60
C GLY D 67 -0.55 17.43 -9.22
N GLU D 68 -1.39 17.16 -8.23
CA GLU D 68 -0.88 16.84 -6.87
C GLU D 68 -1.34 15.42 -6.55
N VAL D 69 -0.52 14.67 -5.89
CA VAL D 69 -0.88 13.26 -5.58
C VAL D 69 -1.34 13.12 -4.14
N ASP D 70 -2.42 12.41 -3.94
CA ASP D 70 -2.94 12.20 -2.56
C ASP D 70 -2.17 11.05 -1.92
N PHE D 71 -2.18 10.95 -0.62
CA PHE D 71 -1.44 9.85 0.06
C PHE D 71 -1.98 8.50 -0.42
N GLN D 72 -3.27 8.38 -0.60
CA GLN D 72 -3.84 7.07 -1.05
C GLN D 72 -3.32 6.72 -2.45
N GLU D 73 -3.21 7.68 -3.32
CA GLU D 73 -2.72 7.39 -4.70
C GLU D 73 -1.22 7.02 -4.68
N PHE D 74 -0.45 7.70 -3.88
CA PHE D 74 1.02 7.44 -3.82
C PHE D 74 1.36 6.08 -3.20
N VAL D 75 0.65 5.70 -2.17
CA VAL D 75 0.93 4.41 -1.48
C VAL D 75 0.48 3.21 -2.33
N VAL D 76 -0.53 3.38 -3.14
CA VAL D 76 -1.01 2.23 -3.96
C VAL D 76 -0.05 1.91 -5.11
N LEU D 77 0.21 2.85 -5.98
CA LEU D 77 1.08 2.55 -7.17
C LEU D 77 2.53 2.23 -6.76
N VAL D 78 3.08 2.92 -5.82
CA VAL D 78 4.50 2.66 -5.43
C VAL D 78 4.65 1.29 -4.77
N ALA D 79 3.70 0.90 -3.97
CA ALA D 79 3.81 -0.41 -3.25
C ALA D 79 3.60 -1.58 -4.22
N ALA D 80 2.91 -1.36 -5.31
CA ALA D 80 2.73 -2.50 -6.27
C ALA D 80 4.07 -2.80 -6.94
N LEU D 81 4.66 -1.82 -7.56
CA LEU D 81 5.96 -2.04 -8.29
C LEU D 81 7.06 -2.55 -7.34
N THR D 82 7.17 -2.01 -6.16
CA THR D 82 8.27 -2.47 -5.24
C THR D 82 8.11 -3.97 -4.91
N VAL D 83 6.94 -4.39 -4.53
CA VAL D 83 6.71 -5.82 -4.20
C VAL D 83 6.92 -6.67 -5.45
N ALA D 84 6.48 -6.15 -6.56
CA ALA D 84 6.56 -6.91 -7.82
C ALA D 84 8.00 -7.07 -8.29
N CYS D 85 8.89 -6.18 -7.95
CA CYS D 85 10.29 -6.31 -8.41
C CYS D 85 10.97 -7.48 -7.70
N ASN D 86 10.71 -7.65 -6.43
CA ASN D 86 11.35 -8.78 -5.70
C ASN D 86 10.80 -10.12 -6.19
N ASN D 87 9.53 -10.18 -6.51
CA ASN D 87 8.95 -11.46 -6.97
C ASN D 87 9.65 -11.95 -8.24
N PHE D 88 9.80 -11.11 -9.23
CA PHE D 88 10.48 -11.55 -10.49
C PHE D 88 11.93 -11.95 -10.20
N PHE D 89 12.66 -11.10 -9.53
CA PHE D 89 14.09 -11.41 -9.21
C PHE D 89 14.54 -10.57 -8.03
N TRP D 90 15.13 -11.19 -7.04
CA TRP D 90 15.60 -10.41 -5.86
C TRP D 90 16.75 -9.51 -6.31
N GLU D 91 17.60 -9.12 -5.40
CA GLU D 91 18.74 -8.25 -5.78
C GLU D 91 19.59 -9.00 -6.81
N ASN D 92 19.67 -10.29 -6.68
CA ASN D 92 20.48 -11.09 -7.65
C ASN D 92 20.01 -12.55 -7.65
N SER D 93 19.32 -12.97 -6.62
CA SER D 93 18.85 -14.39 -6.56
C SER D 93 20.03 -15.33 -6.82
N LYS A 1 -15.83 1.22 -6.76
CA LYS A 1 -15.73 0.50 -5.47
C LYS A 1 -15.94 1.49 -4.32
N LYS A 2 -15.84 2.76 -4.61
CA LYS A 2 -16.01 3.78 -3.56
C LYS A 2 -17.40 3.68 -2.93
N ALA A 3 -18.41 3.47 -3.73
CA ALA A 3 -19.79 3.34 -3.16
C ALA A 3 -19.84 2.17 -2.18
N VAL A 4 -19.28 1.05 -2.57
CA VAL A 4 -19.27 -0.13 -1.66
C VAL A 4 -18.43 0.20 -0.43
N TRP A 5 -17.33 0.87 -0.63
CA TRP A 5 -16.44 1.21 0.51
C TRP A 5 -17.19 2.07 1.53
N HIS A 6 -18.13 2.85 1.10
CA HIS A 6 -18.90 3.68 2.08
C HIS A 6 -19.57 2.74 3.08
N LYS A 7 -20.04 1.63 2.62
CA LYS A 7 -20.70 0.66 3.55
C LYS A 7 -19.71 0.24 4.63
N LEU A 8 -18.52 -0.14 4.26
CA LEU A 8 -17.53 -0.58 5.27
C LEU A 8 -17.22 0.55 6.26
N LEU A 9 -16.93 1.73 5.79
CA LEU A 9 -16.61 2.83 6.74
C LEU A 9 -17.86 3.19 7.52
N SER A 10 -19.00 3.21 6.88
CA SER A 10 -20.25 3.54 7.60
C SER A 10 -20.63 2.36 8.50
N LYS A 11 -20.66 1.18 7.94
CA LYS A 11 -21.02 -0.01 8.75
C LYS A 11 -19.92 -0.25 9.79
N GLN A 12 -18.67 -0.16 9.37
CA GLN A 12 -17.54 -0.36 10.33
C GLN A 12 -17.84 -1.53 11.27
N LYS B 1 -7.04 -0.29 -15.59
CA LYS B 1 -5.70 0.36 -15.52
C LYS B 1 -4.61 -0.69 -15.76
N LYS B 2 -4.97 -1.94 -15.68
CA LYS B 2 -3.98 -3.02 -15.89
C LYS B 2 -3.37 -2.92 -17.30
N ALA B 3 -4.18 -2.64 -18.28
CA ALA B 3 -3.64 -2.52 -19.67
C ALA B 3 -2.61 -1.40 -19.73
N VAL B 4 -2.92 -0.28 -19.14
CA VAL B 4 -1.96 0.86 -19.14
C VAL B 4 -0.72 0.45 -18.33
N TRP B 5 -0.93 -0.23 -17.25
CA TRP B 5 0.21 -0.65 -16.38
C TRP B 5 1.18 -1.54 -17.18
N HIS B 6 0.68 -2.28 -18.13
CA HIS B 6 1.60 -3.15 -18.93
C HIS B 6 2.63 -2.25 -19.60
N LYS B 7 2.22 -1.10 -20.04
CA LYS B 7 3.16 -0.17 -20.70
C LYS B 7 4.30 0.18 -19.74
N LEU B 8 3.97 0.56 -18.54
CA LEU B 8 5.04 0.92 -17.55
C LEU B 8 5.98 -0.26 -17.30
N LEU B 9 5.45 -1.42 -17.02
CA LEU B 9 6.34 -2.58 -16.75
C LEU B 9 7.07 -2.95 -18.02
N SER B 10 6.40 -2.92 -19.14
CA SER B 10 7.08 -3.26 -20.41
C SER B 10 8.02 -2.13 -20.80
N LYS B 11 7.53 -0.91 -20.79
CA LYS B 11 8.40 0.24 -21.14
C LYS B 11 9.47 0.39 -20.06
N GLN B 12 9.08 0.30 -18.82
CA GLN B 12 10.07 0.44 -17.70
C GLN B 12 11.06 1.56 -18.00
N GLY C 1 15.39 9.19 6.74
CA GLY C 1 16.03 8.57 5.49
C GLY C 1 16.11 7.09 5.35
N SER C 2 16.19 6.39 6.46
CA SER C 2 16.25 4.90 6.41
C SER C 2 14.93 4.32 6.90
N GLU C 3 13.99 5.16 7.25
CA GLU C 3 12.68 4.65 7.76
C GLU C 3 11.92 3.91 6.66
N LEU C 4 11.72 4.54 5.54
CA LEU C 4 10.96 3.90 4.44
C LEU C 4 11.64 2.60 3.99
N GLU C 5 12.95 2.59 3.92
CA GLU C 5 13.67 1.35 3.52
C GLU C 5 13.23 0.20 4.44
N THR C 6 13.24 0.45 5.71
CA THR C 6 12.84 -0.59 6.70
C THR C 6 11.38 -0.95 6.53
N ALA C 7 10.56 -0.03 6.11
CA ALA C 7 9.11 -0.30 5.98
C ALA C 7 8.85 -1.47 5.01
N MET C 8 9.42 -1.46 3.84
CA MET C 8 9.18 -2.59 2.90
C MET C 8 9.65 -3.90 3.55
N GLU C 9 10.76 -3.86 4.23
CA GLU C 9 11.31 -5.07 4.90
C GLU C 9 10.32 -5.59 5.95
N THR C 10 9.71 -4.70 6.66
CA THR C 10 8.77 -5.09 7.74
C THR C 10 7.50 -5.74 7.17
N LEU C 11 6.95 -5.17 6.15
CA LEU C 11 5.70 -5.73 5.54
C LEU C 11 5.94 -7.16 5.04
N ILE C 12 7.03 -7.39 4.38
CA ILE C 12 7.31 -8.75 3.82
C ILE C 12 7.67 -9.75 4.92
N ASN C 13 8.29 -9.33 5.98
CA ASN C 13 8.63 -10.31 7.04
C ASN C 13 7.35 -10.95 7.58
N VAL C 14 6.33 -10.14 7.72
CA VAL C 14 5.03 -10.65 8.26
C VAL C 14 4.20 -11.37 7.19
N PHE C 15 4.23 -10.95 5.94
CA PHE C 15 3.41 -11.64 4.89
C PHE C 15 3.82 -13.12 4.77
N HIS C 16 5.10 -13.35 4.69
CA HIS C 16 5.60 -14.75 4.51
C HIS C 16 5.60 -15.52 5.82
N ALA C 17 5.62 -14.87 6.95
CA ALA C 17 5.68 -15.63 8.24
C ALA C 17 4.33 -16.32 8.53
N HIS C 18 3.25 -15.62 8.63
CA HIS C 18 1.96 -16.31 8.96
C HIS C 18 1.38 -17.04 7.74
N SER C 19 1.65 -16.57 6.54
CA SER C 19 1.08 -17.24 5.33
C SER C 19 1.70 -18.62 5.16
N GLY C 20 2.62 -18.97 6.00
CA GLY C 20 3.29 -20.30 5.91
C GLY C 20 2.78 -21.19 7.04
N LYS C 21 1.68 -20.83 7.64
CA LYS C 21 1.11 -21.68 8.72
C LYS C 21 0.10 -22.65 8.14
N GLU C 22 -1.09 -22.19 7.87
CA GLU C 22 -2.16 -23.10 7.33
C GLU C 22 -2.43 -22.82 5.85
N GLY C 23 -2.01 -21.70 5.35
CA GLY C 23 -2.26 -21.39 3.91
C GLY C 23 -1.21 -22.07 3.06
N ASP C 24 -0.99 -21.63 1.86
CA ASP C 24 0.05 -22.25 1.00
C ASP C 24 1.35 -21.53 1.28
N LYS C 25 2.44 -22.03 0.81
CA LYS C 25 3.73 -21.35 1.08
C LYS C 25 3.64 -19.89 0.66
N TYR C 26 2.98 -19.58 -0.43
CA TYR C 26 2.90 -18.16 -0.91
C TYR C 26 1.46 -17.72 -1.22
N LYS C 27 0.45 -18.25 -0.56
CA LYS C 27 -0.96 -17.78 -0.84
C LYS C 27 -1.70 -17.61 0.49
N LEU C 28 -2.55 -16.61 0.59
CA LEU C 28 -3.28 -16.36 1.86
C LEU C 28 -4.69 -16.96 1.82
N SER C 29 -5.23 -17.22 2.98
CA SER C 29 -6.59 -17.80 3.09
C SER C 29 -7.39 -16.97 4.10
N LYS C 30 -8.68 -17.07 4.09
CA LYS C 30 -9.50 -16.28 5.06
C LYS C 30 -8.93 -16.34 6.50
N LYS C 31 -8.47 -17.48 6.92
CA LYS C 31 -7.95 -17.59 8.32
C LYS C 31 -6.57 -16.91 8.49
N GLU C 32 -5.79 -16.78 7.44
CA GLU C 32 -4.45 -16.15 7.60
C GLU C 32 -4.55 -14.63 7.63
N LEU C 33 -5.46 -14.05 6.90
CA LEU C 33 -5.57 -12.57 6.93
C LEU C 33 -6.24 -12.12 8.24
N LYS C 34 -7.17 -12.89 8.74
CA LYS C 34 -7.86 -12.50 10.01
C LYS C 34 -6.85 -12.38 11.17
N ASP C 35 -5.91 -13.27 11.27
CA ASP C 35 -4.94 -13.20 12.41
C ASP C 35 -3.85 -12.16 12.13
N LEU C 36 -3.58 -11.89 10.90
CA LEU C 36 -2.51 -10.91 10.57
C LEU C 36 -2.87 -9.51 11.09
N LEU C 37 -4.12 -9.12 10.99
CA LEU C 37 -4.52 -7.74 11.43
C LEU C 37 -4.81 -7.66 12.93
N GLN C 38 -5.33 -8.68 13.52
CA GLN C 38 -5.64 -8.60 14.97
C GLN C 38 -4.34 -8.56 15.78
N THR C 39 -3.33 -9.19 15.25
CA THR C 39 -2.03 -9.25 16.00
C THR C 39 -1.23 -7.97 15.85
N GLU C 40 -1.05 -7.51 14.64
CA GLU C 40 -0.22 -6.29 14.41
C GLU C 40 -1.06 -5.01 14.50
N LEU C 41 -2.09 -4.90 13.71
CA LEU C 41 -2.94 -3.65 13.73
C LEU C 41 -4.21 -3.90 14.55
N SER C 42 -4.06 -3.94 15.85
CA SER C 42 -5.22 -4.19 16.75
C SER C 42 -6.01 -2.90 17.04
N SER C 43 -5.41 -1.74 16.84
CA SER C 43 -6.13 -0.46 17.15
C SER C 43 -6.54 0.28 15.86
N PHE C 44 -6.31 -0.30 14.71
CA PHE C 44 -6.68 0.37 13.43
C PHE C 44 -7.54 -0.58 12.60
N LEU C 45 -6.92 -1.43 11.84
CA LEU C 45 -7.71 -2.37 11.02
C LEU C 45 -8.49 -3.30 11.94
N ASP C 46 -9.75 -3.51 11.66
CA ASP C 46 -10.58 -4.41 12.49
C ASP C 46 -11.05 -5.57 11.62
N VAL C 47 -11.22 -6.69 12.23
CA VAL C 47 -11.69 -7.90 11.50
C VAL C 47 -12.46 -8.76 12.51
N GLN C 48 -12.00 -8.76 13.74
CA GLN C 48 -12.69 -9.55 14.80
C GLN C 48 -13.85 -8.75 15.39
N LYS C 49 -13.74 -7.45 15.43
CA LYS C 49 -14.83 -6.61 16.03
C LYS C 49 -16.15 -6.82 15.30
N ASP C 50 -16.11 -6.90 13.99
CA ASP C 50 -17.38 -7.08 13.21
C ASP C 50 -17.22 -8.24 12.23
N ALA C 51 -17.92 -9.32 12.45
CA ALA C 51 -17.82 -10.46 11.50
C ALA C 51 -18.32 -9.98 10.14
N ASP C 52 -19.22 -9.03 10.14
CA ASP C 52 -19.73 -8.50 8.85
C ASP C 52 -18.57 -7.93 8.04
N ALA C 53 -17.65 -7.27 8.70
CA ALA C 53 -16.47 -6.69 8.01
C ALA C 53 -15.62 -7.79 7.36
N VAL C 54 -15.48 -8.90 8.02
CA VAL C 54 -14.62 -9.99 7.48
C VAL C 54 -15.25 -10.64 6.25
N ASP C 55 -16.43 -11.15 6.35
CA ASP C 55 -17.04 -11.85 5.18
C ASP C 55 -17.22 -10.88 4.01
N LYS C 56 -17.62 -9.68 4.30
CA LYS C 56 -17.88 -8.70 3.20
C LYS C 56 -16.57 -8.27 2.53
N ILE C 57 -15.53 -8.08 3.28
CA ILE C 57 -14.25 -7.60 2.68
C ILE C 57 -13.48 -8.77 2.07
N MET C 58 -13.26 -9.79 2.83
CA MET C 58 -12.49 -10.96 2.33
C MET C 58 -13.16 -11.61 1.12
N LYS C 59 -14.44 -11.84 1.17
CA LYS C 59 -15.10 -12.50 0.01
C LYS C 59 -15.13 -11.55 -1.18
N GLU C 60 -15.31 -10.28 -0.94
CA GLU C 60 -15.34 -9.31 -2.07
C GLU C 60 -13.92 -8.84 -2.38
N LEU C 61 -13.00 -9.03 -1.46
CA LEU C 61 -11.58 -8.58 -1.73
C LEU C 61 -10.87 -9.69 -2.48
N ASP C 62 -11.38 -10.90 -2.38
CA ASP C 62 -10.82 -12.02 -3.20
C ASP C 62 -11.65 -11.95 -4.47
N GLU C 63 -11.70 -10.76 -4.93
CA GLU C 63 -12.49 -10.38 -6.12
C GLU C 63 -12.36 -11.44 -7.20
N ASN C 64 -11.38 -12.30 -7.12
CA ASN C 64 -11.25 -13.38 -8.16
C ASN C 64 -12.09 -14.56 -7.70
N GLY C 65 -12.80 -14.37 -6.63
CA GLY C 65 -13.70 -15.43 -6.08
C GLY C 65 -12.93 -16.75 -5.85
N ASP C 66 -11.71 -16.69 -5.38
CA ASP C 66 -10.95 -17.97 -5.13
C ASP C 66 -10.89 -18.28 -3.62
N GLY C 67 -11.29 -17.36 -2.77
CA GLY C 67 -11.27 -17.65 -1.30
C GLY C 67 -9.88 -17.44 -0.71
N GLU C 68 -8.90 -17.18 -1.56
CA GLU C 68 -7.51 -16.94 -1.10
C GLU C 68 -7.12 -15.53 -1.57
N VAL C 69 -6.37 -14.83 -0.78
CA VAL C 69 -6.01 -13.44 -1.13
C VAL C 69 -4.57 -13.34 -1.64
N ASP C 70 -4.40 -12.65 -2.73
CA ASP C 70 -3.03 -12.45 -3.27
C ASP C 70 -2.38 -11.34 -2.45
N PHE C 71 -1.08 -11.30 -2.38
CA PHE C 71 -0.44 -10.23 -1.58
C PHE C 71 -0.82 -8.85 -2.14
N GLN C 72 -0.88 -8.73 -3.44
CA GLN C 72 -1.23 -7.42 -4.06
C GLN C 72 -2.63 -6.95 -3.63
N GLU C 73 -3.58 -7.85 -3.55
CA GLU C 73 -4.96 -7.43 -3.16
C GLU C 73 -4.99 -6.97 -1.69
N PHE C 74 -4.28 -7.66 -0.83
CA PHE C 74 -4.28 -7.32 0.62
C PHE C 74 -3.67 -5.93 0.88
N VAL C 75 -2.51 -5.67 0.35
CA VAL C 75 -1.84 -4.36 0.60
C VAL C 75 -2.68 -3.16 0.13
N VAL C 76 -3.36 -3.29 -0.98
CA VAL C 76 -4.16 -2.14 -1.49
C VAL C 76 -5.35 -1.80 -0.57
N LEU C 77 -6.24 -2.73 -0.37
CA LEU C 77 -7.45 -2.43 0.45
C LEU C 77 -7.10 -2.26 1.94
N VAL C 78 -6.26 -3.10 2.47
CA VAL C 78 -5.89 -3.01 3.90
C VAL C 78 -5.10 -1.73 4.19
N ALA C 79 -4.22 -1.36 3.30
CA ALA C 79 -3.41 -0.13 3.53
C ALA C 79 -4.31 1.10 3.40
N ALA C 80 -5.40 0.97 2.69
CA ALA C 80 -6.34 2.11 2.52
C ALA C 80 -7.05 2.43 3.84
N LEU C 81 -7.21 1.45 4.70
CA LEU C 81 -7.93 1.70 5.99
C LEU C 81 -6.97 2.22 7.08
N THR C 82 -5.78 1.70 7.17
CA THR C 82 -4.88 2.20 8.25
C THR C 82 -4.56 3.68 8.01
N VAL C 83 -4.25 4.02 6.78
CA VAL C 83 -3.92 5.43 6.44
C VAL C 83 -5.18 6.30 6.52
N ALA C 84 -6.28 5.82 6.00
CA ALA C 84 -7.54 6.60 6.02
C ALA C 84 -7.98 6.87 7.47
N CYS C 85 -7.70 5.96 8.36
CA CYS C 85 -8.09 6.16 9.78
C CYS C 85 -7.37 7.39 10.33
N ASN C 86 -6.13 7.57 9.97
CA ASN C 86 -5.37 8.75 10.47
C ASN C 86 -6.06 10.03 10.03
N ASN C 87 -6.58 10.06 8.83
CA ASN C 87 -7.26 11.30 8.36
C ASN C 87 -8.44 11.63 9.28
N PHE C 88 -9.17 10.63 9.71
CA PHE C 88 -10.33 10.89 10.62
C PHE C 88 -9.83 11.04 12.06
N PHE C 89 -8.57 10.74 12.29
CA PHE C 89 -8.02 10.84 13.68
C PHE C 89 -8.82 9.94 14.62
N TRP C 90 -8.28 8.81 14.95
CA TRP C 90 -8.99 7.87 15.87
C TRP C 90 -9.31 8.59 17.18
N GLU C 91 -8.58 9.62 17.49
CA GLU C 91 -8.83 10.35 18.76
C GLU C 91 -10.26 10.90 18.76
N ASN C 92 -10.82 11.12 17.60
CA ASN C 92 -12.22 11.64 17.53
C ASN C 92 -13.18 10.47 17.75
N SER C 93 -12.64 9.29 17.86
CA SER C 93 -13.51 8.10 18.07
C SER C 93 -12.65 6.93 18.54
N GLY D 1 6.60 -9.99 14.98
CA GLY D 1 5.37 -9.35 15.62
C GLY D 1 5.29 -7.86 15.75
N SER D 2 6.42 -7.21 15.85
CA SER D 2 6.44 -5.72 15.97
C SER D 2 6.94 -5.11 14.65
N GLU D 3 7.24 -5.94 13.69
CA GLU D 3 7.75 -5.40 12.38
C GLU D 3 6.67 -4.59 11.67
N LEU D 4 5.52 -5.17 11.48
CA LEU D 4 4.44 -4.45 10.75
C LEU D 4 4.05 -3.16 11.48
N GLU D 5 4.00 -3.20 12.78
CA GLU D 5 3.66 -1.97 13.55
C GLU D 5 4.61 -0.85 13.16
N THR D 6 5.88 -1.15 13.14
CA THR D 6 6.88 -0.13 12.76
C THR D 6 6.71 0.28 11.31
N ALA D 7 6.22 -0.58 10.48
CA ALA D 7 6.12 -0.25 9.03
C ALA D 7 5.22 0.97 8.82
N MET D 8 4.04 0.99 9.41
CA MET D 8 3.15 2.16 9.22
C MET D 8 3.85 3.43 9.74
N GLU D 9 4.54 3.30 10.84
CA GLU D 9 5.26 4.48 11.42
C GLU D 9 6.32 4.99 10.44
N THR D 10 6.99 4.10 9.78
CA THR D 10 8.07 4.48 8.83
C THR D 10 7.50 5.20 7.61
N LEU D 11 6.45 4.68 7.04
CA LEU D 11 5.85 5.32 5.83
C LEU D 11 5.41 6.76 6.13
N ILE D 12 4.77 6.97 7.24
CA ILE D 12 4.27 8.34 7.57
C ILE D 12 5.42 9.29 7.94
N ASN D 13 6.46 8.80 8.53
CA ASN D 13 7.58 9.73 8.91
C ASN D 13 8.12 10.38 7.64
N VAL D 14 8.21 9.60 6.59
CA VAL D 14 8.75 10.14 5.30
C VAL D 14 7.70 10.95 4.51
N PHE D 15 6.44 10.57 4.55
CA PHE D 15 5.42 11.34 3.77
C PHE D 15 5.36 12.79 4.24
N HIS D 16 5.30 12.99 5.51
CA HIS D 16 5.19 14.36 6.08
C HIS D 16 6.53 15.09 6.08
N ALA D 17 7.63 14.39 6.08
CA ALA D 17 8.94 15.10 6.14
C ALA D 17 9.25 15.83 4.81
N HIS D 18 9.30 15.16 3.70
CA HIS D 18 9.64 15.89 2.43
C HIS D 18 8.43 16.68 1.90
N SER D 19 7.23 16.25 2.17
CA SER D 19 6.04 16.99 1.65
C SER D 19 5.93 18.36 2.31
N GLY D 20 6.80 18.63 3.23
CA GLY D 20 6.78 19.93 3.96
C GLY D 20 7.93 20.81 3.46
N LYS D 21 8.50 20.47 2.34
CA LYS D 21 9.60 21.28 1.79
C LYS D 21 9.04 22.32 0.82
N GLU D 22 8.74 21.91 -0.38
CA GLU D 22 8.23 22.88 -1.42
C GLU D 22 6.74 22.67 -1.68
N GLY D 23 6.19 21.56 -1.28
CA GLY D 23 4.73 21.32 -1.52
C GLY D 23 3.94 22.00 -0.42
N ASP D 24 2.71 21.59 -0.22
CA ASP D 24 1.90 22.21 0.86
C ASP D 24 2.17 21.43 2.14
N LYS D 25 1.73 21.91 3.26
CA LYS D 25 1.99 21.17 4.51
C LYS D 25 1.51 19.73 4.37
N TYR D 26 0.39 19.49 3.71
CA TYR D 26 -0.13 18.10 3.59
C TYR D 26 -0.49 17.73 2.14
N LYS D 27 0.18 18.26 1.14
CA LYS D 27 -0.14 17.85 -0.27
C LYS D 27 1.18 17.66 -1.04
N LEU D 28 1.22 16.69 -1.93
CA LEU D 28 2.47 16.41 -2.70
C LEU D 28 2.44 17.07 -4.08
N SER D 29 3.59 17.31 -4.62
CA SER D 29 3.71 17.92 -5.97
C SER D 29 4.68 17.09 -6.81
N LYS D 30 4.66 17.24 -8.10
CA LYS D 30 5.58 16.43 -8.97
C LYS D 30 7.01 16.43 -8.41
N LYS D 31 7.50 17.53 -7.91
CA LYS D 31 8.91 17.56 -7.41
C LYS D 31 9.06 16.84 -6.06
N GLU D 32 8.03 16.72 -5.27
CA GLU D 32 8.19 16.03 -3.96
C GLU D 32 8.15 14.51 -4.11
N LEU D 33 7.38 14.00 -5.03
CA LEU D 33 7.36 12.51 -5.21
C LEU D 33 8.63 12.04 -5.91
N LYS D 34 9.15 12.82 -6.81
CA LYS D 34 10.39 12.41 -7.54
C LYS D 34 11.57 12.20 -6.56
N ASP D 35 11.71 13.06 -5.58
CA ASP D 35 12.86 12.91 -4.63
C ASP D 35 12.57 11.84 -3.58
N LEU D 36 11.33 11.61 -3.30
CA LEU D 36 10.98 10.60 -2.26
C LEU D 36 11.42 9.19 -2.68
N LEU D 37 11.29 8.85 -3.94
CA LEU D 37 11.67 7.48 -4.40
C LEU D 37 13.16 7.34 -4.71
N GLN D 38 13.79 8.36 -5.21
CA GLN D 38 15.23 8.23 -5.55
C GLN D 38 16.05 8.12 -4.27
N THR D 39 15.57 8.73 -3.21
CA THR D 39 16.33 8.71 -1.93
C THR D 39 16.14 7.41 -1.17
N GLU D 40 14.92 6.98 -0.99
CA GLU D 40 14.65 5.74 -0.21
C GLU D 40 14.68 4.50 -1.09
N LEU D 41 13.87 4.46 -2.12
CA LEU D 41 13.83 3.25 -3.01
C LEU D 41 14.64 3.50 -4.28
N SER D 42 15.95 3.50 -4.15
CA SER D 42 16.84 3.75 -5.32
C SER D 42 17.05 2.47 -6.16
N SER D 43 16.82 1.31 -5.60
CA SER D 43 17.07 0.04 -6.37
C SER D 43 15.75 -0.62 -6.78
N PHE D 44 14.62 -0.01 -6.50
CA PHE D 44 13.32 -0.62 -6.88
C PHE D 44 12.51 0.38 -7.70
N LEU D 45 11.79 1.25 -7.04
CA LEU D 45 11.00 2.26 -7.78
C LEU D 45 11.95 3.16 -8.55
N ASP D 46 11.66 3.45 -9.78
CA ASP D 46 12.51 4.34 -10.60
C ASP D 46 11.68 5.54 -11.01
N VAL D 47 12.34 6.66 -11.16
CA VAL D 47 11.65 7.91 -11.58
C VAL D 47 12.69 8.75 -12.32
N GLN D 48 13.91 8.69 -11.88
CA GLN D 48 15.00 9.46 -12.55
C GLN D 48 15.53 8.68 -13.75
N LYS D 49 15.52 7.38 -13.69
CA LYS D 49 16.08 6.56 -14.81
C LYS D 49 15.33 6.84 -16.11
N ASP D 50 14.03 6.97 -16.06
CA ASP D 50 13.24 7.24 -17.30
C ASP D 50 12.30 8.42 -17.07
N ALA D 51 12.55 9.51 -17.73
CA ALA D 51 11.66 10.69 -17.59
C ALA D 51 10.28 10.28 -18.09
N ASP D 52 10.22 9.36 -19.02
CA ASP D 52 8.91 8.91 -19.53
C ASP D 52 8.09 8.34 -18.38
N ALA D 53 8.73 7.61 -17.51
CA ALA D 53 8.03 7.02 -16.33
C ALA D 53 7.47 8.10 -15.40
N VAL D 54 8.15 9.20 -15.26
CA VAL D 54 7.66 10.26 -14.35
C VAL D 54 6.44 10.99 -14.92
N ASP D 55 6.56 11.54 -16.09
CA ASP D 55 5.41 12.30 -16.66
C ASP D 55 4.20 11.38 -16.87
N LYS D 56 4.43 10.18 -17.31
CA LYS D 56 3.30 9.26 -17.57
C LYS D 56 2.62 8.81 -16.28
N ILE D 57 3.39 8.54 -15.26
CA ILE D 57 2.79 8.05 -13.99
C ILE D 57 2.23 9.21 -13.18
N MET D 58 3.04 10.19 -12.92
CA MET D 58 2.60 11.34 -12.10
C MET D 58 1.40 12.07 -12.73
N LYS D 59 1.44 12.34 -14.00
CA LYS D 59 0.30 13.08 -14.62
C LYS D 59 -0.93 12.17 -14.66
N GLU D 60 -0.75 10.90 -14.89
CA GLU D 60 -1.91 9.97 -14.94
C GLU D 60 -2.22 9.46 -13.54
N LEU D 61 -1.28 9.59 -12.62
CA LEU D 61 -1.54 9.09 -11.23
C LEU D 61 -2.24 10.21 -10.46
N ASP D 62 -2.10 11.44 -10.92
CA ASP D 62 -2.86 12.56 -10.31
C ASP D 62 -4.15 12.57 -11.12
N GLU D 63 -4.65 11.40 -11.20
CA GLU D 63 -5.86 11.11 -11.99
C GLU D 63 -6.91 12.20 -11.80
N ASN D 64 -6.78 13.03 -10.79
CA ASN D 64 -7.77 14.13 -10.60
C ASN D 64 -7.28 15.33 -11.41
N GLY D 65 -6.22 15.12 -12.14
CA GLY D 65 -5.65 16.20 -13.01
C GLY D 65 -5.35 17.47 -12.21
N ASP D 66 -4.88 17.36 -10.99
CA ASP D 66 -4.56 18.58 -10.18
C ASP D 66 -3.04 18.83 -10.14
N GLY D 67 -2.24 17.90 -10.59
CA GLY D 67 -0.76 18.12 -10.60
C GLY D 67 -0.17 17.84 -9.21
N GLU D 68 -1.01 17.57 -8.22
CA GLU D 68 -0.52 17.27 -6.85
C GLU D 68 -1.03 15.87 -6.49
N VAL D 69 -0.25 15.11 -5.81
CA VAL D 69 -0.65 13.72 -5.48
C VAL D 69 -1.16 13.58 -4.03
N ASP D 70 -2.28 12.93 -3.87
CA ASP D 70 -2.80 12.71 -2.51
C ASP D 70 -2.03 11.54 -1.91
N PHE D 71 -1.93 11.44 -0.62
CA PHE D 71 -1.17 10.33 -0.03
C PHE D 71 -1.80 8.99 -0.45
N GLN D 72 -3.09 8.91 -0.49
CA GLN D 72 -3.78 7.63 -0.88
C GLN D 72 -3.38 7.22 -2.31
N GLU D 73 -3.27 8.14 -3.21
CA GLU D 73 -2.91 7.76 -4.62
C GLU D 73 -1.47 7.25 -4.69
N PHE D 74 -0.58 7.87 -3.96
CA PHE D 74 0.86 7.47 -4.00
C PHE D 74 1.08 6.06 -3.45
N VAL D 75 0.55 5.78 -2.30
CA VAL D 75 0.75 4.44 -1.68
C VAL D 75 0.23 3.29 -2.56
N VAL D 76 -0.88 3.49 -3.21
CA VAL D 76 -1.45 2.38 -4.04
C VAL D 76 -0.56 2.05 -5.25
N LEU D 77 -0.35 2.99 -6.11
CA LEU D 77 0.45 2.72 -7.35
C LEU D 77 1.93 2.47 -7.03
N VAL D 78 2.50 3.27 -6.18
CA VAL D 78 3.95 3.10 -5.83
C VAL D 78 4.19 1.78 -5.08
N ALA D 79 3.31 1.42 -4.20
CA ALA D 79 3.49 0.15 -3.44
C ALA D 79 3.30 -1.05 -4.38
N ALA D 80 2.59 -0.84 -5.45
CA ALA D 80 2.35 -1.95 -6.42
C ALA D 80 3.63 -2.26 -7.22
N LEU D 81 4.56 -1.34 -7.29
CA LEU D 81 5.83 -1.62 -8.05
C LEU D 81 6.90 -2.21 -7.14
N THR D 82 7.03 -1.74 -5.93
CA THR D 82 8.10 -2.31 -5.07
C THR D 82 7.79 -3.79 -4.80
N VAL D 83 6.56 -4.09 -4.50
CA VAL D 83 6.16 -5.51 -4.21
C VAL D 83 6.19 -6.32 -5.51
N ALA D 84 5.68 -5.78 -6.57
CA ALA D 84 5.65 -6.52 -7.87
C ALA D 84 7.08 -6.83 -8.34
N CYS D 85 8.01 -5.96 -8.03
CA CYS D 85 9.42 -6.21 -8.45
C CYS D 85 9.94 -7.48 -7.78
N ASN D 86 9.57 -7.69 -6.55
CA ASN D 86 10.04 -8.91 -5.83
C ASN D 86 9.54 -10.15 -6.58
N ASN D 87 8.34 -10.12 -7.08
CA ASN D 87 7.80 -11.30 -7.79
C ASN D 87 8.69 -11.62 -9.00
N PHE D 88 9.15 -10.62 -9.70
CA PHE D 88 10.04 -10.87 -10.88
C PHE D 88 11.47 -11.10 -10.41
N PHE D 89 11.74 -10.85 -9.15
CA PHE D 89 13.12 -11.04 -8.62
C PHE D 89 14.08 -10.15 -9.40
N TRP D 90 14.47 -9.04 -8.82
CA TRP D 90 15.41 -8.12 -9.52
C TRP D 90 16.69 -8.87 -9.88
N GLU D 91 16.97 -9.95 -9.20
CA GLU D 91 18.20 -10.73 -9.49
C GLU D 91 18.16 -11.21 -10.94
N ASN D 92 16.98 -11.36 -11.49
CA ASN D 92 16.87 -11.83 -12.90
C ASN D 92 17.13 -10.63 -13.82
N SER D 93 17.29 -9.48 -13.24
CA SER D 93 17.54 -8.26 -14.07
C SER D 93 18.07 -7.15 -13.18
N LYS A 1 -15.30 1.68 -7.61
CA LYS A 1 -15.17 0.83 -6.40
C LYS A 1 -15.34 1.72 -5.16
N LYS A 2 -15.53 2.99 -5.36
CA LYS A 2 -15.71 3.93 -4.23
C LYS A 2 -16.95 3.53 -3.41
N ALA A 3 -17.97 3.09 -4.07
CA ALA A 3 -19.21 2.70 -3.33
C ALA A 3 -18.88 1.62 -2.31
N VAL A 4 -18.06 0.67 -2.66
CA VAL A 4 -17.69 -0.41 -1.71
C VAL A 4 -16.98 0.22 -0.50
N TRP A 5 -16.13 1.17 -0.72
CA TRP A 5 -15.40 1.81 0.41
C TRP A 5 -16.41 2.44 1.39
N HIS A 6 -17.42 3.07 0.89
CA HIS A 6 -18.43 3.71 1.79
C HIS A 6 -19.08 2.66 2.69
N LYS A 7 -19.37 1.51 2.16
CA LYS A 7 -20.03 0.45 3.00
C LYS A 7 -19.13 0.10 4.19
N LEU A 8 -17.87 -0.18 3.94
CA LEU A 8 -16.96 -0.55 5.06
C LEU A 8 -16.86 0.58 6.09
N LEU A 9 -16.61 1.77 5.65
CA LEU A 9 -16.48 2.90 6.62
C LEU A 9 -17.83 3.19 7.25
N SER A 10 -18.89 3.15 6.48
CA SER A 10 -20.24 3.44 7.05
C SER A 10 -20.59 2.38 8.11
N LYS A 11 -20.28 1.14 7.88
CA LYS A 11 -20.61 0.09 8.88
C LYS A 11 -19.80 0.33 10.17
N GLN A 12 -18.56 0.71 10.04
CA GLN A 12 -17.74 0.95 11.27
C GLN A 12 -17.95 2.39 11.75
N LYS B 1 -8.13 -0.92 -14.89
CA LYS B 1 -6.88 -0.10 -14.79
C LYS B 1 -5.68 -1.02 -15.03
N LYS B 2 -5.94 -2.28 -15.23
CA LYS B 2 -4.84 -3.27 -15.48
C LYS B 2 -4.06 -2.85 -16.74
N ALA B 3 -4.74 -2.36 -17.74
CA ALA B 3 -4.04 -1.97 -18.99
C ALA B 3 -2.96 -0.92 -18.68
N VAL B 4 -3.27 0.01 -17.81
CA VAL B 4 -2.26 1.04 -17.45
C VAL B 4 -1.05 0.37 -16.80
N TRP B 5 -1.27 -0.61 -15.97
CA TRP B 5 -0.13 -1.30 -15.30
C TRP B 5 0.79 -1.93 -16.36
N HIS B 6 0.22 -2.52 -17.37
CA HIS B 6 1.07 -3.16 -18.42
C HIS B 6 1.98 -2.12 -19.08
N LYS B 7 1.48 -0.94 -19.32
CA LYS B 7 2.33 0.10 -19.98
C LYS B 7 3.56 0.39 -19.13
N LEU B 8 3.37 0.64 -17.86
CA LEU B 8 4.53 0.95 -16.98
C LEU B 8 5.52 -0.22 -16.94
N LEU B 9 5.05 -1.41 -16.72
CA LEU B 9 5.98 -2.56 -16.65
C LEU B 9 6.56 -2.84 -18.04
N SER B 10 5.76 -2.75 -19.05
CA SER B 10 6.27 -3.00 -20.42
C SER B 10 7.35 -1.99 -20.80
N LYS B 11 7.16 -0.75 -20.44
CA LYS B 11 8.20 0.29 -20.78
C LYS B 11 9.50 -0.02 -20.03
N GLN B 12 9.41 -0.43 -18.80
CA GLN B 12 10.66 -0.74 -18.03
C GLN B 12 11.07 -2.19 -18.29
N GLY C 1 16.30 9.01 3.64
CA GLY C 1 15.70 8.19 4.78
C GLY C 1 15.84 6.70 4.76
N SER C 2 16.01 6.10 5.90
CA SER C 2 16.12 4.61 5.98
C SER C 2 14.83 4.05 6.59
N GLU C 3 13.91 4.91 6.94
CA GLU C 3 12.64 4.45 7.54
C GLU C 3 11.80 3.72 6.50
N LEU C 4 11.58 4.35 5.38
CA LEU C 4 10.75 3.73 4.29
C LEU C 4 11.39 2.43 3.82
N GLU C 5 12.69 2.41 3.72
CA GLU C 5 13.40 1.18 3.29
C GLU C 5 13.04 0.04 4.23
N THR C 6 13.11 0.31 5.50
CA THR C 6 12.77 -0.71 6.50
C THR C 6 11.28 -1.04 6.38
N ALA C 7 10.48 -0.13 5.90
CA ALA C 7 9.01 -0.40 5.80
C ALA C 7 8.76 -1.63 4.93
N MET C 8 9.37 -1.68 3.76
CA MET C 8 9.18 -2.85 2.86
C MET C 8 9.64 -4.13 3.55
N GLU C 9 10.71 -4.08 4.27
CA GLU C 9 11.23 -5.30 4.97
C GLU C 9 10.21 -5.79 6.00
N THR C 10 9.59 -4.88 6.69
CA THR C 10 8.61 -5.24 7.76
C THR C 10 7.32 -5.82 7.19
N LEU C 11 6.79 -5.19 6.18
CA LEU C 11 5.50 -5.64 5.58
C LEU C 11 5.59 -7.08 5.03
N ILE C 12 6.67 -7.41 4.39
CA ILE C 12 6.80 -8.77 3.79
C ILE C 12 7.21 -9.81 4.83
N ASN C 13 7.89 -9.44 5.88
CA ASN C 13 8.26 -10.46 6.90
C ASN C 13 6.97 -11.08 7.45
N VAL C 14 6.00 -10.25 7.64
CA VAL C 14 4.69 -10.72 8.18
C VAL C 14 3.85 -11.42 7.10
N PHE C 15 3.91 -10.95 5.88
CA PHE C 15 3.10 -11.59 4.79
C PHE C 15 3.48 -13.06 4.61
N HIS C 16 4.75 -13.34 4.48
CA HIS C 16 5.20 -14.74 4.25
C HIS C 16 5.22 -15.55 5.56
N ALA C 17 5.40 -14.92 6.69
CA ALA C 17 5.45 -15.73 7.95
C ALA C 17 4.07 -16.31 8.28
N HIS C 18 3.08 -15.48 8.46
CA HIS C 18 1.73 -16.01 8.82
C HIS C 18 1.15 -16.80 7.64
N SER C 19 1.36 -16.34 6.43
CA SER C 19 0.81 -17.05 5.23
C SER C 19 1.40 -18.43 5.06
N GLY C 20 2.46 -18.73 5.76
CA GLY C 20 3.13 -20.06 5.60
C GLY C 20 2.72 -21.03 6.71
N LYS C 21 1.67 -20.73 7.43
CA LYS C 21 1.24 -21.67 8.50
C LYS C 21 0.27 -22.68 7.91
N GLU C 22 -0.90 -22.25 7.48
CA GLU C 22 -1.90 -23.22 6.92
C GLU C 22 -2.27 -22.83 5.49
N GLY C 23 -1.76 -21.73 5.00
CA GLY C 23 -2.08 -21.30 3.62
C GLY C 23 -1.26 -22.11 2.61
N ASP C 24 -1.31 -21.73 1.37
CA ASP C 24 -0.52 -22.46 0.33
C ASP C 24 0.80 -21.73 0.09
N LYS C 25 1.66 -22.27 -0.73
CA LYS C 25 2.97 -21.62 -0.99
C LYS C 25 2.80 -20.09 -1.10
N TYR C 26 3.18 -19.40 -0.06
CA TYR C 26 3.07 -17.92 -0.03
C TYR C 26 1.75 -17.44 -0.66
N LYS C 27 0.66 -17.78 -0.03
CA LYS C 27 -0.68 -17.33 -0.49
C LYS C 27 -1.54 -17.10 0.76
N LEU C 28 -2.41 -16.12 0.76
CA LEU C 28 -3.25 -15.88 1.97
C LEU C 28 -4.60 -16.56 1.82
N SER C 29 -5.14 -16.96 2.93
CA SER C 29 -6.48 -17.61 2.96
C SER C 29 -7.32 -16.80 3.93
N LYS C 30 -8.61 -16.90 3.87
CA LYS C 30 -9.43 -16.08 4.81
C LYS C 30 -8.91 -16.22 6.25
N LYS C 31 -8.60 -17.41 6.69
CA LYS C 31 -8.12 -17.58 8.11
C LYS C 31 -6.72 -16.95 8.31
N GLU C 32 -5.91 -16.88 7.28
CA GLU C 32 -4.57 -16.27 7.46
C GLU C 32 -4.74 -14.74 7.45
N LEU C 33 -5.64 -14.26 6.63
CA LEU C 33 -5.87 -12.78 6.53
C LEU C 33 -6.31 -12.16 7.87
N LYS C 34 -7.29 -12.74 8.53
CA LYS C 34 -7.79 -12.13 9.80
C LYS C 34 -6.76 -12.21 10.93
N ASP C 35 -6.06 -13.30 11.07
CA ASP C 35 -5.04 -13.38 12.16
C ASP C 35 -3.90 -12.43 11.83
N LEU C 36 -3.66 -12.23 10.58
CA LEU C 36 -2.56 -11.35 10.15
C LEU C 36 -2.71 -9.89 10.67
N LEU C 37 -3.90 -9.34 10.70
CA LEU C 37 -4.04 -7.92 11.17
C LEU C 37 -4.10 -7.82 12.71
N GLN C 38 -4.80 -8.68 13.36
CA GLN C 38 -4.91 -8.64 14.85
C GLN C 38 -3.70 -9.28 15.50
N THR C 39 -2.91 -10.05 14.80
CA THR C 39 -1.73 -10.68 15.44
C THR C 39 -0.51 -9.75 15.29
N GLU C 40 -0.50 -8.94 14.25
CA GLU C 40 0.65 -8.00 14.04
C GLU C 40 0.14 -6.57 14.26
N LEU C 41 -1.05 -6.27 13.82
CA LEU C 41 -1.62 -4.91 14.03
C LEU C 41 -2.63 -4.97 15.20
N SER C 42 -2.57 -4.02 16.06
CA SER C 42 -3.45 -3.98 17.25
C SER C 42 -4.92 -4.18 16.86
N SER C 43 -5.61 -3.11 16.54
CA SER C 43 -7.05 -3.24 16.15
C SER C 43 -7.51 -1.98 15.39
N PHE C 44 -6.72 -1.48 14.49
CA PHE C 44 -7.18 -0.30 13.69
C PHE C 44 -8.13 -0.89 12.67
N LEU C 45 -7.75 -2.02 12.17
CA LEU C 45 -8.60 -2.77 11.22
C LEU C 45 -9.35 -3.76 12.09
N ASP C 46 -10.63 -3.82 11.98
CA ASP C 46 -11.46 -4.76 12.78
C ASP C 46 -11.77 -5.99 11.94
N VAL C 47 -11.86 -7.12 12.58
CA VAL C 47 -12.19 -8.38 11.88
C VAL C 47 -12.91 -9.30 12.88
N GLN C 48 -12.55 -9.22 14.12
CA GLN C 48 -13.19 -10.08 15.16
C GLN C 48 -14.55 -9.52 15.57
N LYS C 49 -14.57 -8.39 16.24
CA LYS C 49 -15.88 -7.81 16.67
C LYS C 49 -16.77 -7.52 15.47
N ASP C 50 -16.23 -7.04 14.38
CA ASP C 50 -17.09 -6.74 13.19
C ASP C 50 -17.06 -7.94 12.23
N ALA C 51 -17.98 -8.87 12.40
CA ALA C 51 -18.02 -10.05 11.50
C ALA C 51 -18.50 -9.62 10.11
N ASP C 52 -19.37 -8.65 10.06
CA ASP C 52 -19.88 -8.19 8.73
C ASP C 52 -18.69 -7.70 7.91
N ALA C 53 -17.76 -7.06 8.56
CA ALA C 53 -16.54 -6.55 7.86
C ALA C 53 -15.73 -7.71 7.29
N VAL C 54 -15.64 -8.79 7.99
CA VAL C 54 -14.80 -9.94 7.51
C VAL C 54 -15.42 -10.63 6.29
N ASP C 55 -16.63 -11.07 6.39
CA ASP C 55 -17.24 -11.79 5.24
C ASP C 55 -17.42 -10.86 4.04
N LYS C 56 -17.82 -9.64 4.29
CA LYS C 56 -18.06 -8.70 3.17
C LYS C 56 -16.75 -8.30 2.49
N ILE C 57 -15.71 -8.09 3.26
CA ILE C 57 -14.42 -7.63 2.67
C ILE C 57 -13.68 -8.81 2.05
N MET C 58 -13.47 -9.84 2.80
CA MET C 58 -12.73 -11.01 2.29
C MET C 58 -13.40 -11.65 1.07
N LYS C 59 -14.69 -11.80 1.09
CA LYS C 59 -15.37 -12.45 -0.08
C LYS C 59 -15.31 -11.53 -1.30
N GLU C 60 -15.40 -10.25 -1.10
CA GLU C 60 -15.36 -9.31 -2.26
C GLU C 60 -13.91 -8.84 -2.49
N LEU C 61 -13.10 -8.86 -1.45
CA LEU C 61 -11.69 -8.41 -1.65
C LEU C 61 -11.05 -9.50 -2.50
N ASP C 62 -11.44 -10.73 -2.25
CA ASP C 62 -10.95 -11.84 -3.11
C ASP C 62 -11.77 -11.72 -4.39
N GLU C 63 -11.68 -10.54 -4.90
CA GLU C 63 -12.41 -10.12 -6.11
C GLU C 63 -12.23 -11.17 -7.22
N ASN C 64 -11.21 -11.97 -7.17
CA ASN C 64 -11.04 -13.01 -8.23
C ASN C 64 -11.86 -14.23 -7.82
N GLY C 65 -12.50 -14.14 -6.70
CA GLY C 65 -13.37 -15.24 -6.21
C GLY C 65 -12.58 -16.54 -5.98
N ASP C 66 -11.34 -16.45 -5.59
CA ASP C 66 -10.53 -17.68 -5.34
C ASP C 66 -10.52 -18.00 -3.84
N GLY C 67 -10.96 -17.08 -3.01
CA GLY C 67 -10.99 -17.37 -1.54
C GLY C 67 -9.63 -17.10 -0.92
N GLU C 68 -8.65 -16.81 -1.73
CA GLU C 68 -7.29 -16.51 -1.24
C GLU C 68 -6.93 -15.09 -1.68
N VAL C 69 -6.24 -14.38 -0.84
CA VAL C 69 -5.90 -12.97 -1.15
C VAL C 69 -4.45 -12.85 -1.63
N ASP C 70 -4.27 -12.15 -2.71
CA ASP C 70 -2.90 -11.95 -3.24
C ASP C 70 -2.25 -10.86 -2.38
N PHE C 71 -0.96 -10.86 -2.27
CA PHE C 71 -0.32 -9.81 -1.43
C PHE C 71 -0.73 -8.43 -1.97
N GLN C 72 -0.84 -8.30 -3.26
CA GLN C 72 -1.22 -6.96 -3.85
C GLN C 72 -2.58 -6.50 -3.32
N GLU C 73 -3.53 -7.39 -3.19
CA GLU C 73 -4.88 -6.95 -2.70
C GLU C 73 -4.78 -6.54 -1.22
N PHE C 74 -4.02 -7.27 -0.45
CA PHE C 74 -3.86 -6.97 1.00
C PHE C 74 -3.26 -5.58 1.25
N VAL C 75 -2.30 -5.19 0.48
CA VAL C 75 -1.64 -3.87 0.71
C VAL C 75 -2.58 -2.72 0.34
N VAL C 76 -3.39 -2.91 -0.66
CA VAL C 76 -4.30 -1.80 -1.08
C VAL C 76 -5.41 -1.53 -0.06
N LEU C 77 -6.24 -2.50 0.24
CA LEU C 77 -7.37 -2.23 1.18
C LEU C 77 -6.92 -2.04 2.64
N VAL C 78 -6.00 -2.83 3.11
CA VAL C 78 -5.58 -2.70 4.54
C VAL C 78 -4.80 -1.41 4.76
N ALA C 79 -3.95 -1.06 3.84
CA ALA C 79 -3.18 0.20 3.99
C ALA C 79 -4.10 1.39 3.74
N ALA C 80 -5.14 1.19 2.97
CA ALA C 80 -6.10 2.29 2.68
C ALA C 80 -6.75 2.79 3.96
N LEU C 81 -6.93 1.92 4.93
CA LEU C 81 -7.58 2.33 6.20
C LEU C 81 -6.53 2.81 7.21
N THR C 82 -5.33 2.29 7.14
CA THR C 82 -4.28 2.70 8.12
C THR C 82 -4.00 4.21 8.01
N VAL C 83 -3.69 4.69 6.84
CA VAL C 83 -3.39 6.15 6.70
C VAL C 83 -4.69 6.97 6.61
N ALA C 84 -5.71 6.43 6.01
CA ALA C 84 -6.99 7.20 5.87
C ALA C 84 -7.54 7.58 7.26
N CYS C 85 -7.46 6.70 8.21
CA CYS C 85 -7.98 7.02 9.58
C CYS C 85 -7.06 8.08 10.20
N ASN C 86 -5.79 7.97 9.98
CA ASN C 86 -4.84 8.97 10.52
C ASN C 86 -5.18 10.36 9.98
N ASN C 87 -5.60 10.44 8.76
CA ASN C 87 -5.93 11.76 8.16
C ASN C 87 -7.05 12.45 8.95
N PHE C 88 -8.05 11.71 9.38
CA PHE C 88 -9.15 12.37 10.15
C PHE C 88 -8.61 12.90 11.49
N PHE C 89 -7.76 12.16 12.14
CA PHE C 89 -7.20 12.61 13.44
C PHE C 89 -8.35 12.95 14.40
N TRP C 90 -8.66 12.06 15.29
CA TRP C 90 -9.76 12.34 16.27
C TRP C 90 -9.39 13.57 17.09
N GLU C 91 -10.37 14.33 17.50
CA GLU C 91 -10.09 15.56 18.30
C GLU C 91 -9.56 15.19 19.68
N ASN C 92 -9.02 14.01 19.82
CA ASN C 92 -8.50 13.54 21.14
C ASN C 92 -9.67 13.03 21.97
N SER C 93 -10.78 12.77 21.32
CA SER C 93 -11.97 12.24 22.05
C SER C 93 -12.18 13.03 23.33
N GLY D 1 3.51 -9.68 15.98
CA GLY D 1 4.68 -8.88 15.40
C GLY D 1 4.72 -7.41 15.57
N SER D 2 5.89 -6.86 15.75
CA SER D 2 6.03 -5.37 15.91
C SER D 2 6.63 -4.79 14.64
N GLU D 3 6.95 -5.63 13.69
CA GLU D 3 7.55 -5.15 12.41
C GLU D 3 6.52 -4.35 11.62
N LEU D 4 5.38 -4.93 11.38
CA LEU D 4 4.31 -4.26 10.60
C LEU D 4 3.89 -2.95 11.30
N GLU D 5 3.80 -2.98 12.60
CA GLU D 5 3.43 -1.76 13.36
C GLU D 5 4.40 -0.64 13.01
N THR D 6 5.65 -0.96 13.06
CA THR D 6 6.70 0.04 12.74
C THR D 6 6.56 0.42 11.27
N ALA D 7 6.02 -0.45 10.45
CA ALA D 7 5.95 -0.12 8.99
C ALA D 7 5.13 1.16 8.79
N MET D 8 3.97 1.23 9.41
CA MET D 8 3.10 2.44 9.26
C MET D 8 3.85 3.68 9.76
N GLU D 9 4.57 3.55 10.84
CA GLU D 9 5.32 4.72 11.39
C GLU D 9 6.35 5.22 10.36
N THR D 10 6.99 4.31 9.71
CA THR D 10 8.06 4.66 8.73
C THR D 10 7.50 5.30 7.46
N LEU D 11 6.47 4.74 6.92
CA LEU D 11 5.86 5.25 5.65
C LEU D 11 5.37 6.70 5.80
N ILE D 12 4.76 7.02 6.91
CA ILE D 12 4.21 8.41 7.09
C ILE D 12 5.31 9.39 7.49
N ASN D 13 6.32 8.95 8.16
CA ASN D 13 7.40 9.91 8.57
C ASN D 13 7.97 10.54 7.30
N VAL D 14 8.10 9.75 6.29
CA VAL D 14 8.65 10.25 5.00
C VAL D 14 7.59 11.02 4.19
N PHE D 15 6.36 10.60 4.25
CA PHE D 15 5.28 11.30 3.48
C PHE D 15 5.16 12.77 3.90
N HIS D 16 5.06 13.00 5.19
CA HIS D 16 4.89 14.40 5.69
C HIS D 16 6.21 15.16 5.72
N ALA D 17 7.33 14.49 5.85
CA ALA D 17 8.61 15.23 5.92
C ALA D 17 8.95 15.85 4.56
N HIS D 18 9.09 15.06 3.54
CA HIS D 18 9.45 15.62 2.21
C HIS D 18 8.30 16.48 1.66
N SER D 19 7.08 16.06 1.88
CA SER D 19 5.90 16.81 1.36
C SER D 19 5.77 18.19 2.02
N GLY D 20 6.51 18.43 3.06
CA GLY D 20 6.40 19.73 3.78
C GLY D 20 7.52 20.67 3.38
N LYS D 21 8.23 20.39 2.33
CA LYS D 21 9.33 21.30 1.91
C LYS D 21 8.78 22.37 0.98
N GLU D 22 8.31 21.99 -0.18
CA GLU D 22 7.77 23.01 -1.16
C GLU D 22 6.32 22.68 -1.51
N GLY D 23 5.81 21.59 -1.03
CA GLY D 23 4.40 21.22 -1.35
C GLY D 23 3.44 22.04 -0.50
N ASP D 24 2.18 21.71 -0.53
CA ASP D 24 1.18 22.45 0.29
C ASP D 24 0.94 21.68 1.59
N LYS D 25 0.14 22.23 2.47
CA LYS D 25 -0.13 21.52 3.76
C LYS D 25 -0.29 20.02 3.54
N TYR D 26 0.71 19.28 3.88
CA TYR D 26 0.71 17.80 3.72
C TYR D 26 0.04 17.39 2.39
N LYS D 27 0.67 17.74 1.31
CA LYS D 27 0.16 17.35 -0.04
C LYS D 27 1.40 17.12 -0.92
N LEU D 28 1.35 16.17 -1.82
CA LEU D 28 2.54 15.91 -2.70
C LEU D 28 2.40 16.64 -4.02
N SER D 29 3.51 17.02 -4.56
CA SER D 29 3.56 17.72 -5.87
C SER D 29 4.48 16.90 -6.75
N LYS D 30 4.42 17.04 -8.03
CA LYS D 30 5.32 16.22 -8.89
C LYS D 30 6.77 16.30 -8.39
N LYS D 31 7.25 17.45 -8.04
CA LYS D 31 8.67 17.55 -7.57
C LYS D 31 8.87 16.88 -6.20
N GLU D 32 7.85 16.81 -5.38
CA GLU D 32 8.02 16.14 -4.07
C GLU D 32 7.95 14.63 -4.28
N LEU D 33 7.11 14.19 -5.19
CA LEU D 33 6.96 12.75 -5.47
C LEU D 33 8.27 12.09 -5.94
N LYS D 34 8.94 12.68 -6.92
CA LYS D 34 10.18 12.05 -7.46
C LYS D 34 11.31 12.04 -6.44
N ASP D 35 11.51 13.10 -5.70
CA ASP D 35 12.61 13.11 -4.70
C ASP D 35 12.26 12.13 -3.59
N LEU D 36 11.01 11.96 -3.35
CA LEU D 36 10.56 11.06 -2.26
C LEU D 36 11.03 9.60 -2.47
N LEU D 37 11.02 9.09 -3.67
CA LEU D 37 11.43 7.66 -3.87
C LEU D 37 12.95 7.49 -3.98
N GLN D 38 13.64 8.37 -4.63
CA GLN D 38 15.12 8.27 -4.75
C GLN D 38 15.83 8.84 -3.53
N THR D 39 15.16 9.61 -2.71
CA THR D 39 15.83 10.17 -1.52
C THR D 39 15.66 9.20 -0.33
N GLU D 40 14.60 8.44 -0.32
CA GLU D 40 14.35 7.47 0.78
C GLU D 40 14.53 6.05 0.23
N LEU D 41 14.07 5.81 -0.98
CA LEU D 41 14.21 4.46 -1.59
C LEU D 41 15.37 4.51 -2.61
N SER D 42 16.20 3.52 -2.59
CA SER D 42 17.38 3.47 -3.50
C SER D 42 16.97 3.74 -4.95
N SER D 43 16.60 2.70 -5.67
CA SER D 43 16.21 2.89 -7.09
C SER D 43 15.39 1.70 -7.60
N PHE D 44 14.48 1.19 -6.81
CA PHE D 44 13.64 0.07 -7.30
C PHE D 44 12.63 0.71 -8.22
N LEU D 45 12.17 1.86 -7.79
CA LEU D 45 11.25 2.67 -8.60
C LEU D 45 12.15 3.66 -9.33
N ASP D 46 12.02 3.76 -10.61
CA ASP D 46 12.85 4.70 -11.42
C ASP D 46 12.04 5.97 -11.67
N VAL D 47 12.73 7.07 -11.74
CA VAL D 47 12.07 8.37 -12.01
C VAL D 47 13.09 9.28 -12.71
N GLN D 48 14.34 9.13 -12.37
CA GLN D 48 15.40 9.98 -12.99
C GLN D 48 15.77 9.45 -14.38
N LYS D 49 16.39 8.31 -14.45
CA LYS D 49 16.80 7.76 -15.77
C LYS D 49 15.57 7.54 -16.67
N ASP D 50 14.46 7.07 -16.13
CA ASP D 50 13.26 6.86 -16.98
C ASP D 50 12.35 8.09 -16.90
N ALA D 51 12.54 9.03 -17.78
CA ALA D 51 11.68 10.26 -17.77
C ALA D 51 10.27 9.89 -18.25
N ASP D 52 10.17 8.95 -19.15
CA ASP D 52 8.83 8.56 -19.66
C ASP D 52 8.00 8.07 -18.48
N ALA D 53 8.63 7.37 -17.58
CA ALA D 53 7.92 6.84 -16.38
C ALA D 53 7.43 7.98 -15.49
N VAL D 54 8.16 9.06 -15.39
CA VAL D 54 7.74 10.18 -14.52
C VAL D 54 6.53 10.92 -15.08
N ASP D 55 6.62 11.41 -16.28
CA ASP D 55 5.49 12.20 -16.85
C ASP D 55 4.26 11.31 -17.05
N LYS D 56 4.46 10.11 -17.49
CA LYS D 56 3.31 9.21 -17.75
C LYS D 56 2.62 8.79 -16.44
N ILE D 57 3.40 8.51 -15.42
CA ILE D 57 2.81 8.03 -14.14
C ILE D 57 2.23 9.20 -13.36
N MET D 58 3.02 10.20 -13.12
CA MET D 58 2.57 11.37 -12.33
C MET D 58 1.36 12.07 -12.97
N LYS D 59 1.38 12.27 -14.26
CA LYS D 59 0.23 12.98 -14.88
C LYS D 59 -1.02 12.11 -14.84
N GLU D 60 -0.87 10.81 -14.99
CA GLU D 60 -2.07 9.92 -14.96
C GLU D 60 -2.29 9.42 -13.53
N LEU D 61 -1.25 9.37 -12.73
CA LEU D 61 -1.45 8.88 -11.34
C LEU D 61 -2.25 9.97 -10.65
N ASP D 62 -1.96 11.21 -10.99
CA ASP D 62 -2.77 12.33 -10.45
C ASP D 62 -4.06 12.28 -11.26
N GLU D 63 -4.61 11.12 -11.21
CA GLU D 63 -5.85 10.77 -11.93
C GLU D 63 -6.92 11.84 -11.71
N ASN D 64 -6.83 12.61 -10.65
CA ASN D 64 -7.84 13.68 -10.44
C ASN D 64 -7.40 14.91 -11.21
N GLY D 65 -6.29 14.80 -11.88
CA GLY D 65 -5.78 15.92 -12.72
C GLY D 65 -5.50 17.19 -11.88
N ASP D 66 -5.10 17.03 -10.66
CA ASP D 66 -4.78 18.23 -9.80
C ASP D 66 -3.27 18.49 -9.81
N GLY D 67 -2.48 17.56 -10.28
CA GLY D 67 -1.01 17.80 -10.33
C GLY D 67 -0.37 17.46 -8.98
N GLU D 68 -1.19 17.15 -8.00
CA GLU D 68 -0.69 16.80 -6.65
C GLU D 68 -1.16 15.38 -6.34
N VAL D 69 -0.35 14.62 -5.69
CA VAL D 69 -0.71 13.21 -5.39
C VAL D 69 -1.17 13.06 -3.95
N ASP D 70 -2.27 12.40 -3.77
CA ASP D 70 -2.80 12.17 -2.40
C ASP D 70 -1.98 11.03 -1.80
N PHE D 71 -1.85 10.97 -0.52
CA PHE D 71 -1.04 9.87 0.07
C PHE D 71 -1.63 8.52 -0.37
N GLN D 72 -2.93 8.44 -0.47
CA GLN D 72 -3.57 7.14 -0.89
C GLN D 72 -3.08 6.71 -2.28
N GLU D 73 -2.92 7.63 -3.20
CA GLU D 73 -2.47 7.22 -4.56
C GLU D 73 -1.01 6.75 -4.50
N PHE D 74 -0.20 7.42 -3.72
CA PHE D 74 1.25 7.07 -3.59
C PHE D 74 1.45 5.65 -3.04
N VAL D 75 0.67 5.26 -2.09
CA VAL D 75 0.87 3.91 -1.48
C VAL D 75 0.44 2.81 -2.45
N VAL D 76 -0.56 3.06 -3.24
CA VAL D 76 -1.04 1.99 -4.18
C VAL D 76 -0.03 1.73 -5.31
N LEU D 77 0.29 2.71 -6.11
CA LEU D 77 1.21 2.46 -7.27
C LEU D 77 2.66 2.20 -6.83
N VAL D 78 3.17 2.94 -5.89
CA VAL D 78 4.59 2.73 -5.50
C VAL D 78 4.77 1.41 -4.76
N ALA D 79 3.85 1.07 -3.93
CA ALA D 79 3.97 -0.22 -3.18
C ALA D 79 3.67 -1.38 -4.14
N ALA D 80 2.91 -1.11 -5.17
CA ALA D 80 2.55 -2.17 -6.15
C ALA D 80 3.79 -2.65 -6.91
N LEU D 81 4.82 -1.86 -6.98
CA LEU D 81 6.06 -2.28 -7.68
C LEU D 81 7.07 -2.84 -6.66
N THR D 82 7.02 -2.36 -5.46
CA THR D 82 7.99 -2.83 -4.43
C THR D 82 7.84 -4.35 -4.20
N VAL D 83 6.66 -4.80 -3.89
CA VAL D 83 6.46 -6.26 -3.65
C VAL D 83 6.32 -7.03 -4.97
N ALA D 84 5.73 -6.42 -5.97
CA ALA D 84 5.55 -7.15 -7.27
C ALA D 84 6.91 -7.56 -7.85
N CYS D 85 7.90 -6.72 -7.75
CA CYS D 85 9.25 -7.07 -8.29
C CYS D 85 9.84 -8.18 -7.44
N ASN D 86 9.63 -8.11 -6.15
CA ASN D 86 10.17 -9.16 -5.24
C ASN D 86 9.57 -10.52 -5.62
N ASN D 87 8.33 -10.54 -6.03
CA ASN D 87 7.68 -11.83 -6.40
C ASN D 87 8.43 -12.50 -7.55
N PHE D 88 8.88 -11.76 -8.53
CA PHE D 88 9.62 -12.39 -9.67
C PHE D 88 10.93 -12.99 -9.16
N PHE D 89 11.61 -12.31 -8.29
CA PHE D 89 12.91 -12.83 -7.77
C PHE D 89 13.84 -13.16 -8.93
N TRP D 90 14.77 -12.30 -9.23
CA TRP D 90 15.72 -12.57 -10.35
C TRP D 90 16.50 -13.84 -10.03
N GLU D 91 16.87 -14.59 -11.04
CA GLU D 91 17.62 -15.85 -10.81
C GLU D 91 19.03 -15.55 -10.29
N ASN D 92 19.22 -14.39 -9.72
CA ASN D 92 20.57 -13.99 -9.19
C ASN D 92 21.40 -13.47 -10.36
N SER D 93 20.74 -13.14 -11.44
CA SER D 93 21.47 -12.60 -12.62
C SER D 93 22.74 -13.43 -12.88
N LYS A 1 -16.44 -0.49 -5.55
CA LYS A 1 -15.73 -0.91 -4.31
C LYS A 1 -16.00 0.12 -3.21
N LYS A 2 -16.36 1.32 -3.58
CA LYS A 2 -16.65 2.36 -2.56
C LYS A 2 -17.80 1.91 -1.65
N ALA A 3 -18.76 1.22 -2.19
CA ALA A 3 -19.91 0.77 -1.36
C ALA A 3 -19.38 -0.12 -0.22
N VAL A 4 -18.48 -1.02 -0.50
CA VAL A 4 -17.94 -1.87 0.59
C VAL A 4 -17.29 -0.95 1.63
N TRP A 5 -16.47 -0.03 1.19
CA TRP A 5 -15.80 0.90 2.14
C TRP A 5 -16.87 1.70 2.90
N HIS A 6 -17.91 2.11 2.23
CA HIS A 6 -18.96 2.89 2.92
C HIS A 6 -19.55 2.06 4.07
N LYS A 7 -19.78 0.80 3.84
CA LYS A 7 -20.36 -0.06 4.92
C LYS A 7 -19.42 -0.07 6.13
N LEU A 8 -18.15 -0.34 5.92
CA LEU A 8 -17.20 -0.38 7.07
C LEU A 8 -17.10 1.00 7.73
N LEU A 9 -16.87 2.02 6.95
CA LEU A 9 -16.76 3.39 7.51
C LEU A 9 -18.12 3.89 8.02
N SER A 10 -19.19 3.60 7.31
CA SER A 10 -20.52 4.08 7.78
C SER A 10 -20.83 3.48 9.15
N LYS A 11 -20.58 2.21 9.32
CA LYS A 11 -20.85 1.57 10.64
C LYS A 11 -19.87 2.12 11.67
N GLN A 12 -18.62 2.30 11.29
CA GLN A 12 -17.62 2.85 12.25
C GLN A 12 -16.64 3.75 11.51
N LYS B 1 -5.70 1.20 -16.34
CA LYS B 1 -4.45 1.54 -15.61
C LYS B 1 -3.38 0.48 -15.92
N LYS B 2 -3.80 -0.68 -16.31
CA LYS B 2 -2.82 -1.76 -16.64
C LYS B 2 -1.91 -1.30 -17.78
N ALA B 3 -2.43 -0.56 -18.72
CA ALA B 3 -1.58 -0.10 -19.85
C ALA B 3 -0.41 0.72 -19.30
N VAL B 4 -0.65 1.60 -18.37
CA VAL B 4 0.47 2.39 -17.81
C VAL B 4 1.49 1.43 -17.19
N TRP B 5 1.01 0.50 -16.40
CA TRP B 5 1.92 -0.49 -15.77
C TRP B 5 2.66 -1.28 -16.86
N HIS B 6 1.97 -1.63 -17.91
CA HIS B 6 2.64 -2.41 -18.99
C HIS B 6 3.80 -1.60 -19.56
N LYS B 7 3.63 -0.32 -19.76
CA LYS B 7 4.73 0.51 -20.30
C LYS B 7 5.94 0.45 -19.36
N LEU B 8 5.75 0.69 -18.10
CA LEU B 8 6.89 0.66 -17.15
C LEU B 8 7.51 -0.74 -17.08
N LEU B 9 6.69 -1.74 -16.89
CA LEU B 9 7.21 -3.14 -16.82
C LEU B 9 7.70 -3.61 -18.19
N SER B 10 6.99 -3.27 -19.25
CA SER B 10 7.44 -3.72 -20.60
C SER B 10 8.83 -3.16 -20.90
N LYS B 11 9.05 -1.90 -20.60
CA LYS B 11 10.38 -1.30 -20.86
C LYS B 11 11.40 -1.91 -19.90
N GLN B 12 11.02 -2.12 -18.67
CA GLN B 12 11.96 -2.73 -17.68
C GLN B 12 11.19 -3.64 -16.72
N GLY C 1 16.59 9.38 4.06
CA GLY C 1 16.19 8.52 5.24
C GLY C 1 16.27 7.03 5.12
N SER C 2 16.39 6.34 6.24
CA SER C 2 16.47 4.85 6.21
C SER C 2 15.15 4.27 6.74
N GLU C 3 14.23 5.11 7.12
CA GLU C 3 12.94 4.62 7.68
C GLU C 3 12.17 3.84 6.61
N LEU C 4 11.97 4.43 5.47
CA LEU C 4 11.17 3.77 4.41
C LEU C 4 11.81 2.43 4.00
N GLU C 5 13.11 2.38 3.94
CA GLU C 5 13.80 1.11 3.57
C GLU C 5 13.34 0.00 4.52
N THR C 6 13.38 0.28 5.79
CA THR C 6 12.96 -0.72 6.82
C THR C 6 11.49 -1.06 6.66
N ALA C 7 10.69 -0.11 6.29
CA ALA C 7 9.23 -0.37 6.17
C ALA C 7 8.96 -1.57 5.25
N MET C 8 9.55 -1.61 4.10
CA MET C 8 9.32 -2.77 3.17
C MET C 8 9.77 -4.06 3.87
N GLU C 9 10.85 -4.01 4.57
CA GLU C 9 11.35 -5.21 5.28
C GLU C 9 10.31 -5.71 6.30
N THR C 10 9.69 -4.81 6.97
CA THR C 10 8.70 -5.18 8.01
C THR C 10 7.42 -5.78 7.41
N LEU C 11 6.89 -5.15 6.40
CA LEU C 11 5.64 -5.64 5.76
C LEU C 11 5.82 -7.05 5.20
N ILE C 12 6.95 -7.32 4.63
CA ILE C 12 7.19 -8.67 4.01
C ILE C 12 7.62 -9.70 5.06
N ASN C 13 8.28 -9.30 6.11
CA ASN C 13 8.68 -10.29 7.14
C ASN C 13 7.42 -10.93 7.72
N VAL C 14 6.42 -10.13 7.92
CA VAL C 14 5.13 -10.62 8.50
C VAL C 14 4.24 -11.26 7.42
N PHE C 15 4.24 -10.72 6.24
CA PHE C 15 3.38 -11.27 5.15
C PHE C 15 3.73 -12.73 4.85
N HIS C 16 4.99 -13.00 4.66
CA HIS C 16 5.43 -14.38 4.34
C HIS C 16 5.40 -15.26 5.58
N ALA C 17 5.48 -14.69 6.75
CA ALA C 17 5.47 -15.53 7.97
C ALA C 17 4.09 -16.13 8.22
N HIS C 18 3.06 -15.34 8.38
CA HIS C 18 1.73 -15.92 8.68
C HIS C 18 1.16 -16.67 7.46
N SER C 19 1.34 -16.13 6.28
CA SER C 19 0.80 -16.78 5.04
C SER C 19 1.52 -18.10 4.75
N GLY C 20 2.65 -18.31 5.35
CA GLY C 20 3.42 -19.57 5.08
C GLY C 20 3.06 -20.64 6.10
N LYS C 21 2.02 -20.46 6.87
CA LYS C 21 1.64 -21.52 7.84
C LYS C 21 0.76 -22.51 7.09
N GLU C 22 -0.39 -22.05 6.65
CA GLU C 22 -1.33 -22.94 5.90
C GLU C 22 -1.50 -22.33 4.51
N GLY C 23 -0.62 -22.62 3.60
CA GLY C 23 -0.77 -22.03 2.23
C GLY C 23 0.04 -22.83 1.20
N ASP C 24 -0.04 -22.42 -0.03
CA ASP C 24 0.69 -23.11 -1.13
C ASP C 24 1.97 -22.35 -1.43
N LYS C 25 1.86 -21.06 -1.46
CA LYS C 25 3.04 -20.21 -1.74
C LYS C 25 2.66 -18.76 -1.45
N TYR C 26 2.92 -18.34 -0.26
CA TYR C 26 2.62 -16.94 0.16
C TYR C 26 1.23 -16.51 -0.32
N LYS C 27 0.34 -17.43 -0.53
CA LYS C 27 -1.05 -17.04 -0.95
C LYS C 27 -1.87 -16.96 0.33
N LEU C 28 -2.76 -16.01 0.46
CA LEU C 28 -3.55 -15.88 1.72
C LEU C 28 -4.92 -16.54 1.57
N SER C 29 -5.49 -16.87 2.68
CA SER C 29 -6.83 -17.50 2.71
C SER C 29 -7.67 -16.73 3.72
N LYS C 30 -8.95 -16.89 3.70
CA LYS C 30 -9.81 -16.14 4.66
C LYS C 30 -9.24 -16.24 6.09
N LYS C 31 -8.74 -17.38 6.48
CA LYS C 31 -8.19 -17.52 7.87
C LYS C 31 -6.75 -16.98 7.99
N GLU C 32 -5.98 -16.97 6.93
CA GLU C 32 -4.58 -16.46 7.05
C GLU C 32 -4.58 -14.92 7.10
N LEU C 33 -5.51 -14.29 6.45
CA LEU C 33 -5.54 -12.79 6.47
C LEU C 33 -6.26 -12.29 7.74
N LYS C 34 -7.25 -13.01 8.20
CA LYS C 34 -7.98 -12.57 9.43
C LYS C 34 -7.02 -12.53 10.63
N ASP C 35 -6.15 -13.50 10.74
CA ASP C 35 -5.19 -13.53 11.89
C ASP C 35 -4.03 -12.57 11.62
N LEU C 36 -3.69 -12.38 10.39
CA LEU C 36 -2.55 -11.47 10.03
C LEU C 36 -2.85 -10.00 10.41
N LEU C 37 -4.04 -9.53 10.21
CA LEU C 37 -4.35 -8.09 10.52
C LEU C 37 -4.67 -7.86 12.00
N GLN C 38 -5.37 -8.75 12.62
CA GLN C 38 -5.72 -8.53 14.04
C GLN C 38 -4.48 -8.58 14.91
N THR C 39 -3.61 -9.50 14.61
CA THR C 39 -2.40 -9.69 15.46
C THR C 39 -1.30 -8.68 15.11
N GLU C 40 -0.78 -8.77 13.92
CA GLU C 40 0.35 -7.90 13.51
C GLU C 40 -0.06 -6.43 13.33
N LEU C 41 -1.22 -6.14 12.74
CA LEU C 41 -1.61 -4.70 12.53
C LEU C 41 -2.59 -4.25 13.61
N SER C 42 -2.45 -4.75 14.81
CA SER C 42 -3.34 -4.29 15.92
C SER C 42 -3.30 -2.76 15.93
N SER C 43 -4.43 -2.10 16.02
CA SER C 43 -4.42 -0.60 16.05
C SER C 43 -5.78 -0.04 15.60
N PHE C 44 -6.32 -0.52 14.51
CA PHE C 44 -7.63 0.02 14.05
C PHE C 44 -8.31 -0.95 13.08
N LEU C 45 -7.56 -1.64 12.27
CA LEU C 45 -8.22 -2.58 11.33
C LEU C 45 -9.02 -3.58 12.17
N ASP C 46 -10.27 -3.79 11.87
CA ASP C 46 -11.11 -4.74 12.65
C ASP C 46 -11.43 -5.94 11.77
N VAL C 47 -11.48 -7.10 12.36
CA VAL C 47 -11.81 -8.34 11.61
C VAL C 47 -12.47 -9.34 12.58
N GLN C 48 -12.11 -9.28 13.84
CA GLN C 48 -12.68 -10.24 14.82
C GLN C 48 -14.08 -9.81 15.27
N LYS C 49 -14.17 -8.75 16.02
CA LYS C 49 -15.50 -8.30 16.52
C LYS C 49 -16.43 -7.96 15.36
N ASP C 50 -15.91 -7.49 14.25
CA ASP C 50 -16.80 -7.15 13.10
C ASP C 50 -16.89 -8.33 12.14
N ALA C 51 -17.85 -9.18 12.34
CA ALA C 51 -18.01 -10.37 11.44
C ALA C 51 -18.47 -9.90 10.05
N ASP C 52 -19.34 -8.92 10.01
CA ASP C 52 -19.82 -8.41 8.70
C ASP C 52 -18.62 -7.89 7.91
N ALA C 53 -17.71 -7.25 8.58
CA ALA C 53 -16.49 -6.70 7.90
C ALA C 53 -15.65 -7.82 7.27
N VAL C 54 -15.51 -8.93 7.93
CA VAL C 54 -14.65 -10.01 7.38
C VAL C 54 -15.27 -10.67 6.16
N ASP C 55 -16.46 -11.17 6.26
CA ASP C 55 -17.06 -11.87 5.08
C ASP C 55 -17.27 -10.90 3.93
N LYS C 56 -17.68 -9.71 4.21
CA LYS C 56 -17.95 -8.73 3.12
C LYS C 56 -16.65 -8.25 2.47
N ILE C 57 -15.63 -8.02 3.24
CA ILE C 57 -14.35 -7.50 2.66
C ILE C 57 -13.60 -8.63 1.98
N MET C 58 -13.35 -9.69 2.69
CA MET C 58 -12.60 -10.83 2.12
C MET C 58 -13.32 -11.42 0.90
N LYS C 59 -14.59 -11.65 1.01
CA LYS C 59 -15.31 -12.26 -0.15
C LYS C 59 -15.35 -11.29 -1.33
N GLU C 60 -15.54 -10.02 -1.07
CA GLU C 60 -15.58 -9.03 -2.18
C GLU C 60 -14.17 -8.54 -2.48
N LEU C 61 -13.24 -8.75 -1.57
CA LEU C 61 -11.83 -8.29 -1.84
C LEU C 61 -11.16 -9.40 -2.65
N ASP C 62 -11.73 -10.59 -2.61
CA ASP C 62 -11.22 -11.70 -3.46
C ASP C 62 -12.05 -11.58 -4.73
N GLU C 63 -12.12 -10.35 -5.13
CA GLU C 63 -12.90 -9.94 -6.32
C GLU C 63 -12.75 -10.97 -7.45
N ASN C 64 -11.74 -11.79 -7.41
CA ASN C 64 -11.58 -12.81 -8.49
C ASN C 64 -12.37 -14.06 -8.09
N GLY C 65 -13.01 -13.99 -6.96
CA GLY C 65 -13.85 -15.12 -6.47
C GLY C 65 -13.02 -16.39 -6.24
N ASP C 66 -11.80 -16.26 -5.78
CA ASP C 66 -10.96 -17.48 -5.54
C ASP C 66 -10.92 -17.83 -4.04
N GLY C 67 -11.33 -16.93 -3.18
CA GLY C 67 -11.34 -17.26 -1.71
C GLY C 67 -9.96 -17.03 -1.10
N GLU C 68 -8.98 -16.71 -1.91
CA GLU C 68 -7.61 -16.46 -1.42
C GLU C 68 -7.22 -15.05 -1.87
N VAL C 69 -6.50 -14.35 -1.06
CA VAL C 69 -6.11 -12.95 -1.39
C VAL C 69 -4.63 -12.87 -1.74
N ASP C 70 -4.32 -12.28 -2.86
CA ASP C 70 -2.89 -12.17 -3.25
C ASP C 70 -2.28 -10.99 -2.47
N PHE C 71 -1.00 -10.88 -2.45
CA PHE C 71 -0.36 -9.77 -1.71
C PHE C 71 -0.83 -8.40 -2.24
N GLN C 72 -1.02 -8.27 -3.53
CA GLN C 72 -1.44 -6.93 -4.07
C GLN C 72 -2.80 -6.50 -3.48
N GLU C 73 -3.74 -7.42 -3.38
CA GLU C 73 -5.08 -7.05 -2.82
C GLU C 73 -4.98 -6.75 -1.31
N PHE C 74 -4.21 -7.54 -0.61
CA PHE C 74 -4.09 -7.38 0.87
C PHE C 74 -3.42 -6.07 1.29
N VAL C 75 -2.40 -5.67 0.59
CA VAL C 75 -1.68 -4.41 0.95
C VAL C 75 -2.49 -3.17 0.55
N VAL C 76 -3.25 -3.26 -0.49
CA VAL C 76 -4.03 -2.08 -0.97
C VAL C 76 -5.18 -1.74 0.00
N LEU C 77 -6.08 -2.64 0.24
CA LEU C 77 -7.25 -2.32 1.11
C LEU C 77 -6.87 -2.09 2.58
N VAL C 78 -5.97 -2.86 3.11
CA VAL C 78 -5.60 -2.70 4.55
C VAL C 78 -4.90 -1.37 4.79
N ALA C 79 -4.08 -0.96 3.86
CA ALA C 79 -3.34 0.33 4.02
C ALA C 79 -4.27 1.54 3.78
N ALA C 80 -5.30 1.38 3.00
CA ALA C 80 -6.21 2.54 2.77
C ALA C 80 -6.88 2.91 4.11
N LEU C 81 -7.44 1.93 4.76
CA LEU C 81 -8.12 2.17 6.07
C LEU C 81 -7.10 2.62 7.12
N THR C 82 -5.91 2.11 7.06
CA THR C 82 -4.88 2.47 8.09
C THR C 82 -4.60 3.98 8.08
N VAL C 83 -4.23 4.52 6.95
CA VAL C 83 -3.91 5.98 6.87
C VAL C 83 -5.19 6.82 6.94
N ALA C 84 -6.21 6.35 6.31
CA ALA C 84 -7.49 7.11 6.28
C ALA C 84 -8.02 7.30 7.70
N CYS C 85 -7.88 6.29 8.52
CA CYS C 85 -8.38 6.40 9.93
C CYS C 85 -7.60 7.51 10.66
N ASN C 86 -6.32 7.60 10.43
CA ASN C 86 -5.51 8.65 11.13
C ASN C 86 -6.03 10.05 10.79
N ASN C 87 -6.41 10.28 9.56
CA ASN C 87 -6.91 11.64 9.18
C ASN C 87 -8.15 11.99 10.00
N PHE C 88 -9.05 11.05 10.18
CA PHE C 88 -10.28 11.33 10.97
C PHE C 88 -9.94 11.50 12.45
N PHE C 89 -8.90 10.85 12.91
CA PHE C 89 -8.53 10.93 14.35
C PHE C 89 -9.70 10.42 15.19
N TRP C 90 -10.47 9.53 14.64
CA TRP C 90 -11.63 8.97 15.36
C TRP C 90 -11.19 8.29 16.66
N GLU C 91 -10.10 7.58 16.63
CA GLU C 91 -9.64 6.87 17.86
C GLU C 91 -9.45 7.87 18.99
N ASN C 92 -8.96 9.04 18.71
CA ASN C 92 -8.76 10.06 19.80
C ASN C 92 -10.01 10.95 19.89
N SER C 93 -10.86 10.87 18.91
CA SER C 93 -12.10 11.72 18.89
C SER C 93 -13.32 10.83 18.67
N GLY D 1 3.87 -10.06 16.28
CA GLY D 1 5.07 -9.23 15.86
C GLY D 1 5.02 -7.74 16.00
N SER D 2 6.17 -7.11 16.12
CA SER D 2 6.20 -5.62 16.24
C SER D 2 6.75 -5.02 14.94
N GLU D 3 7.08 -5.85 13.99
CA GLU D 3 7.64 -5.33 12.70
C GLU D 3 6.60 -4.48 11.97
N LEU D 4 5.43 -5.01 11.78
CA LEU D 4 4.38 -4.28 11.01
C LEU D 4 4.04 -2.96 11.72
N GLU D 5 3.99 -2.95 13.02
CA GLU D 5 3.68 -1.69 13.75
C GLU D 5 4.68 -0.60 13.32
N THR D 6 5.93 -0.94 13.32
CA THR D 6 6.98 0.04 12.94
C THR D 6 6.82 0.42 11.47
N ALA D 7 6.38 -0.48 10.66
CA ALA D 7 6.28 -0.17 9.19
C ALA D 7 5.44 1.09 8.97
N MET D 8 4.28 1.17 9.57
CA MET D 8 3.41 2.36 9.40
C MET D 8 4.15 3.60 9.89
N GLU D 9 4.87 3.47 10.96
CA GLU D 9 5.64 4.64 11.49
C GLU D 9 6.65 5.13 10.45
N THR D 10 7.28 4.21 9.78
CA THR D 10 8.32 4.58 8.80
C THR D 10 7.73 5.26 7.55
N LEU D 11 6.68 4.69 7.01
CA LEU D 11 6.04 5.24 5.79
C LEU D 11 5.55 6.67 6.02
N ILE D 12 5.00 6.93 7.17
CA ILE D 12 4.45 8.29 7.46
C ILE D 12 5.56 9.26 7.89
N ASN D 13 6.58 8.79 8.53
CA ASN D 13 7.66 9.72 8.96
C ASN D 13 8.25 10.39 7.71
N VAL D 14 8.40 9.60 6.68
CA VAL D 14 9.00 10.11 5.41
C VAL D 14 7.94 10.83 4.56
N PHE D 15 6.73 10.34 4.56
CA PHE D 15 5.65 10.98 3.73
C PHE D 15 5.42 12.42 4.13
N HIS D 16 5.25 12.66 5.40
CA HIS D 16 5.00 14.04 5.88
C HIS D 16 6.28 14.87 5.86
N ALA D 17 7.43 14.23 5.91
CA ALA D 17 8.68 15.02 5.92
C ALA D 17 8.93 15.66 4.55
N HIS D 18 9.05 14.90 3.50
CA HIS D 18 9.35 15.51 2.18
C HIS D 18 8.15 16.33 1.66
N SER D 19 6.95 15.84 1.83
CA SER D 19 5.74 16.57 1.33
C SER D 19 5.52 17.87 2.09
N GLY D 20 6.14 18.02 3.23
CA GLY D 20 5.94 19.25 4.04
C GLY D 20 6.99 20.30 3.71
N LYS D 21 7.74 20.11 2.65
CA LYS D 21 8.74 21.15 2.29
C LYS D 21 8.04 22.20 1.45
N GLU D 22 7.56 21.80 0.30
CA GLU D 22 6.83 22.74 -0.60
C GLU D 22 5.41 22.20 -0.78
N GLY D 23 4.53 22.51 0.12
CA GLY D 23 3.13 21.98 -0.02
C GLY D 23 2.16 22.77 0.83
N ASP D 24 0.91 22.43 0.75
CA ASP D 24 -0.16 23.14 1.53
C ASP D 24 -0.48 22.35 2.78
N LYS D 25 -0.55 21.06 2.63
CA LYS D 25 -0.86 20.19 3.78
C LYS D 25 -0.63 18.75 3.35
N TYR D 26 0.53 18.27 3.59
CA TYR D 26 0.89 16.86 3.22
C TYR D 26 0.37 16.50 1.83
N LYS D 27 0.19 17.47 0.97
CA LYS D 27 -0.26 17.13 -0.43
C LYS D 27 1.01 17.03 -1.27
N LEU D 28 1.08 16.10 -2.19
CA LEU D 28 2.33 15.95 -3.00
C LEU D 28 2.18 16.65 -4.34
N SER D 29 3.30 16.96 -4.92
CA SER D 29 3.35 17.64 -6.24
C SER D 29 4.31 16.85 -7.11
N LYS D 30 4.28 17.05 -8.39
CA LYS D 30 5.19 16.29 -9.29
C LYS D 30 6.63 16.31 -8.73
N LYS D 31 7.08 17.42 -8.20
CA LYS D 31 8.48 17.48 -7.67
C LYS D 31 8.59 16.89 -6.25
N GLU D 32 7.54 16.90 -5.47
CA GLU D 32 7.67 16.33 -4.09
C GLU D 32 7.65 14.81 -4.14
N LEU D 33 6.95 14.22 -5.08
CA LEU D 33 6.91 12.74 -5.17
C LEU D 33 8.14 12.20 -5.92
N LYS D 34 8.62 12.93 -6.88
CA LYS D 34 9.82 12.47 -7.64
C LYS D 34 11.04 12.34 -6.71
N ASP D 35 11.21 13.29 -5.81
CA ASP D 35 12.36 13.24 -4.87
C ASP D 35 12.07 12.24 -3.74
N LEU D 36 10.84 12.09 -3.38
CA LEU D 36 10.47 11.16 -2.28
C LEU D 36 10.77 9.69 -2.61
N LEU D 37 10.54 9.27 -3.83
CA LEU D 37 10.77 7.82 -4.18
C LEU D 37 12.24 7.54 -4.54
N GLN D 38 12.90 8.43 -5.21
CA GLN D 38 14.30 8.17 -5.60
C GLN D 38 15.19 8.14 -4.37
N THR D 39 14.93 9.04 -3.46
CA THR D 39 15.80 9.15 -2.26
C THR D 39 15.43 8.12 -1.19
N GLU D 40 14.26 8.24 -0.64
CA GLU D 40 13.82 7.34 0.46
C GLU D 40 13.57 5.91 0.00
N LEU D 41 12.97 5.69 -1.16
CA LEU D 41 12.69 4.27 -1.59
C LEU D 41 13.74 3.80 -2.60
N SER D 42 14.95 4.24 -2.46
CA SER D 42 16.02 3.77 -3.38
C SER D 42 15.97 2.24 -3.40
N SER D 43 16.02 1.62 -4.54
CA SER D 43 15.99 0.11 -4.59
C SER D 43 15.49 -0.38 -5.96
N PHE D 44 14.42 0.16 -6.47
CA PHE D 44 13.91 -0.31 -7.78
C PHE D 44 12.98 0.73 -8.41
N LEU D 45 12.21 1.43 -7.62
CA LEU D 45 11.30 2.44 -8.25
C LEU D 45 12.17 3.43 -9.03
N ASP D 46 11.87 3.68 -10.27
CA ASP D 46 12.67 4.63 -11.09
C ASP D 46 11.84 5.87 -11.35
N VAL D 47 12.47 7.00 -11.38
CA VAL D 47 11.77 8.28 -11.65
C VAL D 47 12.78 9.26 -12.29
N GLN D 48 14.03 9.13 -11.95
CA GLN D 48 15.05 10.07 -12.50
C GLN D 48 15.47 9.68 -13.92
N LYS D 49 16.16 8.58 -14.06
CA LYS D 49 16.63 8.16 -15.40
C LYS D 49 15.45 7.90 -16.34
N ASP D 50 14.33 7.47 -15.81
CA ASP D 50 13.16 7.20 -16.70
C ASP D 50 12.24 8.43 -16.73
N ALA D 51 12.46 9.30 -17.67
CA ALA D 51 11.61 10.52 -17.78
C ALA D 51 10.21 10.12 -18.24
N ASP D 52 10.11 9.17 -19.13
CA ASP D 52 8.77 8.74 -19.61
C ASP D 52 7.97 8.22 -18.42
N ALA D 53 8.62 7.54 -17.53
CA ALA D 53 7.93 6.98 -16.33
C ALA D 53 7.38 8.07 -15.42
N VAL D 54 8.08 9.16 -15.28
CA VAL D 54 7.58 10.24 -14.37
C VAL D 54 6.37 10.96 -14.95
N ASP D 55 6.49 11.49 -16.12
CA ASP D 55 5.34 12.25 -16.68
C ASP D 55 4.14 11.34 -16.91
N LYS D 56 4.37 10.15 -17.37
CA LYS D 56 3.23 9.24 -17.65
C LYS D 56 2.57 8.74 -16.35
N ILE D 57 3.35 8.43 -15.35
CA ILE D 57 2.78 7.90 -14.09
C ILE D 57 2.15 9.04 -13.29
N MET D 58 2.91 10.06 -13.02
CA MET D 58 2.39 11.19 -12.21
C MET D 58 1.18 11.85 -12.89
N LYS D 59 1.28 12.13 -14.15
CA LYS D 59 0.15 12.81 -14.85
C LYS D 59 -1.07 11.88 -14.89
N GLU D 60 -0.86 10.62 -15.14
CA GLU D 60 -2.02 9.67 -15.20
C GLU D 60 -2.32 9.14 -13.80
N LEU D 61 -1.39 9.29 -12.87
CA LEU D 61 -1.67 8.80 -11.48
C LEU D 61 -2.42 9.92 -10.75
N ASP D 62 -2.33 11.12 -11.28
CA ASP D 62 -3.13 12.24 -10.72
C ASP D 62 -4.41 12.21 -11.54
N GLU D 63 -4.87 11.01 -11.65
CA GLU D 63 -6.07 10.67 -12.42
C GLU D 63 -7.16 11.73 -12.22
N ASN D 64 -7.08 12.52 -11.17
CA ASN D 64 -8.11 13.58 -10.97
C ASN D 64 -7.67 14.84 -11.72
N GLY D 65 -6.55 14.74 -12.39
CA GLY D 65 -6.03 15.87 -13.20
C GLY D 65 -5.72 17.11 -12.33
N ASP D 66 -5.26 16.92 -11.11
CA ASP D 66 -4.96 18.10 -10.23
C ASP D 66 -3.45 18.37 -10.21
N GLY D 67 -2.64 17.46 -10.67
CA GLY D 67 -1.16 17.72 -10.69
C GLY D 67 -0.54 17.43 -9.33
N GLU D 68 -1.35 17.11 -8.34
CA GLU D 68 -0.83 16.79 -6.99
C GLU D 68 -1.34 15.39 -6.62
N VAL D 69 -0.54 14.63 -5.95
CA VAL D 69 -0.93 13.23 -5.61
C VAL D 69 -1.27 13.13 -4.13
N ASP D 70 -2.41 12.57 -3.82
CA ASP D 70 -2.78 12.42 -2.39
C ASP D 70 -2.05 11.21 -1.84
N PHE D 71 -2.03 11.05 -0.55
CA PHE D 71 -1.31 9.88 0.04
C PHE D 71 -1.91 8.55 -0.47
N GLN D 72 -3.21 8.48 -0.65
CA GLN D 72 -3.80 7.18 -1.11
C GLN D 72 -3.26 6.78 -2.49
N GLU D 73 -3.12 7.71 -3.39
CA GLU D 73 -2.60 7.37 -4.76
C GLU D 73 -1.11 7.01 -4.70
N PHE D 74 -0.36 7.73 -3.91
CA PHE D 74 1.12 7.52 -3.81
C PHE D 74 1.49 6.16 -3.19
N VAL D 75 0.79 5.75 -2.18
CA VAL D 75 1.10 4.46 -1.50
C VAL D 75 0.65 3.27 -2.34
N VAL D 76 -0.41 3.43 -3.09
CA VAL D 76 -0.94 2.30 -3.90
C VAL D 76 -0.02 1.94 -5.07
N LEU D 77 0.25 2.88 -5.94
CA LEU D 77 1.10 2.54 -7.14
C LEU D 77 2.56 2.25 -6.79
N VAL D 78 3.13 2.96 -5.87
CA VAL D 78 4.57 2.74 -5.53
C VAL D 78 4.75 1.37 -4.88
N ALA D 79 3.82 0.97 -4.07
CA ALA D 79 3.94 -0.35 -3.36
C ALA D 79 3.63 -1.50 -4.33
N ALA D 80 2.84 -1.30 -5.35
CA ALA D 80 2.58 -2.43 -6.29
C ALA D 80 3.91 -2.80 -6.94
N LEU D 81 4.54 -1.84 -7.54
CA LEU D 81 5.84 -2.10 -8.24
C LEU D 81 6.89 -2.62 -7.25
N THR D 82 6.86 -2.15 -6.04
CA THR D 82 7.89 -2.59 -5.04
C THR D 82 7.83 -4.11 -4.80
N VAL D 83 6.69 -4.62 -4.44
CA VAL D 83 6.54 -6.09 -4.17
C VAL D 83 6.57 -6.89 -5.46
N ALA D 84 5.95 -6.36 -6.46
CA ALA D 84 5.86 -7.06 -7.76
C ALA D 84 7.26 -7.29 -8.32
N CYS D 85 8.13 -6.34 -8.16
CA CYS D 85 9.53 -6.49 -8.68
C CYS D 85 10.21 -7.65 -7.96
N ASN D 86 10.00 -7.78 -6.68
CA ASN D 86 10.66 -8.88 -5.91
C ASN D 86 10.26 -10.24 -6.48
N ASN D 87 9.01 -10.42 -6.83
CA ASN D 87 8.57 -11.73 -7.38
C ASN D 87 9.37 -12.07 -8.65
N PHE D 88 9.57 -11.12 -9.51
CA PHE D 88 10.33 -11.38 -10.77
C PHE D 88 11.80 -11.63 -10.45
N PHE D 89 12.31 -11.03 -9.41
CA PHE D 89 13.75 -11.19 -9.05
C PHE D 89 14.59 -10.68 -10.22
N TRP D 90 14.07 -9.72 -10.95
CA TRP D 90 14.80 -9.16 -12.12
C TRP D 90 16.12 -8.55 -11.67
N GLU D 91 16.14 -7.88 -10.55
CA GLU D 91 17.41 -7.24 -10.08
C GLU D 91 18.51 -8.29 -9.94
N ASN D 92 18.18 -9.47 -9.49
CA ASN D 92 19.23 -10.53 -9.34
C ASN D 92 19.25 -11.39 -10.61
N SER D 93 18.26 -11.24 -11.45
CA SER D 93 18.19 -12.04 -12.71
C SER D 93 18.00 -11.10 -13.91
N LYS A 1 -15.57 2.54 -6.52
CA LYS A 1 -15.27 1.92 -5.21
C LYS A 1 -15.44 2.96 -4.09
N LYS A 2 -15.64 4.20 -4.45
CA LYS A 2 -15.81 5.24 -3.40
C LYS A 2 -17.01 4.90 -2.52
N ALA A 3 -18.12 4.58 -3.14
CA ALA A 3 -19.35 4.25 -2.36
C ALA A 3 -19.14 2.97 -1.57
N VAL A 4 -18.51 1.99 -2.16
CA VAL A 4 -18.26 0.71 -1.44
C VAL A 4 -17.38 0.98 -0.24
N TRP A 5 -16.40 1.83 -0.39
CA TRP A 5 -15.48 2.11 0.74
C TRP A 5 -16.22 2.86 1.86
N HIS A 6 -17.20 3.65 1.52
CA HIS A 6 -17.92 4.43 2.55
C HIS A 6 -18.60 3.52 3.58
N LYS A 7 -19.21 2.45 3.17
CA LYS A 7 -19.91 1.56 4.15
C LYS A 7 -18.90 0.99 5.17
N LEU A 8 -17.72 0.61 4.73
CA LEU A 8 -16.74 0.03 5.69
C LEU A 8 -16.39 1.03 6.78
N LEU A 9 -16.05 2.22 6.40
CA LEU A 9 -15.69 3.25 7.40
C LEU A 9 -16.91 3.55 8.26
N SER A 10 -18.07 3.61 7.66
CA SER A 10 -19.30 3.86 8.47
C SER A 10 -19.64 2.58 9.24
N LYS A 11 -19.13 1.45 8.79
CA LYS A 11 -19.42 0.15 9.49
C LYS A 11 -18.11 -0.62 9.68
N GLN A 12 -17.08 0.02 10.18
CA GLN A 12 -15.77 -0.66 10.39
C GLN A 12 -16.02 -2.04 11.02
N LYS B 1 -6.89 -0.83 -15.84
CA LYS B 1 -5.51 -0.38 -15.51
C LYS B 1 -4.52 -1.52 -15.75
N LYS B 2 -5.01 -2.71 -16.02
CA LYS B 2 -4.08 -3.85 -16.25
C LYS B 2 -3.18 -3.54 -17.45
N ALA B 3 -3.75 -3.10 -18.53
CA ALA B 3 -2.95 -2.80 -19.74
C ALA B 3 -2.01 -1.61 -19.46
N VAL B 4 -2.50 -0.62 -18.79
CA VAL B 4 -1.65 0.56 -18.48
C VAL B 4 -0.47 0.12 -17.61
N TRP B 5 -0.72 -0.76 -16.69
CA TRP B 5 0.38 -1.21 -15.79
C TRP B 5 1.40 -2.04 -16.58
N HIS B 6 0.97 -2.73 -17.59
CA HIS B 6 1.91 -3.59 -18.37
C HIS B 6 3.04 -2.77 -19.00
N LYS B 7 2.75 -1.63 -19.56
CA LYS B 7 3.83 -0.83 -20.20
C LYS B 7 4.90 -0.41 -19.18
N LEU B 8 4.50 -0.03 -17.99
CA LEU B 8 5.52 0.40 -16.98
C LEU B 8 6.49 -0.75 -16.69
N LEU B 9 5.98 -1.90 -16.41
CA LEU B 9 6.87 -3.05 -16.11
C LEU B 9 7.69 -3.38 -17.35
N SER B 10 7.09 -3.31 -18.50
CA SER B 10 7.86 -3.59 -19.74
C SER B 10 8.77 -2.39 -20.02
N LYS B 11 8.44 -1.24 -19.46
CA LYS B 11 9.28 -0.01 -19.68
C LYS B 11 9.54 0.67 -18.33
N GLN B 12 9.98 -0.08 -17.35
CA GLN B 12 10.27 0.51 -16.02
C GLN B 12 11.04 1.82 -16.18
N GLY C 1 15.24 9.05 6.38
CA GLY C 1 15.30 8.52 4.94
C GLY C 1 15.41 7.06 4.72
N SER C 2 15.56 6.29 5.77
CA SER C 2 15.66 4.81 5.65
C SER C 2 14.35 4.20 6.14
N GLU C 3 13.40 5.04 6.47
CA GLU C 3 12.09 4.53 6.97
C GLU C 3 11.41 3.66 5.92
N LEU C 4 11.23 4.17 4.72
CA LEU C 4 10.54 3.37 3.66
C LEU C 4 11.31 2.07 3.40
N GLU C 5 12.60 2.12 3.38
CA GLU C 5 13.37 0.87 3.13
C GLU C 5 12.89 -0.18 4.12
N THR C 6 12.67 0.23 5.33
CA THR C 6 12.19 -0.71 6.36
C THR C 6 10.72 -1.04 6.07
N ALA C 7 9.98 -0.12 5.48
CA ALA C 7 8.53 -0.37 5.22
C ALA C 7 8.36 -1.64 4.38
N MET C 8 9.02 -1.72 3.26
CA MET C 8 8.90 -2.92 2.39
C MET C 8 9.36 -4.20 3.12
N GLU C 9 10.42 -4.10 3.87
CA GLU C 9 10.94 -5.29 4.59
C GLU C 9 9.91 -5.80 5.59
N THR C 10 9.24 -4.90 6.24
CA THR C 10 8.23 -5.29 7.26
C THR C 10 7.00 -5.93 6.60
N LEU C 11 6.52 -5.33 5.54
CA LEU C 11 5.30 -5.86 4.85
C LEU C 11 5.53 -7.30 4.33
N ILE C 12 6.68 -7.58 3.80
CA ILE C 12 6.93 -8.92 3.20
C ILE C 12 7.36 -9.95 4.26
N ASN C 13 8.06 -9.56 5.29
CA ASN C 13 8.49 -10.55 6.31
C ASN C 13 7.25 -11.17 6.96
N VAL C 14 6.28 -10.35 7.18
CA VAL C 14 5.02 -10.82 7.82
C VAL C 14 4.17 -11.61 6.81
N PHE C 15 4.19 -11.22 5.56
CA PHE C 15 3.38 -11.94 4.54
C PHE C 15 3.80 -13.41 4.43
N HIS C 16 5.06 -13.64 4.22
CA HIS C 16 5.56 -15.04 4.04
C HIS C 16 5.60 -15.81 5.35
N ALA C 17 5.68 -15.15 6.48
CA ALA C 17 5.76 -15.92 7.75
C ALA C 17 4.41 -16.54 8.11
N HIS C 18 3.38 -15.77 8.31
CA HIS C 18 2.06 -16.36 8.72
C HIS C 18 1.34 -17.03 7.54
N SER C 19 1.40 -16.45 6.37
CA SER C 19 0.70 -17.02 5.19
C SER C 19 1.20 -18.41 4.81
N GLY C 20 2.39 -18.76 5.21
CA GLY C 20 2.96 -20.10 4.85
C GLY C 20 2.90 -21.06 6.04
N LYS C 21 2.08 -20.76 7.01
CA LYS C 21 2.01 -21.68 8.19
C LYS C 21 1.20 -22.93 7.80
N GLU C 22 0.07 -22.75 7.18
CA GLU C 22 -0.76 -23.93 6.77
C GLU C 22 -1.45 -23.65 5.44
N GLY C 23 -0.98 -22.67 4.69
CA GLY C 23 -1.63 -22.33 3.38
C GLY C 23 -0.81 -22.87 2.20
N ASP C 24 -1.02 -22.31 1.05
CA ASP C 24 -0.27 -22.76 -0.17
C ASP C 24 0.96 -21.87 -0.36
N LYS C 25 1.87 -22.28 -1.22
CA LYS C 25 3.14 -21.51 -1.50
C LYS C 25 3.06 -20.08 -0.93
N TYR C 26 2.79 -19.08 -1.75
CA TYR C 26 2.70 -17.68 -1.19
C TYR C 26 1.38 -17.03 -1.60
N LYS C 27 0.34 -17.34 -0.87
CA LYS C 27 -1.01 -16.76 -1.12
C LYS C 27 -1.65 -16.53 0.24
N LEU C 28 -2.39 -15.47 0.42
CA LEU C 28 -3.03 -15.22 1.74
C LEU C 28 -4.42 -15.86 1.74
N SER C 29 -4.93 -16.20 2.90
CA SER C 29 -6.28 -16.86 2.98
C SER C 29 -7.15 -16.13 3.99
N LYS C 30 -8.43 -16.36 3.97
CA LYS C 30 -9.30 -15.64 4.96
C LYS C 30 -8.77 -15.86 6.39
N LYS C 31 -8.44 -17.08 6.75
CA LYS C 31 -7.93 -17.34 8.13
C LYS C 31 -6.49 -16.83 8.31
N GLU C 32 -5.70 -16.92 7.29
CA GLU C 32 -4.29 -16.45 7.40
C GLU C 32 -4.26 -14.92 7.49
N LEU C 33 -5.18 -14.26 6.86
CA LEU C 33 -5.20 -12.77 6.92
C LEU C 33 -5.86 -12.28 8.22
N LYS C 34 -6.83 -12.99 8.72
CA LYS C 34 -7.53 -12.56 9.97
C LYS C 34 -6.54 -12.47 11.15
N ASP C 35 -5.67 -13.44 11.29
CA ASP C 35 -4.69 -13.42 12.42
C ASP C 35 -3.48 -12.54 12.08
N LEU C 36 -3.17 -12.42 10.84
CA LEU C 36 -1.96 -11.64 10.43
C LEU C 36 -2.13 -10.14 10.67
N LEU C 37 -3.28 -9.62 10.39
CA LEU C 37 -3.52 -8.16 10.55
C LEU C 37 -3.89 -7.80 12.00
N GLN C 38 -4.69 -8.59 12.66
CA GLN C 38 -5.10 -8.28 14.05
C GLN C 38 -3.89 -8.36 14.98
N THR C 39 -3.06 -9.32 14.73
CA THR C 39 -1.86 -9.54 15.59
C THR C 39 -0.87 -8.38 15.49
N GLU C 40 -0.60 -7.86 14.32
CA GLU C 40 0.40 -6.75 14.22
C GLU C 40 -0.29 -5.39 14.10
N LEU C 41 -1.55 -5.35 13.72
CA LEU C 41 -2.28 -4.03 13.61
C LEU C 41 -3.52 -4.08 14.51
N SER C 42 -3.30 -4.00 15.80
CA SER C 42 -4.40 -4.01 16.78
C SER C 42 -4.94 -2.59 16.96
N SER C 43 -6.23 -2.46 17.09
CA SER C 43 -6.85 -1.12 17.28
C SER C 43 -6.83 -0.32 15.97
N PHE C 44 -6.25 -0.85 14.92
CA PHE C 44 -6.23 -0.15 13.61
C PHE C 44 -7.17 -0.91 12.67
N LEU C 45 -6.84 -2.15 12.42
CA LEU C 45 -7.69 -3.01 11.54
C LEU C 45 -8.49 -3.96 12.45
N ASP C 46 -9.75 -4.14 12.18
CA ASP C 46 -10.61 -5.05 13.01
C ASP C 46 -11.13 -6.18 12.14
N VAL C 47 -11.36 -7.31 12.73
CA VAL C 47 -11.90 -8.49 11.98
C VAL C 47 -12.64 -9.38 12.96
N GLN C 48 -12.10 -9.51 14.14
CA GLN C 48 -12.72 -10.38 15.18
C GLN C 48 -14.05 -9.79 15.69
N LYS C 49 -14.03 -8.55 16.11
CA LYS C 49 -15.28 -7.95 16.66
C LYS C 49 -16.31 -7.73 15.54
N ASP C 50 -15.88 -7.29 14.39
CA ASP C 50 -16.82 -7.05 13.27
C ASP C 50 -16.79 -8.21 12.27
N ALA C 51 -17.69 -9.14 12.42
CA ALA C 51 -17.71 -10.30 11.47
C ALA C 51 -18.19 -9.81 10.10
N ASP C 52 -19.05 -8.82 10.08
CA ASP C 52 -19.54 -8.30 8.78
C ASP C 52 -18.35 -7.78 7.98
N ALA C 53 -17.40 -7.18 8.66
CA ALA C 53 -16.19 -6.64 7.97
C ALA C 53 -15.37 -7.77 7.33
N VAL C 54 -15.26 -8.88 7.99
CA VAL C 54 -14.42 -9.99 7.44
C VAL C 54 -15.06 -10.61 6.20
N ASP C 55 -16.27 -11.07 6.29
CA ASP C 55 -16.89 -11.72 5.11
C ASP C 55 -17.14 -10.72 3.98
N LYS C 56 -17.57 -9.54 4.31
CA LYS C 56 -17.87 -8.54 3.25
C LYS C 56 -16.60 -8.05 2.57
N ILE C 57 -15.55 -7.85 3.31
CA ILE C 57 -14.31 -7.31 2.72
C ILE C 57 -13.57 -8.40 1.96
N MET C 58 -13.29 -9.48 2.62
CA MET C 58 -12.52 -10.56 1.99
C MET C 58 -13.25 -11.17 0.78
N LYS C 59 -14.52 -11.44 0.90
CA LYS C 59 -15.23 -12.04 -0.27
C LYS C 59 -15.27 -11.04 -1.41
N GLU C 60 -15.45 -9.77 -1.12
CA GLU C 60 -15.50 -8.76 -2.21
C GLU C 60 -14.08 -8.28 -2.51
N LEU C 61 -13.13 -8.54 -1.61
CA LEU C 61 -11.72 -8.11 -1.88
C LEU C 61 -11.03 -9.27 -2.60
N ASP C 62 -11.59 -10.46 -2.49
CA ASP C 62 -11.06 -11.61 -3.27
C ASP C 62 -11.87 -11.56 -4.56
N GLU C 63 -11.91 -10.37 -5.03
CA GLU C 63 -12.68 -10.00 -6.24
C GLU C 63 -12.56 -11.09 -7.31
N ASN C 64 -11.57 -11.94 -7.23
CA ASN C 64 -11.47 -13.03 -8.26
C ASN C 64 -12.32 -14.21 -7.79
N GLY C 65 -12.95 -14.04 -6.66
CA GLY C 65 -13.84 -15.10 -6.11
C GLY C 65 -13.07 -16.41 -5.88
N ASP C 66 -11.86 -16.34 -5.39
CA ASP C 66 -11.07 -17.60 -5.13
C ASP C 66 -11.07 -17.96 -3.64
N GLY C 67 -11.51 -17.08 -2.78
CA GLY C 67 -11.55 -17.43 -1.32
C GLY C 67 -10.21 -17.09 -0.66
N GLU C 68 -9.21 -16.77 -1.45
CA GLU C 68 -7.89 -16.43 -0.93
C GLU C 68 -7.50 -15.06 -1.47
N VAL C 69 -6.82 -14.30 -0.68
CA VAL C 69 -6.44 -12.94 -1.07
C VAL C 69 -4.96 -12.89 -1.43
N ASP C 70 -4.61 -12.29 -2.52
CA ASP C 70 -3.18 -12.22 -2.90
C ASP C 70 -2.54 -10.99 -2.26
N PHE C 71 -1.46 -11.18 -1.54
CA PHE C 71 -0.75 -10.04 -0.86
C PHE C 71 -0.99 -8.69 -1.56
N GLN C 72 -1.04 -8.67 -2.88
CA GLN C 72 -1.26 -7.36 -3.58
C GLN C 72 -2.60 -6.77 -3.14
N GLU C 73 -3.60 -7.59 -3.01
CA GLU C 73 -4.94 -7.09 -2.60
C GLU C 73 -4.89 -6.64 -1.13
N PHE C 74 -4.20 -7.39 -0.31
CA PHE C 74 -4.08 -7.08 1.16
C PHE C 74 -3.42 -5.73 1.43
N VAL C 75 -2.39 -5.39 0.70
CA VAL C 75 -1.67 -4.11 0.94
C VAL C 75 -2.53 -2.91 0.52
N VAL C 76 -3.32 -3.06 -0.51
CA VAL C 76 -4.15 -1.91 -0.98
C VAL C 76 -5.24 -1.55 0.04
N LEU C 77 -6.10 -2.48 0.38
CA LEU C 77 -7.22 -2.14 1.31
C LEU C 77 -6.77 -1.89 2.75
N VAL C 78 -5.88 -2.69 3.27
CA VAL C 78 -5.42 -2.47 4.67
C VAL C 78 -4.77 -1.10 4.82
N ALA C 79 -4.02 -0.71 3.86
CA ALA C 79 -3.32 0.61 3.94
C ALA C 79 -4.24 1.79 3.57
N ALA C 80 -5.23 1.60 2.75
CA ALA C 80 -6.09 2.76 2.38
C ALA C 80 -6.90 3.22 3.61
N LEU C 81 -7.65 2.35 4.21
CA LEU C 81 -8.47 2.75 5.39
C LEU C 81 -7.57 3.22 6.55
N THR C 82 -6.46 2.57 6.75
CA THR C 82 -5.57 2.94 7.90
C THR C 82 -5.04 4.40 7.79
N VAL C 83 -4.50 4.80 6.66
CA VAL C 83 -4.00 6.20 6.55
C VAL C 83 -5.19 7.16 6.43
N ALA C 84 -6.20 6.75 5.73
CA ALA C 84 -7.41 7.61 5.53
C ALA C 84 -8.07 7.95 6.88
N CYS C 85 -7.99 7.06 7.82
CA CYS C 85 -8.62 7.32 9.14
C CYS C 85 -7.83 8.42 9.85
N ASN C 86 -6.53 8.37 9.75
CA ASN C 86 -5.69 9.41 10.41
C ASN C 86 -6.02 10.79 9.85
N ASN C 87 -6.23 10.87 8.57
CA ASN C 87 -6.52 12.19 7.94
C ASN C 87 -7.80 12.80 8.53
N PHE C 88 -8.82 12.01 8.77
CA PHE C 88 -10.08 12.61 9.32
C PHE C 88 -9.85 13.14 10.74
N PHE C 89 -9.49 12.29 11.68
CA PHE C 89 -9.26 12.75 13.08
C PHE C 89 -8.81 11.56 13.94
N TRP C 90 -8.20 11.82 15.07
CA TRP C 90 -7.77 10.69 15.96
C TRP C 90 -8.99 10.21 16.75
N GLU C 91 -10.05 10.97 16.74
CA GLU C 91 -11.27 10.56 17.50
C GLU C 91 -12.06 9.52 16.69
N ASN C 92 -11.69 9.31 15.46
CA ASN C 92 -12.41 8.30 14.63
C ASN C 92 -11.93 6.91 15.00
N SER C 93 -11.01 6.82 15.92
CA SER C 93 -10.48 5.50 16.35
C SER C 93 -11.62 4.65 16.92
N GLY D 1 6.13 -9.81 14.87
CA GLY D 1 4.72 -9.22 14.94
C GLY D 1 4.55 -7.75 15.12
N SER D 2 5.64 -7.03 15.27
CA SER D 2 5.57 -5.55 15.42
C SER D 2 6.09 -4.92 14.13
N GLU D 3 6.36 -5.74 13.15
CA GLU D 3 6.88 -5.21 11.85
C GLU D 3 5.84 -4.27 11.22
N LEU D 4 4.63 -4.72 11.04
CA LEU D 4 3.60 -3.86 10.39
C LEU D 4 3.39 -2.57 11.20
N GLU D 5 3.40 -2.67 12.50
CA GLU D 5 3.21 -1.44 13.31
C GLU D 5 4.24 -0.41 12.86
N THR D 6 5.42 -0.86 12.62
CA THR D 6 6.48 0.05 12.15
C THR D 6 6.18 0.44 10.69
N ALA D 7 5.52 -0.42 9.95
CA ALA D 7 5.30 -0.12 8.50
C ALA D 7 4.53 1.20 8.36
N MET D 8 3.42 1.31 9.05
CA MET D 8 2.59 2.55 8.98
C MET D 8 3.37 3.76 9.49
N GLU D 9 4.13 3.59 10.52
CA GLU D 9 4.91 4.74 11.08
C GLU D 9 5.91 5.24 10.05
N THR D 10 6.52 4.35 9.35
CA THR D 10 7.54 4.72 8.34
C THR D 10 6.90 5.43 7.14
N LEU D 11 5.81 4.90 6.65
CA LEU D 11 5.12 5.51 5.47
C LEU D 11 4.67 6.95 5.75
N ILE D 12 4.15 7.21 6.91
CA ILE D 12 3.63 8.58 7.22
C ILE D 12 4.75 9.54 7.65
N ASN D 13 5.74 9.08 8.35
CA ASN D 13 6.82 10.01 8.79
C ASN D 13 7.48 10.64 7.57
N VAL D 14 7.67 9.85 6.57
CA VAL D 14 8.30 10.34 5.32
C VAL D 14 7.31 11.19 4.51
N PHE D 15 6.06 10.85 4.53
CA PHE D 15 5.05 11.65 3.75
C PHE D 15 5.02 13.11 4.22
N HIS D 16 4.82 13.31 5.50
CA HIS D 16 4.71 14.69 6.05
C HIS D 16 6.06 15.40 6.10
N ALA D 17 7.16 14.69 6.14
CA ALA D 17 8.46 15.41 6.24
C ALA D 17 8.84 16.06 4.90
N HIS D 18 8.99 15.32 3.84
CA HIS D 18 9.40 15.95 2.55
C HIS D 18 8.25 16.69 1.87
N SER D 19 7.06 16.16 1.92
CA SER D 19 5.88 16.80 1.24
C SER D 19 5.58 18.19 1.80
N GLY D 20 6.01 18.47 3.00
CA GLY D 20 5.70 19.81 3.61
C GLY D 20 6.94 20.70 3.58
N LYS D 21 7.88 20.41 2.73
CA LYS D 21 9.10 21.27 2.68
C LYS D 21 8.76 22.56 1.93
N GLU D 22 8.13 22.46 0.80
CA GLU D 22 7.76 23.68 0.02
C GLU D 22 6.40 23.48 -0.67
N GLY D 23 5.63 22.52 -0.22
CA GLY D 23 4.29 22.26 -0.87
C GLY D 23 3.15 22.82 -0.02
N ASP D 24 1.96 22.32 -0.23
CA ASP D 24 0.78 22.79 0.54
C ASP D 24 0.56 21.86 1.74
N LYS D 25 -0.27 22.28 2.68
CA LYS D 25 -0.57 21.47 3.92
C LYS D 25 -0.07 20.03 3.79
N TYR D 26 -0.93 19.07 3.49
CA TYR D 26 -0.44 17.65 3.35
C TYR D 26 -0.88 17.07 2.01
N LYS D 27 -0.15 17.39 0.97
CA LYS D 27 -0.43 16.86 -0.40
C LYS D 27 0.92 16.60 -1.05
N LEU D 28 1.04 15.57 -1.83
CA LEU D 28 2.34 15.28 -2.49
C LEU D 28 2.34 15.96 -3.86
N SER D 29 3.50 16.27 -4.38
CA SER D 29 3.59 16.97 -5.71
C SER D 29 4.58 16.25 -6.61
N LYS D 30 4.54 16.51 -7.90
CA LYS D 30 5.49 15.79 -8.80
C LYS D 30 6.93 15.92 -8.26
N LYS D 31 7.36 17.11 -7.91
CA LYS D 31 8.75 17.29 -7.41
C LYS D 31 8.92 16.74 -5.99
N GLU D 32 7.92 16.84 -5.19
CA GLU D 32 8.02 16.31 -3.79
C GLU D 32 8.04 14.78 -3.81
N LEU D 33 7.39 14.17 -4.75
CA LEU D 33 7.37 12.68 -4.81
C LEU D 33 8.64 12.16 -5.51
N LYS D 34 9.17 12.89 -6.46
CA LYS D 34 10.38 12.43 -7.19
C LYS D 34 11.57 12.25 -6.22
N ASP D 35 11.75 13.18 -5.32
CA ASP D 35 12.89 13.07 -4.36
C ASP D 35 12.54 12.17 -3.17
N LEU D 36 11.29 12.10 -2.84
CA LEU D 36 10.86 11.29 -1.66
C LEU D 36 11.03 9.79 -1.88
N LEU D 37 10.72 9.32 -3.05
CA LEU D 37 10.82 7.86 -3.34
C LEU D 37 12.26 7.46 -3.74
N GLN D 38 12.93 8.25 -4.53
CA GLN D 38 14.30 7.90 -4.97
C GLN D 38 15.24 7.89 -3.79
N THR D 39 15.04 8.83 -2.89
CA THR D 39 15.92 8.97 -1.71
C THR D 39 15.79 7.78 -0.76
N GLU D 40 14.60 7.31 -0.49
CA GLU D 40 14.47 6.17 0.47
C GLU D 40 14.29 4.84 -0.26
N LEU D 41 13.88 4.86 -1.51
CA LEU D 41 13.71 3.58 -2.29
C LEU D 41 14.60 3.62 -3.53
N SER D 42 15.88 3.48 -3.33
CA SER D 42 16.85 3.49 -4.45
C SER D 42 16.97 2.09 -5.04
N SER D 43 17.07 2.00 -6.33
CA SER D 43 17.21 0.67 -7.00
C SER D 43 15.87 -0.08 -6.99
N PHE D 44 14.85 0.48 -6.37
CA PHE D 44 13.51 -0.18 -6.37
C PHE D 44 12.59 0.67 -7.26
N LEU D 45 12.39 1.91 -6.89
CA LEU D 45 11.54 2.83 -7.71
C LEU D 45 12.48 3.76 -8.48
N ASP D 46 12.20 4.01 -9.74
CA ASP D 46 13.06 4.92 -10.56
C ASP D 46 12.23 6.10 -11.05
N VAL D 47 12.86 7.22 -11.25
CA VAL D 47 12.17 8.43 -11.73
C VAL D 47 13.18 9.31 -12.45
N GLN D 48 14.37 9.36 -11.92
CA GLN D 48 15.43 10.21 -12.53
C GLN D 48 15.90 9.64 -13.88
N LYS D 49 16.29 8.40 -13.91
CA LYS D 49 16.79 7.80 -15.18
C LYS D 49 15.66 7.68 -16.20
N ASP D 50 14.49 7.28 -15.77
CA ASP D 50 13.35 7.11 -16.71
C ASP D 50 12.40 8.32 -16.62
N ALA D 51 12.57 9.28 -17.49
CA ALA D 51 11.67 10.47 -17.47
C ALA D 51 10.28 10.04 -17.94
N ASP D 52 10.22 9.09 -18.84
CA ASP D 52 8.88 8.65 -19.33
C ASP D 52 8.07 8.12 -18.15
N ALA D 53 8.73 7.47 -17.23
CA ALA D 53 8.04 6.92 -16.04
C ALA D 53 7.47 8.03 -15.14
N VAL D 54 8.16 9.12 -15.02
CA VAL D 54 7.67 10.21 -14.14
C VAL D 54 6.45 10.92 -14.73
N ASP D 55 6.54 11.41 -15.92
CA ASP D 55 5.38 12.14 -16.52
C ASP D 55 4.22 11.19 -16.79
N LYS D 56 4.49 10.02 -17.27
CA LYS D 56 3.39 9.07 -17.59
C LYS D 56 2.69 8.56 -16.32
N ILE D 57 3.45 8.29 -15.29
CA ILE D 57 2.84 7.73 -14.06
C ILE D 57 2.14 8.82 -13.27
N MET D 58 2.85 9.86 -12.96
CA MET D 58 2.27 10.95 -12.15
C MET D 58 1.08 11.62 -12.83
N LYS D 59 1.19 11.93 -14.09
CA LYS D 59 0.04 12.61 -14.78
C LYS D 59 -1.14 11.66 -14.83
N GLU D 60 -0.91 10.40 -15.06
CA GLU D 60 -2.03 9.43 -15.13
C GLU D 60 -2.34 8.91 -13.73
N LEU D 61 -1.43 9.11 -12.78
CA LEU D 61 -1.70 8.63 -11.38
C LEU D 61 -2.36 9.80 -10.64
N ASP D 62 -2.21 11.00 -11.17
CA ASP D 62 -2.93 12.17 -10.59
C ASP D 62 -4.23 12.20 -11.38
N GLU D 63 -4.74 11.03 -11.46
CA GLU D 63 -5.97 10.73 -12.23
C GLU D 63 -7.00 11.87 -12.06
N ASN D 64 -6.87 12.68 -11.04
CA ASN D 64 -7.85 13.81 -10.88
C ASN D 64 -7.34 14.99 -11.70
N GLY D 65 -6.23 14.81 -12.34
CA GLY D 65 -5.64 15.88 -13.21
C GLY D 65 -5.33 17.15 -12.39
N ASP D 66 -4.86 17.01 -11.18
CA ASP D 66 -4.53 18.22 -10.35
C ASP D 66 -3.03 18.53 -10.36
N GLY D 67 -2.22 17.63 -10.85
CA GLY D 67 -0.74 17.91 -10.89
C GLY D 67 -0.08 17.50 -9.58
N GLU D 68 -0.87 17.18 -8.58
CA GLU D 68 -0.33 16.76 -7.28
C GLU D 68 -0.93 15.40 -6.93
N VAL D 69 -0.16 14.59 -6.30
CA VAL D 69 -0.61 13.22 -5.95
C VAL D 69 -0.95 13.15 -4.47
N ASP D 70 -2.07 12.58 -4.13
CA ASP D 70 -2.44 12.49 -2.70
C ASP D 70 -1.84 11.21 -2.11
N PHE D 71 -1.11 11.32 -1.03
CA PHE D 71 -0.47 10.13 -0.38
C PHE D 71 -1.24 8.83 -0.65
N GLN D 72 -2.54 8.86 -0.68
CA GLN D 72 -3.31 7.60 -0.93
C GLN D 72 -2.90 7.03 -2.30
N GLU D 73 -2.76 7.88 -3.27
CA GLU D 73 -2.38 7.41 -4.64
C GLU D 73 -0.93 6.89 -4.62
N PHE D 74 -0.07 7.58 -3.91
CA PHE D 74 1.38 7.21 -3.83
C PHE D 74 1.61 5.82 -3.21
N VAL D 75 0.87 5.49 -2.19
CA VAL D 75 1.07 4.16 -1.52
C VAL D 75 0.58 3.02 -2.41
N VAL D 76 -0.45 3.24 -3.18
CA VAL D 76 -0.97 2.13 -4.04
C VAL D 76 0.03 1.78 -5.16
N LEU D 77 0.38 2.71 -6.00
CA LEU D 77 1.28 2.38 -7.15
C LEU D 77 2.72 2.05 -6.71
N VAL D 78 3.28 2.80 -5.81
CA VAL D 78 4.69 2.51 -5.38
C VAL D 78 4.77 1.11 -4.77
N ALA D 79 3.80 0.74 -4.02
CA ALA D 79 3.83 -0.60 -3.36
C ALA D 79 3.40 -1.73 -4.32
N ALA D 80 2.59 -1.48 -5.31
CA ALA D 80 2.18 -2.62 -6.19
C ALA D 80 3.40 -3.09 -6.99
N LEU D 81 3.97 -2.22 -7.75
CA LEU D 81 5.14 -2.63 -8.61
C LEU D 81 6.29 -3.17 -7.74
N THR D 82 6.53 -2.57 -6.62
CA THR D 82 7.67 -3.03 -5.75
C THR D 82 7.50 -4.50 -5.28
N VAL D 83 6.37 -4.86 -4.73
CA VAL D 83 6.21 -6.28 -4.28
C VAL D 83 6.02 -7.20 -5.49
N ALA D 84 5.34 -6.72 -6.49
CA ALA D 84 5.09 -7.52 -7.72
C ALA D 84 6.41 -7.89 -8.41
N CYS D 85 7.39 -7.04 -8.32
CA CYS D 85 8.68 -7.35 -8.98
C CYS D 85 9.35 -8.50 -8.24
N ASN D 86 9.28 -8.49 -6.93
CA ASN D 86 9.91 -9.59 -6.13
C ASN D 86 9.28 -10.93 -6.51
N ASN D 87 7.99 -10.96 -6.69
CA ASN D 87 7.31 -12.24 -7.02
C ASN D 87 7.85 -12.83 -8.33
N PHE D 88 8.12 -12.02 -9.33
CA PHE D 88 8.63 -12.58 -10.61
C PHE D 88 10.03 -13.19 -10.42
N PHE D 89 11.00 -12.39 -10.04
CA PHE D 89 12.39 -12.92 -9.84
C PHE D 89 13.30 -11.78 -9.36
N TRP D 90 14.43 -12.11 -8.78
CA TRP D 90 15.36 -11.04 -8.32
C TRP D 90 16.17 -10.54 -9.53
N GLU D 91 16.12 -11.27 -10.62
CA GLU D 91 16.87 -10.85 -11.84
C GLU D 91 16.10 -9.76 -12.58
N ASN D 92 14.88 -9.50 -12.18
CA ASN D 92 14.09 -8.43 -12.85
C ASN D 92 14.53 -7.07 -12.32
N SER D 93 15.46 -7.06 -11.42
CA SER D 93 15.95 -5.77 -10.85
C SER D 93 16.54 -4.90 -11.97
N LYS A 1 -15.75 -2.44 -1.37
CA LYS A 1 -15.38 -1.22 -2.15
C LYS A 1 -16.63 -0.43 -2.49
N LYS A 2 -16.50 0.57 -3.34
CA LYS A 2 -17.68 1.39 -3.74
C LYS A 2 -18.58 1.66 -2.52
N ALA A 3 -19.85 1.40 -2.62
CA ALA A 3 -20.77 1.63 -1.47
C ALA A 3 -20.33 0.78 -0.27
N VAL A 4 -19.86 -0.42 -0.52
CA VAL A 4 -19.42 -1.30 0.61
C VAL A 4 -18.28 -0.63 1.36
N TRP A 5 -17.55 0.23 0.71
CA TRP A 5 -16.40 0.91 1.37
C TRP A 5 -16.89 1.71 2.57
N HIS A 6 -18.00 2.37 2.45
CA HIS A 6 -18.53 3.20 3.58
C HIS A 6 -18.95 2.30 4.75
N LYS A 7 -19.27 1.07 4.50
CA LYS A 7 -19.71 0.18 5.61
C LYS A 7 -18.61 0.06 6.68
N LEU A 8 -17.43 -0.33 6.31
CA LEU A 8 -16.36 -0.46 7.33
C LEU A 8 -16.10 0.89 8.00
N LEU A 9 -15.91 1.92 7.23
CA LEU A 9 -15.67 3.25 7.83
C LEU A 9 -16.86 3.64 8.71
N SER A 10 -18.06 3.35 8.28
CA SER A 10 -19.26 3.71 9.09
C SER A 10 -19.30 2.88 10.38
N LYS A 11 -18.96 1.62 10.31
CA LYS A 11 -19.00 0.76 11.53
C LYS A 11 -18.06 1.31 12.61
N GLN A 12 -16.90 1.79 12.24
CA GLN A 12 -15.93 2.30 13.26
C GLN A 12 -16.67 3.14 14.31
N LYS B 1 -1.48 3.20 -15.62
CA LYS B 1 -2.32 2.03 -15.28
C LYS B 1 -2.73 1.29 -16.56
N LYS B 2 -3.62 0.34 -16.45
CA LYS B 2 -4.08 -0.42 -17.66
C LYS B 2 -2.89 -0.71 -18.58
N ALA B 3 -3.00 -0.39 -19.84
CA ALA B 3 -1.88 -0.66 -20.78
C ALA B 3 -0.63 0.11 -20.33
N VAL B 4 -0.80 1.30 -19.81
CA VAL B 4 0.38 2.10 -19.36
C VAL B 4 1.11 1.35 -18.25
N TRP B 5 0.41 0.50 -17.55
CA TRP B 5 1.05 -0.26 -16.44
C TRP B 5 2.21 -1.11 -16.97
N HIS B 6 2.04 -1.71 -18.12
CA HIS B 6 3.12 -2.58 -18.69
C HIS B 6 4.33 -1.73 -19.10
N LYS B 7 4.14 -0.47 -19.37
CA LYS B 7 5.29 0.37 -19.80
C LYS B 7 6.38 0.39 -18.72
N LEU B 8 6.04 0.76 -17.50
CA LEU B 8 7.08 0.79 -16.44
C LEU B 8 7.69 -0.60 -16.25
N LEU B 9 6.87 -1.60 -16.10
CA LEU B 9 7.40 -2.97 -15.91
C LEU B 9 8.24 -3.36 -17.14
N SER B 10 7.80 -2.99 -18.30
CA SER B 10 8.57 -3.35 -19.53
C SER B 10 9.91 -2.60 -19.57
N LYS B 11 9.91 -1.35 -19.18
CA LYS B 11 11.17 -0.56 -19.20
C LYS B 11 12.25 -1.19 -18.30
N GLN B 12 11.87 -1.69 -17.14
CA GLN B 12 12.88 -2.30 -16.22
C GLN B 12 13.87 -3.18 -17.00
N GLY C 1 15.71 8.64 5.57
CA GLY C 1 16.33 7.89 4.39
C GLY C 1 16.24 6.39 4.34
N SER C 2 16.19 5.76 5.49
CA SER C 2 16.10 4.27 5.53
C SER C 2 14.71 3.86 6.00
N GLU C 3 13.84 4.81 6.28
CA GLU C 3 12.49 4.45 6.79
C GLU C 3 11.73 3.59 5.76
N LEU C 4 11.54 4.08 4.56
CA LEU C 4 10.77 3.27 3.56
C LEU C 4 11.48 1.94 3.32
N GLU C 5 12.77 1.94 3.35
CA GLU C 5 13.51 0.67 3.14
C GLU C 5 13.03 -0.35 4.18
N THR C 6 12.84 0.09 5.38
CA THR C 6 12.35 -0.83 6.44
C THR C 6 10.89 -1.16 6.19
N ALA C 7 10.17 -0.24 5.62
CA ALA C 7 8.71 -0.45 5.39
C ALA C 7 8.46 -1.72 4.57
N MET C 8 9.03 -1.84 3.40
CA MET C 8 8.80 -3.07 2.59
C MET C 8 9.28 -4.31 3.36
N GLU C 9 10.32 -4.17 4.14
CA GLU C 9 10.85 -5.32 4.92
C GLU C 9 9.82 -5.79 5.95
N THR C 10 9.17 -4.87 6.58
CA THR C 10 8.18 -5.20 7.63
C THR C 10 6.94 -5.87 7.01
N LEU C 11 6.45 -5.34 5.93
CA LEU C 11 5.23 -5.92 5.28
C LEU C 11 5.47 -7.37 4.82
N ILE C 12 6.62 -7.65 4.28
CA ILE C 12 6.88 -9.03 3.74
C ILE C 12 7.29 -10.02 4.86
N ASN C 13 8.09 -9.65 5.80
CA ASN C 13 8.50 -10.62 6.86
C ASN C 13 7.26 -11.13 7.61
N VAL C 14 6.35 -10.24 7.89
CA VAL C 14 5.12 -10.64 8.62
C VAL C 14 4.12 -11.35 7.69
N PHE C 15 4.08 -10.96 6.44
CA PHE C 15 3.13 -11.60 5.49
C PHE C 15 3.41 -13.09 5.36
N HIS C 16 4.64 -13.42 5.13
CA HIS C 16 5.03 -14.85 4.95
C HIS C 16 5.02 -15.59 6.29
N ALA C 17 5.12 -14.89 7.38
CA ALA C 17 5.13 -15.59 8.68
C ALA C 17 3.74 -16.13 9.01
N HIS C 18 2.74 -15.29 9.12
CA HIS C 18 1.38 -15.80 9.48
C HIS C 18 0.79 -16.61 8.32
N SER C 19 0.98 -16.15 7.12
CA SER C 19 0.42 -16.84 5.91
C SER C 19 1.12 -18.18 5.68
N GLY C 20 2.22 -18.41 6.33
CA GLY C 20 2.97 -19.68 6.11
C GLY C 20 2.61 -20.72 7.18
N LYS C 21 1.60 -20.48 7.96
CA LYS C 21 1.22 -21.49 9.00
C LYS C 21 0.32 -22.54 8.37
N GLU C 22 -0.80 -22.15 7.84
CA GLU C 22 -1.74 -23.14 7.21
C GLU C 22 -2.21 -22.62 5.85
N GLY C 23 -1.33 -22.61 4.89
CA GLY C 23 -1.72 -22.12 3.53
C GLY C 23 -0.60 -22.41 2.55
N ASP C 24 -0.48 -21.61 1.52
CA ASP C 24 0.62 -21.83 0.53
C ASP C 24 1.83 -21.02 0.98
N LYS C 25 2.99 -21.37 0.54
CA LYS C 25 4.20 -20.62 0.98
C LYS C 25 4.04 -19.13 0.68
N TYR C 26 3.28 -18.77 -0.32
CA TYR C 26 3.15 -17.31 -0.65
C TYR C 26 1.75 -16.96 -1.19
N LYS C 27 0.70 -17.40 -0.55
CA LYS C 27 -0.69 -17.00 -0.97
C LYS C 27 -1.44 -16.75 0.32
N LEU C 28 -2.25 -15.72 0.41
CA LEU C 28 -2.95 -15.44 1.69
C LEU C 28 -4.34 -16.08 1.63
N SER C 29 -4.87 -16.49 2.76
CA SER C 29 -6.22 -17.16 2.79
C SER C 29 -7.13 -16.42 3.77
N LYS C 30 -8.42 -16.64 3.68
CA LYS C 30 -9.35 -15.94 4.62
C LYS C 30 -8.92 -16.17 6.08
N LYS C 31 -8.66 -17.38 6.45
CA LYS C 31 -8.27 -17.67 7.87
C LYS C 31 -6.87 -17.12 8.15
N GLU C 32 -6.06 -17.07 7.15
CA GLU C 32 -4.69 -16.51 7.33
C GLU C 32 -4.79 -14.98 7.31
N LEU C 33 -5.68 -14.45 6.51
CA LEU C 33 -5.87 -12.98 6.42
C LEU C 33 -6.26 -12.37 7.77
N LYS C 34 -7.25 -12.91 8.43
CA LYS C 34 -7.69 -12.30 9.73
C LYS C 34 -6.62 -12.47 10.83
N ASP C 35 -5.90 -13.55 10.84
CA ASP C 35 -4.84 -13.71 11.87
C ASP C 35 -3.78 -12.64 11.65
N LEU C 36 -3.50 -12.36 10.41
CA LEU C 36 -2.47 -11.35 10.06
C LEU C 36 -2.80 -9.94 10.60
N LEU C 37 -4.03 -9.53 10.57
CA LEU C 37 -4.38 -8.14 11.05
C LEU C 37 -4.62 -8.05 12.57
N GLN C 38 -5.16 -9.06 13.19
CA GLN C 38 -5.43 -8.98 14.66
C GLN C 38 -4.13 -9.01 15.44
N THR C 39 -3.10 -9.51 14.82
CA THR C 39 -1.79 -9.62 15.50
C THR C 39 -1.09 -8.27 15.64
N GLU C 40 -0.72 -7.64 14.56
CA GLU C 40 0.01 -6.34 14.68
C GLU C 40 -0.95 -5.14 14.71
N LEU C 41 -1.88 -5.05 13.78
CA LEU C 41 -2.80 -3.86 13.78
C LEU C 41 -4.05 -4.20 14.58
N SER C 42 -3.90 -4.35 15.87
CA SER C 42 -5.05 -4.70 16.75
C SER C 42 -5.91 -3.45 17.06
N SER C 43 -5.35 -2.26 16.95
CA SER C 43 -6.13 -1.02 17.29
C SER C 43 -6.46 -0.21 16.04
N PHE C 44 -6.17 -0.71 14.86
CA PHE C 44 -6.48 0.05 13.61
C PHE C 44 -7.35 -0.84 12.71
N LEU C 45 -6.73 -1.73 11.98
CA LEU C 45 -7.52 -2.63 11.10
C LEU C 45 -8.28 -3.61 11.99
N ASP C 46 -9.50 -3.91 11.66
CA ASP C 46 -10.32 -4.84 12.49
C ASP C 46 -10.90 -5.92 11.61
N VAL C 47 -11.22 -7.03 12.21
CA VAL C 47 -11.80 -8.17 11.47
C VAL C 47 -12.52 -9.07 12.47
N GLN C 48 -11.99 -9.15 13.65
CA GLN C 48 -12.60 -10.03 14.69
C GLN C 48 -13.78 -9.36 15.39
N LYS C 49 -13.71 -8.07 15.63
CA LYS C 49 -14.85 -7.40 16.34
C LYS C 49 -16.14 -7.55 15.51
N ASP C 50 -16.02 -7.41 14.21
CA ASP C 50 -17.24 -7.50 13.33
C ASP C 50 -17.05 -8.58 12.25
N ALA C 51 -17.82 -9.62 12.33
CA ALA C 51 -17.72 -10.70 11.30
C ALA C 51 -18.25 -10.15 9.98
N ASP C 52 -19.13 -9.18 10.05
CA ASP C 52 -19.70 -8.59 8.80
C ASP C 52 -18.55 -8.00 8.01
N ALA C 53 -17.62 -7.37 8.67
CA ALA C 53 -16.46 -6.75 7.97
C ALA C 53 -15.60 -7.83 7.28
N VAL C 54 -15.41 -8.94 7.92
CA VAL C 54 -14.54 -10.00 7.33
C VAL C 54 -15.17 -10.65 6.09
N ASP C 55 -16.35 -11.15 6.20
CA ASP C 55 -16.97 -11.84 5.03
C ASP C 55 -17.22 -10.86 3.89
N LYS C 56 -17.66 -9.69 4.20
CA LYS C 56 -17.97 -8.70 3.13
C LYS C 56 -16.69 -8.20 2.45
N ILE C 57 -15.65 -7.98 3.20
CA ILE C 57 -14.39 -7.45 2.62
C ILE C 57 -13.57 -8.56 2.00
N MET C 58 -13.26 -9.56 2.78
CA MET C 58 -12.42 -10.68 2.28
C MET C 58 -13.09 -11.39 1.10
N LYS C 59 -14.36 -11.62 1.16
CA LYS C 59 -15.03 -12.34 0.03
C LYS C 59 -15.07 -11.43 -1.20
N GLU C 60 -15.27 -10.15 -0.99
CA GLU C 60 -15.31 -9.21 -2.15
C GLU C 60 -13.89 -8.72 -2.46
N LEU C 61 -12.98 -8.87 -1.52
CA LEU C 61 -11.58 -8.39 -1.77
C LEU C 61 -10.87 -9.51 -2.54
N ASP C 62 -11.42 -10.69 -2.51
CA ASP C 62 -10.87 -11.81 -3.34
C ASP C 62 -11.71 -11.74 -4.61
N GLU C 63 -11.84 -10.53 -5.02
CA GLU C 63 -12.65 -10.15 -6.21
C GLU C 63 -12.51 -11.20 -7.32
N ASN C 64 -11.50 -12.03 -7.29
CA ASN C 64 -11.36 -13.07 -8.35
C ASN C 64 -12.17 -14.29 -7.93
N GLY C 65 -12.79 -14.20 -6.79
CA GLY C 65 -13.65 -15.32 -6.28
C GLY C 65 -12.83 -16.61 -6.10
N ASP C 66 -11.60 -16.53 -5.68
CA ASP C 66 -10.78 -17.77 -5.48
C ASP C 66 -10.76 -18.17 -4.00
N GLY C 67 -11.17 -17.31 -3.12
CA GLY C 67 -11.19 -17.67 -1.66
C GLY C 67 -9.85 -17.32 -1.01
N GLU C 68 -8.86 -17.00 -1.82
CA GLU C 68 -7.53 -16.63 -1.28
C GLU C 68 -7.21 -15.22 -1.73
N VAL C 69 -6.64 -14.47 -0.86
CA VAL C 69 -6.29 -13.06 -1.17
C VAL C 69 -4.84 -12.99 -1.61
N ASP C 70 -4.55 -12.22 -2.62
CA ASP C 70 -3.16 -12.11 -3.12
C ASP C 70 -2.50 -10.89 -2.47
N PHE C 71 -1.45 -11.10 -1.71
CA PHE C 71 -0.72 -9.98 -1.01
C PHE C 71 -0.90 -8.63 -1.73
N GLN C 72 -0.90 -8.60 -3.05
CA GLN C 72 -1.08 -7.31 -3.75
C GLN C 72 -2.44 -6.71 -3.35
N GLU C 73 -3.44 -7.52 -3.30
CA GLU C 73 -4.80 -7.04 -2.90
C GLU C 73 -4.76 -6.55 -1.45
N PHE C 74 -4.05 -7.26 -0.62
CA PHE C 74 -3.92 -6.91 0.82
C PHE C 74 -3.31 -5.51 1.03
N VAL C 75 -2.33 -5.15 0.26
CA VAL C 75 -1.68 -3.83 0.46
C VAL C 75 -2.61 -2.67 0.05
N VAL C 76 -3.44 -2.86 -0.94
CA VAL C 76 -4.34 -1.74 -1.36
C VAL C 76 -5.43 -1.45 -0.32
N LEU C 77 -6.26 -2.40 -0.03
CA LEU C 77 -7.39 -2.15 0.93
C LEU C 77 -6.89 -1.98 2.37
N VAL C 78 -5.98 -2.78 2.82
CA VAL C 78 -5.50 -2.67 4.23
C VAL C 78 -4.68 -1.40 4.45
N ALA C 79 -3.83 -1.06 3.53
CA ALA C 79 -2.98 0.15 3.71
C ALA C 79 -3.85 1.41 3.49
N ALA C 80 -4.92 1.28 2.75
CA ALA C 80 -5.80 2.46 2.53
C ALA C 80 -6.45 2.83 3.86
N LEU C 81 -7.05 1.87 4.50
CA LEU C 81 -7.74 2.11 5.80
C LEU C 81 -6.71 2.54 6.85
N THR C 82 -5.51 2.03 6.77
CA THR C 82 -4.47 2.35 7.80
C THR C 82 -4.19 3.87 7.85
N VAL C 83 -3.86 4.47 6.74
CA VAL C 83 -3.55 5.93 6.76
C VAL C 83 -4.84 6.76 6.75
N ALA C 84 -5.88 6.25 6.17
CA ALA C 84 -7.18 7.00 6.12
C ALA C 84 -7.74 7.19 7.52
N CYS C 85 -7.59 6.21 8.36
CA CYS C 85 -8.10 6.32 9.75
C CYS C 85 -7.25 7.34 10.53
N ASN C 86 -5.97 7.32 10.31
CA ASN C 86 -5.09 8.27 11.04
C ASN C 86 -5.50 9.71 10.70
N ASN C 87 -5.80 9.99 9.46
CA ASN C 87 -6.21 11.36 9.07
C ASN C 87 -7.52 11.74 9.77
N PHE C 88 -8.43 10.81 9.86
CA PHE C 88 -9.74 11.11 10.51
C PHE C 88 -9.53 11.46 11.99
N PHE C 89 -8.41 11.09 12.54
CA PHE C 89 -8.16 11.40 13.99
C PHE C 89 -8.20 12.93 14.18
N TRP C 90 -8.78 13.38 15.26
CA TRP C 90 -8.87 14.86 15.50
C TRP C 90 -7.47 15.47 15.58
N GLU C 91 -6.54 14.80 16.21
CA GLU C 91 -5.17 15.36 16.33
C GLU C 91 -4.47 15.33 14.97
N ASN C 92 -5.06 14.67 14.00
CA ASN C 92 -4.44 14.59 12.65
C ASN C 92 -5.22 15.50 11.69
N SER C 93 -5.96 16.43 12.21
CA SER C 93 -6.73 17.35 11.32
C SER C 93 -7.21 18.56 12.12
N GLY D 1 5.32 -9.41 15.32
CA GLY D 1 4.17 -8.63 15.98
C GLY D 1 4.17 -7.15 15.94
N SER D 2 5.34 -6.54 15.90
CA SER D 2 5.44 -5.05 15.86
C SER D 2 5.91 -4.61 14.48
N GLU D 3 6.16 -5.55 13.58
CA GLU D 3 6.66 -5.15 12.23
C GLU D 3 5.66 -4.23 11.53
N LEU D 4 4.44 -4.66 11.32
CA LEU D 4 3.47 -3.79 10.58
C LEU D 4 3.29 -2.48 11.35
N GLU D 5 3.33 -2.53 12.64
CA GLU D 5 3.16 -1.27 13.42
C GLU D 5 4.24 -0.28 12.97
N THR D 6 5.43 -0.76 12.76
CA THR D 6 6.51 0.14 12.30
C THR D 6 6.26 0.53 10.85
N ALA D 7 5.65 -0.34 10.10
CA ALA D 7 5.43 -0.08 8.65
C ALA D 7 4.68 1.24 8.44
N MET D 8 3.51 1.38 9.02
CA MET D 8 2.75 2.65 8.84
C MET D 8 3.56 3.84 9.37
N GLU D 9 4.34 3.62 10.39
CA GLU D 9 5.16 4.74 10.97
C GLU D 9 6.21 5.21 9.95
N THR D 10 6.80 4.28 9.26
CA THR D 10 7.85 4.60 8.27
C THR D 10 7.26 5.35 7.07
N LEU D 11 6.16 4.87 6.56
CA LEU D 11 5.52 5.52 5.37
C LEU D 11 5.11 6.98 5.67
N ILE D 12 4.60 7.25 6.84
CA ILE D 12 4.11 8.63 7.15
C ILE D 12 5.26 9.57 7.58
N ASN D 13 6.19 9.12 8.36
CA ASN D 13 7.29 10.04 8.81
C ASN D 13 8.05 10.57 7.57
N VAL D 14 8.28 9.71 6.63
CA VAL D 14 9.03 10.11 5.40
C VAL D 14 8.12 10.88 4.44
N PHE D 15 6.85 10.55 4.39
CA PHE D 15 5.92 11.25 3.47
C PHE D 15 5.85 12.75 3.80
N HIS D 16 5.65 13.05 5.06
CA HIS D 16 5.52 14.46 5.49
C HIS D 16 6.88 15.15 5.50
N ALA D 17 7.95 14.40 5.56
CA ALA D 17 9.28 15.05 5.59
C ALA D 17 9.63 15.63 4.22
N HIS D 18 9.70 14.83 3.19
CA HIS D 18 10.07 15.38 1.85
C HIS D 18 8.94 16.24 1.30
N SER D 19 7.72 15.82 1.48
CA SER D 19 6.54 16.58 0.96
C SER D 19 6.36 17.90 1.71
N GLY D 20 7.03 18.07 2.80
CA GLY D 20 6.86 19.33 3.61
C GLY D 20 7.96 20.33 3.28
N LYS D 21 8.72 20.09 2.24
CA LYS D 21 9.80 21.08 1.90
C LYS D 21 9.20 22.18 1.05
N GLU D 22 8.66 21.85 -0.09
CA GLU D 22 8.07 22.90 -0.99
C GLU D 22 6.68 22.44 -1.45
N GLY D 23 5.72 22.44 -0.57
CA GLY D 23 4.34 22.02 -0.98
C GLY D 23 3.37 22.30 0.16
N ASP D 24 2.32 21.54 0.27
CA ASP D 24 1.35 21.76 1.37
C ASP D 24 1.77 20.89 2.54
N LYS D 25 1.35 21.22 3.72
CA LYS D 25 1.76 20.42 4.90
C LYS D 25 1.41 18.94 4.69
N TYR D 26 0.39 18.64 3.92
CA TYR D 26 0.02 17.20 3.74
C TYR D 26 -0.56 16.92 2.34
N LYS D 27 0.09 17.37 1.29
CA LYS D 27 -0.35 17.05 -0.10
C LYS D 27 0.94 16.76 -0.87
N LEU D 28 0.99 15.76 -1.71
CA LEU D 28 2.25 15.47 -2.44
C LEU D 28 2.21 16.16 -3.80
N SER D 29 3.35 16.54 -4.33
CA SER D 29 3.39 17.25 -5.65
C SER D 29 4.34 16.52 -6.60
N LYS D 30 4.25 16.77 -7.87
CA LYS D 30 5.16 16.08 -8.83
C LYS D 30 6.62 16.24 -8.41
N LYS D 31 7.04 17.43 -8.10
CA LYS D 31 8.47 17.64 -7.72
C LYS D 31 8.74 17.04 -6.34
N GLU D 32 7.74 17.00 -5.52
CA GLU D 32 7.90 16.38 -4.17
C GLU D 32 7.84 14.86 -4.33
N LEU D 33 7.01 14.40 -5.23
CA LEU D 33 6.86 12.93 -5.47
C LEU D 33 8.19 12.29 -5.90
N LYS D 34 8.86 12.83 -6.87
CA LYS D 34 10.14 12.20 -7.35
C LYS D 34 11.24 12.28 -6.28
N ASP D 35 11.29 13.33 -5.52
CA ASP D 35 12.34 13.43 -4.46
C ASP D 35 12.08 12.32 -3.44
N LEU D 36 10.85 12.09 -3.16
CA LEU D 36 10.45 11.05 -2.16
C LEU D 36 10.95 9.63 -2.54
N LEU D 37 10.90 9.26 -3.80
CA LEU D 37 11.32 7.87 -4.19
C LEU D 37 12.83 7.74 -4.44
N GLN D 38 13.48 8.74 -4.96
CA GLN D 38 14.95 8.60 -5.24
C GLN D 38 15.73 8.56 -3.94
N THR D 39 15.14 9.04 -2.88
CA THR D 39 15.83 9.09 -1.58
C THR D 39 15.92 7.70 -0.93
N GLU D 40 14.81 7.11 -0.58
CA GLU D 40 14.89 5.79 0.10
C GLU D 40 14.87 4.62 -0.90
N LEU D 41 13.93 4.58 -1.83
CA LEU D 41 13.89 3.43 -2.79
C LEU D 41 14.69 3.79 -4.04
N SER D 42 15.98 3.88 -3.88
CA SER D 42 16.87 4.24 -5.03
C SER D 42 17.14 3.02 -5.93
N SER D 43 16.98 1.82 -5.42
CA SER D 43 17.27 0.59 -6.24
C SER D 43 15.98 -0.17 -6.59
N PHE D 44 14.83 0.38 -6.27
CA PHE D 44 13.54 -0.32 -6.61
C PHE D 44 12.68 0.63 -7.43
N LEU D 45 11.98 1.52 -6.77
CA LEU D 45 11.13 2.48 -7.53
C LEU D 45 12.06 3.46 -8.25
N ASP D 46 11.72 3.82 -9.46
CA ASP D 46 12.59 4.74 -10.25
C ASP D 46 11.75 5.88 -10.80
N VAL D 47 12.39 6.97 -11.08
CA VAL D 47 11.69 8.16 -11.62
C VAL D 47 12.73 9.05 -12.31
N GLN D 48 13.91 9.07 -11.79
CA GLN D 48 14.97 9.93 -12.36
C GLN D 48 15.65 9.27 -13.58
N LYS D 49 15.83 7.97 -13.56
CA LYS D 49 16.51 7.32 -14.71
C LYS D 49 15.69 7.53 -15.99
N ASP D 50 14.38 7.45 -15.88
CA ASP D 50 13.50 7.61 -17.08
C ASP D 50 12.46 8.72 -16.85
N ALA D 51 12.58 9.79 -17.58
CA ALA D 51 11.60 10.89 -17.42
C ALA D 51 10.25 10.42 -17.98
N ASP D 52 10.28 9.48 -18.88
CA ASP D 52 9.00 8.97 -19.46
C ASP D 52 8.17 8.37 -18.33
N ALA D 53 8.83 7.68 -17.44
CA ALA D 53 8.12 7.05 -16.30
C ALA D 53 7.48 8.09 -15.38
N VAL D 54 8.15 9.20 -15.17
CA VAL D 54 7.61 10.24 -14.27
C VAL D 54 6.39 10.96 -14.84
N ASP D 55 6.51 11.50 -16.01
CA ASP D 55 5.37 12.26 -16.60
C ASP D 55 4.19 11.33 -16.88
N LYS D 56 4.46 10.16 -17.36
CA LYS D 56 3.35 9.23 -17.70
C LYS D 56 2.66 8.71 -16.43
N ILE D 57 3.40 8.41 -15.40
CA ILE D 57 2.80 7.86 -14.17
C ILE D 57 2.23 8.97 -13.29
N MET D 58 3.05 9.92 -12.96
CA MET D 58 2.60 11.03 -12.09
C MET D 58 1.44 11.81 -12.70
N LYS D 59 1.51 12.08 -13.97
CA LYS D 59 0.41 12.87 -14.61
C LYS D 59 -0.87 12.01 -14.67
N GLU D 60 -0.71 10.73 -14.92
CA GLU D 60 -1.90 9.83 -14.99
C GLU D 60 -2.22 9.32 -13.59
N LEU D 61 -1.26 9.39 -12.68
CA LEU D 61 -1.53 8.88 -11.29
C LEU D 61 -2.26 9.98 -10.53
N ASP D 62 -2.18 11.20 -11.05
CA ASP D 62 -2.96 12.31 -10.45
C ASP D 62 -4.24 12.33 -11.28
N GLU D 63 -4.69 11.14 -11.45
CA GLU D 63 -5.90 10.84 -12.27
C GLU D 63 -6.97 11.91 -12.08
N ASN D 64 -6.91 12.71 -11.04
CA ASN D 64 -7.93 13.78 -10.85
C ASN D 64 -7.47 15.01 -11.63
N GLY D 65 -6.34 14.91 -12.25
CA GLY D 65 -5.79 16.03 -13.08
C GLY D 65 -5.53 17.29 -12.22
N ASP D 66 -5.13 17.14 -10.99
CA ASP D 66 -4.88 18.35 -10.13
C ASP D 66 -3.38 18.68 -10.10
N GLY D 67 -2.54 17.81 -10.56
CA GLY D 67 -1.09 18.11 -10.58
C GLY D 67 -0.44 17.70 -9.25
N GLU D 68 -1.23 17.36 -8.26
CA GLU D 68 -0.69 16.94 -6.95
C GLU D 68 -1.18 15.53 -6.68
N VAL D 69 -0.35 14.71 -6.14
CA VAL D 69 -0.73 13.32 -5.84
C VAL D 69 -1.16 13.21 -4.38
N ASP D 70 -2.20 12.47 -4.12
CA ASP D 70 -2.69 12.33 -2.73
C ASP D 70 -2.09 11.07 -2.12
N PHE D 71 -1.31 11.21 -1.06
CA PHE D 71 -0.66 10.03 -0.38
C PHE D 71 -1.43 8.72 -0.61
N GLN D 72 -2.73 8.74 -0.60
CA GLN D 72 -3.49 7.48 -0.83
C GLN D 72 -3.12 6.92 -2.20
N GLU D 73 -3.04 7.77 -3.19
CA GLU D 73 -2.67 7.32 -4.56
C GLU D 73 -1.24 6.76 -4.53
N PHE D 74 -0.38 7.42 -3.81
CA PHE D 74 1.05 7.01 -3.72
C PHE D 74 1.21 5.59 -3.15
N VAL D 75 0.43 5.23 -2.18
CA VAL D 75 0.57 3.87 -1.57
C VAL D 75 0.12 2.76 -2.55
N VAL D 76 -0.86 3.02 -3.37
CA VAL D 76 -1.34 1.95 -4.30
C VAL D 76 -0.31 1.65 -5.41
N LEU D 77 0.01 2.63 -6.21
CA LEU D 77 0.96 2.38 -7.35
C LEU D 77 2.40 2.13 -6.87
N VAL D 78 2.87 2.88 -5.93
CA VAL D 78 4.29 2.71 -5.47
C VAL D 78 4.47 1.40 -4.69
N ALA D 79 3.53 1.07 -3.85
CA ALA D 79 3.67 -0.20 -3.05
C ALA D 79 3.39 -1.39 -3.96
N ALA D 80 2.65 -1.22 -5.02
CA ALA D 80 2.38 -2.35 -5.93
C ALA D 80 3.72 -2.74 -6.57
N LEU D 81 4.35 -1.80 -7.20
CA LEU D 81 5.66 -2.05 -7.89
C LEU D 81 6.70 -2.55 -6.88
N THR D 82 6.63 -2.08 -5.67
CA THR D 82 7.66 -2.47 -4.65
C THR D 82 7.66 -3.99 -4.42
N VAL D 83 6.54 -4.57 -4.10
CA VAL D 83 6.49 -6.04 -3.85
C VAL D 83 6.45 -6.83 -5.17
N ALA D 84 5.88 -6.25 -6.19
CA ALA D 84 5.80 -6.95 -7.50
C ALA D 84 7.18 -7.18 -8.08
N CYS D 85 8.07 -6.23 -7.90
CA CYS D 85 9.45 -6.39 -8.43
C CYS D 85 10.17 -7.46 -7.63
N ASN D 86 9.98 -7.48 -6.34
CA ASN D 86 10.67 -8.50 -5.49
C ASN D 86 10.28 -9.91 -5.95
N ASN D 87 9.03 -10.12 -6.26
CA ASN D 87 8.58 -11.46 -6.71
C ASN D 87 9.26 -11.82 -8.04
N PHE D 88 9.38 -10.86 -8.93
CA PHE D 88 10.01 -11.14 -10.25
C PHE D 88 11.47 -11.55 -10.05
N PHE D 89 12.06 -11.24 -8.92
CA PHE D 89 13.48 -11.62 -8.69
C PHE D 89 13.62 -13.14 -8.79
N TRP D 90 14.68 -13.62 -9.40
CA TRP D 90 14.86 -15.09 -9.54
C TRP D 90 14.92 -15.77 -8.17
N GLU D 91 15.58 -15.16 -7.22
CA GLU D 91 15.69 -15.77 -5.86
C GLU D 91 14.33 -15.72 -5.16
N ASN D 92 13.39 -15.00 -5.72
CA ASN D 92 12.04 -14.89 -5.09
C ASN D 92 11.04 -15.73 -5.89
N SER D 93 11.53 -16.66 -6.66
CA SER D 93 10.60 -17.50 -7.47
C SER D 93 11.35 -18.73 -8.00
N LYS A 1 -16.21 -0.21 -6.90
CA LYS A 1 -16.02 -0.35 -5.42
C LYS A 1 -16.37 0.98 -4.74
N LYS A 2 -17.63 1.35 -4.72
CA LYS A 2 -18.05 2.63 -4.06
C LYS A 2 -19.02 2.33 -2.93
N ALA A 3 -20.03 1.55 -3.19
CA ALA A 3 -21.03 1.24 -2.12
C ALA A 3 -20.40 0.34 -1.05
N VAL A 4 -19.62 -0.63 -1.43
CA VAL A 4 -19.00 -1.52 -0.42
C VAL A 4 -18.07 -0.70 0.49
N TRP A 5 -17.26 0.13 -0.10
CA TRP A 5 -16.32 0.98 0.70
C TRP A 5 -17.13 1.87 1.65
N HIS A 6 -18.17 2.48 1.15
CA HIS A 6 -19.02 3.36 2.00
C HIS A 6 -19.60 2.59 3.18
N LYS A 7 -20.03 1.37 2.96
CA LYS A 7 -20.64 0.57 4.07
C LYS A 7 -19.66 0.38 5.22
N LEU A 8 -18.46 -0.06 4.94
CA LEU A 8 -17.50 -0.30 6.04
C LEU A 8 -17.25 0.99 6.83
N LEU A 9 -16.95 2.06 6.15
CA LEU A 9 -16.72 3.34 6.88
C LEU A 9 -18.02 3.77 7.58
N SER A 10 -19.14 3.62 6.93
CA SER A 10 -20.43 4.01 7.57
C SER A 10 -20.74 3.06 8.72
N LYS A 11 -20.50 1.79 8.53
CA LYS A 11 -20.79 0.80 9.59
C LYS A 11 -19.97 1.12 10.84
N GLN A 12 -18.73 1.52 10.67
CA GLN A 12 -17.88 1.83 11.84
C GLN A 12 -17.84 3.35 12.05
N LYS B 1 -7.08 1.29 -16.15
CA LYS B 1 -5.60 1.34 -15.98
C LYS B 1 -4.99 -0.01 -16.38
N LYS B 2 -5.01 -0.33 -17.65
CA LYS B 2 -4.44 -1.62 -18.13
C LYS B 2 -3.29 -1.36 -19.10
N ALA B 3 -3.51 -0.51 -20.08
CA ALA B 3 -2.43 -0.23 -21.08
C ALA B 3 -1.30 0.57 -20.43
N VAL B 4 -1.63 1.53 -19.60
CA VAL B 4 -0.56 2.34 -18.95
C VAL B 4 0.30 1.43 -18.07
N TRP B 5 -0.33 0.60 -17.28
CA TRP B 5 0.43 -0.31 -16.39
C TRP B 5 1.32 -1.23 -17.24
N HIS B 6 0.78 -1.76 -18.30
CA HIS B 6 1.57 -2.68 -19.17
C HIS B 6 2.79 -1.95 -19.75
N LYS B 7 2.63 -0.70 -20.12
CA LYS B 7 3.77 0.06 -20.72
C LYS B 7 4.95 0.15 -19.74
N LEU B 8 4.71 0.55 -18.53
CA LEU B 8 5.83 0.70 -17.56
C LEU B 8 6.53 -0.65 -17.37
N LEU B 9 5.80 -1.69 -17.12
CA LEU B 9 6.46 -3.01 -16.93
C LEU B 9 7.12 -3.43 -18.25
N SER B 10 6.47 -3.21 -19.35
CA SER B 10 7.08 -3.58 -20.67
C SER B 10 8.28 -2.68 -20.96
N LYS B 11 8.16 -1.42 -20.67
CA LYS B 11 9.29 -0.48 -20.94
C LYS B 11 10.52 -0.91 -20.14
N GLN B 12 10.33 -1.33 -18.91
CA GLN B 12 11.50 -1.76 -18.07
C GLN B 12 11.60 -3.28 -18.09
N GLY C 1 15.36 9.27 5.16
CA GLY C 1 15.37 8.46 3.87
C GLY C 1 15.54 6.98 3.94
N SER C 2 15.73 6.45 5.12
CA SER C 2 15.88 4.97 5.30
C SER C 2 14.60 4.42 5.91
N GLU C 3 13.73 5.29 6.35
CA GLU C 3 12.46 4.83 6.97
C GLU C 3 11.66 4.00 5.95
N LEU C 4 11.35 4.53 4.81
CA LEU C 4 10.53 3.74 3.84
C LEU C 4 11.25 2.43 3.52
N GLU C 5 12.54 2.46 3.41
CA GLU C 5 13.32 1.22 3.12
C GLU C 5 12.97 0.15 4.16
N THR C 6 12.92 0.55 5.41
CA THR C 6 12.59 -0.43 6.48
C THR C 6 11.13 -0.86 6.37
N ALA C 7 10.28 0.01 5.93
CA ALA C 7 8.84 -0.36 5.83
C ALA C 7 8.71 -1.58 4.90
N MET C 8 9.41 -1.61 3.81
CA MET C 8 9.32 -2.79 2.89
C MET C 8 9.75 -4.07 3.61
N GLU C 9 10.77 -4.00 4.42
CA GLU C 9 11.23 -5.22 5.15
C GLU C 9 10.15 -5.70 6.10
N THR C 10 9.47 -4.80 6.74
CA THR C 10 8.43 -5.18 7.73
C THR C 10 7.21 -5.83 7.05
N LEU C 11 6.72 -5.23 6.01
CA LEU C 11 5.51 -5.76 5.30
C LEU C 11 5.74 -7.20 4.77
N ILE C 12 6.87 -7.45 4.18
CA ILE C 12 7.12 -8.81 3.60
C ILE C 12 7.54 -9.84 4.66
N ASN C 13 8.27 -9.47 5.66
CA ASN C 13 8.68 -10.48 6.68
C ASN C 13 7.42 -11.08 7.34
N VAL C 14 6.45 -10.27 7.60
CA VAL C 14 5.20 -10.78 8.26
C VAL C 14 4.25 -11.41 7.22
N PHE C 15 4.23 -10.89 6.02
CA PHE C 15 3.31 -11.44 4.98
C PHE C 15 3.62 -12.91 4.69
N HIS C 16 4.87 -13.22 4.46
CA HIS C 16 5.27 -14.63 4.13
C HIS C 16 5.33 -15.50 5.39
N ALA C 17 5.52 -14.91 6.54
CA ALA C 17 5.61 -15.75 7.77
C ALA C 17 4.23 -16.33 8.12
N HIS C 18 3.25 -15.50 8.37
CA HIS C 18 1.91 -16.02 8.75
C HIS C 18 1.26 -16.77 7.58
N SER C 19 1.41 -16.27 6.38
CA SER C 19 0.77 -16.91 5.20
C SER C 19 1.30 -18.32 4.98
N GLY C 20 2.40 -18.67 5.59
CA GLY C 20 2.98 -20.04 5.41
C GLY C 20 3.06 -20.75 6.76
N LYS C 21 2.35 -20.28 7.76
CA LYS C 21 2.43 -20.95 9.08
C LYS C 21 1.81 -22.34 8.99
N GLU C 22 0.93 -22.53 8.03
CA GLU C 22 0.27 -23.87 7.86
C GLU C 22 0.96 -24.65 6.74
N GLY C 23 2.05 -24.14 6.22
CA GLY C 23 2.78 -24.88 5.15
C GLY C 23 2.22 -24.53 3.76
N ASP C 24 1.68 -23.34 3.60
CA ASP C 24 1.16 -22.92 2.27
C ASP C 24 2.17 -21.94 1.70
N LYS C 25 2.76 -22.23 0.56
CA LYS C 25 3.80 -21.31 -0.05
C LYS C 25 3.53 -19.86 0.35
N TYR C 26 3.05 -19.04 -0.53
CA TYR C 26 2.77 -17.61 -0.15
C TYR C 26 1.42 -17.17 -0.71
N LYS C 27 0.36 -17.69 -0.14
CA LYS C 27 -1.02 -17.29 -0.55
C LYS C 27 -1.84 -17.16 0.73
N LEU C 28 -2.71 -16.19 0.80
CA LEU C 28 -3.51 -16.01 2.05
C LEU C 28 -4.88 -16.67 1.91
N SER C 29 -5.41 -17.11 3.01
CA SER C 29 -6.76 -17.76 3.04
C SER C 29 -7.58 -16.99 4.07
N LYS C 30 -8.87 -17.13 4.06
CA LYS C 30 -9.66 -16.37 5.08
C LYS C 30 -9.05 -16.55 6.48
N LYS C 31 -8.61 -17.73 6.82
CA LYS C 31 -8.02 -17.97 8.17
C LYS C 31 -6.64 -17.31 8.34
N GLU C 32 -5.87 -17.20 7.30
CA GLU C 32 -4.53 -16.55 7.44
C GLU C 32 -4.74 -15.04 7.60
N LEU C 33 -5.69 -14.53 6.87
CA LEU C 33 -6.01 -13.06 6.91
C LEU C 33 -6.54 -12.62 8.29
N LYS C 34 -7.42 -13.37 8.87
CA LYS C 34 -8.01 -12.95 10.18
C LYS C 34 -6.97 -12.93 11.31
N ASP C 35 -6.10 -13.89 11.36
CA ASP C 35 -5.08 -13.88 12.46
C ASP C 35 -3.99 -12.85 12.13
N LEU C 36 -3.79 -12.58 10.88
CA LEU C 36 -2.73 -11.62 10.47
C LEU C 36 -3.03 -10.18 10.90
N LEU C 37 -4.26 -9.73 10.80
CA LEU C 37 -4.58 -8.31 11.18
C LEU C 37 -4.86 -8.13 12.69
N GLN C 38 -5.46 -9.09 13.33
CA GLN C 38 -5.78 -8.92 14.78
C GLN C 38 -4.49 -8.93 15.59
N THR C 39 -3.45 -9.47 15.02
CA THR C 39 -2.16 -9.57 15.75
C THR C 39 -1.38 -8.25 15.71
N GLU C 40 -0.88 -7.88 14.57
CA GLU C 40 -0.07 -6.64 14.49
C GLU C 40 -0.91 -5.36 14.49
N LEU C 41 -1.88 -5.23 13.61
CA LEU C 41 -2.71 -3.98 13.60
C LEU C 41 -3.94 -4.21 14.46
N SER C 42 -3.72 -4.54 15.70
CA SER C 42 -4.82 -4.83 16.68
C SER C 42 -5.60 -3.55 17.05
N SER C 43 -4.99 -2.39 16.95
CA SER C 43 -5.70 -1.13 17.35
C SER C 43 -6.13 -0.32 16.12
N PHE C 44 -5.88 -0.82 14.93
CA PHE C 44 -6.26 -0.08 13.69
C PHE C 44 -7.23 -0.93 12.88
N LEU C 45 -6.71 -1.88 12.15
CA LEU C 45 -7.61 -2.76 11.34
C LEU C 45 -8.27 -3.78 12.28
N ASP C 46 -9.56 -3.91 12.18
CA ASP C 46 -10.31 -4.88 13.03
C ASP C 46 -10.86 -5.97 12.14
N VAL C 47 -11.10 -7.12 12.71
CA VAL C 47 -11.64 -8.27 11.95
C VAL C 47 -12.36 -9.18 12.95
N GLN C 48 -11.80 -9.30 14.12
CA GLN C 48 -12.39 -10.19 15.16
C GLN C 48 -13.72 -9.63 15.71
N LYS C 49 -13.73 -8.41 16.17
CA LYS C 49 -14.99 -7.86 16.75
C LYS C 49 -16.05 -7.64 15.69
N ASP C 50 -15.68 -7.24 14.50
CA ASP C 50 -16.71 -7.00 13.44
C ASP C 50 -16.77 -8.19 12.48
N ALA C 51 -17.73 -9.06 12.66
CA ALA C 51 -17.86 -10.24 11.76
C ALA C 51 -18.32 -9.76 10.38
N ASP C 52 -19.18 -8.78 10.34
CA ASP C 52 -19.67 -8.26 9.04
C ASP C 52 -18.49 -7.74 8.22
N ALA C 53 -17.51 -7.21 8.90
CA ALA C 53 -16.30 -6.66 8.21
C ALA C 53 -15.47 -7.78 7.60
N VAL C 54 -15.33 -8.88 8.28
CA VAL C 54 -14.50 -9.99 7.75
C VAL C 54 -15.13 -10.64 6.53
N ASP C 55 -16.33 -11.10 6.64
CA ASP C 55 -16.97 -11.78 5.49
C ASP C 55 -17.18 -10.83 4.31
N LYS C 56 -17.58 -9.63 4.57
CA LYS C 56 -17.82 -8.68 3.45
C LYS C 56 -16.51 -8.27 2.77
N ILE C 57 -15.49 -8.03 3.55
CA ILE C 57 -14.21 -7.55 2.98
C ILE C 57 -13.44 -8.70 2.37
N MET C 58 -13.20 -9.70 3.14
CA MET C 58 -12.41 -10.86 2.65
C MET C 58 -13.09 -11.53 1.46
N LYS C 59 -14.37 -11.77 1.53
CA LYS C 59 -15.06 -12.45 0.39
C LYS C 59 -15.11 -11.51 -0.82
N GLU C 60 -15.34 -10.24 -0.61
CA GLU C 60 -15.40 -9.29 -1.76
C GLU C 60 -13.98 -8.84 -2.11
N LEU C 61 -13.04 -9.04 -1.20
CA LEU C 61 -11.63 -8.62 -1.50
C LEU C 61 -10.96 -9.78 -2.23
N ASP C 62 -11.58 -10.94 -2.19
CA ASP C 62 -11.08 -12.10 -2.97
C ASP C 62 -11.91 -12.02 -4.25
N GLU C 63 -11.93 -10.81 -4.71
CA GLU C 63 -12.68 -10.39 -5.91
C GLU C 63 -12.50 -11.39 -7.05
N ASN C 64 -11.46 -12.18 -7.03
CA ASN C 64 -11.28 -13.19 -8.13
C ASN C 64 -12.07 -14.44 -7.76
N GLY C 65 -12.72 -14.40 -6.63
CA GLY C 65 -13.56 -15.54 -6.20
C GLY C 65 -12.75 -16.81 -5.92
N ASP C 66 -11.52 -16.70 -5.48
CA ASP C 66 -10.70 -17.92 -5.18
C ASP C 66 -10.74 -18.23 -3.67
N GLY C 67 -11.24 -17.33 -2.87
CA GLY C 67 -11.31 -17.59 -1.40
C GLY C 67 -9.96 -17.31 -0.76
N GLU C 68 -9.00 -16.91 -1.55
CA GLU C 68 -7.64 -16.61 -1.04
C GLU C 68 -7.27 -15.19 -1.46
N VAL C 69 -6.63 -14.46 -0.60
CA VAL C 69 -6.27 -13.06 -0.90
C VAL C 69 -4.84 -12.95 -1.43
N ASP C 70 -4.66 -12.20 -2.48
CA ASP C 70 -3.31 -12.02 -3.06
C ASP C 70 -2.62 -10.86 -2.34
N PHE C 71 -1.33 -10.81 -2.39
CA PHE C 71 -0.60 -9.70 -1.70
C PHE C 71 -1.03 -8.35 -2.27
N GLN C 72 -1.25 -8.25 -3.56
CA GLN C 72 -1.65 -6.94 -4.15
C GLN C 72 -3.03 -6.51 -3.63
N GLU C 73 -3.95 -7.41 -3.48
CA GLU C 73 -5.31 -7.01 -2.98
C GLU C 73 -5.23 -6.57 -1.52
N PHE C 74 -4.45 -7.27 -0.73
CA PHE C 74 -4.34 -6.96 0.73
C PHE C 74 -3.66 -5.61 0.98
N VAL C 75 -2.65 -5.27 0.25
CA VAL C 75 -1.93 -3.98 0.50
C VAL C 75 -2.80 -2.78 0.09
N VAL C 76 -3.62 -2.94 -0.91
CA VAL C 76 -4.45 -1.79 -1.37
C VAL C 76 -5.61 -1.47 -0.41
N LEU C 77 -6.50 -2.39 -0.19
CA LEU C 77 -7.67 -2.10 0.70
C LEU C 77 -7.28 -1.95 2.16
N VAL C 78 -6.39 -2.77 2.66
CA VAL C 78 -6.02 -2.68 4.09
C VAL C 78 -5.27 -1.39 4.37
N ALA C 79 -4.41 -1.01 3.47
CA ALA C 79 -3.66 0.26 3.67
C ALA C 79 -4.62 1.43 3.47
N ALA C 80 -5.68 1.22 2.74
CA ALA C 80 -6.66 2.31 2.48
C ALA C 80 -7.43 2.69 3.75
N LEU C 81 -7.58 1.79 4.69
CA LEU C 81 -8.36 2.12 5.94
C LEU C 81 -7.43 2.67 7.03
N THR C 82 -6.23 2.18 7.14
CA THR C 82 -5.36 2.72 8.24
C THR C 82 -5.05 4.19 7.97
N VAL C 83 -4.71 4.56 6.75
CA VAL C 83 -4.40 5.98 6.46
C VAL C 83 -5.69 6.81 6.41
N ALA C 84 -6.70 6.29 5.76
CA ALA C 84 -7.96 7.04 5.61
C ALA C 84 -8.59 7.31 6.99
N CYS C 85 -8.39 6.43 7.92
CA CYS C 85 -8.98 6.60 9.27
C CYS C 85 -8.26 7.70 10.06
N ASN C 86 -6.96 7.73 10.00
CA ASN C 86 -6.20 8.76 10.77
C ASN C 86 -6.59 10.17 10.36
N ASN C 87 -6.77 10.42 9.09
CA ASN C 87 -7.13 11.79 8.63
C ASN C 87 -8.64 12.02 8.81
N PHE C 88 -9.42 10.98 8.67
CA PHE C 88 -10.91 11.15 8.78
C PHE C 88 -11.32 11.65 10.17
N PHE C 89 -10.70 11.18 11.22
CA PHE C 89 -11.12 11.64 12.59
C PHE C 89 -10.44 12.98 12.95
N TRP C 90 -10.04 13.74 11.97
CA TRP C 90 -9.39 15.05 12.27
C TRP C 90 -10.37 15.94 13.05
N GLU C 91 -10.41 17.20 12.76
CA GLU C 91 -11.35 18.11 13.49
C GLU C 91 -12.77 17.76 13.05
N ASN C 92 -12.91 16.93 12.05
CA ASN C 92 -14.27 16.54 11.57
C ASN C 92 -14.72 15.29 12.32
N SER C 93 -13.95 14.86 13.29
CA SER C 93 -14.31 13.65 14.09
C SER C 93 -15.80 13.70 14.45
N GLY D 1 4.99 -10.03 14.91
CA GLY D 1 3.73 -9.17 15.00
C GLY D 1 3.87 -7.71 15.21
N SER D 2 5.08 -7.24 15.41
CA SER D 2 5.30 -5.77 15.61
C SER D 2 5.93 -5.19 14.33
N GLU D 3 6.31 -6.03 13.43
CA GLU D 3 6.93 -5.54 12.17
C GLU D 3 5.95 -4.65 11.42
N LEU D 4 4.78 -5.13 11.11
CA LEU D 4 3.83 -4.27 10.33
C LEU D 4 3.56 -2.98 11.11
N GLU D 5 3.47 -3.06 12.40
CA GLU D 5 3.24 -1.84 13.22
C GLU D 5 4.32 -0.81 12.90
N THR D 6 5.54 -1.24 12.81
CA THR D 6 6.64 -0.30 12.50
C THR D 6 6.52 0.19 11.06
N ALA D 7 6.02 -0.63 10.18
CA ALA D 7 5.95 -0.19 8.77
C ALA D 7 5.09 1.08 8.68
N MET D 8 4.00 1.12 9.41
CA MET D 8 3.12 2.32 9.38
C MET D 8 3.89 3.56 9.85
N GLU D 9 4.72 3.42 10.85
CA GLU D 9 5.49 4.59 11.35
C GLU D 9 6.45 5.08 10.26
N THR D 10 7.04 4.18 9.55
CA THR D 10 8.03 4.56 8.51
C THR D 10 7.36 5.28 7.31
N LEU D 11 6.28 4.74 6.82
CA LEU D 11 5.58 5.35 5.64
C LEU D 11 5.12 6.79 5.93
N ILE D 12 4.55 7.03 7.09
CA ILE D 12 4.03 8.40 7.40
C ILE D 12 5.14 9.36 7.82
N ASN D 13 6.12 8.93 8.53
CA ASN D 13 7.19 9.88 8.96
C ASN D 13 7.85 10.51 7.72
N VAL D 14 8.07 9.72 6.72
CA VAL D 14 8.73 10.25 5.48
C VAL D 14 7.71 10.96 4.57
N PHE D 15 6.49 10.49 4.54
CA PHE D 15 5.46 11.12 3.67
C PHE D 15 5.24 12.59 4.03
N HIS D 16 5.03 12.86 5.29
CA HIS D 16 4.76 14.25 5.74
C HIS D 16 6.04 15.07 5.81
N ALA D 17 7.18 14.44 5.97
CA ALA D 17 8.44 15.23 6.07
C ALA D 17 8.80 15.85 4.71
N HIS D 18 9.00 15.05 3.71
CA HIS D 18 9.39 15.60 2.38
C HIS D 18 8.24 16.42 1.77
N SER D 19 7.02 15.95 1.92
CA SER D 19 5.85 16.66 1.33
C SER D 19 5.70 18.07 1.91
N GLY D 20 6.34 18.35 3.01
CA GLY D 20 6.22 19.70 3.65
C GLY D 20 7.60 20.35 3.73
N LYS D 21 8.56 19.86 3.00
CA LYS D 21 9.92 20.48 3.08
C LYS D 21 9.86 21.90 2.51
N GLU D 22 8.90 22.16 1.66
CA GLU D 22 8.78 23.53 1.05
C GLU D 22 7.70 24.33 1.78
N GLY D 23 7.17 23.80 2.86
CA GLY D 23 6.13 24.55 3.63
C GLY D 23 4.73 24.27 3.07
N ASP D 24 4.52 23.11 2.48
CA ASP D 24 3.17 22.76 1.98
C ASP D 24 2.57 21.76 2.96
N LYS D 25 1.44 22.08 3.57
CA LYS D 25 0.81 21.14 4.58
C LYS D 25 1.16 19.69 4.26
N TYR D 26 0.23 18.91 3.76
CA TYR D 26 0.56 17.49 3.43
C TYR D 26 -0.02 17.12 2.07
N LYS D 27 0.55 17.65 1.02
CA LYS D 27 0.11 17.32 -0.36
C LYS D 27 1.36 17.18 -1.21
N LEU D 28 1.39 16.25 -2.12
CA LEU D 28 2.62 16.05 -2.95
C LEU D 28 2.48 16.76 -4.29
N SER D 29 3.59 17.18 -4.82
CA SER D 29 3.64 17.88 -6.13
C SER D 29 4.61 17.10 -6.99
N LYS D 30 4.62 17.29 -8.28
CA LYS D 30 5.58 16.52 -9.12
C LYS D 30 7.00 16.63 -8.52
N LYS D 31 7.38 17.78 -8.04
CA LYS D 31 8.76 17.93 -7.46
C LYS D 31 8.90 17.22 -6.10
N GLU D 32 7.86 17.12 -5.31
CA GLU D 32 8.01 16.42 -4.01
C GLU D 32 8.11 14.91 -4.29
N LEU D 33 7.35 14.47 -5.24
CA LEU D 33 7.33 13.01 -5.62
C LEU D 33 8.68 12.54 -6.18
N LYS D 34 9.28 13.30 -7.04
CA LYS D 34 10.56 12.85 -7.67
C LYS D 34 11.70 12.75 -6.65
N ASP D 35 11.81 13.67 -5.74
CA ASP D 35 12.91 13.58 -4.73
C ASP D 35 12.56 12.53 -3.68
N LEU D 36 11.30 12.30 -3.47
CA LEU D 36 10.87 11.32 -2.43
C LEU D 36 11.24 9.86 -2.81
N LEU D 37 11.11 9.47 -4.05
CA LEU D 37 11.43 8.05 -4.42
C LEU D 37 12.92 7.82 -4.73
N GLN D 38 13.59 8.77 -5.31
CA GLN D 38 15.03 8.56 -5.66
C GLN D 38 15.85 8.49 -4.38
N THR D 39 15.32 9.02 -3.32
CA THR D 39 16.07 9.04 -2.05
C THR D 39 16.00 7.69 -1.31
N GLU D 40 14.86 7.35 -0.80
CA GLU D 40 14.72 6.08 -0.03
C GLU D 40 14.67 4.84 -0.92
N LEU D 41 13.77 4.78 -1.88
CA LEU D 41 13.70 3.56 -2.75
C LEU D 41 14.56 3.80 -4.00
N SER D 42 15.82 4.08 -3.77
CA SER D 42 16.78 4.36 -4.88
C SER D 42 17.09 3.11 -5.71
N SER D 43 16.96 1.94 -5.15
CA SER D 43 17.30 0.68 -5.91
C SER D 43 16.03 -0.06 -6.34
N PHE D 44 14.88 0.48 -6.05
CA PHE D 44 13.60 -0.20 -6.45
C PHE D 44 12.81 0.71 -7.37
N LEU D 45 12.12 1.67 -6.82
CA LEU D 45 11.34 2.61 -7.67
C LEU D 45 12.30 3.62 -8.30
N ASP D 46 12.20 3.80 -9.58
CA ASP D 46 13.07 4.77 -10.31
C ASP D 46 12.21 5.91 -10.80
N VAL D 47 12.82 7.04 -11.02
CA VAL D 47 12.10 8.24 -11.49
C VAL D 47 13.12 9.14 -12.20
N GLN D 48 14.31 9.19 -11.64
CA GLN D 48 15.38 10.07 -12.23
C GLN D 48 15.89 9.54 -13.57
N LYS D 49 16.30 8.30 -13.64
CA LYS D 49 16.85 7.78 -14.92
C LYS D 49 15.76 7.64 -15.99
N ASP D 50 14.56 7.27 -15.61
CA ASP D 50 13.48 7.10 -16.62
C ASP D 50 12.56 8.34 -16.62
N ALA D 51 12.76 9.23 -17.55
CA ALA D 51 11.90 10.44 -17.62
C ALA D 51 10.50 10.04 -18.08
N ASP D 52 10.42 9.10 -18.97
CA ASP D 52 9.09 8.65 -19.47
C ASP D 52 8.27 8.12 -18.30
N ALA D 53 8.93 7.52 -17.36
CA ALA D 53 8.25 6.95 -16.16
C ALA D 53 7.70 8.06 -15.25
N VAL D 54 8.40 9.14 -15.12
CA VAL D 54 7.93 10.23 -14.22
C VAL D 54 6.73 10.95 -14.82
N ASP D 55 6.85 11.45 -16.01
CA ASP D 55 5.71 12.21 -16.60
C ASP D 55 4.49 11.31 -16.83
N LYS D 56 4.70 10.10 -17.27
CA LYS D 56 3.54 9.21 -17.55
C LYS D 56 2.87 8.77 -16.23
N ILE D 57 3.66 8.46 -15.23
CA ILE D 57 3.07 7.96 -13.96
C ILE D 57 2.52 9.11 -13.14
N MET D 58 3.33 10.07 -12.87
CA MET D 58 2.90 11.21 -12.03
C MET D 58 1.72 11.96 -12.67
N LYS D 59 1.79 12.24 -13.95
CA LYS D 59 0.67 12.98 -14.59
C LYS D 59 -0.57 12.10 -14.67
N GLU D 60 -0.41 10.84 -14.93
CA GLU D 60 -1.60 9.93 -15.02
C GLU D 60 -1.96 9.45 -13.61
N LEU D 61 -1.02 9.56 -12.68
CA LEU D 61 -1.32 9.11 -11.28
C LEU D 61 -2.00 10.26 -10.55
N ASP D 62 -1.92 11.45 -11.13
CA ASP D 62 -2.65 12.62 -10.59
C ASP D 62 -3.94 12.61 -11.39
N GLU D 63 -4.44 11.42 -11.44
CA GLU D 63 -5.67 11.08 -12.20
C GLU D 63 -6.77 12.12 -11.96
N ASN D 64 -6.70 12.88 -10.90
CA ASN D 64 -7.76 13.90 -10.67
C ASN D 64 -7.36 15.17 -11.41
N GLY D 65 -6.24 15.12 -12.06
CA GLY D 65 -5.78 16.28 -12.88
C GLY D 65 -5.44 17.51 -12.01
N ASP D 66 -4.99 17.32 -10.80
CA ASP D 66 -4.63 18.50 -9.94
C ASP D 66 -3.12 18.76 -10.01
N GLY D 67 -2.36 17.83 -10.54
CA GLY D 67 -0.88 18.05 -10.64
C GLY D 67 -0.22 17.69 -9.30
N GLU D 68 -1.03 17.29 -8.33
CA GLU D 68 -0.49 16.92 -6.99
C GLU D 68 -0.96 15.50 -6.69
N VAL D 69 -0.12 14.72 -6.07
CA VAL D 69 -0.48 13.32 -5.77
C VAL D 69 -0.99 13.18 -4.33
N ASP D 70 -2.06 12.45 -4.17
CA ASP D 70 -2.64 12.24 -2.82
C ASP D 70 -1.96 11.03 -2.18
N PHE D 71 -1.99 10.93 -0.89
CA PHE D 71 -1.35 9.78 -0.21
C PHE D 71 -1.97 8.46 -0.69
N GLN D 72 -3.26 8.42 -0.88
CA GLN D 72 -3.91 7.15 -1.32
C GLN D 72 -3.42 6.74 -2.73
N GLU D 73 -3.24 7.68 -3.62
CA GLU D 73 -2.79 7.31 -5.00
C GLU D 73 -1.33 6.81 -4.96
N PHE D 74 -0.52 7.45 -4.17
CA PHE D 74 0.94 7.08 -4.09
C PHE D 74 1.16 5.69 -3.47
N VAL D 75 0.42 5.36 -2.45
CA VAL D 75 0.62 4.04 -1.79
C VAL D 75 0.16 2.89 -2.70
N VAL D 76 -0.85 3.11 -3.50
CA VAL D 76 -1.37 2.00 -4.36
C VAL D 76 -0.42 1.70 -5.54
N LEU D 77 -0.18 2.64 -6.40
CA LEU D 77 0.67 2.35 -7.60
C LEU D 77 2.14 2.14 -7.23
N VAL D 78 2.67 2.91 -6.33
CA VAL D 78 4.12 2.75 -5.98
C VAL D 78 4.34 1.42 -5.28
N ALA D 79 3.45 1.04 -4.42
CA ALA D 79 3.61 -0.27 -3.72
C ALA D 79 3.36 -1.40 -4.72
N ALA D 80 2.62 -1.12 -5.75
CA ALA D 80 2.29 -2.16 -6.78
C ALA D 80 3.53 -2.53 -7.62
N LEU D 81 4.53 -1.68 -7.69
CA LEU D 81 5.74 -2.02 -8.51
C LEU D 81 6.83 -2.65 -7.63
N THR D 82 6.98 -2.21 -6.42
CA THR D 82 8.05 -2.82 -5.57
C THR D 82 7.73 -4.30 -5.31
N VAL D 83 6.50 -4.63 -4.98
CA VAL D 83 6.17 -6.06 -4.72
C VAL D 83 6.06 -6.82 -6.03
N ALA D 84 5.42 -6.25 -7.00
CA ALA D 84 5.24 -6.94 -8.29
C ALA D 84 6.58 -7.24 -8.96
N CYS D 85 7.54 -6.41 -8.73
CA CYS D 85 8.89 -6.60 -9.35
C CYS D 85 9.64 -7.76 -8.69
N ASN D 86 9.60 -7.84 -7.38
CA ASN D 86 10.35 -8.92 -6.68
C ASN D 86 9.87 -10.31 -7.11
N ASN D 87 8.59 -10.49 -7.28
CA ASN D 87 8.08 -11.83 -7.69
C ASN D 87 8.21 -12.01 -9.21
N PHE D 88 8.11 -10.95 -9.95
CA PHE D 88 8.20 -11.05 -11.43
C PHE D 88 9.56 -11.60 -11.88
N PHE D 89 10.64 -11.19 -11.26
CA PHE D 89 11.98 -11.69 -11.72
C PHE D 89 12.29 -13.06 -11.10
N TRP D 90 11.29 -13.79 -10.71
CA TRP D 90 11.54 -15.14 -10.12
C TRP D 90 12.29 -16.01 -11.14
N GLU D 91 11.95 -17.26 -11.22
CA GLU D 91 12.62 -18.16 -12.20
C GLU D 91 12.20 -17.75 -13.61
N ASN D 92 11.22 -16.88 -13.70
CA ASN D 92 10.74 -16.41 -15.03
C ASN D 92 11.52 -15.17 -15.44
N SER D 93 12.53 -14.82 -14.68
CA SER D 93 13.36 -13.64 -15.01
C SER D 93 13.70 -13.64 -16.50
N LYS A 1 -14.33 2.26 -6.57
CA LYS A 1 -14.32 1.50 -5.29
C LYS A 1 -14.73 2.43 -4.15
N LYS A 2 -15.05 3.65 -4.47
CA LYS A 2 -15.45 4.62 -3.42
C LYS A 2 -16.70 4.09 -2.72
N ALA A 3 -17.61 3.56 -3.48
CA ALA A 3 -18.86 3.02 -2.90
C ALA A 3 -18.54 1.88 -1.93
N VAL A 4 -17.64 1.00 -2.30
CA VAL A 4 -17.28 -0.12 -1.38
C VAL A 4 -16.68 0.45 -0.10
N TRP A 5 -15.83 1.44 -0.22
CA TRP A 5 -15.21 2.04 1.00
C TRP A 5 -16.33 2.61 1.88
N HIS A 6 -17.31 3.21 1.28
CA HIS A 6 -18.43 3.81 2.05
C HIS A 6 -19.14 2.73 2.89
N LYS A 7 -19.32 1.56 2.35
CA LYS A 7 -20.03 0.50 3.12
C LYS A 7 -19.27 0.22 4.42
N LEU A 8 -17.99 -0.02 4.37
CA LEU A 8 -17.23 -0.32 5.62
C LEU A 8 -17.20 0.93 6.51
N LEU A 9 -16.80 2.05 5.97
CA LEU A 9 -16.72 3.28 6.81
C LEU A 9 -18.10 3.65 7.34
N SER A 10 -19.13 3.51 6.56
CA SER A 10 -20.49 3.85 7.05
C SER A 10 -21.03 2.72 7.94
N LYS A 11 -20.99 1.51 7.46
CA LYS A 11 -21.50 0.38 8.28
C LYS A 11 -20.55 0.13 9.46
N GLN A 12 -19.27 0.21 9.22
CA GLN A 12 -18.26 0.01 10.32
C GLN A 12 -18.47 -1.37 10.98
N LYS B 1 -6.97 -1.13 -14.08
CA LYS B 1 -5.65 -0.45 -14.08
C LYS B 1 -4.59 -1.44 -14.58
N LYS B 2 -5.01 -2.61 -14.95
CA LYS B 2 -4.03 -3.63 -15.45
C LYS B 2 -3.33 -3.07 -16.68
N ALA B 3 -4.08 -2.43 -17.53
CA ALA B 3 -3.49 -1.85 -18.77
C ALA B 3 -2.43 -0.81 -18.41
N VAL B 4 -2.71 0.04 -17.45
CA VAL B 4 -1.71 1.06 -17.04
C VAL B 4 -0.45 0.36 -16.51
N TRP B 5 -0.62 -0.66 -15.72
CA TRP B 5 0.57 -1.39 -15.17
C TRP B 5 1.38 -1.95 -16.35
N HIS B 6 0.71 -2.45 -17.35
CA HIS B 6 1.42 -3.02 -18.52
C HIS B 6 2.30 -1.98 -19.19
N LYS B 7 1.85 -0.75 -19.28
CA LYS B 7 2.68 0.28 -19.95
C LYS B 7 4.01 0.43 -19.22
N LEU B 8 4.01 0.58 -17.92
CA LEU B 8 5.30 0.75 -17.19
C LEU B 8 6.11 -0.55 -17.24
N LEU B 9 5.49 -1.65 -16.91
CA LEU B 9 6.21 -2.95 -16.92
C LEU B 9 6.70 -3.27 -18.34
N SER B 10 5.90 -3.01 -19.34
CA SER B 10 6.34 -3.31 -20.73
C SER B 10 7.29 -2.21 -21.22
N LYS B 11 6.91 -0.97 -21.10
CA LYS B 11 7.79 0.13 -21.56
C LYS B 11 9.01 0.24 -20.63
N GLN B 12 8.80 0.09 -19.35
CA GLN B 12 9.93 0.15 -18.36
C GLN B 12 10.68 1.49 -18.51
N GLY C 1 14.90 9.31 6.16
CA GLY C 1 15.57 8.68 4.94
C GLY C 1 15.84 7.21 4.93
N SER C 2 16.08 6.63 6.08
CA SER C 2 16.32 5.16 6.15
C SER C 2 15.09 4.48 6.76
N GLU C 3 14.12 5.26 7.18
CA GLU C 3 12.89 4.67 7.77
C GLU C 3 12.09 3.96 6.68
N LEU C 4 11.82 4.63 5.60
CA LEU C 4 10.99 4.02 4.52
C LEU C 4 11.66 2.72 4.02
N GLU C 5 12.96 2.74 3.90
CA GLU C 5 13.69 1.52 3.45
C GLU C 5 13.29 0.34 4.34
N THR C 6 13.34 0.54 5.62
CA THR C 6 12.97 -0.53 6.57
C THR C 6 11.51 -0.91 6.40
N ALA C 7 10.66 0.03 6.09
CA ALA C 7 9.21 -0.27 5.93
C ALA C 7 9.02 -1.50 5.02
N MET C 8 9.62 -1.50 3.87
CA MET C 8 9.46 -2.66 2.96
C MET C 8 9.98 -3.93 3.66
N GLU C 9 11.06 -3.82 4.37
CA GLU C 9 11.62 -5.03 5.07
C GLU C 9 10.63 -5.61 6.10
N THR C 10 9.94 -4.78 6.84
CA THR C 10 9.00 -5.30 7.88
C THR C 10 7.75 -5.91 7.25
N LEU C 11 7.21 -5.25 6.26
CA LEU C 11 5.98 -5.76 5.61
C LEU C 11 6.21 -7.17 5.10
N ILE C 12 7.34 -7.43 4.52
CA ILE C 12 7.62 -8.79 3.97
C ILE C 12 8.01 -9.79 5.07
N ASN C 13 8.56 -9.35 6.16
CA ASN C 13 8.92 -10.33 7.23
C ASN C 13 7.65 -11.01 7.75
N VAL C 14 6.60 -10.25 7.89
CA VAL C 14 5.32 -10.82 8.41
C VAL C 14 4.50 -11.46 7.28
N PHE C 15 4.56 -10.93 6.09
CA PHE C 15 3.76 -11.49 4.97
C PHE C 15 4.15 -12.95 4.71
N HIS C 16 5.40 -13.19 4.49
CA HIS C 16 5.86 -14.56 4.19
C HIS C 16 5.83 -15.45 5.44
N ALA C 17 5.89 -14.89 6.62
CA ALA C 17 5.90 -15.76 7.83
C ALA C 17 4.52 -16.34 8.11
N HIS C 18 3.54 -15.53 8.38
CA HIS C 18 2.19 -16.08 8.74
C HIS C 18 1.50 -16.74 7.54
N SER C 19 1.61 -16.17 6.37
CA SER C 19 0.93 -16.74 5.18
C SER C 19 1.36 -18.18 4.92
N GLY C 20 2.49 -18.58 5.43
CA GLY C 20 2.97 -19.97 5.19
C GLY C 20 3.00 -20.76 6.50
N LYS C 21 2.26 -20.33 7.49
CA LYS C 21 2.27 -21.09 8.77
C LYS C 21 1.50 -22.39 8.56
N GLU C 22 0.35 -22.30 7.97
CA GLU C 22 -0.48 -23.52 7.69
C GLU C 22 -1.22 -23.32 6.37
N GLY C 23 -0.82 -22.35 5.60
CA GLY C 23 -1.51 -22.07 4.29
C GLY C 23 -0.78 -22.76 3.14
N ASP C 24 -1.01 -22.32 1.93
CA ASP C 24 -0.35 -22.94 0.74
C ASP C 24 0.89 -22.12 0.36
N LYS C 25 1.60 -22.56 -0.65
CA LYS C 25 2.84 -21.85 -1.08
C LYS C 25 2.59 -20.34 -1.19
N TYR C 26 2.91 -19.62 -0.15
CA TYR C 26 2.74 -18.14 -0.14
C TYR C 26 1.41 -17.73 -0.80
N LYS C 27 0.32 -18.11 -0.20
CA LYS C 27 -1.03 -17.72 -0.70
C LYS C 27 -1.85 -17.39 0.55
N LEU C 28 -2.66 -16.36 0.54
CA LEU C 28 -3.45 -16.04 1.78
C LEU C 28 -4.85 -16.61 1.68
N SER C 29 -5.42 -16.89 2.80
CA SER C 29 -6.80 -17.44 2.85
C SER C 29 -7.57 -16.60 3.86
N LYS C 30 -8.87 -16.66 3.86
CA LYS C 30 -9.64 -15.86 4.86
C LYS C 30 -9.02 -16.06 6.27
N LYS C 31 -8.63 -17.27 6.57
CA LYS C 31 -8.04 -17.56 7.92
C LYS C 31 -6.65 -16.93 8.09
N GLU C 32 -5.84 -16.93 7.06
CA GLU C 32 -4.49 -16.32 7.21
C GLU C 32 -4.66 -14.81 7.32
N LEU C 33 -5.59 -14.27 6.56
CA LEU C 33 -5.84 -12.80 6.54
C LEU C 33 -6.23 -12.23 7.91
N LYS C 34 -7.19 -12.81 8.57
CA LYS C 34 -7.66 -12.24 9.88
C LYS C 34 -6.61 -12.40 10.99
N ASP C 35 -5.87 -13.46 11.01
CA ASP C 35 -4.85 -13.61 12.09
C ASP C 35 -3.72 -12.62 11.83
N LEU C 36 -3.41 -12.40 10.59
CA LEU C 36 -2.31 -11.48 10.22
C LEU C 36 -2.61 -10.02 10.60
N LEU C 37 -3.83 -9.57 10.40
CA LEU C 37 -4.17 -8.13 10.72
C LEU C 37 -4.52 -7.91 12.20
N GLN C 38 -5.24 -8.81 12.80
CA GLN C 38 -5.65 -8.61 14.22
C GLN C 38 -4.42 -8.60 15.12
N THR C 39 -3.48 -9.44 14.82
CA THR C 39 -2.27 -9.53 15.66
C THR C 39 -1.37 -8.29 15.47
N GLU C 40 -1.07 -7.95 14.25
CA GLU C 40 -0.17 -6.78 14.01
C GLU C 40 -0.95 -5.45 14.09
N LEU C 41 -2.03 -5.34 13.37
CA LEU C 41 -2.83 -4.07 13.38
C LEU C 41 -4.08 -4.28 14.26
N SER C 42 -3.90 -4.24 15.55
CA SER C 42 -5.04 -4.47 16.49
C SER C 42 -5.84 -3.19 16.79
N SER C 43 -5.28 -2.01 16.60
CA SER C 43 -6.03 -0.74 16.94
C SER C 43 -6.28 0.14 15.71
N PHE C 44 -5.88 -0.28 14.53
CA PHE C 44 -6.11 0.58 13.32
C PHE C 44 -6.97 -0.18 12.31
N LEU C 45 -6.65 -1.42 12.09
CA LEU C 45 -7.45 -2.27 11.14
C LEU C 45 -8.21 -3.30 11.99
N ASP C 46 -9.44 -3.57 11.69
CA ASP C 46 -10.24 -4.54 12.51
C ASP C 46 -10.78 -5.66 11.61
N VAL C 47 -11.08 -6.76 12.22
CA VAL C 47 -11.62 -7.93 11.50
C VAL C 47 -12.38 -8.78 12.51
N GLN C 48 -11.88 -8.86 13.71
CA GLN C 48 -12.56 -9.69 14.75
C GLN C 48 -13.62 -8.87 15.49
N LYS C 49 -13.44 -7.59 15.62
CA LYS C 49 -14.46 -6.79 16.34
C LYS C 49 -15.79 -6.90 15.60
N ASP C 50 -15.74 -6.88 14.30
CA ASP C 50 -16.98 -6.97 13.47
C ASP C 50 -16.89 -8.15 12.50
N ALA C 51 -17.70 -9.15 12.68
CA ALA C 51 -17.68 -10.31 11.75
C ALA C 51 -18.17 -9.85 10.38
N ASP C 52 -19.10 -8.93 10.35
CA ASP C 52 -19.61 -8.43 9.05
C ASP C 52 -18.44 -7.81 8.29
N ALA C 53 -17.55 -7.16 8.98
CA ALA C 53 -16.38 -6.54 8.31
C ALA C 53 -15.54 -7.60 7.60
N VAL C 54 -15.39 -8.74 8.20
CA VAL C 54 -14.57 -9.81 7.59
C VAL C 54 -15.21 -10.40 6.35
N ASP C 55 -16.40 -10.91 6.47
CA ASP C 55 -17.03 -11.57 5.29
C ASP C 55 -17.20 -10.60 4.13
N LYS C 56 -17.62 -9.40 4.41
CA LYS C 56 -17.86 -8.41 3.31
C LYS C 56 -16.54 -7.96 2.67
N ILE C 57 -15.50 -7.78 3.44
CA ILE C 57 -14.22 -7.28 2.86
C ILE C 57 -13.44 -8.42 2.20
N MET C 58 -13.20 -9.46 2.93
CA MET C 58 -12.43 -10.60 2.39
C MET C 58 -13.09 -11.21 1.15
N LYS C 59 -14.36 -11.50 1.23
CA LYS C 59 -15.04 -12.11 0.06
C LYS C 59 -15.06 -11.15 -1.12
N GLU C 60 -15.29 -9.89 -0.89
CA GLU C 60 -15.33 -8.91 -2.03
C GLU C 60 -13.91 -8.42 -2.32
N LEU C 61 -12.99 -8.61 -1.38
CA LEU C 61 -11.60 -8.13 -1.64
C LEU C 61 -10.91 -9.22 -2.45
N ASP C 62 -11.43 -10.44 -2.36
CA ASP C 62 -10.90 -11.53 -3.22
C ASP C 62 -11.73 -11.39 -4.49
N GLU C 63 -11.79 -10.18 -4.90
CA GLU C 63 -12.57 -9.75 -6.07
C GLU C 63 -12.47 -10.79 -7.20
N ASN C 64 -11.48 -11.65 -7.17
CA ASN C 64 -11.37 -12.69 -8.24
C ASN C 64 -12.21 -13.90 -7.82
N GLY C 65 -12.85 -13.79 -6.69
CA GLY C 65 -13.74 -14.86 -6.20
C GLY C 65 -12.99 -16.20 -6.01
N ASP C 66 -11.77 -16.16 -5.56
CA ASP C 66 -10.99 -17.44 -5.36
C ASP C 66 -10.92 -17.79 -3.86
N GLY C 67 -11.34 -16.92 -2.99
CA GLY C 67 -11.30 -17.24 -1.52
C GLY C 67 -9.90 -16.99 -0.95
N GLU C 68 -8.94 -16.75 -1.81
CA GLU C 68 -7.55 -16.48 -1.35
C GLU C 68 -7.20 -15.06 -1.76
N VAL C 69 -6.43 -14.39 -0.96
CA VAL C 69 -6.07 -12.98 -1.26
C VAL C 69 -4.64 -12.90 -1.79
N ASP C 70 -4.46 -12.22 -2.87
CA ASP C 70 -3.10 -12.06 -3.44
C ASP C 70 -2.40 -10.93 -2.67
N PHE C 71 -1.11 -10.88 -2.72
CA PHE C 71 -0.40 -9.80 -1.97
C PHE C 71 -0.86 -8.43 -2.46
N GLN C 72 -1.06 -8.28 -3.75
CA GLN C 72 -1.47 -6.94 -4.28
C GLN C 72 -2.85 -6.52 -3.74
N GLU C 73 -3.79 -7.43 -3.63
CA GLU C 73 -5.14 -7.04 -3.13
C GLU C 73 -5.07 -6.66 -1.65
N PHE C 74 -4.30 -7.38 -0.89
CA PHE C 74 -4.18 -7.13 0.57
C PHE C 74 -3.59 -5.76 0.88
N VAL C 75 -2.46 -5.46 0.31
CA VAL C 75 -1.77 -4.17 0.61
C VAL C 75 -2.64 -2.97 0.23
N VAL C 76 -3.42 -3.08 -0.79
CA VAL C 76 -4.25 -1.91 -1.23
C VAL C 76 -5.38 -1.60 -0.23
N LEU C 77 -6.26 -2.54 0.02
CA LEU C 77 -7.42 -2.23 0.93
C LEU C 77 -7.00 -2.03 2.38
N VAL C 78 -6.09 -2.80 2.86
CA VAL C 78 -5.68 -2.68 4.30
C VAL C 78 -5.01 -1.32 4.58
N ALA C 79 -4.22 -0.85 3.67
CA ALA C 79 -3.53 0.45 3.87
C ALA C 79 -4.51 1.61 3.67
N ALA C 80 -5.55 1.39 2.92
CA ALA C 80 -6.53 2.49 2.68
C ALA C 80 -7.32 2.77 3.97
N LEU C 81 -7.48 1.77 4.82
CA LEU C 81 -8.25 1.98 6.09
C LEU C 81 -7.32 2.48 7.20
N THR C 82 -6.10 2.03 7.23
CA THR C 82 -5.19 2.49 8.32
C THR C 82 -4.89 3.99 8.14
N VAL C 83 -4.54 4.42 6.95
CA VAL C 83 -4.25 5.87 6.73
C VAL C 83 -5.54 6.67 6.80
N ALA C 84 -6.57 6.15 6.22
CA ALA C 84 -7.86 6.87 6.20
C ALA C 84 -8.37 7.08 7.63
N CYS C 85 -8.08 6.17 8.51
CA CYS C 85 -8.55 6.31 9.91
C CYS C 85 -7.91 7.56 10.54
N ASN C 86 -6.65 7.78 10.25
CA ASN C 86 -5.97 8.98 10.81
C ASN C 86 -6.52 10.25 10.18
N ASN C 87 -6.95 10.15 8.95
CA ASN C 87 -7.48 11.33 8.22
C ASN C 87 -8.69 11.93 8.94
N PHE C 88 -9.56 11.11 9.48
CA PHE C 88 -10.76 11.67 10.16
C PHE C 88 -10.39 12.13 11.58
N PHE C 89 -10.11 11.20 12.47
CA PHE C 89 -9.75 11.59 13.87
C PHE C 89 -9.53 10.33 14.71
N TRP C 90 -9.14 9.25 14.11
CA TRP C 90 -8.91 8.00 14.89
C TRP C 90 -7.82 8.26 15.95
N GLU C 91 -6.80 8.99 15.59
CA GLU C 91 -5.71 9.26 16.55
C GLU C 91 -6.21 10.17 17.67
N ASN C 92 -7.32 10.82 17.45
CA ASN C 92 -7.87 11.72 18.51
C ASN C 92 -8.37 10.86 19.68
N SER C 93 -8.57 9.60 19.44
CA SER C 93 -9.04 8.69 20.52
C SER C 93 -7.85 8.31 21.41
N GLY D 1 5.87 -10.04 14.53
CA GLY D 1 4.68 -9.39 15.22
C GLY D 1 4.72 -7.92 15.52
N SER D 2 5.89 -7.40 15.77
CA SER D 2 6.04 -5.93 16.06
C SER D 2 6.65 -5.25 14.84
N GLU D 3 7.04 -6.00 13.85
CA GLU D 3 7.64 -5.39 12.63
C GLU D 3 6.58 -4.62 11.86
N LEU D 4 5.47 -5.23 11.59
CA LEU D 4 4.41 -4.54 10.79
C LEU D 4 3.97 -3.26 11.52
N GLU D 5 3.85 -3.33 12.81
CA GLU D 5 3.46 -2.11 13.59
C GLU D 5 4.38 -0.96 13.22
N THR D 6 5.65 -1.22 13.25
CA THR D 6 6.64 -0.17 12.92
C THR D 6 6.47 0.27 11.46
N ALA D 7 6.08 -0.62 10.60
CA ALA D 7 5.97 -0.26 9.15
C ALA D 7 5.12 1.01 9.00
N MET D 8 3.97 1.04 9.61
CA MET D 8 3.11 2.25 9.50
C MET D 8 3.87 3.45 10.05
N GLU D 9 4.58 3.27 11.14
CA GLU D 9 5.35 4.42 11.73
C GLU D 9 6.38 5.00 10.75
N THR D 10 7.09 4.16 10.03
CA THR D 10 8.14 4.69 9.09
C THR D 10 7.51 5.36 7.88
N LEU D 11 6.50 4.75 7.32
CA LEU D 11 5.86 5.34 6.11
C LEU D 11 5.41 6.77 6.39
N ILE D 12 4.86 7.01 7.54
CA ILE D 12 4.35 8.38 7.87
C ILE D 12 5.51 9.32 8.25
N ASN D 13 6.57 8.82 8.82
CA ASN D 13 7.69 9.73 9.19
C ASN D 13 8.22 10.43 7.94
N VAL D 14 8.32 9.71 6.87
CA VAL D 14 8.85 10.30 5.61
C VAL D 14 7.76 11.03 4.81
N PHE D 15 6.55 10.54 4.87
CA PHE D 15 5.44 11.16 4.11
C PHE D 15 5.25 12.62 4.53
N HIS D 16 5.06 12.83 5.80
CA HIS D 16 4.81 14.20 6.30
C HIS D 16 6.09 15.03 6.31
N ALA D 17 7.25 14.42 6.32
CA ALA D 17 8.49 15.23 6.35
C ALA D 17 8.79 15.85 4.98
N HIS D 18 9.01 15.05 3.98
CA HIS D 18 9.38 15.64 2.65
C HIS D 18 8.21 16.38 2.00
N SER D 19 7.02 15.85 2.09
CA SER D 19 5.84 16.50 1.44
C SER D 19 5.65 17.92 1.92
N GLY D 20 6.19 18.27 3.06
CA GLY D 20 6.01 19.66 3.60
C GLY D 20 7.36 20.38 3.63
N LYS D 21 8.32 19.94 2.87
CA LYS D 21 9.63 20.65 2.89
C LYS D 21 9.47 21.98 2.16
N GLU D 22 8.85 21.96 1.01
CA GLU D 22 8.62 23.21 0.24
C GLU D 22 7.29 23.10 -0.49
N GLY D 23 6.48 22.13 -0.12
CA GLY D 23 5.16 21.93 -0.80
C GLY D 23 4.05 22.66 -0.03
N ASP D 24 2.82 22.27 -0.27
CA ASP D 24 1.67 22.92 0.44
C ASP D 24 1.26 22.08 1.64
N LYS D 25 0.28 22.53 2.37
CA LYS D 25 -0.18 21.79 3.60
C LYS D 25 -0.36 20.30 3.30
N TYR D 26 0.66 19.53 3.57
CA TYR D 26 0.60 18.04 3.35
C TYR D 26 -0.09 17.72 2.02
N LYS D 27 0.52 18.11 0.94
CA LYS D 27 0.00 17.79 -0.42
C LYS D 27 1.23 17.44 -1.26
N LEU D 28 1.17 16.44 -2.12
CA LEU D 28 2.38 16.09 -2.92
C LEU D 28 2.28 16.71 -4.30
N SER D 29 3.41 16.98 -4.87
CA SER D 29 3.47 17.56 -6.24
C SER D 29 4.45 16.71 -7.04
N LYS D 30 4.44 16.81 -8.34
CA LYS D 30 5.39 16.00 -9.14
C LYS D 30 6.80 16.12 -8.53
N LYS D 31 7.18 17.30 -8.11
CA LYS D 31 8.54 17.51 -7.52
C LYS D 31 8.68 16.83 -6.14
N GLU D 32 7.67 16.85 -5.34
CA GLU D 32 7.80 16.19 -4.01
C GLU D 32 7.85 14.67 -4.23
N LEU D 33 7.06 14.20 -5.16
CA LEU D 33 6.97 12.73 -5.46
C LEU D 33 8.32 12.13 -5.89
N LYS D 34 8.98 12.72 -6.85
CA LYS D 34 10.26 12.11 -7.34
C LYS D 34 11.40 12.18 -6.31
N ASP D 35 11.47 13.22 -5.53
CA ASP D 35 12.57 13.28 -4.52
C ASP D 35 12.27 12.27 -3.41
N LEU D 36 11.02 12.09 -3.10
CA LEU D 36 10.62 11.15 -2.02
C LEU D 36 10.94 9.68 -2.39
N LEU D 37 10.72 9.29 -3.62
CA LEU D 37 10.97 7.86 -4.00
C LEU D 37 12.43 7.58 -4.37
N GLN D 38 13.06 8.47 -5.07
CA GLN D 38 14.47 8.23 -5.49
C GLN D 38 15.38 8.13 -4.29
N THR D 39 15.12 8.95 -3.31
CA THR D 39 15.98 8.96 -2.11
C THR D 39 15.74 7.72 -1.25
N GLU D 40 14.52 7.41 -0.95
CA GLU D 40 14.23 6.22 -0.09
C GLU D 40 14.25 4.93 -0.92
N LEU D 41 13.51 4.88 -1.99
CA LEU D 41 13.46 3.64 -2.83
C LEU D 41 14.33 3.85 -4.08
N SER D 42 15.63 3.75 -3.92
CA SER D 42 16.57 3.98 -5.05
C SER D 42 16.81 2.72 -5.90
N SER D 43 16.58 1.53 -5.38
CA SER D 43 16.86 0.28 -6.19
C SER D 43 15.59 -0.55 -6.45
N PHE D 44 14.44 -0.10 -6.02
CA PHE D 44 13.17 -0.89 -6.26
C PHE D 44 12.19 -0.06 -7.09
N LEU D 45 12.03 1.18 -6.73
CA LEU D 45 11.12 2.09 -7.48
C LEU D 45 12.00 3.11 -8.21
N ASP D 46 11.69 3.43 -9.45
CA ASP D 46 12.54 4.40 -10.22
C ASP D 46 11.69 5.56 -10.71
N VAL D 47 12.35 6.66 -10.97
CA VAL D 47 11.66 7.88 -11.46
C VAL D 47 12.71 8.71 -12.21
N GLN D 48 13.91 8.71 -11.71
CA GLN D 48 14.99 9.52 -12.38
C GLN D 48 15.68 8.72 -13.47
N LYS D 49 15.74 7.42 -13.34
CA LYS D 49 16.43 6.62 -14.40
C LYS D 49 15.69 6.82 -15.71
N ASP D 50 14.39 6.84 -15.64
CA ASP D 50 13.55 7.01 -16.87
C ASP D 50 12.63 8.23 -16.72
N ALA D 51 12.85 9.25 -17.52
CA ALA D 51 11.96 10.45 -17.44
C ALA D 51 10.58 10.07 -17.94
N ASP D 52 10.50 9.17 -18.89
CA ASP D 52 9.17 8.76 -19.39
C ASP D 52 8.40 8.13 -18.25
N ALA D 53 9.06 7.42 -17.39
CA ALA D 53 8.37 6.78 -16.23
C ALA D 53 7.74 7.84 -15.34
N VAL D 54 8.37 8.96 -15.19
CA VAL D 54 7.81 10.03 -14.30
C VAL D 54 6.60 10.69 -14.92
N ASP D 55 6.73 11.23 -16.08
CA ASP D 55 5.57 11.96 -16.68
C ASP D 55 4.38 11.03 -16.88
N LYS D 56 4.60 9.84 -17.34
CA LYS D 56 3.46 8.92 -17.59
C LYS D 56 2.81 8.45 -16.28
N ILE D 57 3.57 8.20 -15.25
CA ILE D 57 2.99 7.68 -14.00
C ILE D 57 2.38 8.82 -13.17
N MET D 58 3.15 9.81 -12.90
CA MET D 58 2.66 10.95 -12.08
C MET D 58 1.46 11.63 -12.72
N LYS D 59 1.53 11.95 -13.98
CA LYS D 59 0.39 12.65 -14.62
C LYS D 59 -0.84 11.73 -14.67
N GLU D 60 -0.66 10.47 -14.94
CA GLU D 60 -1.83 9.54 -15.00
C GLU D 60 -2.12 9.02 -13.60
N LEU D 61 -1.18 9.14 -12.68
CA LEU D 61 -1.45 8.63 -11.30
C LEU D 61 -2.20 9.73 -10.56
N ASP D 62 -2.07 10.94 -11.04
CA ASP D 62 -2.88 12.06 -10.46
C ASP D 62 -4.15 12.02 -11.29
N GLU D 63 -4.61 10.81 -11.38
CA GLU D 63 -5.81 10.46 -12.17
C GLU D 63 -6.90 11.54 -12.02
N ASN D 64 -6.82 12.36 -11.00
CA ASN D 64 -7.85 13.44 -10.84
C ASN D 64 -7.39 14.66 -11.64
N GLY D 65 -6.27 14.52 -12.29
CA GLY D 65 -5.74 15.61 -13.16
C GLY D 65 -5.48 16.90 -12.37
N ASP D 66 -5.04 16.81 -11.14
CA ASP D 66 -4.77 18.05 -10.34
C ASP D 66 -3.26 18.33 -10.27
N GLY D 67 -2.44 17.44 -10.73
CA GLY D 67 -0.97 17.69 -10.70
C GLY D 67 -0.39 17.38 -9.32
N GLU D 68 -1.25 17.13 -8.33
CA GLU D 68 -0.77 16.81 -6.97
C GLU D 68 -1.23 15.39 -6.65
N VAL D 69 -0.44 14.67 -5.93
CA VAL D 69 -0.80 13.26 -5.61
C VAL D 69 -1.31 13.15 -4.18
N ASP D 70 -2.44 12.51 -4.01
CA ASP D 70 -3.00 12.32 -2.65
C ASP D 70 -2.28 11.15 -2.00
N PHE D 71 -2.32 11.05 -0.71
CA PHE D 71 -1.60 9.92 -0.05
C PHE D 71 -2.16 8.58 -0.55
N GLN D 72 -3.45 8.49 -0.74
CA GLN D 72 -4.05 7.20 -1.19
C GLN D 72 -3.54 6.80 -2.59
N GLU D 73 -3.40 7.73 -3.49
CA GLU D 73 -2.92 7.38 -4.86
C GLU D 73 -1.46 6.93 -4.82
N PHE D 74 -0.66 7.59 -4.04
CA PHE D 74 0.78 7.27 -3.94
C PHE D 74 1.04 5.86 -3.40
N VAL D 75 0.48 5.55 -2.27
CA VAL D 75 0.72 4.23 -1.63
C VAL D 75 0.28 3.08 -2.54
N VAL D 76 -0.75 3.26 -3.30
CA VAL D 76 -1.24 2.13 -4.17
C VAL D 76 -0.26 1.83 -5.32
N LEU D 77 0.02 2.77 -6.17
CA LEU D 77 0.91 2.49 -7.36
C LEU D 77 2.35 2.20 -6.95
N VAL D 78 2.88 2.92 -6.02
CA VAL D 78 4.31 2.72 -5.63
C VAL D 78 4.54 1.34 -5.01
N ALA D 79 3.62 0.88 -4.23
CA ALA D 79 3.78 -0.47 -3.58
C ALA D 79 3.52 -1.57 -4.60
N ALA D 80 2.76 -1.30 -5.62
CA ALA D 80 2.47 -2.35 -6.63
C ALA D 80 3.72 -2.62 -7.49
N LEU D 81 4.65 -1.70 -7.54
CA LEU D 81 5.89 -1.93 -8.36
C LEU D 81 6.98 -2.49 -7.47
N THR D 82 7.05 -2.08 -6.23
CA THR D 82 8.12 -2.62 -5.35
C THR D 82 7.88 -4.13 -5.11
N VAL D 83 6.67 -4.51 -4.75
CA VAL D 83 6.39 -5.96 -4.53
C VAL D 83 6.42 -6.72 -5.85
N ALA D 84 5.85 -6.14 -6.86
CA ALA D 84 5.78 -6.82 -8.17
C ALA D 84 7.20 -7.08 -8.70
N CYS D 85 8.12 -6.21 -8.38
CA CYS D 85 9.52 -6.39 -8.87
C CYS D 85 10.10 -7.68 -8.28
N ASN D 86 9.80 -7.94 -7.03
CA ASN D 86 10.32 -9.18 -6.38
C ASN D 86 9.62 -10.40 -6.97
N ASN D 87 8.39 -10.23 -7.39
CA ASN D 87 7.62 -11.37 -7.95
C ASN D 87 8.31 -11.95 -9.18
N PHE D 88 8.86 -11.14 -10.03
CA PHE D 88 9.52 -11.67 -11.26
C PHE D 88 10.92 -12.20 -10.93
N PHE D 89 11.85 -11.32 -10.62
CA PHE D 89 13.24 -11.78 -10.29
C PHE D 89 14.13 -10.57 -10.04
N TRP D 90 13.59 -9.48 -9.60
CA TRP D 90 14.41 -8.27 -9.34
C TRP D 90 15.46 -8.61 -8.28
N GLU D 91 15.09 -9.36 -7.28
CA GLU D 91 16.05 -9.71 -6.20
C GLU D 91 17.12 -10.66 -6.75
N ASN D 92 16.87 -11.26 -7.89
CA ASN D 92 17.88 -12.17 -8.48
C ASN D 92 19.08 -11.35 -8.95
N SER D 93 18.88 -10.07 -9.11
CA SER D 93 20.00 -9.19 -9.55
C SER D 93 20.91 -8.89 -8.36
N LYS A 1 -14.86 1.21 -6.51
CA LYS A 1 -14.87 0.55 -5.18
C LYS A 1 -15.44 1.51 -4.13
N LYS A 2 -15.98 2.62 -4.57
CA LYS A 2 -16.55 3.60 -3.59
C LYS A 2 -17.68 2.92 -2.81
N ALA A 3 -18.48 2.16 -3.50
CA ALA A 3 -19.61 1.47 -2.85
C ALA A 3 -19.09 0.49 -1.79
N VAL A 4 -18.05 -0.23 -2.10
CA VAL A 4 -17.49 -1.20 -1.12
C VAL A 4 -17.01 -0.44 0.13
N TRP A 5 -16.33 0.65 -0.06
CA TRP A 5 -15.85 1.44 1.11
C TRP A 5 -17.03 2.05 1.86
N HIS A 6 -18.06 2.45 1.16
CA HIS A 6 -19.22 3.08 1.83
C HIS A 6 -19.83 2.11 2.86
N LYS A 7 -19.92 0.85 2.54
CA LYS A 7 -20.50 -0.12 3.51
C LYS A 7 -19.62 -0.21 4.76
N LEU A 8 -18.33 -0.38 4.57
CA LEU A 8 -17.41 -0.52 5.73
C LEU A 8 -17.27 0.81 6.48
N LEU A 9 -17.13 1.90 5.77
CA LEU A 9 -16.97 3.21 6.45
C LEU A 9 -18.29 3.58 7.16
N SER A 10 -19.41 3.30 6.54
CA SER A 10 -20.71 3.63 7.19
C SER A 10 -20.89 2.75 8.42
N LYS A 11 -20.52 1.51 8.32
CA LYS A 11 -20.68 0.59 9.48
C LYS A 11 -19.75 1.02 10.61
N GLN A 12 -18.55 1.41 10.27
CA GLN A 12 -17.58 1.83 11.33
C GLN A 12 -16.51 2.75 10.72
N LYS B 1 -6.77 -0.49 -14.62
CA LYS B 1 -5.42 0.15 -14.68
C LYS B 1 -4.42 -0.82 -15.30
N LYS B 2 -4.89 -1.90 -15.85
CA LYS B 2 -3.96 -2.89 -16.48
C LYS B 2 -3.20 -2.21 -17.60
N ALA B 3 -3.89 -1.41 -18.36
CA ALA B 3 -3.24 -0.69 -19.50
C ALA B 3 -2.15 0.24 -18.98
N VAL B 4 -2.41 0.94 -17.90
CA VAL B 4 -1.37 1.85 -17.35
C VAL B 4 -0.14 1.05 -16.93
N TRP B 5 -0.34 -0.06 -16.27
CA TRP B 5 0.82 -0.90 -15.82
C TRP B 5 1.52 -1.50 -17.06
N HIS B 6 0.77 -1.83 -18.07
CA HIS B 6 1.40 -2.45 -19.27
C HIS B 6 2.43 -1.50 -19.87
N LYS B 7 2.15 -0.22 -19.93
CA LYS B 7 3.14 0.73 -20.52
C LYS B 7 4.40 0.75 -19.66
N LEU B 8 4.26 0.90 -18.37
CA LEU B 8 5.46 0.98 -17.48
C LEU B 8 6.16 -0.38 -17.39
N LEU B 9 5.42 -1.45 -17.26
CA LEU B 9 6.07 -2.79 -17.17
C LEU B 9 6.73 -3.13 -18.51
N SER B 10 6.09 -2.81 -19.60
CA SER B 10 6.69 -3.12 -20.93
C SER B 10 7.94 -2.27 -21.12
N LYS B 11 7.89 -1.03 -20.71
CA LYS B 11 9.07 -0.15 -20.88
C LYS B 11 10.21 -0.63 -19.98
N GLN B 12 9.91 -1.05 -18.78
CA GLN B 12 10.97 -1.53 -17.85
C GLN B 12 10.36 -2.46 -16.81
N GLY C 1 15.07 9.17 5.72
CA GLY C 1 15.50 8.51 4.43
C GLY C 1 15.52 7.02 4.33
N SER C 2 15.55 6.35 5.45
CA SER C 2 15.56 4.85 5.45
C SER C 2 14.20 4.34 5.96
N GLU C 3 13.32 5.23 6.35
CA GLU C 3 12.00 4.77 6.89
C GLU C 3 11.19 4.02 5.82
N LEU C 4 10.93 4.64 4.71
CA LEU C 4 10.12 3.96 3.66
C LEU C 4 10.82 2.68 3.21
N GLU C 5 12.12 2.70 3.19
CA GLU C 5 12.90 1.48 2.78
C GLU C 5 12.55 0.34 3.74
N THR C 6 12.51 0.63 5.00
CA THR C 6 12.17 -0.42 6.01
C THR C 6 10.71 -0.82 5.82
N ALA C 7 9.90 0.08 5.38
CA ALA C 7 8.45 -0.24 5.20
C ALA C 7 8.30 -1.46 4.30
N MET C 8 8.99 -1.50 3.19
CA MET C 8 8.88 -2.67 2.29
C MET C 8 9.32 -3.92 3.03
N GLU C 9 10.35 -3.81 3.83
CA GLU C 9 10.85 -4.99 4.59
C GLU C 9 9.78 -5.51 5.55
N THR C 10 9.07 -4.62 6.18
CA THR C 10 8.04 -5.02 7.17
C THR C 10 6.86 -5.74 6.49
N LEU C 11 6.39 -5.21 5.39
CA LEU C 11 5.24 -5.83 4.68
C LEU C 11 5.59 -7.26 4.26
N ILE C 12 6.79 -7.48 3.80
CA ILE C 12 7.20 -8.83 3.31
C ILE C 12 7.57 -9.78 4.45
N ASN C 13 8.09 -9.32 5.54
CA ASN C 13 8.44 -10.28 6.63
C ASN C 13 7.17 -10.92 7.16
N VAL C 14 6.14 -10.13 7.28
CA VAL C 14 4.85 -10.63 7.79
C VAL C 14 4.08 -11.42 6.71
N PHE C 15 4.15 -10.96 5.49
CA PHE C 15 3.42 -11.67 4.39
C PHE C 15 3.90 -13.10 4.25
N HIS C 16 5.19 -13.28 4.19
CA HIS C 16 5.76 -14.65 4.02
C HIS C 16 5.70 -15.46 5.31
N ALA C 17 5.68 -14.82 6.46
CA ALA C 17 5.67 -15.61 7.72
C ALA C 17 4.26 -16.15 8.02
N HIS C 18 3.31 -15.30 8.25
CA HIS C 18 1.94 -15.81 8.58
C HIS C 18 1.40 -16.66 7.43
N SER C 19 1.65 -16.25 6.23
CA SER C 19 1.14 -17.00 5.03
C SER C 19 1.82 -18.36 4.93
N GLY C 20 2.80 -18.62 5.75
CA GLY C 20 3.52 -19.93 5.68
C GLY C 20 2.97 -20.84 6.77
N LYS C 21 1.84 -20.50 7.34
CA LYS C 21 1.25 -21.37 8.39
C LYS C 21 0.26 -22.29 7.68
N GLU C 22 -0.87 -21.77 7.32
CA GLU C 22 -1.90 -22.58 6.61
C GLU C 22 -2.32 -21.84 5.34
N GLY C 23 -1.46 -21.80 4.35
CA GLY C 23 -1.80 -21.09 3.09
C GLY C 23 -0.83 -21.53 1.99
N ASP C 24 -0.83 -20.85 0.86
CA ASP C 24 0.10 -21.23 -0.22
C ASP C 24 1.41 -20.51 0.05
N LYS C 25 2.49 -21.01 -0.45
CA LYS C 25 3.77 -20.32 -0.19
C LYS C 25 3.62 -18.85 -0.57
N TYR C 26 2.88 -18.54 -1.61
CA TYR C 26 2.72 -17.13 -2.05
C TYR C 26 1.29 -16.61 -2.02
N LYS C 27 0.36 -17.23 -1.33
CA LYS C 27 -1.04 -16.67 -1.32
C LYS C 27 -1.67 -16.82 0.07
N LEU C 28 -2.52 -15.88 0.42
CA LEU C 28 -3.16 -15.89 1.77
C LEU C 28 -4.54 -16.53 1.71
N SER C 29 -5.07 -16.86 2.85
CA SER C 29 -6.41 -17.49 2.93
C SER C 29 -7.24 -16.67 3.92
N LYS C 30 -8.53 -16.76 3.88
CA LYS C 30 -9.35 -15.97 4.85
C LYS C 30 -8.83 -16.15 6.27
N LYS C 31 -8.45 -17.35 6.64
CA LYS C 31 -7.94 -17.60 8.02
C LYS C 31 -6.55 -16.96 8.23
N GLU C 32 -5.75 -16.86 7.20
CA GLU C 32 -4.42 -16.23 7.38
C GLU C 32 -4.58 -14.71 7.44
N LEU C 33 -5.52 -14.21 6.70
CA LEU C 33 -5.78 -12.74 6.68
C LEU C 33 -6.27 -12.25 8.05
N LYS C 34 -7.17 -12.98 8.66
CA LYS C 34 -7.75 -12.55 9.98
C LYS C 34 -6.69 -12.52 11.10
N ASP C 35 -5.84 -13.50 11.18
CA ASP C 35 -4.81 -13.50 12.27
C ASP C 35 -3.72 -12.48 11.94
N LEU C 36 -3.51 -12.24 10.69
CA LEU C 36 -2.43 -11.29 10.27
C LEU C 36 -2.73 -9.85 10.74
N LEU C 37 -3.95 -9.40 10.66
CA LEU C 37 -4.25 -7.98 11.05
C LEU C 37 -4.52 -7.80 12.56
N GLN C 38 -5.13 -8.75 13.22
CA GLN C 38 -5.43 -8.57 14.66
C GLN C 38 -4.14 -8.58 15.48
N THR C 39 -3.21 -9.40 15.10
CA THR C 39 -1.96 -9.52 15.87
C THR C 39 -1.06 -8.30 15.71
N GLU C 40 -0.81 -7.89 14.50
CA GLU C 40 0.11 -6.73 14.28
C GLU C 40 -0.65 -5.40 14.38
N LEU C 41 -1.77 -5.29 13.71
CA LEU C 41 -2.57 -4.03 13.75
C LEU C 41 -3.79 -4.27 14.65
N SER C 42 -3.57 -4.37 15.93
CA SER C 42 -4.68 -4.64 16.88
C SER C 42 -5.46 -3.38 17.24
N SER C 43 -4.88 -2.21 17.10
CA SER C 43 -5.61 -0.93 17.46
C SER C 43 -6.07 -0.15 16.24
N PHE C 44 -5.88 -0.68 15.04
CA PHE C 44 -6.32 0.08 13.81
C PHE C 44 -7.23 -0.80 12.97
N LEU C 45 -6.71 -1.87 12.41
CA LEU C 45 -7.56 -2.76 11.57
C LEU C 45 -8.29 -3.74 12.48
N ASP C 46 -9.57 -3.92 12.26
CA ASP C 46 -10.40 -4.84 13.08
C ASP C 46 -10.87 -5.98 12.20
N VAL C 47 -11.07 -7.13 12.79
CA VAL C 47 -11.56 -8.31 12.04
C VAL C 47 -12.34 -9.21 13.02
N GLN C 48 -11.87 -9.27 14.24
CA GLN C 48 -12.54 -10.14 15.26
C GLN C 48 -13.81 -9.50 15.82
N LYS C 49 -13.74 -8.27 16.27
CA LYS C 49 -14.97 -7.63 16.84
C LYS C 49 -15.99 -7.39 15.72
N ASP C 50 -15.55 -6.98 14.56
CA ASP C 50 -16.52 -6.73 13.44
C ASP C 50 -16.50 -7.93 12.47
N ALA C 51 -17.41 -8.84 12.66
CA ALA C 51 -17.48 -10.02 11.73
C ALA C 51 -17.98 -9.53 10.38
N ASP C 52 -18.89 -8.60 10.38
CA ASP C 52 -19.42 -8.06 9.10
C ASP C 52 -18.26 -7.46 8.32
N ALA C 53 -17.38 -6.79 8.99
CA ALA C 53 -16.20 -6.17 8.30
C ALA C 53 -15.37 -7.24 7.60
N VAL C 54 -15.20 -8.37 8.22
CA VAL C 54 -14.36 -9.45 7.61
C VAL C 54 -15.01 -10.03 6.36
N ASP C 55 -16.20 -10.50 6.46
CA ASP C 55 -16.83 -11.13 5.27
C ASP C 55 -16.92 -10.13 4.11
N LYS C 56 -17.25 -8.90 4.38
CA LYS C 56 -17.38 -7.92 3.28
C LYS C 56 -16.03 -7.56 2.64
N ILE C 57 -14.96 -7.47 3.39
CA ILE C 57 -13.66 -7.10 2.75
C ILE C 57 -13.03 -8.33 2.12
N MET C 58 -12.87 -9.36 2.87
CA MET C 58 -12.20 -10.58 2.35
C MET C 58 -12.94 -11.17 1.14
N LYS C 59 -14.22 -11.35 1.22
CA LYS C 59 -14.94 -11.96 0.06
C LYS C 59 -14.93 -11.01 -1.15
N GLU C 60 -15.10 -9.74 -0.95
CA GLU C 60 -15.11 -8.79 -2.09
C GLU C 60 -13.70 -8.28 -2.38
N LEU C 61 -12.78 -8.44 -1.45
CA LEU C 61 -11.39 -7.95 -1.72
C LEU C 61 -10.74 -9.00 -2.60
N ASP C 62 -11.32 -10.17 -2.61
CA ASP C 62 -10.86 -11.26 -3.52
C ASP C 62 -11.71 -11.08 -4.77
N GLU C 63 -11.87 -9.83 -5.07
CA GLU C 63 -12.67 -9.39 -6.23
C GLU C 63 -12.43 -10.30 -7.43
N ASN C 64 -11.36 -11.06 -7.45
CA ASN C 64 -11.13 -11.98 -8.61
C ASN C 64 -11.83 -13.30 -8.34
N GLY C 65 -12.39 -13.45 -7.17
CA GLY C 65 -13.12 -14.70 -6.85
C GLY C 65 -12.13 -15.74 -6.36
N ASP C 66 -11.09 -15.33 -5.69
CA ASP C 66 -10.09 -16.27 -5.16
C ASP C 66 -10.34 -16.30 -3.67
N GLY C 67 -10.75 -17.37 -3.09
CA GLY C 67 -10.97 -17.31 -1.62
C GLY C 67 -9.63 -17.06 -0.92
N GLU C 68 -8.62 -16.76 -1.71
CA GLU C 68 -7.27 -16.48 -1.18
C GLU C 68 -6.91 -15.05 -1.63
N VAL C 69 -6.29 -14.30 -0.76
CA VAL C 69 -5.95 -12.88 -1.08
C VAL C 69 -4.49 -12.74 -1.48
N ASP C 70 -4.26 -12.09 -2.59
CA ASP C 70 -2.87 -11.89 -3.08
C ASP C 70 -2.21 -10.73 -2.33
N PHE C 71 -0.92 -10.65 -2.38
CA PHE C 71 -0.22 -9.55 -1.66
C PHE C 71 -0.69 -8.19 -2.20
N GLN C 72 -0.89 -8.07 -3.49
CA GLN C 72 -1.32 -6.76 -4.06
C GLN C 72 -2.74 -6.41 -3.55
N GLU C 73 -3.62 -7.37 -3.48
CA GLU C 73 -5.01 -7.08 -3.03
C GLU C 73 -5.04 -6.73 -1.52
N PHE C 74 -4.27 -7.43 -0.72
CA PHE C 74 -4.27 -7.20 0.76
C PHE C 74 -3.60 -5.86 1.14
N VAL C 75 -2.55 -5.51 0.47
CA VAL C 75 -1.83 -4.24 0.78
C VAL C 75 -2.66 -3.02 0.36
N VAL C 76 -3.41 -3.14 -0.70
CA VAL C 76 -4.22 -1.98 -1.16
C VAL C 76 -5.36 -1.67 -0.17
N LEU C 77 -6.24 -2.60 0.06
CA LEU C 77 -7.39 -2.31 0.97
C LEU C 77 -6.95 -2.14 2.43
N VAL C 78 -6.19 -3.04 2.97
CA VAL C 78 -5.78 -2.94 4.40
C VAL C 78 -5.00 -1.65 4.65
N ALA C 79 -4.14 -1.28 3.73
CA ALA C 79 -3.35 -0.02 3.94
C ALA C 79 -4.26 1.19 3.74
N ALA C 80 -5.32 1.04 2.99
CA ALA C 80 -6.25 2.19 2.78
C ALA C 80 -6.90 2.58 4.10
N LEU C 81 -7.52 1.64 4.75
CA LEU C 81 -8.20 1.94 6.05
C LEU C 81 -7.16 2.36 7.09
N THR C 82 -5.95 1.93 6.93
CA THR C 82 -4.89 2.26 7.91
C THR C 82 -4.65 3.78 7.98
N VAL C 83 -4.35 4.39 6.85
CA VAL C 83 -4.08 5.86 6.85
C VAL C 83 -5.39 6.66 6.86
N ALA C 84 -6.36 6.17 6.16
CA ALA C 84 -7.66 6.87 6.06
C ALA C 84 -8.28 7.02 7.46
N CYS C 85 -8.17 6.01 8.26
CA CYS C 85 -8.75 6.09 9.63
C CYS C 85 -7.95 7.08 10.50
N ASN C 86 -6.65 7.07 10.39
CA ASN C 86 -5.82 7.99 11.23
C ASN C 86 -6.17 9.47 10.99
N ASN C 87 -6.22 9.89 9.75
CA ASN C 87 -6.53 11.33 9.47
C ASN C 87 -8.00 11.62 9.76
N PHE C 88 -8.86 10.67 9.53
CA PHE C 88 -10.31 10.90 9.78
C PHE C 88 -10.53 11.25 11.26
N PHE C 89 -9.85 10.59 12.15
CA PHE C 89 -10.04 10.89 13.59
C PHE C 89 -9.75 12.38 13.83
N TRP C 90 -10.79 13.19 13.82
CA TRP C 90 -10.62 14.65 14.04
C TRP C 90 -10.20 14.91 15.50
N GLU C 91 -10.68 14.11 16.41
CA GLU C 91 -10.34 14.32 17.84
C GLU C 91 -8.84 14.11 18.08
N ASN C 92 -8.10 13.78 17.06
CA ASN C 92 -6.64 13.57 17.23
C ASN C 92 -5.94 14.94 17.28
N SER C 93 -6.70 15.99 17.27
CA SER C 93 -6.10 17.35 17.31
C SER C 93 -5.47 17.59 18.68
N GLY D 1 5.53 -9.94 14.61
CA GLY D 1 4.26 -9.24 15.11
C GLY D 1 4.23 -7.76 15.18
N SER D 2 5.38 -7.13 15.22
CA SER D 2 5.43 -5.64 15.28
C SER D 2 5.94 -5.09 13.94
N GLU D 3 6.29 -5.96 13.02
CA GLU D 3 6.82 -5.48 11.72
C GLU D 3 5.77 -4.65 10.95
N LEU D 4 4.64 -5.23 10.68
CA LEU D 4 3.60 -4.48 9.90
C LEU D 4 3.21 -3.21 10.67
N GLU D 5 3.20 -3.27 11.97
CA GLU D 5 2.87 -2.07 12.79
C GLU D 5 3.85 -0.95 12.47
N THR D 6 5.11 -1.29 12.40
CA THR D 6 6.14 -0.27 12.08
C THR D 6 5.95 0.19 10.65
N ALA D 7 5.44 -0.66 9.81
CA ALA D 7 5.31 -0.27 8.38
C ALA D 7 4.47 1.00 8.28
N MET D 8 3.36 1.06 8.97
CA MET D 8 2.49 2.26 8.92
C MET D 8 3.30 3.46 9.41
N GLU D 9 4.09 3.28 10.42
CA GLU D 9 4.91 4.41 10.96
C GLU D 9 5.88 4.92 9.89
N THR D 10 6.46 4.04 9.14
CA THR D 10 7.46 4.43 8.11
C THR D 10 6.79 5.22 6.97
N LEU D 11 5.66 4.75 6.50
CA LEU D 11 4.97 5.45 5.38
C LEU D 11 4.60 6.89 5.78
N ILE D 12 4.17 7.07 7.00
CA ILE D 12 3.74 8.43 7.46
C ILE D 12 4.94 9.32 7.83
N ASN D 13 5.99 8.80 8.35
CA ASN D 13 7.13 9.68 8.72
C ASN D 13 7.68 10.34 7.46
N VAL D 14 7.74 9.60 6.40
CA VAL D 14 8.26 10.13 5.12
C VAL D 14 7.20 10.98 4.40
N PHE D 15 5.97 10.59 4.46
CA PHE D 15 4.89 11.35 3.78
C PHE D 15 4.82 12.78 4.32
N HIS D 16 4.78 12.91 5.61
CA HIS D 16 4.67 14.27 6.23
C HIS D 16 6.01 15.02 6.19
N ALA D 17 7.12 14.34 6.12
CA ALA D 17 8.41 15.07 6.12
C ALA D 17 8.71 15.65 4.73
N HIS D 18 8.90 14.83 3.74
CA HIS D 18 9.23 15.38 2.38
C HIS D 18 8.11 16.30 1.90
N SER D 19 6.89 15.92 2.14
CA SER D 19 5.73 16.74 1.69
C SER D 19 5.69 18.08 2.42
N GLY D 20 6.52 18.27 3.40
CA GLY D 20 6.53 19.55 4.16
C GLY D 20 7.64 20.44 3.64
N LYS D 21 8.18 20.12 2.49
CA LYS D 21 9.26 20.96 1.91
C LYS D 21 8.57 21.95 0.98
N GLU D 22 8.17 21.48 -0.17
CA GLU D 22 7.49 22.36 -1.16
C GLU D 22 6.18 21.69 -1.60
N GLY D 23 5.20 21.66 -0.71
CA GLY D 23 3.91 21.01 -1.07
C GLY D 23 2.84 21.45 -0.07
N ASP D 24 1.69 20.83 -0.07
CA ASP D 24 0.63 21.22 0.89
C ASP D 24 0.88 20.44 2.16
N LYS D 25 0.43 20.92 3.27
CA LYS D 25 0.67 20.17 4.52
C LYS D 25 0.23 18.71 4.32
N TYR D 26 -0.82 18.48 3.58
CA TYR D 26 -1.33 17.09 3.38
C TYR D 26 -1.34 16.64 1.92
N LYS D 27 -0.63 17.26 1.01
CA LYS D 27 -0.68 16.76 -0.41
C LYS D 27 0.72 16.86 -1.05
N LEU D 28 1.02 15.95 -1.94
CA LEU D 28 2.36 15.91 -2.61
C LEU D 28 2.31 16.62 -3.96
N SER D 29 3.45 16.93 -4.49
CA SER D 29 3.54 17.60 -5.82
C SER D 29 4.49 16.77 -6.68
N LYS D 30 4.42 16.92 -7.97
CA LYS D 30 5.35 16.11 -8.83
C LYS D 30 6.79 16.22 -8.32
N LYS D 31 7.21 17.38 -7.90
CA LYS D 31 8.61 17.56 -7.40
C LYS D 31 8.80 16.87 -6.04
N GLU D 32 7.78 16.77 -5.22
CA GLU D 32 7.96 16.09 -3.92
C GLU D 32 7.97 14.57 -4.15
N LEU D 33 7.19 14.13 -5.09
CA LEU D 33 7.10 12.68 -5.41
C LEU D 33 8.44 12.16 -5.94
N LYS D 34 9.08 12.90 -6.82
CA LYS D 34 10.36 12.43 -7.42
C LYS D 34 11.49 12.31 -6.39
N ASP D 35 11.63 13.26 -5.50
CA ASP D 35 12.73 13.17 -4.50
C ASP D 35 12.37 12.14 -3.44
N LEU D 36 11.11 11.93 -3.21
CA LEU D 36 10.67 10.97 -2.18
C LEU D 36 11.07 9.52 -2.52
N LEU D 37 10.97 9.11 -3.76
CA LEU D 37 11.30 7.69 -4.13
C LEU D 37 12.79 7.47 -4.40
N GLN D 38 13.47 8.40 -5.00
CA GLN D 38 14.90 8.18 -5.33
C GLN D 38 15.74 8.11 -4.06
N THR D 39 15.40 8.91 -3.10
CA THR D 39 16.20 8.95 -1.85
C THR D 39 16.00 7.70 -0.99
N GLU D 40 14.78 7.32 -0.73
CA GLU D 40 14.53 6.15 0.15
C GLU D 40 14.56 4.85 -0.67
N LEU D 41 13.88 4.81 -1.77
CA LEU D 41 13.85 3.58 -2.62
C LEU D 41 14.74 3.82 -3.85
N SER D 42 16.02 3.87 -3.64
CA SER D 42 16.98 4.14 -4.75
C SER D 42 17.27 2.89 -5.60
N SER D 43 17.08 1.71 -5.05
CA SER D 43 17.40 0.46 -5.83
C SER D 43 16.13 -0.26 -6.31
N PHE D 44 14.95 0.30 -6.07
CA PHE D 44 13.69 -0.38 -6.52
C PHE D 44 12.87 0.57 -7.39
N LEU D 45 12.37 1.63 -6.82
CA LEU D 45 11.55 2.58 -7.62
C LEU D 45 12.50 3.55 -8.34
N ASP D 46 12.26 3.79 -9.60
CA ASP D 46 13.11 4.71 -10.41
C ASP D 46 12.28 5.91 -10.83
N VAL D 47 12.91 7.03 -10.99
CA VAL D 47 12.20 8.27 -11.43
C VAL D 47 13.21 9.14 -12.19
N GLN D 48 14.43 9.15 -11.73
CA GLN D 48 15.48 9.99 -12.38
C GLN D 48 15.99 9.37 -13.69
N LYS D 49 16.39 8.13 -13.66
CA LYS D 49 16.92 7.52 -14.93
C LYS D 49 15.78 7.36 -15.93
N ASP D 50 14.62 6.98 -15.50
CA ASP D 50 13.47 6.82 -16.45
C ASP D 50 12.55 8.04 -16.38
N ALA D 51 12.77 8.98 -17.26
CA ALA D 51 11.90 10.20 -17.27
C ALA D 51 10.51 9.79 -17.78
N ASP D 52 10.47 8.88 -18.71
CA ASP D 52 9.16 8.43 -19.24
C ASP D 52 8.35 7.83 -18.10
N ALA D 53 9.00 7.09 -17.24
CA ALA D 53 8.32 6.45 -16.09
C ALA D 53 7.68 7.52 -15.19
N VAL D 54 8.34 8.63 -15.00
CA VAL D 54 7.77 9.68 -14.11
C VAL D 54 6.55 10.35 -14.72
N ASP D 55 6.65 10.85 -15.91
CA ASP D 55 5.48 11.55 -16.49
C ASP D 55 4.27 10.60 -16.60
N LYS D 56 4.50 9.37 -16.97
CA LYS D 56 3.36 8.43 -17.14
C LYS D 56 2.72 8.06 -15.78
N ILE D 57 3.48 7.90 -14.72
CA ILE D 57 2.83 7.51 -13.43
C ILE D 57 2.26 8.74 -12.75
N MET D 58 3.07 9.73 -12.57
CA MET D 58 2.60 10.94 -11.84
C MET D 58 1.41 11.61 -12.55
N LYS D 59 1.48 11.84 -13.82
CA LYS D 59 0.34 12.52 -14.50
C LYS D 59 -0.91 11.62 -14.50
N GLU D 60 -0.76 10.35 -14.73
CA GLU D 60 -1.95 9.44 -14.74
C GLU D 60 -2.24 8.90 -13.35
N LEU D 61 -1.28 8.98 -12.44
CA LEU D 61 -1.56 8.45 -11.06
C LEU D 61 -2.39 9.52 -10.36
N ASP D 62 -2.35 10.71 -10.90
CA ASP D 62 -3.22 11.80 -10.38
C ASP D 62 -4.49 11.71 -11.22
N GLU D 63 -4.84 10.48 -11.43
CA GLU D 63 -6.03 10.11 -12.22
C GLU D 63 -7.19 11.08 -11.95
N ASN D 64 -7.16 11.79 -10.84
CA ASN D 64 -8.27 12.74 -10.56
C ASN D 64 -7.97 14.07 -11.21
N GLY D 65 -6.80 14.21 -11.78
CA GLY D 65 -6.43 15.47 -12.46
C GLY D 65 -5.88 16.46 -11.45
N ASP D 66 -5.23 15.97 -10.42
CA ASP D 66 -4.64 16.86 -9.40
C ASP D 66 -3.17 16.84 -9.69
N GLY D 67 -2.55 17.89 -10.06
CA GLY D 67 -1.08 17.79 -10.30
C GLY D 67 -0.38 17.44 -8.98
N GLU D 68 -1.17 17.14 -7.97
CA GLU D 68 -0.62 16.78 -6.64
C GLU D 68 -1.10 15.37 -6.33
N VAL D 69 -0.27 14.56 -5.74
CA VAL D 69 -0.65 13.15 -5.46
C VAL D 69 -1.05 12.96 -4.00
N ASP D 70 -2.17 12.35 -3.78
CA ASP D 70 -2.66 12.12 -2.39
C ASP D 70 -1.94 10.91 -1.79
N PHE D 71 -1.97 10.78 -0.50
CA PHE D 71 -1.29 9.63 0.15
C PHE D 71 -1.89 8.31 -0.36
N GLN D 72 -3.18 8.25 -0.54
CA GLN D 72 -3.81 6.99 -1.02
C GLN D 72 -3.35 6.67 -2.46
N GLU D 73 -3.25 7.66 -3.29
CA GLU D 73 -2.82 7.39 -4.70
C GLU D 73 -1.33 6.99 -4.77
N PHE D 74 -0.49 7.63 -3.99
CA PHE D 74 0.98 7.33 -4.02
C PHE D 74 1.30 5.95 -3.41
N VAL D 75 0.64 5.60 -2.35
CA VAL D 75 0.92 4.28 -1.69
C VAL D 75 0.43 3.12 -2.56
N VAL D 76 -0.63 3.31 -3.30
CA VAL D 76 -1.15 2.20 -4.14
C VAL D 76 -0.20 1.89 -5.30
N LEU D 77 0.07 2.85 -6.14
CA LEU D 77 0.95 2.56 -7.32
C LEU D 77 2.41 2.32 -6.91
N VAL D 78 2.98 3.17 -6.12
CA VAL D 78 4.41 2.99 -5.73
C VAL D 78 4.62 1.66 -5.01
N ALA D 79 3.71 1.30 -4.16
CA ALA D 79 3.87 0.01 -3.42
C ALA D 79 3.60 -1.17 -4.36
N ALA D 80 2.85 -0.96 -5.41
CA ALA D 80 2.59 -2.08 -6.36
C ALA D 80 3.92 -2.47 -7.02
N LEU D 81 4.53 -1.55 -7.67
CA LEU D 81 5.83 -1.84 -8.38
C LEU D 81 6.86 -2.35 -7.37
N THR D 82 6.73 -1.97 -6.13
CA THR D 82 7.73 -2.37 -5.10
C THR D 82 7.73 -3.90 -4.92
N VAL D 83 6.60 -4.49 -4.62
CA VAL D 83 6.53 -5.96 -4.40
C VAL D 83 6.49 -6.71 -5.73
N ALA D 84 5.80 -6.15 -6.68
CA ALA D 84 5.65 -6.80 -8.01
C ALA D 84 7.03 -6.98 -8.65
N CYS D 85 7.88 -6.02 -8.51
CA CYS D 85 9.24 -6.13 -9.12
C CYS D 85 10.07 -7.17 -8.37
N ASN D 86 9.98 -7.22 -7.07
CA ASN D 86 10.80 -8.20 -6.28
C ASN D 86 10.49 -9.65 -6.69
N ASN D 87 9.24 -10.02 -6.72
CA ASN D 87 8.89 -11.44 -7.09
C ASN D 87 9.15 -11.68 -8.57
N PHE D 88 8.95 -10.69 -9.39
CA PHE D 88 9.17 -10.88 -10.85
C PHE D 88 10.63 -11.28 -11.11
N PHE D 89 11.56 -10.68 -10.42
CA PHE D 89 12.98 -11.04 -10.65
C PHE D 89 13.16 -12.53 -10.42
N TRP D 90 13.10 -13.30 -11.47
CA TRP D 90 13.27 -14.78 -11.36
C TRP D 90 14.72 -15.11 -10.98
N GLU D 91 15.65 -14.34 -11.45
CA GLU D 91 17.08 -14.62 -11.13
C GLU D 91 17.35 -14.47 -9.63
N ASN D 92 16.35 -14.13 -8.86
CA ASN D 92 16.55 -13.99 -7.40
C ASN D 92 16.56 -15.37 -6.75
N SER D 93 16.48 -16.40 -7.55
CA SER D 93 16.48 -17.78 -7.00
C SER D 93 17.86 -18.10 -6.40
N LYS A 1 -16.45 -2.77 -2.64
CA LYS A 1 -15.32 -1.80 -2.65
C LYS A 1 -15.85 -0.43 -2.27
N LYS A 2 -16.11 0.43 -3.23
CA LYS A 2 -16.64 1.78 -2.90
C LYS A 2 -17.94 1.60 -2.15
N ALA A 3 -18.77 0.72 -2.64
CA ALA A 3 -20.07 0.45 -1.97
C ALA A 3 -19.82 -0.24 -0.64
N VAL A 4 -18.87 -1.13 -0.61
CA VAL A 4 -18.54 -1.85 0.65
C VAL A 4 -17.86 -0.89 1.64
N TRP A 5 -17.15 0.09 1.13
CA TRP A 5 -16.43 1.03 2.03
C TRP A 5 -17.42 1.68 3.02
N HIS A 6 -18.57 2.08 2.55
CA HIS A 6 -19.54 2.74 3.47
C HIS A 6 -19.91 1.78 4.62
N LYS A 7 -20.13 0.53 4.31
CA LYS A 7 -20.50 -0.44 5.38
C LYS A 7 -19.39 -0.54 6.45
N LEU A 8 -18.16 -0.65 6.03
CA LEU A 8 -17.05 -0.78 7.02
C LEU A 8 -16.86 0.51 7.81
N LEU A 9 -16.61 1.60 7.14
CA LEU A 9 -16.37 2.87 7.87
C LEU A 9 -17.60 3.24 8.70
N SER A 10 -18.78 3.05 8.17
CA SER A 10 -20.00 3.42 8.95
C SER A 10 -20.05 2.64 10.27
N LYS A 11 -20.07 1.33 10.21
CA LYS A 11 -20.10 0.53 11.47
C LYS A 11 -18.76 0.64 12.20
N GLN A 12 -17.68 0.60 11.48
CA GLN A 12 -16.34 0.72 12.11
C GLN A 12 -16.27 -0.24 13.31
N LYS B 1 -2.59 3.67 -16.33
CA LYS B 1 -2.66 2.65 -15.25
C LYS B 1 -2.36 1.27 -15.83
N LYS B 2 -3.38 0.50 -16.13
CA LYS B 2 -3.14 -0.85 -16.72
C LYS B 2 -2.39 -0.67 -18.03
N ALA B 3 -2.81 0.28 -18.81
CA ALA B 3 -2.14 0.56 -20.10
C ALA B 3 -0.76 1.15 -19.81
N VAL B 4 -0.68 2.00 -18.83
CA VAL B 4 0.63 2.63 -18.49
C VAL B 4 1.56 1.58 -17.86
N TRP B 5 1.00 0.61 -17.19
CA TRP B 5 1.84 -0.43 -16.53
C TRP B 5 2.77 -1.09 -17.55
N HIS B 6 2.28 -1.41 -18.71
CA HIS B 6 3.15 -2.08 -19.71
C HIS B 6 4.34 -1.18 -20.05
N LYS B 7 4.12 0.09 -20.22
CA LYS B 7 5.26 1.01 -20.56
C LYS B 7 6.32 1.00 -19.45
N LEU B 8 5.92 1.08 -18.21
CA LEU B 8 6.94 1.10 -17.11
C LEU B 8 7.63 -0.25 -16.97
N LEU B 9 6.89 -1.31 -16.77
CA LEU B 9 7.55 -2.63 -16.58
C LEU B 9 8.35 -3.00 -17.83
N SER B 10 7.83 -2.72 -19.01
CA SER B 10 8.58 -3.08 -20.25
C SER B 10 9.94 -2.38 -20.28
N LYS B 11 9.96 -1.08 -20.24
CA LYS B 11 11.27 -0.36 -20.26
C LYS B 11 12.01 -0.58 -18.93
N GLN B 12 11.27 -0.54 -17.84
CA GLN B 12 11.91 -0.75 -16.51
C GLN B 12 13.17 0.12 -16.40
N GLY C 1 15.32 9.24 6.14
CA GLY C 1 15.38 8.44 4.84
C GLY C 1 15.61 6.96 4.89
N SER C 2 15.84 6.43 6.06
CA SER C 2 16.05 4.94 6.20
C SER C 2 14.80 4.33 6.82
N GLU C 3 13.91 5.15 7.29
CA GLU C 3 12.66 4.61 7.90
C GLU C 3 11.85 3.90 6.82
N LEU C 4 11.64 4.56 5.72
CA LEU C 4 10.85 3.95 4.62
C LEU C 4 11.55 2.66 4.13
N GLU C 5 12.85 2.69 4.04
CA GLU C 5 13.59 1.47 3.60
C GLU C 5 13.20 0.30 4.51
N THR C 6 13.22 0.54 5.79
CA THR C 6 12.86 -0.51 6.77
C THR C 6 11.41 -0.89 6.63
N ALA C 7 10.58 0.03 6.23
CA ALA C 7 9.12 -0.26 6.11
C ALA C 7 8.90 -1.40 5.11
N MET C 8 9.53 -1.35 3.97
CA MET C 8 9.33 -2.43 2.96
C MET C 8 9.76 -3.77 3.56
N GLU C 9 10.89 -3.80 4.24
CA GLU C 9 11.38 -5.07 4.85
C GLU C 9 10.41 -5.57 5.92
N THR C 10 9.88 -4.68 6.70
CA THR C 10 8.96 -5.08 7.78
C THR C 10 7.73 -5.77 7.19
N LEU C 11 7.19 -5.23 6.14
CA LEU C 11 5.99 -5.85 5.52
C LEU C 11 6.29 -7.30 5.08
N ILE C 12 7.48 -7.59 4.63
CA ILE C 12 7.78 -9.00 4.18
C ILE C 12 8.08 -9.92 5.38
N ASN C 13 8.59 -9.43 6.47
CA ASN C 13 8.90 -10.36 7.60
C ASN C 13 7.59 -10.95 8.13
N VAL C 14 6.58 -10.14 8.22
CA VAL C 14 5.27 -10.63 8.73
C VAL C 14 4.48 -11.36 7.64
N PHE C 15 4.53 -10.88 6.42
CA PHE C 15 3.75 -11.56 5.34
C PHE C 15 4.19 -13.02 5.18
N HIS C 16 5.46 -13.25 5.06
CA HIS C 16 5.97 -14.64 4.88
C HIS C 16 5.84 -15.44 6.16
N ALA C 17 5.76 -14.80 7.30
CA ALA C 17 5.68 -15.57 8.56
C ALA C 17 4.26 -16.08 8.80
N HIS C 18 3.31 -15.21 8.99
CA HIS C 18 1.93 -15.69 9.28
C HIS C 18 1.33 -16.45 8.09
N SER C 19 1.56 -15.97 6.89
CA SER C 19 0.98 -16.62 5.67
C SER C 19 1.62 -17.98 5.43
N GLY C 20 2.72 -18.25 6.08
CA GLY C 20 3.43 -19.56 5.87
C GLY C 20 3.14 -20.51 7.02
N LYS C 21 2.16 -20.22 7.84
CA LYS C 21 1.86 -21.17 8.95
C LYS C 21 0.95 -22.26 8.41
N GLU C 22 -0.25 -21.90 8.03
CA GLU C 22 -1.21 -22.90 7.47
C GLU C 22 -1.60 -22.46 6.05
N GLY C 23 -0.95 -21.44 5.55
CA GLY C 23 -1.27 -20.95 4.18
C GLY C 23 -0.65 -21.86 3.13
N ASP C 24 -0.87 -21.57 1.87
CA ASP C 24 -0.29 -22.42 0.79
C ASP C 24 1.07 -21.84 0.42
N LYS C 25 1.76 -22.46 -0.48
CA LYS C 25 3.09 -21.92 -0.87
C LYS C 25 2.90 -20.55 -1.55
N TYR C 26 3.03 -19.49 -0.81
CA TYR C 26 2.92 -18.12 -1.41
C TYR C 26 1.50 -17.68 -1.76
N LYS C 27 0.48 -18.12 -1.06
CA LYS C 27 -0.92 -17.62 -1.36
C LYS C 27 -1.56 -17.28 -0.03
N LEU C 28 -2.28 -16.18 0.04
CA LEU C 28 -2.91 -15.79 1.33
C LEU C 28 -4.35 -16.33 1.31
N SER C 29 -4.93 -16.51 2.47
CA SER C 29 -6.33 -17.06 2.53
C SER C 29 -7.14 -16.28 3.55
N LYS C 30 -8.44 -16.44 3.53
CA LYS C 30 -9.30 -15.70 4.50
C LYS C 30 -8.77 -15.80 5.94
N LYS C 31 -8.43 -16.96 6.40
CA LYS C 31 -7.93 -17.10 7.81
C LYS C 31 -6.53 -16.49 7.97
N GLU C 32 -5.76 -16.42 6.93
CA GLU C 32 -4.39 -15.84 7.05
C GLU C 32 -4.46 -14.30 7.16
N LEU C 33 -5.35 -13.69 6.42
CA LEU C 33 -5.46 -12.20 6.47
C LEU C 33 -6.16 -11.74 7.74
N LYS C 34 -7.14 -12.46 8.22
CA LYS C 34 -7.84 -12.03 9.46
C LYS C 34 -6.85 -11.97 10.64
N ASP C 35 -5.97 -12.93 10.74
CA ASP C 35 -4.99 -12.95 11.87
C ASP C 35 -3.82 -11.98 11.60
N LEU C 36 -3.48 -11.81 10.37
CA LEU C 36 -2.33 -10.92 10.01
C LEU C 36 -2.59 -9.44 10.34
N LEU C 37 -3.77 -8.95 10.11
CA LEU C 37 -4.06 -7.50 10.38
C LEU C 37 -4.47 -7.22 11.84
N GLN C 38 -5.27 -8.07 12.43
CA GLN C 38 -5.73 -7.82 13.83
C GLN C 38 -4.56 -7.85 14.80
N THR C 39 -3.68 -8.78 14.61
CA THR C 39 -2.53 -8.93 15.52
C THR C 39 -1.54 -7.78 15.35
N GLU C 40 -1.28 -7.36 14.14
CA GLU C 40 -0.29 -6.27 13.91
C GLU C 40 -0.97 -4.90 13.83
N LEU C 41 -2.27 -4.86 13.64
CA LEU C 41 -2.98 -3.54 13.55
C LEU C 41 -4.25 -3.61 14.42
N SER C 42 -4.07 -3.53 15.70
CA SER C 42 -5.22 -3.57 16.64
C SER C 42 -5.80 -2.16 16.79
N SER C 43 -7.09 -2.07 16.88
CA SER C 43 -7.74 -0.73 17.05
C SER C 43 -7.68 0.07 15.75
N PHE C 44 -7.06 -0.45 14.73
CA PHE C 44 -7.00 0.27 13.42
C PHE C 44 -7.89 -0.51 12.45
N LEU C 45 -7.48 -1.70 12.11
CA LEU C 45 -8.29 -2.56 11.20
C LEU C 45 -9.10 -3.54 12.07
N ASP C 46 -10.33 -3.81 11.73
CA ASP C 46 -11.17 -4.72 12.55
C ASP C 46 -11.70 -5.85 11.67
N VAL C 47 -11.97 -6.97 12.26
CA VAL C 47 -12.50 -8.13 11.49
C VAL C 47 -13.21 -9.05 12.46
N GLN C 48 -12.69 -9.16 13.64
CA GLN C 48 -13.32 -10.06 14.64
C GLN C 48 -14.42 -9.33 15.41
N LYS C 49 -14.38 -8.03 15.41
CA LYS C 49 -15.42 -7.25 16.12
C LYS C 49 -16.74 -7.42 15.38
N ASP C 50 -16.69 -7.43 14.07
CA ASP C 50 -17.94 -7.57 13.25
C ASP C 50 -17.76 -8.70 12.23
N ALA C 51 -18.57 -9.71 12.32
CA ALA C 51 -18.48 -10.83 11.33
C ALA C 51 -18.96 -10.32 9.97
N ASP C 52 -19.80 -9.33 9.95
CA ASP C 52 -20.30 -8.79 8.67
C ASP C 52 -19.14 -8.10 7.95
N ALA C 53 -18.17 -7.61 8.67
CA ALA C 53 -17.00 -6.94 8.05
C ALA C 53 -16.10 -7.96 7.36
N VAL C 54 -15.90 -9.09 7.97
CA VAL C 54 -15.01 -10.12 7.38
C VAL C 54 -15.60 -10.76 6.12
N ASP C 55 -16.77 -11.28 6.22
CA ASP C 55 -17.36 -11.96 5.03
C ASP C 55 -17.59 -10.98 3.89
N LYS C 56 -18.04 -9.81 4.21
CA LYS C 56 -18.34 -8.81 3.13
C LYS C 56 -17.05 -8.30 2.46
N ILE C 57 -16.02 -8.08 3.22
CA ILE C 57 -14.77 -7.55 2.65
C ILE C 57 -13.94 -8.67 2.02
N MET C 58 -13.65 -9.66 2.78
CA MET C 58 -12.82 -10.79 2.28
C MET C 58 -13.49 -11.49 1.08
N LYS C 59 -14.75 -11.76 1.13
CA LYS C 59 -15.39 -12.46 -0.02
C LYS C 59 -15.41 -11.53 -1.23
N GLU C 60 -15.61 -10.26 -1.00
CA GLU C 60 -15.63 -9.29 -2.13
C GLU C 60 -14.22 -8.81 -2.42
N LEU C 61 -13.29 -9.03 -1.50
CA LEU C 61 -11.88 -8.57 -1.77
C LEU C 61 -11.21 -9.69 -2.56
N ASP C 62 -11.77 -10.87 -2.53
CA ASP C 62 -11.27 -11.99 -3.38
C ASP C 62 -12.10 -11.86 -4.66
N GLU C 63 -12.27 -10.63 -5.00
CA GLU C 63 -13.07 -10.22 -6.18
C GLU C 63 -12.88 -11.20 -7.34
N ASN C 64 -11.83 -11.98 -7.34
CA ASN C 64 -11.66 -12.97 -8.44
C ASN C 64 -12.43 -14.22 -8.07
N GLY C 65 -13.16 -14.13 -6.99
CA GLY C 65 -13.97 -15.28 -6.52
C GLY C 65 -13.08 -16.51 -6.28
N ASP C 66 -11.88 -16.32 -5.80
CA ASP C 66 -10.97 -17.49 -5.55
C ASP C 66 -10.93 -17.85 -4.05
N GLY C 67 -11.38 -16.98 -3.20
CA GLY C 67 -11.36 -17.31 -1.74
C GLY C 67 -9.95 -17.14 -1.20
N GLU C 68 -9.01 -17.03 -2.10
CA GLU C 68 -7.59 -16.85 -1.72
C GLU C 68 -7.22 -15.41 -2.06
N VAL C 69 -6.58 -14.75 -1.15
CA VAL C 69 -6.24 -13.31 -1.36
C VAL C 69 -4.78 -13.18 -1.78
N ASP C 70 -4.51 -12.30 -2.72
CA ASP C 70 -3.11 -12.10 -3.18
C ASP C 70 -2.50 -10.90 -2.46
N PHE C 71 -1.39 -11.10 -1.78
CA PHE C 71 -0.71 -9.99 -1.03
C PHE C 71 -0.98 -8.60 -1.66
N GLN C 72 -1.05 -8.52 -2.96
CA GLN C 72 -1.31 -7.20 -3.61
C GLN C 72 -2.65 -6.64 -3.14
N GLU C 73 -3.65 -7.47 -3.05
CA GLU C 73 -4.99 -6.99 -2.60
C GLU C 73 -4.93 -6.55 -1.13
N PHE C 74 -4.20 -7.30 -0.35
CA PHE C 74 -4.07 -7.01 1.11
C PHE C 74 -3.44 -5.63 1.37
N VAL C 75 -2.46 -5.25 0.61
CA VAL C 75 -1.81 -3.92 0.86
C VAL C 75 -2.73 -2.75 0.48
N VAL C 76 -3.49 -2.90 -0.58
CA VAL C 76 -4.38 -1.77 -1.01
C VAL C 76 -5.50 -1.52 0.02
N LEU C 77 -6.31 -2.51 0.29
CA LEU C 77 -7.46 -2.30 1.23
C LEU C 77 -7.01 -2.10 2.69
N VAL C 78 -6.10 -2.89 3.17
CA VAL C 78 -5.67 -2.75 4.61
C VAL C 78 -4.99 -1.40 4.83
N ALA C 79 -4.18 -0.96 3.91
CA ALA C 79 -3.48 0.34 4.07
C ALA C 79 -4.45 1.50 3.78
N ALA C 80 -5.44 1.29 2.97
CA ALA C 80 -6.40 2.38 2.65
C ALA C 80 -7.09 2.83 3.93
N LEU C 81 -7.18 1.95 4.89
CA LEU C 81 -7.86 2.29 6.18
C LEU C 81 -6.83 2.80 7.20
N THR C 82 -5.59 2.41 7.04
CA THR C 82 -4.56 2.85 8.03
C THR C 82 -4.31 4.36 7.88
N VAL C 83 -4.00 4.82 6.68
CA VAL C 83 -3.74 6.28 6.49
C VAL C 83 -5.06 7.04 6.53
N ALA C 84 -6.09 6.48 5.97
CA ALA C 84 -7.40 7.17 5.94
C ALA C 84 -7.86 7.44 7.37
N CYS C 85 -7.60 6.53 8.26
CA CYS C 85 -8.03 6.74 9.67
C CYS C 85 -7.31 7.96 10.24
N ASN C 86 -6.05 8.13 9.93
CA ASN C 86 -5.30 9.30 10.46
C ASN C 86 -5.96 10.59 9.96
N ASN C 87 -6.39 10.61 8.73
CA ASN C 87 -7.02 11.85 8.18
C ASN C 87 -8.26 12.22 8.99
N PHE C 88 -9.08 11.27 9.34
CA PHE C 88 -10.31 11.59 10.11
C PHE C 88 -9.94 11.93 11.57
N PHE C 89 -8.82 11.45 12.04
CA PHE C 89 -8.41 11.74 13.44
C PHE C 89 -9.57 11.42 14.39
N TRP C 90 -9.76 10.15 14.69
CA TRP C 90 -10.87 9.78 15.62
C TRP C 90 -10.68 10.49 16.96
N GLU C 91 -9.48 10.95 17.23
CA GLU C 91 -9.24 11.68 18.51
C GLU C 91 -9.98 13.02 18.44
N ASN C 92 -10.54 13.32 17.30
CA ASN C 92 -11.27 14.61 17.14
C ASN C 92 -12.65 14.47 17.77
N SER C 93 -13.05 13.27 18.08
CA SER C 93 -14.38 13.05 18.70
C SER C 93 -14.46 13.82 20.02
N GLY D 1 5.92 -9.97 14.92
CA GLY D 1 4.65 -9.13 15.03
C GLY D 1 4.76 -7.68 15.31
N SER D 2 5.95 -7.19 15.54
CA SER D 2 6.15 -5.73 15.81
C SER D 2 6.78 -5.09 14.57
N GLU D 3 7.22 -5.89 13.65
CA GLU D 3 7.83 -5.33 12.41
C GLU D 3 6.77 -4.55 11.65
N LEU D 4 5.63 -5.16 11.42
CA LEU D 4 4.55 -4.47 10.66
C LEU D 4 4.12 -3.20 11.41
N GLU D 5 4.04 -3.26 12.71
CA GLU D 5 3.65 -2.06 13.50
C GLU D 5 4.60 -0.92 13.15
N THR D 6 5.87 -1.21 13.15
CA THR D 6 6.87 -0.17 12.82
C THR D 6 6.72 0.25 11.37
N ALA D 7 6.28 -0.62 10.52
CA ALA D 7 6.19 -0.27 9.08
C ALA D 7 5.25 0.92 8.89
N MET D 8 4.11 0.90 9.54
CA MET D 8 3.15 2.02 9.39
C MET D 8 3.79 3.32 9.87
N GLU D 9 4.48 3.27 10.98
CA GLU D 9 5.15 4.50 11.52
C GLU D 9 6.23 4.98 10.56
N THR D 10 6.96 4.08 9.98
CA THR D 10 8.05 4.48 9.06
C THR D 10 7.48 5.24 7.86
N LEU D 11 6.41 4.75 7.31
CA LEU D 11 5.79 5.43 6.14
C LEU D 11 5.42 6.89 6.50
N ILE D 12 4.99 7.16 7.71
CA ILE D 12 4.60 8.57 8.06
C ILE D 12 5.84 9.44 8.36
N ASN D 13 6.90 8.89 8.87
CA ASN D 13 8.07 9.75 9.19
C ASN D 13 8.62 10.37 7.90
N VAL D 14 8.66 9.60 6.86
CA VAL D 14 9.20 10.12 5.56
C VAL D 14 8.13 10.92 4.81
N PHE D 15 6.89 10.51 4.86
CA PHE D 15 5.83 11.24 4.12
C PHE D 15 5.72 12.69 4.60
N HIS D 16 5.63 12.87 5.88
CA HIS D 16 5.50 14.24 6.45
C HIS D 16 6.82 15.00 6.34
N ALA D 17 7.92 14.32 6.22
CA ALA D 17 9.21 15.04 6.15
C ALA D 17 9.46 15.60 4.75
N HIS D 18 9.61 14.76 3.77
CA HIS D 18 9.92 15.28 2.40
C HIS D 18 8.75 16.10 1.84
N SER D 19 7.53 15.66 2.07
CA SER D 19 6.33 16.37 1.53
C SER D 19 6.14 17.72 2.22
N GLY D 20 6.81 17.93 3.32
CA GLY D 20 6.66 19.21 4.07
C GLY D 20 7.84 20.13 3.81
N LYS D 21 8.66 19.85 2.81
CA LYS D 21 9.80 20.77 2.54
C LYS D 21 9.28 21.90 1.67
N GLU D 22 8.88 21.60 0.47
CA GLU D 22 8.35 22.65 -0.45
C GLU D 22 6.92 22.29 -0.84
N GLY D 23 6.38 21.26 -0.23
CA GLY D 23 5.00 20.83 -0.56
C GLY D 23 3.99 21.77 0.10
N ASP D 24 2.71 21.54 -0.11
CA ASP D 24 1.68 22.41 0.51
C ASP D 24 1.28 21.79 1.85
N LYS D 25 0.42 22.42 2.57
CA LYS D 25 0.02 21.85 3.87
C LYS D 25 -0.71 20.52 3.65
N TYR D 26 -0.01 19.42 3.73
CA TYR D 26 -0.66 18.07 3.59
C TYR D 26 -1.05 17.71 2.15
N LYS D 27 -0.34 18.16 1.14
CA LYS D 27 -0.68 17.72 -0.26
C LYS D 27 0.64 17.34 -0.93
N LEU D 28 0.66 16.27 -1.69
CA LEU D 28 1.93 15.86 -2.35
C LEU D 28 1.92 16.44 -3.77
N SER D 29 3.08 16.60 -4.36
CA SER D 29 3.15 17.19 -5.73
C SER D 29 4.13 16.40 -6.60
N LYS D 30 4.10 16.61 -7.89
CA LYS D 30 5.04 15.87 -8.79
C LYS D 30 6.49 15.89 -8.26
N LYS D 31 6.99 17.03 -7.88
CA LYS D 31 8.41 17.07 -7.39
C LYS D 31 8.56 16.41 -6.02
N GLU D 32 7.52 16.36 -5.24
CA GLU D 32 7.62 15.72 -3.88
C GLU D 32 7.67 14.19 -4.01
N LEU D 33 6.91 13.64 -4.92
CA LEU D 33 6.90 12.15 -5.08
C LEU D 33 8.16 11.67 -5.80
N LYS D 34 8.65 12.41 -6.77
CA LYS D 34 9.88 11.96 -7.50
C LYS D 34 11.06 11.82 -6.52
N ASP D 35 11.20 12.74 -5.60
CA ASP D 35 12.34 12.69 -4.64
C ASP D 35 12.04 11.69 -3.50
N LEU D 36 10.80 11.55 -3.16
CA LEU D 36 10.42 10.64 -2.04
C LEU D 36 10.69 9.15 -2.35
N LEU D 37 10.43 8.71 -3.55
CA LEU D 37 10.64 7.26 -3.88
C LEU D 37 12.08 6.95 -4.31
N GLN D 38 12.70 7.80 -5.09
CA GLN D 38 14.08 7.51 -5.58
C GLN D 38 15.06 7.46 -4.41
N THR D 39 14.90 8.36 -3.51
CA THR D 39 15.83 8.44 -2.35
C THR D 39 15.63 7.26 -1.39
N GLU D 40 14.41 6.88 -1.15
CA GLU D 40 14.15 5.76 -0.19
C GLU D 40 14.00 4.42 -0.93
N LEU D 41 13.81 4.43 -2.22
CA LEU D 41 13.66 3.15 -2.97
C LEU D 41 14.51 3.23 -4.25
N SER D 42 15.80 3.08 -4.09
CA SER D 42 16.73 3.12 -5.25
C SER D 42 16.82 1.74 -5.88
N SER D 43 16.90 1.69 -7.17
CA SER D 43 17.02 0.38 -7.86
C SER D 43 15.69 -0.38 -7.84
N PHE D 44 14.70 0.17 -7.18
CA PHE D 44 13.36 -0.51 -7.13
C PHE D 44 12.41 0.33 -7.98
N LEU D 45 12.12 1.52 -7.53
CA LEU D 45 11.23 2.44 -8.29
C LEU D 45 12.13 3.41 -9.07
N ASP D 46 11.79 3.73 -10.29
CA ASP D 46 12.64 4.66 -11.11
C ASP D 46 11.78 5.83 -11.59
N VAL D 47 12.41 6.95 -11.83
CA VAL D 47 11.70 8.15 -12.31
C VAL D 47 12.70 9.06 -13.00
N GLN D 48 13.89 9.11 -12.49
CA GLN D 48 14.91 9.99 -13.10
C GLN D 48 15.64 9.26 -14.23
N LYS D 49 15.58 7.96 -14.23
CA LYS D 49 16.26 7.19 -15.30
C LYS D 49 15.51 7.44 -16.61
N ASP D 50 14.21 7.49 -16.55
CA ASP D 50 13.40 7.72 -17.79
C ASP D 50 12.42 8.87 -17.56
N ALA D 51 12.53 9.92 -18.33
CA ALA D 51 11.59 11.06 -18.18
C ALA D 51 10.21 10.62 -18.66
N ASP D 52 10.16 9.66 -19.54
CA ASP D 52 8.84 9.21 -20.05
C ASP D 52 8.10 8.49 -18.91
N ALA D 53 8.82 7.95 -17.97
CA ALA D 53 8.17 7.25 -16.82
C ALA D 53 7.54 8.27 -15.85
N VAL D 54 8.18 9.38 -15.64
CA VAL D 54 7.65 10.39 -14.70
C VAL D 54 6.41 11.09 -15.26
N ASP D 55 6.52 11.66 -16.41
CA ASP D 55 5.36 12.41 -16.97
C ASP D 55 4.18 11.47 -17.23
N LYS D 56 4.43 10.30 -17.72
CA LYS D 56 3.32 9.36 -18.03
C LYS D 56 2.65 8.84 -16.76
N ILE D 57 3.41 8.56 -15.74
CA ILE D 57 2.83 7.99 -14.50
C ILE D 57 2.25 9.11 -13.63
N MET D 58 3.05 10.07 -13.31
CA MET D 58 2.60 11.18 -12.45
C MET D 58 1.42 11.95 -13.07
N LYS D 59 1.47 12.27 -14.34
CA LYS D 59 0.34 13.03 -14.93
C LYS D 59 -0.90 12.14 -14.97
N GLU D 60 -0.72 10.88 -15.22
CA GLU D 60 -1.88 9.95 -15.27
C GLU D 60 -2.18 9.44 -13.87
N LEU D 61 -1.25 9.58 -12.94
CA LEU D 61 -1.52 9.09 -11.54
C LEU D 61 -2.27 10.21 -10.82
N ASP D 62 -2.19 11.41 -11.34
CA ASP D 62 -3.01 12.54 -10.79
C ASP D 62 -4.27 12.50 -11.62
N GLU D 63 -4.67 11.28 -11.82
CA GLU D 63 -5.88 10.94 -12.62
C GLU D 63 -6.99 11.96 -12.40
N ASN D 64 -6.96 12.70 -11.32
CA ASN D 64 -8.02 13.72 -11.08
C ASN D 64 -7.60 14.98 -11.83
N GLY D 65 -6.54 14.89 -12.57
CA GLY D 65 -6.03 16.06 -13.34
C GLY D 65 -5.74 17.24 -12.42
N ASP D 66 -5.26 16.98 -11.22
CA ASP D 66 -4.96 18.10 -10.27
C ASP D 66 -3.46 18.40 -10.24
N GLY D 67 -2.65 17.51 -10.73
CA GLY D 67 -1.17 17.77 -10.73
C GLY D 67 -0.63 17.54 -9.32
N GLU D 68 -1.53 17.43 -8.36
CA GLU D 68 -1.11 17.20 -6.96
C GLU D 68 -1.47 15.76 -6.64
N VAL D 69 -0.61 15.04 -6.02
CA VAL D 69 -0.88 13.60 -5.73
C VAL D 69 -1.30 13.43 -4.27
N ASP D 70 -2.25 12.57 -4.03
CA ASP D 70 -2.73 12.35 -2.64
C ASP D 70 -2.05 11.10 -2.07
N PHE D 71 -1.36 11.23 -0.97
CA PHE D 71 -0.64 10.07 -0.33
C PHE D 71 -1.33 8.72 -0.65
N GLN D 72 -2.63 8.69 -0.72
CA GLN D 72 -3.33 7.41 -1.01
C GLN D 72 -2.89 6.87 -2.38
N GLU D 73 -2.78 7.74 -3.35
CA GLU D 73 -2.35 7.29 -4.71
C GLU D 73 -0.91 6.79 -4.67
N PHE D 74 -0.09 7.48 -3.93
CA PHE D 74 1.36 7.13 -3.81
C PHE D 74 1.57 5.73 -3.25
N VAL D 75 0.80 5.33 -2.27
CA VAL D 75 1.01 3.98 -1.66
C VAL D 75 0.55 2.86 -2.62
N VAL D 76 -0.49 3.07 -3.38
CA VAL D 76 -0.96 1.99 -4.30
C VAL D 76 0.04 1.75 -5.44
N LEU D 77 0.34 2.75 -6.21
CA LEU D 77 1.27 2.54 -7.38
C LEU D 77 2.72 2.27 -6.95
N VAL D 78 3.24 3.01 -6.01
CA VAL D 78 4.67 2.79 -5.62
C VAL D 78 4.85 1.40 -4.97
N ALA D 79 3.90 0.99 -4.19
CA ALA D 79 4.04 -0.36 -3.52
C ALA D 79 3.69 -1.47 -4.52
N ALA D 80 2.88 -1.19 -5.50
CA ALA D 80 2.51 -2.24 -6.49
C ALA D 80 3.75 -2.68 -7.26
N LEU D 81 4.76 -1.86 -7.27
CA LEU D 81 6.02 -2.23 -7.99
C LEU D 81 7.03 -2.80 -6.99
N THR D 82 6.90 -2.45 -5.74
CA THR D 82 7.88 -2.97 -4.74
C THR D 82 7.68 -4.48 -4.53
N VAL D 83 6.47 -4.89 -4.23
CA VAL D 83 6.22 -6.35 -4.02
C VAL D 83 6.22 -7.07 -5.37
N ALA D 84 5.65 -6.45 -6.37
CA ALA D 84 5.59 -7.10 -7.70
C ALA D 84 7.01 -7.41 -8.19
N CYS D 85 7.94 -6.55 -7.90
CA CYS D 85 9.34 -6.79 -8.34
C CYS D 85 9.86 -8.05 -7.67
N ASN D 86 9.55 -8.26 -6.42
CA ASN D 86 10.04 -9.48 -5.72
C ASN D 86 9.49 -10.72 -6.42
N ASN D 87 8.26 -10.68 -6.84
CA ASN D 87 7.66 -11.86 -7.51
C ASN D 87 8.44 -12.23 -8.77
N PHE D 88 8.81 -11.25 -9.56
CA PHE D 88 9.57 -11.57 -10.80
C PHE D 88 11.01 -11.97 -10.46
N PHE D 89 11.50 -11.55 -9.32
CA PHE D 89 12.91 -11.92 -8.95
C PHE D 89 13.86 -11.58 -10.10
N TRP D 90 14.22 -10.33 -10.25
CA TRP D 90 15.15 -9.94 -11.35
C TRP D 90 16.46 -10.72 -11.20
N GLU D 91 16.73 -11.22 -10.03
CA GLU D 91 17.98 -12.01 -9.83
C GLU D 91 17.84 -13.33 -10.60
N ASN D 92 16.69 -13.58 -11.15
CA ASN D 92 16.47 -14.83 -11.93
C ASN D 92 17.10 -14.66 -13.31
N SER D 93 17.45 -13.46 -13.66
CA SER D 93 18.05 -13.21 -14.99
C SER D 93 19.35 -14.02 -15.12
#